data_6ULC
#
_entry.id   6ULC
#
_cell.length_a   1.00
_cell.length_b   1.00
_cell.length_c   1.00
_cell.angle_alpha   90.00
_cell.angle_beta   90.00
_cell.angle_gamma   90.00
#
_symmetry.space_group_name_H-M   'P 1'
#
loop_
_entity.id
_entity.type
_entity.pdbx_description
1 polymer 'envelope glycoprotein gp120,envelope glycoprotein gp120'
2 polymer 'Envelope glycoprotein gp41'
3 polymer 'antibody PG16 Fab heavy chain'
4 polymer 'antibody PG16 Fab light chain'
5 branched beta-D-galactopyranose-(1-4)-2-acetamido-2-deoxy-beta-D-glucopyranose-(1-2)-alpha-D-mannopyranose-(1-6)-beta-D-mannopyranose-(1-4)-2-acetamido-2-deoxy-beta-D-glucopyranose-(1-4)-2-acetamido-2-deoxy-beta-D-glucopyranose
6 branched alpha-D-mannopyranose-(1-3)-[alpha-D-mannopyranose-(1-6)]beta-D-mannopyranose-(1-4)-2-acetamido-2-deoxy-beta-D-glucopyranose-(1-4)-2-acetamido-2-deoxy-beta-D-glucopyranose
7 branched beta-D-mannopyranose-(1-4)-2-acetamido-2-deoxy-beta-D-glucopyranose-(1-4)-2-acetamido-2-deoxy-beta-D-glucopyranose
8 branched 2-acetamido-2-deoxy-beta-D-glucopyranose-(1-4)-2-acetamido-2-deoxy-beta-D-glucopyranose
9 branched 2-acetamido-2-deoxy-beta-D-glucopyranose-(1-4)-[alpha-L-fucopyranose-(1-6)]2-acetamido-2-deoxy-beta-D-glucopyranose
10 branched alpha-D-mannopyranose-(1-3)-[alpha-D-mannopyranose-(1-6)]alpha-D-mannopyranose-(1-6)-[alpha-D-mannopyranose-(1-3)]beta-D-mannopyranose-(1-4)-2-acetamido-2-deoxy-beta-D-glucopyranose-(1-4)-2-acetamido-2-deoxy-beta-D-glucopyranose
11 branched beta-D-mannopyranose-(1-4)-2-acetamido-2-deoxy-beta-D-glucopyranose-(1-4)-[alpha-L-fucopyranose-(1-6)]2-acetamido-2-deoxy-beta-D-glucopyranose
12 non-polymer 2-acetamido-2-deoxy-beta-D-glucopyranose
#
loop_
_entity_poly.entity_id
_entity_poly.type
_entity_poly.pdbx_seq_one_letter_code
_entity_poly.pdbx_strand_id
1 'polypeptide(L)'
;MRVRGIQRNCQHLWRWGTLILGMLMICSAAENLWVTVYYGVPVWKDAETTLFCASDAKAYDTEVHNVWATHACVPTDPNP
QEIYMENVTEEFNMWKNNMVEQMHTDIISLWDQSLKPCVQLTPLCVTLDCSYNITNNITNSITNSSVNMREEIKNCSFNM
TTELRDKNRKVYSLFYKLDVVQINNGNNSSNLYRLINCNTSALTQACPKVTFEPIPIRYCAPAGYAILKCNDKEFNGTGL
CKNVSTVQCTHGIRPVVSTQLLLNGSLAEGKVMIRSENITNNVKNIIVQLNETVTINCTRPNNNTRKSVRIGPGQTFYAT
GDIIGDIRQAHCNVSGSQWNRALHQVVGQLREYWNTTIIFKNSSGGDLEITTHSFNCGGEFFYCNTSGLFNSNWTHNDTA
SMKPNDTITLPCRIKQIINMWQRVGQAIYAPPIQGVIRCESNITGLILTRDGGGNINESQIFRPGGGDMRDNWRSELYKY
KVVRIEPLGVAPTKAKRRVVEREKR
;
A,C,E
2 'polypeptide(L)'
;AVVELGAVFIGFLGTAGSTMGAASITLTVQVRKLLSGIVQQQSNLLRAIEAQQHLLKLTVWGIKQLQARVLAVERYLRDQ
QLLGIWGCSGKLICTTNVPWNSSWSNKSEREIWENMTWLQWDKEISNYTHIIYELIEESQKQQEKNEQELLELDKWANLW
NWFDISNWLWYIKIFIMIVGGLIGLRIVFAVLSVINRVRQGYSPLSFQTLTPNPRDPDRPGRIEGEGGEQDRGRSIRLVS
GFLALAWDDLRNLCLSSYHQLRDFILIVARTVELLGHSSLKGLRLGWEGLKYLGNLLLYWGRELKTSAINLFDTIAIVVA
GWTDRVIEVGQRLGRAILNIPRRIRQGLERALL
;
B,D,F
3 'polypeptide(L)'
;MEFGLSWVFLVALLRGVQCQEQLVESGGGVVQPGGSLRLSCLASGFTFHKYGMHWVRQAPGKGLEWVALISDDGMRKYHS
DSMWGRVTISRDNSKNTLYLQFSSLKVEDTAMFFCAREAGGPIWHDDVKYYDFNDGYYNYHYMDVWGKGTTVTVSSASTK
GPSVFPLAPSSKSTSGGTAALGCLVKDYFPEPVTVSWNSGALTSGVHTFPAVLQSSGLYSLSSVVTVPSSSLGTQTYICN
VNHKPSNTKVDKRVEPKSCDKASGGGSAWSHPQFEKGGGSGGGSGGSSAWSHPQFEK
;
H
4 'polypeptide(L)'
;MAWALLLLTLLTQGTGSWAQSALTQPASVSGSPGQTITISCNGTSSDVGGFDSVSWYQQSPGKAPKVMVFDVSHRPSGIS
NRFSGSKSGNTASLTISGLHIEDEGDYFCSSLTDRSHRIFGGGTKVTVLGQPKAAPSVTLFPPSSEELQANKATLVCLIS
DFYPGAVTVAWKADSSPVKAGVETTTPSKQSNNKYAASSYLSLTPEQWKSHKSYSCQVTHEGSTVEKTVAPTECSGGSGG
HHHHHHHHHH
;
L
#
loop_
_chem_comp.id
_chem_comp.type
_chem_comp.name
_chem_comp.formula
BMA D-saccharide, beta linking beta-D-mannopyranose 'C6 H12 O6'
FUC L-saccharide, alpha linking alpha-L-fucopyranose 'C6 H12 O5'
GAL D-saccharide, beta linking beta-D-galactopyranose 'C6 H12 O6'
MAN D-saccharide, alpha linking alpha-D-mannopyranose 'C6 H12 O6'
NAG D-saccharide, beta linking 2-acetamido-2-deoxy-beta-D-glucopyranose 'C8 H15 N O6'
#
# COMPACT_ATOMS: atom_id res chain seq x y z
N GLU A 31 -27.72 -67.72 -2.09
CA GLU A 31 -29.16 -67.81 -2.29
C GLU A 31 -29.80 -66.42 -2.21
N ASN A 32 -29.72 -65.82 -1.03
CA ASN A 32 -30.30 -64.51 -0.78
C ASN A 32 -29.24 -63.44 -0.96
N LEU A 33 -29.54 -62.45 -1.78
CA LEU A 33 -28.63 -61.32 -2.03
C LEU A 33 -28.98 -60.15 -1.12
N TRP A 34 -28.80 -60.37 0.18
CA TRP A 34 -29.08 -59.33 1.16
C TRP A 34 -28.12 -58.16 0.98
N VAL A 35 -28.68 -56.96 0.76
CA VAL A 35 -27.83 -55.79 0.59
C VAL A 35 -27.04 -55.54 1.88
N THR A 36 -25.86 -54.96 1.73
CA THR A 36 -25.02 -54.61 2.87
C THR A 36 -24.17 -53.39 2.51
N VAL A 37 -23.90 -52.57 3.52
CA VAL A 37 -23.19 -51.31 3.36
C VAL A 37 -21.79 -51.45 3.92
N TYR A 38 -20.83 -50.78 3.30
CA TYR A 38 -19.43 -50.79 3.73
C TYR A 38 -18.84 -49.41 3.50
N TYR A 39 -17.83 -49.08 4.31
CA TYR A 39 -17.14 -47.80 4.24
C TYR A 39 -15.64 -48.03 4.17
N GLY A 40 -14.89 -46.94 4.09
CA GLY A 40 -13.46 -47.01 3.87
C GLY A 40 -13.08 -47.81 2.65
N VAL A 41 -13.85 -47.66 1.58
CA VAL A 41 -13.76 -48.54 0.41
C VAL A 41 -12.72 -48.00 -0.58
N PRO A 42 -11.85 -48.84 -1.17
CA PRO A 42 -10.99 -48.33 -2.24
C PRO A 42 -11.77 -47.99 -3.51
N VAL A 43 -11.84 -46.70 -3.84
CA VAL A 43 -12.62 -46.21 -4.97
C VAL A 43 -11.80 -45.14 -5.67
N TRP A 44 -12.04 -45.00 -6.98
CA TRP A 44 -11.32 -44.04 -7.81
C TRP A 44 -12.30 -43.48 -8.83
N LYS A 45 -12.64 -42.19 -8.68
CA LYS A 45 -13.58 -41.50 -9.55
C LYS A 45 -12.90 -40.25 -10.11
N ASP A 46 -13.55 -39.67 -11.12
CA ASP A 46 -12.99 -38.52 -11.84
C ASP A 46 -13.13 -37.28 -10.97
N ALA A 47 -12.06 -36.97 -10.24
CA ALA A 47 -12.00 -35.73 -9.48
C ALA A 47 -11.70 -34.55 -10.39
N GLU A 48 -12.26 -33.39 -10.02
CA GLU A 48 -11.86 -32.10 -10.58
C GLU A 48 -11.90 -31.14 -9.39
N THR A 49 -10.75 -30.94 -8.75
CA THR A 49 -10.67 -30.19 -7.50
C THR A 49 -9.31 -29.50 -7.44
N THR A 50 -8.97 -28.99 -6.26
CA THR A 50 -7.81 -28.14 -6.05
C THR A 50 -6.63 -28.94 -5.51
N LEU A 51 -5.42 -28.40 -5.74
CA LEU A 51 -4.19 -28.85 -5.11
C LEU A 51 -3.55 -27.67 -4.39
N PHE A 52 -2.53 -27.96 -3.58
CA PHE A 52 -1.95 -26.95 -2.70
C PHE A 52 -0.45 -26.82 -2.92
N CYS A 53 0.05 -25.64 -2.54
CA CYS A 53 1.49 -25.38 -2.48
C CYS A 53 2.18 -26.36 -1.54
N ALA A 54 3.45 -26.61 -1.82
CA ALA A 54 4.37 -27.23 -0.86
C ALA A 54 5.78 -27.16 -1.42
N SER A 55 6.75 -27.06 -0.52
CA SER A 55 8.16 -26.97 -0.90
C SER A 55 8.99 -27.67 0.17
N ASP A 56 10.00 -28.41 -0.27
CA ASP A 56 10.77 -29.27 0.61
C ASP A 56 11.58 -28.44 1.60
N ALA A 57 12.24 -29.13 2.53
CA ALA A 57 12.94 -28.48 3.64
C ALA A 57 14.01 -27.50 3.15
N LYS A 58 14.65 -27.81 2.02
CA LYS A 58 15.68 -26.90 1.50
C LYS A 58 15.07 -25.57 1.04
N ALA A 59 13.80 -25.58 0.64
CA ALA A 59 13.16 -24.34 0.21
C ALA A 59 13.10 -23.32 1.33
N TYR A 60 12.78 -23.75 2.55
CA TYR A 60 12.72 -22.86 3.69
C TYR A 60 14.06 -22.71 4.39
N ASP A 61 15.00 -23.62 4.15
CA ASP A 61 16.39 -23.44 4.54
C ASP A 61 17.18 -22.57 3.56
N THR A 62 16.53 -22.04 2.53
CA THR A 62 17.23 -21.20 1.56
C THR A 62 17.63 -19.85 2.15
N GLU A 63 16.83 -19.34 3.08
CA GLU A 63 17.10 -18.12 3.85
C GLU A 63 17.12 -16.88 2.96
N VAL A 64 16.21 -16.86 1.98
CA VAL A 64 15.77 -15.65 1.31
C VAL A 64 14.28 -15.52 1.58
N HIS A 65 13.80 -14.30 1.81
CA HIS A 65 12.38 -14.07 2.06
C HIS A 65 11.51 -14.71 0.99
N ASN A 66 11.75 -14.40 -0.28
CA ASN A 66 11.25 -15.27 -1.34
C ASN A 66 12.04 -15.01 -2.61
N VAL A 67 12.78 -16.00 -3.13
CA VAL A 67 13.04 -16.06 -4.57
C VAL A 67 11.90 -16.85 -5.21
N TRP A 68 10.82 -16.17 -5.56
CA TRP A 68 9.98 -16.25 -6.75
C TRP A 68 9.06 -17.48 -6.77
N ALA A 69 9.14 -18.37 -5.78
CA ALA A 69 8.03 -19.25 -5.42
C ALA A 69 7.77 -19.33 -3.93
N THR A 70 8.68 -18.84 -3.09
CA THR A 70 8.78 -19.23 -1.70
C THR A 70 7.73 -18.50 -0.88
N HIS A 71 6.60 -19.15 -0.68
CA HIS A 71 5.58 -18.70 0.24
C HIS A 71 5.74 -19.48 1.54
N ALA A 72 4.94 -19.12 2.54
CA ALA A 72 4.97 -19.75 3.85
C ALA A 72 4.16 -21.03 3.90
N CYS A 73 3.80 -21.58 2.74
CA CYS A 73 2.82 -22.66 2.66
C CYS A 73 3.43 -23.93 3.26
N VAL A 74 2.62 -24.97 3.31
CA VAL A 74 2.94 -26.13 4.15
C VAL A 74 4.19 -26.83 3.59
N PRO A 75 5.19 -27.13 4.41
CA PRO A 75 6.40 -27.76 3.85
C PRO A 75 6.11 -29.19 3.44
N THR A 76 6.86 -29.68 2.47
CA THR A 76 6.69 -31.05 2.02
C THR A 76 7.01 -31.99 3.17
N ASP A 77 6.15 -32.99 3.36
CA ASP A 77 6.35 -33.96 4.42
C ASP A 77 7.67 -34.70 4.21
N PRO A 78 8.23 -35.30 5.27
CA PRO A 78 9.54 -35.97 5.10
C PRO A 78 9.47 -37.19 4.20
N ASN A 79 8.44 -38.02 4.36
CA ASN A 79 8.33 -39.30 3.65
C ASN A 79 6.93 -39.44 3.08
N PRO A 80 6.62 -38.69 2.01
CA PRO A 80 5.30 -38.85 1.37
C PRO A 80 5.18 -40.21 0.73
N GLN A 81 4.16 -40.96 1.13
CA GLN A 81 3.97 -42.30 0.60
C GLN A 81 3.61 -42.23 -0.88
N GLU A 82 4.33 -42.99 -1.69
CA GLU A 82 4.09 -43.10 -3.13
C GLU A 82 3.93 -44.59 -3.40
N ILE A 83 2.68 -45.07 -3.30
CA ILE A 83 2.42 -46.49 -3.25
C ILE A 83 2.14 -47.00 -4.66
N TYR A 84 2.95 -47.96 -5.11
CA TYR A 84 2.82 -48.47 -6.47
C TYR A 84 1.70 -49.50 -6.53
N MET A 85 0.80 -49.32 -7.49
CA MET A 85 -0.34 -50.19 -7.74
C MET A 85 -0.13 -50.93 -9.05
N GLU A 86 -0.23 -52.25 -9.00
CA GLU A 86 -0.07 -53.12 -10.16
C GLU A 86 -1.33 -53.95 -10.34
N ASN A 87 -1.39 -54.66 -11.47
CA ASN A 87 -2.56 -55.44 -11.85
C ASN A 87 -3.81 -54.55 -11.86
N VAL A 88 -3.63 -53.32 -12.33
CA VAL A 88 -4.65 -52.29 -12.34
C VAL A 88 -4.67 -51.64 -13.72
N THR A 89 -5.60 -50.71 -13.91
CA THR A 89 -5.76 -50.00 -15.17
C THR A 89 -6.34 -48.63 -14.89
N GLU A 90 -6.00 -47.67 -15.76
CA GLU A 90 -6.55 -46.33 -15.64
C GLU A 90 -6.30 -45.59 -16.94
N GLU A 91 -7.32 -44.89 -17.43
CA GLU A 91 -7.22 -44.11 -18.65
C GLU A 91 -6.95 -42.65 -18.29
N PHE A 92 -6.06 -42.02 -19.06
CA PHE A 92 -5.65 -40.64 -18.82
C PHE A 92 -5.82 -39.84 -20.11
N ASN A 93 -5.90 -38.52 -19.94
CA ASN A 93 -5.80 -37.57 -21.04
C ASN A 93 -5.17 -36.30 -20.47
N MET A 94 -3.89 -36.10 -20.74
CA MET A 94 -3.17 -34.98 -20.15
C MET A 94 -3.67 -33.62 -20.66
N TRP A 95 -4.40 -33.60 -21.78
CA TRP A 95 -4.81 -32.34 -22.38
C TRP A 95 -6.09 -31.80 -21.75
N LYS A 96 -7.02 -32.70 -21.42
CA LYS A 96 -8.24 -32.29 -20.72
C LYS A 96 -8.03 -32.07 -19.24
N ASN A 97 -6.83 -32.31 -18.71
CA ASN A 97 -6.60 -32.17 -17.29
C ASN A 97 -6.61 -30.71 -16.88
N ASN A 98 -7.12 -30.45 -15.67
CA ASN A 98 -7.28 -29.11 -15.15
C ASN A 98 -6.17 -28.70 -14.19
N MET A 99 -5.15 -29.55 -13.99
CA MET A 99 -4.04 -29.16 -13.14
C MET A 99 -3.30 -27.97 -13.72
N VAL A 100 -3.18 -27.92 -15.05
CA VAL A 100 -2.51 -26.78 -15.70
C VAL A 100 -3.27 -25.50 -15.43
N GLU A 101 -4.60 -25.58 -15.38
CA GLU A 101 -5.42 -24.40 -15.12
C GLU A 101 -5.06 -23.76 -13.79
N GLN A 102 -5.22 -24.51 -12.70
CA GLN A 102 -4.82 -24.02 -11.39
C GLN A 102 -3.36 -23.63 -11.35
N MET A 103 -2.51 -24.36 -12.09
CA MET A 103 -1.08 -24.07 -12.06
C MET A 103 -0.80 -22.65 -12.55
N HIS A 104 -1.23 -22.34 -13.77
CA HIS A 104 -0.97 -21.00 -14.28
C HIS A 104 -1.73 -19.94 -13.51
N THR A 105 -2.93 -20.27 -13.01
CA THR A 105 -3.69 -19.28 -12.25
C THR A 105 -2.98 -18.92 -10.95
N ASP A 106 -2.58 -19.94 -10.17
CA ASP A 106 -1.84 -19.69 -8.94
C ASP A 106 -0.49 -19.04 -9.23
N ILE A 107 0.11 -19.33 -10.39
CA ILE A 107 1.38 -18.71 -10.73
C ILE A 107 1.20 -17.21 -10.91
N ILE A 108 0.21 -16.83 -11.73
CA ILE A 108 -0.03 -15.41 -11.96
C ILE A 108 -0.48 -14.73 -10.67
N SER A 109 -1.21 -15.46 -9.81
CA SER A 109 -1.64 -14.88 -8.55
C SER A 109 -0.46 -14.62 -7.62
N LEU A 110 0.45 -15.57 -7.52
CA LEU A 110 1.64 -15.37 -6.69
C LEU A 110 2.52 -14.27 -7.24
N TRP A 111 2.61 -14.18 -8.58
CA TRP A 111 3.38 -13.09 -9.17
C TRP A 111 2.74 -11.74 -8.88
N ASP A 112 1.42 -11.65 -8.90
CA ASP A 112 0.75 -10.43 -8.49
C ASP A 112 1.05 -10.09 -7.03
N GLN A 113 0.87 -11.07 -6.14
CA GLN A 113 1.09 -10.85 -4.72
C GLN A 113 2.53 -10.41 -4.44
N SER A 114 3.49 -10.97 -5.18
CA SER A 114 4.87 -10.52 -5.05
C SER A 114 5.07 -9.16 -5.68
N LEU A 115 4.29 -8.81 -6.70
CA LEU A 115 4.39 -7.50 -7.30
C LEU A 115 3.89 -6.40 -6.37
N LYS A 116 2.94 -6.72 -5.48
CA LYS A 116 2.39 -5.71 -4.57
C LYS A 116 3.46 -5.02 -3.72
N PRO A 117 4.26 -5.73 -2.92
CA PRO A 117 5.24 -5.02 -2.07
C PRO A 117 6.31 -4.28 -2.84
N CYS A 118 6.52 -4.58 -4.12
CA CYS A 118 7.54 -3.88 -4.88
C CYS A 118 7.20 -2.40 -4.97
N VAL A 119 8.23 -1.60 -5.25
CA VAL A 119 8.09 -0.16 -5.45
C VAL A 119 7.62 0.08 -6.88
N GLN A 120 7.15 1.28 -7.14
CA GLN A 120 6.58 1.64 -8.43
C GLN A 120 7.58 2.47 -9.24
N LEU A 121 7.30 2.59 -10.53
CA LEU A 121 8.20 3.24 -11.49
C LEU A 121 7.42 4.18 -12.40
N THR A 122 6.32 4.74 -11.91
CA THR A 122 5.54 5.67 -12.71
C THR A 122 6.35 6.90 -13.12
N PRO A 123 6.99 7.65 -12.20
CA PRO A 123 7.78 8.80 -12.66
C PRO A 123 9.07 8.42 -13.35
N LEU A 124 9.55 7.19 -13.18
CA LEU A 124 10.71 6.72 -13.95
C LEU A 124 10.40 6.58 -15.45
N CYS A 125 9.13 6.64 -15.83
CA CYS A 125 8.70 6.50 -17.21
C CYS A 125 9.00 7.74 -18.06
N VAL A 126 9.56 8.81 -17.48
CA VAL A 126 9.66 10.07 -18.20
C VAL A 126 10.64 9.95 -19.37
N THR A 127 10.55 10.91 -20.29
CA THR A 127 11.29 10.87 -21.54
C THR A 127 12.79 10.78 -21.30
N LEU A 128 13.51 10.38 -22.36
CA LEU A 128 14.90 9.97 -22.26
C LEU A 128 15.68 10.54 -23.44
N ASP A 129 17.00 10.38 -23.38
CA ASP A 129 17.86 10.63 -24.54
C ASP A 129 19.07 9.71 -24.44
N CYS A 130 19.26 8.85 -25.44
CA CYS A 130 20.26 7.80 -25.42
C CYS A 130 21.30 8.00 -26.50
N SER A 131 22.56 7.84 -26.11
CA SER A 131 23.69 7.82 -27.05
C SER A 131 24.10 6.38 -27.29
N TYR A 132 24.20 6.00 -28.57
CA TYR A 132 24.68 4.66 -28.93
C TYR A 132 26.21 4.61 -28.89
N ASN A 133 26.87 5.45 -29.68
CA ASN A 133 28.33 5.48 -29.68
C ASN A 133 28.83 6.12 -28.40
N ILE A 134 29.70 5.39 -27.68
CA ILE A 134 30.07 5.71 -26.32
C ILE A 134 31.54 5.38 -26.13
N THR A 135 32.05 5.68 -24.93
CA THR A 135 33.46 5.47 -24.60
C THR A 135 33.69 3.98 -24.34
N ASN A 136 33.92 3.25 -25.42
CA ASN A 136 34.23 1.83 -25.34
C ASN A 136 35.03 1.40 -26.56
N ASN A 137 35.82 0.36 -26.39
CA ASN A 137 36.79 -0.06 -27.40
C ASN A 137 36.22 -1.12 -28.33
N ILE A 138 35.76 -2.24 -27.78
CA ILE A 138 35.26 -3.35 -28.59
C ILE A 138 33.88 -2.98 -29.15
N THR A 139 33.67 -3.30 -30.42
CA THR A 139 32.36 -3.28 -31.05
C THR A 139 32.04 -4.54 -31.83
N ASN A 140 33.04 -5.32 -32.25
CA ASN A 140 32.86 -6.56 -32.99
C ASN A 140 33.18 -7.72 -32.06
N SER A 141 32.13 -8.41 -31.58
CA SER A 141 32.31 -9.51 -30.66
C SER A 141 32.71 -10.77 -31.43
N ILE A 142 32.73 -11.91 -30.74
CA ILE A 142 33.19 -13.15 -31.36
C ILE A 142 32.30 -13.56 -32.53
N THR A 143 30.99 -13.30 -32.43
CA THR A 143 30.02 -13.71 -33.43
C THR A 143 29.58 -12.52 -34.27
N ASN A 144 29.28 -12.77 -35.54
CA ASN A 144 28.74 -11.75 -36.45
C ASN A 144 27.61 -12.41 -37.26
N SER A 145 26.38 -12.27 -36.75
CA SER A 145 25.18 -12.76 -37.42
C SER A 145 24.09 -11.71 -37.37
N SER A 146 24.45 -10.45 -37.62
CA SER A 146 23.54 -9.31 -37.55
C SER A 146 23.13 -8.99 -36.11
N VAL A 147 24.02 -9.29 -35.15
CA VAL A 147 23.79 -8.97 -33.75
C VAL A 147 24.95 -8.19 -33.13
N ASN A 148 26.13 -8.17 -33.73
CA ASN A 148 27.28 -7.44 -33.19
C ASN A 148 27.31 -6.00 -33.69
N MET A 149 27.17 -5.79 -35.01
CA MET A 149 27.03 -4.44 -35.52
C MET A 149 25.78 -3.78 -34.94
N ARG A 150 24.69 -4.54 -34.81
CA ARG A 150 23.52 -4.11 -34.06
C ARG A 150 23.77 -4.39 -32.58
N GLU A 151 24.74 -3.64 -32.03
CA GLU A 151 25.23 -3.88 -30.68
C GLU A 151 24.14 -3.78 -29.62
N GLU A 152 23.03 -3.08 -29.91
CA GLU A 152 21.86 -3.01 -29.04
C GLU A 152 22.22 -2.64 -27.60
N ILE A 153 23.16 -1.71 -27.45
CA ILE A 153 23.59 -1.21 -26.14
C ILE A 153 23.76 0.29 -26.26
N LYS A 154 23.09 1.04 -25.39
CA LYS A 154 23.10 2.49 -25.42
C LYS A 154 23.13 3.01 -23.99
N ASN A 155 23.81 4.14 -23.79
CA ASN A 155 23.87 4.79 -22.48
C ASN A 155 23.01 6.04 -22.53
N CYS A 156 22.09 6.14 -21.56
CA CYS A 156 20.89 6.95 -21.72
C CYS A 156 20.61 7.75 -20.46
N SER A 157 20.32 9.04 -20.65
CA SER A 157 20.05 9.96 -19.56
C SER A 157 18.58 10.36 -19.54
N PHE A 158 18.14 10.83 -18.37
CA PHE A 158 16.77 11.25 -18.14
C PHE A 158 16.68 11.83 -16.74
N ASN A 159 15.59 12.53 -16.48
CA ASN A 159 15.38 13.19 -15.20
C ASN A 159 14.65 12.27 -14.23
N MET A 160 14.85 12.51 -12.94
CA MET A 160 14.19 11.78 -11.87
C MET A 160 13.89 12.75 -10.75
N THR A 161 13.12 12.26 -9.77
CA THR A 161 12.61 13.09 -8.68
C THR A 161 13.04 12.52 -7.34
N THR A 162 13.47 13.41 -6.45
CA THR A 162 13.75 13.06 -5.07
C THR A 162 12.44 12.78 -4.34
N GLU A 163 12.51 12.42 -3.06
CA GLU A 163 11.30 12.24 -2.28
C GLU A 163 10.43 13.50 -2.23
N LEU A 164 11.00 14.68 -2.47
CA LEU A 164 10.23 15.91 -2.47
C LEU A 164 9.55 16.10 -3.83
N ARG A 165 8.72 17.15 -3.93
CA ARG A 165 8.02 17.40 -5.19
C ARG A 165 8.90 18.13 -6.21
N ASP A 166 9.38 19.32 -5.85
CA ASP A 166 10.06 20.16 -6.82
C ASP A 166 11.47 19.68 -7.16
N LYS A 167 12.12 18.98 -6.23
CA LYS A 167 13.49 18.51 -6.42
C LYS A 167 13.55 17.50 -7.56
N ASN A 168 14.21 17.86 -8.66
CA ASN A 168 14.44 16.95 -9.77
C ASN A 168 15.90 17.00 -10.17
N ARG A 169 16.46 15.84 -10.49
CA ARG A 169 17.88 15.69 -10.82
C ARG A 169 18.04 14.78 -12.03
N LYS A 170 19.00 15.10 -12.88
CA LYS A 170 19.29 14.22 -14.01
C LYS A 170 20.04 12.98 -13.53
N VAL A 171 19.99 11.92 -14.34
CA VAL A 171 20.64 10.66 -14.01
C VAL A 171 20.74 9.85 -15.29
N TYR A 172 21.75 8.97 -15.36
CA TYR A 172 21.99 8.15 -16.53
C TYR A 172 22.12 6.68 -16.15
N SER A 173 21.79 5.82 -17.10
CA SER A 173 21.83 4.37 -16.95
C SER A 173 22.15 3.78 -18.32
N LEU A 174 21.97 2.47 -18.46
CA LEU A 174 22.14 1.78 -19.72
C LEU A 174 20.85 1.08 -20.12
N PHE A 175 20.63 0.98 -21.42
CA PHE A 175 19.45 0.30 -21.95
C PHE A 175 19.80 -0.38 -23.27
N TYR A 176 19.03 -1.42 -23.59
CA TYR A 176 19.15 -2.12 -24.85
C TYR A 176 18.25 -1.46 -25.89
N LYS A 177 18.11 -2.10 -27.05
CA LYS A 177 17.18 -1.67 -28.09
C LYS A 177 15.80 -2.27 -27.92
N LEU A 178 15.69 -3.38 -27.19
CA LEU A 178 14.39 -4.04 -27.02
C LEU A 178 13.46 -3.24 -26.12
N ASP A 179 14.01 -2.43 -25.20
CA ASP A 179 13.17 -1.78 -24.21
C ASP A 179 12.54 -0.49 -24.74
N VAL A 180 13.19 0.17 -25.69
CA VAL A 180 12.75 1.47 -26.20
C VAL A 180 12.60 1.40 -27.71
N VAL A 181 12.06 2.49 -28.26
CA VAL A 181 11.85 2.64 -29.69
C VAL A 181 12.07 4.10 -30.03
N GLN A 182 12.55 4.35 -31.24
CA GLN A 182 12.80 5.71 -31.70
C GLN A 182 11.50 6.36 -32.16
N ILE A 183 11.36 7.65 -31.88
CA ILE A 183 10.22 8.44 -32.37
C ILE A 183 10.61 8.90 -33.77
N ASN A 184 10.23 8.11 -34.76
CA ASN A 184 10.38 8.53 -36.16
C ASN A 184 9.33 9.53 -36.60
N ASN A 185 8.38 9.87 -35.72
CA ASN A 185 7.38 10.89 -36.04
C ASN A 185 8.04 12.23 -36.33
N GLY A 186 9.14 12.54 -35.66
CA GLY A 186 9.85 13.77 -35.91
C GLY A 186 10.56 13.73 -37.24
N ASN A 187 11.33 14.80 -37.51
CA ASN A 187 12.11 14.86 -38.73
C ASN A 187 13.11 13.71 -38.80
N ASN A 188 13.82 13.45 -37.71
CA ASN A 188 14.77 12.36 -37.63
C ASN A 188 14.80 11.86 -36.18
N SER A 189 15.80 11.03 -35.86
CA SER A 189 15.96 10.54 -34.50
C SER A 189 16.17 11.70 -33.51
N SER A 190 17.25 12.46 -33.71
CA SER A 190 17.60 13.58 -32.84
C SER A 190 17.79 13.14 -31.39
N ASN A 191 18.22 11.89 -31.20
CA ASN A 191 18.35 11.29 -29.87
C ASN A 191 17.02 11.38 -29.12
N LEU A 192 16.00 10.74 -29.70
CA LEU A 192 14.63 10.75 -29.17
C LEU A 192 14.13 9.32 -29.14
N TYR A 193 13.95 8.78 -27.93
CA TYR A 193 13.51 7.40 -27.75
C TYR A 193 12.46 7.37 -26.64
N ARG A 194 11.72 6.27 -26.60
CA ARG A 194 10.61 6.11 -25.66
C ARG A 194 10.44 4.64 -25.32
N LEU A 195 10.18 4.36 -24.05
CA LEU A 195 9.90 2.99 -23.65
C LEU A 195 8.55 2.55 -24.20
N ILE A 196 8.47 1.27 -24.59
CA ILE A 196 7.23 0.74 -25.16
C ILE A 196 6.30 0.23 -24.07
N ASN A 197 6.84 -0.48 -23.08
CA ASN A 197 6.04 -0.84 -21.91
C ASN A 197 5.45 0.39 -21.24
N CYS A 198 6.17 1.52 -21.27
CA CYS A 198 5.59 2.79 -20.84
C CYS A 198 4.37 3.17 -21.66
N ASN A 199 4.56 3.34 -22.96
CA ASN A 199 3.49 3.93 -23.76
C ASN A 199 2.47 2.89 -24.23
N THR A 200 2.46 1.71 -23.63
CA THR A 200 1.36 0.76 -23.72
C THR A 200 0.65 0.55 -22.40
N SER A 201 1.39 0.44 -21.30
CA SER A 201 0.82 0.12 -19.99
C SER A 201 1.63 0.82 -18.90
N ALA A 202 1.32 0.51 -17.65
CA ALA A 202 1.96 1.14 -16.51
C ALA A 202 3.32 0.48 -16.27
N LEU A 203 3.96 0.81 -15.15
CA LEU A 203 5.31 0.35 -14.88
C LEU A 203 5.53 0.23 -13.38
N THR A 204 6.35 -0.75 -12.99
CA THR A 204 6.70 -0.98 -11.60
C THR A 204 7.91 -1.90 -11.57
N GLN A 205 8.58 -1.94 -10.42
CA GLN A 205 9.67 -2.88 -10.22
C GLN A 205 9.10 -4.28 -10.00
N ALA A 206 10.00 -5.25 -9.91
CA ALA A 206 9.69 -6.65 -9.73
C ALA A 206 10.33 -7.19 -8.46
N CYS A 207 10.36 -6.36 -7.40
CA CYS A 207 10.98 -6.73 -6.13
C CYS A 207 12.38 -7.29 -6.29
N PRO A 208 13.36 -6.44 -6.68
CA PRO A 208 14.70 -6.93 -7.06
C PRO A 208 15.33 -7.90 -6.08
N LYS A 209 15.04 -7.79 -4.79
CA LYS A 209 15.54 -8.76 -3.84
C LYS A 209 14.94 -10.14 -4.12
N VAL A 210 13.72 -10.18 -4.64
CA VAL A 210 13.13 -11.42 -5.12
C VAL A 210 13.69 -11.67 -6.52
N THR A 211 14.73 -12.49 -6.61
CA THR A 211 15.25 -12.97 -7.88
C THR A 211 14.38 -14.10 -8.42
N PHE A 212 14.36 -14.24 -9.74
CA PHE A 212 13.36 -15.03 -10.46
C PHE A 212 13.87 -16.41 -10.86
N GLU A 213 14.75 -16.99 -10.05
CA GLU A 213 15.29 -18.32 -10.28
C GLU A 213 14.36 -19.38 -9.67
N PRO A 214 14.40 -20.61 -10.18
CA PRO A 214 13.38 -21.60 -9.82
C PRO A 214 13.68 -22.31 -8.50
N ILE A 215 12.70 -23.10 -8.07
CA ILE A 215 12.81 -23.92 -6.85
C ILE A 215 12.11 -25.24 -7.09
N PRO A 216 12.58 -26.32 -6.45
CA PRO A 216 11.83 -27.58 -6.51
C PRO A 216 10.47 -27.46 -5.82
N ILE A 217 9.40 -27.59 -6.61
CA ILE A 217 8.02 -27.45 -6.15
C ILE A 217 7.37 -28.82 -6.15
N ARG A 218 6.40 -29.01 -5.24
CA ARG A 218 5.66 -30.25 -5.13
C ARG A 218 4.21 -29.90 -4.78
N TYR A 219 3.28 -30.35 -5.61
CA TYR A 219 1.85 -30.08 -5.42
C TYR A 219 1.22 -31.17 -4.58
N CYS A 220 0.57 -30.80 -3.47
CA CYS A 220 -0.05 -31.73 -2.56
C CYS A 220 -1.57 -31.71 -2.71
N ALA A 221 -2.22 -32.85 -2.29
CA ALA A 221 -3.64 -33.10 -2.50
C ALA A 221 -4.46 -32.72 -1.27
N PRO A 222 -5.73 -32.35 -1.41
CA PRO A 222 -6.59 -32.17 -0.23
C PRO A 222 -7.03 -33.53 0.32
N ALA A 223 -7.87 -33.47 1.35
CA ALA A 223 -8.47 -34.68 1.89
C ALA A 223 -9.57 -35.17 0.96
N GLY A 224 -9.69 -36.48 0.83
CA GLY A 224 -10.69 -37.09 -0.03
C GLY A 224 -10.31 -37.18 -1.49
N TYR A 225 -9.23 -36.51 -1.91
CA TYR A 225 -8.72 -36.58 -3.28
C TYR A 225 -7.24 -36.91 -3.25
N ALA A 226 -6.77 -37.57 -4.31
CA ALA A 226 -5.38 -38.02 -4.40
C ALA A 226 -4.90 -37.83 -5.83
N ILE A 227 -3.61 -38.10 -6.04
CA ILE A 227 -2.97 -38.01 -7.35
C ILE A 227 -2.59 -39.41 -7.79
N LEU A 228 -2.68 -39.66 -9.09
CA LEU A 228 -2.35 -40.94 -9.68
C LEU A 228 -1.37 -40.69 -10.81
N LYS A 229 -0.24 -41.41 -10.76
CA LYS A 229 0.87 -41.21 -11.68
C LYS A 229 1.15 -42.53 -12.38
N CYS A 230 1.14 -42.52 -13.71
CA CYS A 230 1.52 -43.70 -14.47
C CYS A 230 3.04 -43.79 -14.56
N ASN A 231 3.56 -45.00 -14.37
CA ASN A 231 5.00 -45.26 -14.29
C ASN A 231 5.51 -45.96 -15.55
N ASP A 232 4.93 -45.62 -16.71
CA ASP A 232 5.32 -46.17 -18.00
C ASP A 232 5.99 -45.09 -18.83
N LYS A 233 7.18 -45.39 -19.36
CA LYS A 233 7.93 -44.40 -20.12
C LYS A 233 7.25 -44.09 -21.45
N GLU A 234 7.05 -45.11 -22.29
CA GLU A 234 6.50 -44.91 -23.62
C GLU A 234 5.02 -44.55 -23.60
N PHE A 235 4.35 -44.63 -22.45
CA PHE A 235 2.95 -44.23 -22.36
C PHE A 235 2.79 -42.77 -22.77
N ASN A 236 2.07 -42.55 -23.88
CA ASN A 236 1.91 -41.21 -24.42
C ASN A 236 0.91 -40.42 -23.56
N GLY A 237 0.63 -39.18 -23.98
CA GLY A 237 -0.13 -38.24 -23.19
C GLY A 237 -1.55 -38.64 -22.85
N THR A 238 -2.07 -39.71 -23.45
CA THR A 238 -3.41 -40.18 -23.17
C THR A 238 -3.43 -41.71 -23.24
N GLY A 239 -4.62 -42.28 -23.06
CA GLY A 239 -4.77 -43.72 -23.17
C GLY A 239 -4.69 -44.43 -21.84
N LEU A 240 -4.72 -45.75 -21.93
CA LEU A 240 -4.75 -46.61 -20.75
C LEU A 240 -3.34 -46.95 -20.28
N CYS A 241 -3.17 -47.02 -18.96
CA CYS A 241 -1.91 -47.34 -18.34
C CYS A 241 -2.16 -48.32 -17.19
N LYS A 242 -1.17 -49.17 -16.94
CA LYS A 242 -1.22 -50.20 -15.90
C LYS A 242 -0.32 -49.92 -14.72
N ASN A 243 0.89 -49.40 -14.96
CA ASN A 243 1.87 -49.23 -13.88
C ASN A 243 1.49 -47.96 -13.15
N VAL A 244 0.73 -48.12 -12.07
CA VAL A 244 0.12 -46.99 -11.39
C VAL A 244 0.92 -46.69 -10.12
N SER A 245 0.80 -45.46 -9.65
CA SER A 245 1.27 -45.10 -8.31
C SER A 245 0.34 -44.06 -7.73
N THR A 246 -0.20 -44.34 -6.55
CA THR A 246 -1.02 -43.38 -5.81
C THR A 246 -0.11 -42.51 -4.96
N VAL A 247 -0.43 -41.21 -4.93
CA VAL A 247 0.43 -40.19 -4.35
C VAL A 247 -0.43 -39.14 -3.65
N GLN A 248 0.14 -38.56 -2.59
CA GLN A 248 -0.42 -37.39 -1.92
C GLN A 248 0.24 -36.09 -2.34
N CYS A 249 1.55 -36.11 -2.58
CA CYS A 249 2.30 -34.92 -2.98
C CYS A 249 3.18 -35.24 -4.17
N THR A 250 3.15 -34.37 -5.17
CA THR A 250 3.77 -34.66 -6.46
C THR A 250 5.28 -34.78 -6.31
N HIS A 251 5.89 -35.49 -7.27
CA HIS A 251 7.33 -35.51 -7.41
C HIS A 251 7.86 -34.08 -7.54
N GLY A 252 9.11 -33.88 -7.14
CA GLY A 252 9.72 -32.57 -7.26
C GLY A 252 9.72 -32.07 -8.68
N ILE A 253 9.15 -30.87 -8.87
CA ILE A 253 9.01 -30.20 -10.16
C ILE A 253 9.82 -28.92 -10.11
N ARG A 254 10.34 -28.52 -11.25
CA ARG A 254 11.05 -27.24 -11.44
C ARG A 254 10.28 -26.42 -12.48
N PRO A 255 9.13 -25.79 -12.10
CA PRO A 255 8.27 -25.18 -13.14
C PRO A 255 8.81 -23.85 -13.67
N VAL A 256 9.75 -23.97 -14.59
CA VAL A 256 10.55 -22.86 -15.08
C VAL A 256 9.90 -22.32 -16.34
N VAL A 257 10.03 -21.01 -16.54
CA VAL A 257 9.53 -20.37 -17.74
C VAL A 257 10.45 -20.75 -18.89
N SER A 258 9.87 -21.31 -19.95
CA SER A 258 10.64 -21.70 -21.13
C SER A 258 9.72 -21.65 -22.34
N THR A 259 10.24 -21.12 -23.44
CA THR A 259 9.54 -21.10 -24.71
C THR A 259 10.29 -21.99 -25.70
N GLN A 260 9.54 -22.85 -26.39
CA GLN A 260 9.99 -23.72 -27.48
C GLN A 260 10.79 -24.92 -26.97
N LEU A 261 11.03 -25.02 -25.67
CA LEU A 261 11.89 -26.07 -25.11
C LEU A 261 11.47 -26.29 -23.66
N LEU A 262 12.09 -27.28 -23.03
CA LEU A 262 11.98 -27.53 -21.60
C LEU A 262 13.32 -27.23 -20.95
N LEU A 263 13.32 -27.12 -19.62
CA LEU A 263 14.54 -26.77 -18.90
C LEU A 263 14.48 -27.37 -17.50
N ASN A 264 15.50 -28.15 -17.15
CA ASN A 264 15.66 -28.74 -15.83
C ASN A 264 14.45 -29.57 -15.40
N GLY A 265 13.67 -30.08 -16.36
CA GLY A 265 12.47 -30.83 -16.06
C GLY A 265 12.73 -32.32 -15.92
N SER A 266 11.66 -33.06 -15.63
CA SER A 266 11.74 -34.51 -15.54
C SER A 266 12.10 -35.09 -16.91
N LEU A 267 12.84 -36.20 -16.88
CA LEU A 267 13.29 -36.87 -18.08
C LEU A 267 12.33 -37.99 -18.46
N ALA A 268 12.49 -38.48 -19.68
CA ALA A 268 11.77 -39.64 -20.21
C ALA A 268 12.83 -40.67 -20.59
N GLU A 269 13.16 -41.56 -19.66
CA GLU A 269 14.18 -42.55 -19.90
C GLU A 269 13.70 -43.58 -20.92
N GLY A 270 14.58 -44.53 -21.24
CA GLY A 270 14.20 -45.66 -22.06
C GLY A 270 14.12 -45.32 -23.54
N LYS A 271 13.14 -44.48 -23.90
CA LYS A 271 12.88 -44.13 -25.29
C LYS A 271 12.52 -42.66 -25.40
N VAL A 272 12.60 -42.15 -26.63
CA VAL A 272 12.20 -40.79 -26.95
C VAL A 272 10.74 -40.80 -27.37
N MET A 273 9.99 -39.80 -26.91
CA MET A 273 8.54 -39.73 -27.12
C MET A 273 8.17 -38.44 -27.83
N ILE A 274 7.15 -38.51 -28.69
CA ILE A 274 6.62 -37.38 -29.43
C ILE A 274 5.11 -37.48 -29.39
N ARG A 275 4.45 -36.41 -28.92
CA ARG A 275 2.99 -36.39 -28.78
C ARG A 275 2.44 -35.07 -29.28
N SER A 276 1.11 -35.03 -29.38
CA SER A 276 0.37 -33.84 -29.77
C SER A 276 -1.11 -34.12 -29.55
N GLU A 277 -1.87 -33.05 -29.27
CA GLU A 277 -3.30 -33.23 -29.01
C GLU A 277 -4.01 -33.83 -30.21
N ASN A 278 -3.65 -33.37 -31.41
CA ASN A 278 -4.14 -33.98 -32.65
C ASN A 278 -3.02 -33.84 -33.68
N ILE A 279 -2.23 -34.91 -33.84
CA ILE A 279 -1.12 -34.89 -34.79
C ILE A 279 -1.63 -34.61 -36.20
N THR A 280 -2.82 -35.11 -36.54
CA THR A 280 -3.39 -34.80 -37.85
C THR A 280 -3.71 -33.32 -37.97
N ASN A 281 -4.02 -32.64 -36.87
CA ASN A 281 -4.17 -31.19 -36.86
C ASN A 281 -2.78 -30.58 -36.94
N ASN A 282 -2.45 -30.02 -38.11
CA ASN A 282 -1.12 -29.45 -38.31
C ASN A 282 -0.84 -28.30 -37.33
N VAL A 283 -1.87 -27.51 -37.00
CA VAL A 283 -1.63 -26.34 -36.16
C VAL A 283 -1.31 -26.72 -34.72
N LYS A 284 -1.63 -27.93 -34.29
CA LYS A 284 -1.36 -28.32 -32.92
C LYS A 284 0.14 -28.41 -32.67
N ASN A 285 0.52 -28.29 -31.39
CA ASN A 285 1.92 -28.36 -31.01
C ASN A 285 2.36 -29.82 -30.91
N ILE A 286 3.65 -30.05 -31.20
CA ILE A 286 4.29 -31.36 -31.14
C ILE A 286 5.23 -31.32 -29.95
N ILE A 287 4.74 -31.80 -28.80
CA ILE A 287 5.54 -31.91 -27.58
C ILE A 287 6.50 -33.08 -27.69
N VAL A 288 7.70 -32.91 -27.12
CA VAL A 288 8.80 -33.85 -27.23
C VAL A 288 9.33 -34.20 -25.84
N GLN A 289 9.76 -35.44 -25.68
CA GLN A 289 10.46 -35.90 -24.48
C GLN A 289 11.69 -36.69 -24.92
N LEU A 290 12.87 -36.14 -24.67
CA LEU A 290 14.12 -36.76 -25.09
C LEU A 290 14.51 -37.87 -24.11
N ASN A 291 15.51 -38.66 -24.53
CA ASN A 291 16.02 -39.74 -23.69
C ASN A 291 17.10 -39.28 -22.73
N GLU A 292 17.90 -38.30 -23.13
CA GLU A 292 19.04 -37.82 -22.37
C GLU A 292 19.08 -36.29 -22.48
N THR A 293 20.10 -35.69 -21.88
CA THR A 293 20.22 -34.24 -21.75
C THR A 293 21.50 -33.76 -22.42
N VAL A 294 21.72 -32.44 -22.34
CA VAL A 294 22.85 -31.78 -22.98
C VAL A 294 23.28 -30.64 -22.07
N THR A 295 24.59 -30.42 -22.00
CA THR A 295 25.13 -29.28 -21.26
C THR A 295 25.03 -28.03 -22.13
N ILE A 296 24.25 -27.05 -21.68
CA ILE A 296 23.99 -25.82 -22.42
C ILE A 296 24.60 -24.67 -21.62
N ASN A 297 25.66 -24.08 -22.16
CA ASN A 297 26.38 -22.96 -21.55
C ASN A 297 25.92 -21.68 -22.24
N CYS A 298 24.80 -21.08 -21.82
CA CYS A 298 24.44 -19.74 -22.30
C CYS A 298 24.94 -18.71 -21.29
N THR A 299 25.67 -17.70 -21.76
CA THR A 299 26.42 -16.86 -20.84
C THR A 299 26.74 -15.52 -21.48
N ARG A 300 26.72 -14.48 -20.64
CA ARG A 300 27.34 -13.19 -20.92
C ARG A 300 28.63 -13.09 -20.12
N PRO A 301 29.80 -12.88 -20.73
CA PRO A 301 31.03 -12.79 -19.93
C PRO A 301 31.25 -11.44 -19.28
N ASN A 302 30.42 -10.44 -19.55
CA ASN A 302 30.61 -9.09 -19.04
C ASN A 302 29.88 -8.94 -17.70
N ASN A 303 30.56 -8.37 -16.72
CA ASN A 303 29.97 -8.17 -15.41
C ASN A 303 28.94 -7.04 -15.45
N ASN A 304 27.92 -7.15 -14.61
CA ASN A 304 26.90 -6.13 -14.45
C ASN A 304 27.24 -5.25 -13.25
N THR A 305 26.92 -3.96 -13.37
CA THR A 305 27.01 -3.01 -12.27
C THR A 305 25.61 -2.55 -11.88
N ARG A 306 25.50 -1.97 -10.69
CA ARG A 306 24.23 -1.54 -10.14
C ARG A 306 24.38 -0.20 -9.47
N LYS A 307 23.37 0.65 -9.63
CA LYS A 307 23.26 1.92 -8.93
C LYS A 307 21.92 1.88 -8.20
N SER A 308 21.97 1.66 -6.89
CA SER A 308 20.78 1.62 -6.05
C SER A 308 20.53 3.04 -5.57
N VAL A 309 19.77 3.80 -6.36
CA VAL A 309 19.58 5.22 -6.17
C VAL A 309 18.15 5.46 -5.68
N ARG A 310 18.02 6.17 -4.57
CA ARG A 310 16.70 6.45 -4.03
C ARG A 310 15.95 7.42 -4.94
N ILE A 311 14.67 7.15 -5.12
CA ILE A 311 13.76 8.03 -5.86
C ILE A 311 12.69 8.59 -4.93
N GLY A 312 11.93 7.70 -4.28
CA GLY A 312 10.82 8.07 -3.44
C GLY A 312 11.14 7.92 -1.97
N PRO A 313 10.10 7.97 -1.12
CA PRO A 313 10.32 7.81 0.32
C PRO A 313 10.64 6.37 0.71
N GLY A 314 11.87 5.96 0.41
CA GLY A 314 12.29 4.58 0.53
C GLY A 314 12.20 3.77 -0.74
N GLN A 315 11.77 4.37 -1.85
CA GLN A 315 11.70 3.69 -3.14
C GLN A 315 12.99 3.93 -3.90
N THR A 316 13.72 2.85 -4.20
CA THR A 316 15.02 2.88 -4.85
C THR A 316 14.98 2.15 -6.18
N PHE A 317 15.63 2.73 -7.19
CA PHE A 317 15.81 2.09 -8.49
C PHE A 317 17.23 1.54 -8.61
N TYR A 318 17.31 0.31 -9.15
CA TYR A 318 18.59 -0.37 -9.37
C TYR A 318 18.94 -0.23 -10.84
N ALA A 319 19.57 0.89 -11.17
CA ALA A 319 19.93 1.17 -12.56
C ALA A 319 21.16 0.36 -12.97
N THR A 320 21.13 -0.14 -14.20
CA THR A 320 22.25 -0.89 -14.77
C THR A 320 23.34 0.11 -15.15
N GLY A 321 24.32 0.28 -14.28
CA GLY A 321 25.38 1.24 -14.49
C GLY A 321 26.31 0.84 -15.62
N ASP A 322 27.40 1.59 -15.73
CA ASP A 322 28.42 1.31 -16.73
C ASP A 322 29.15 0.01 -16.38
N ILE A 323 29.60 -0.69 -17.42
CA ILE A 323 30.25 -2.00 -17.29
C ILE A 323 31.75 -1.80 -17.44
N ILE A 324 32.52 -2.67 -16.79
CA ILE A 324 33.97 -2.54 -16.76
C ILE A 324 34.56 -3.11 -18.05
N GLY A 325 35.60 -2.47 -18.55
CA GLY A 325 36.38 -3.03 -19.64
C GLY A 325 35.64 -3.08 -20.96
N ASP A 326 36.29 -3.75 -21.91
CA ASP A 326 35.72 -3.92 -23.25
C ASP A 326 34.50 -4.82 -23.18
N ILE A 327 33.36 -4.32 -23.66
CA ILE A 327 32.06 -4.95 -23.45
C ILE A 327 31.71 -5.68 -24.74
N ARG A 328 31.94 -6.99 -24.76
CA ARG A 328 31.49 -7.84 -25.85
C ARG A 328 30.04 -8.24 -25.66
N GLN A 329 29.44 -8.77 -26.71
CA GLN A 329 28.07 -9.27 -26.63
C GLN A 329 28.03 -10.64 -25.96
N ALA A 330 26.85 -11.01 -25.48
CA ALA A 330 26.65 -12.32 -24.90
C ALA A 330 26.74 -13.40 -25.97
N HIS A 331 26.68 -14.66 -25.55
CA HIS A 331 26.70 -15.77 -26.50
C HIS A 331 26.24 -17.02 -25.76
N CYS A 332 26.14 -18.12 -26.49
CA CYS A 332 25.78 -19.40 -25.89
C CYS A 332 26.40 -20.52 -26.69
N ASN A 333 26.69 -21.63 -26.01
CA ASN A 333 27.44 -22.74 -26.54
C ASN A 333 26.80 -24.06 -26.15
N VAL A 334 26.91 -25.05 -27.03
CA VAL A 334 26.29 -26.36 -26.86
C VAL A 334 27.19 -27.41 -27.49
N SER A 335 27.11 -28.64 -26.98
CA SER A 335 27.86 -29.75 -27.54
C SER A 335 27.24 -30.21 -28.85
N GLY A 336 28.08 -30.79 -29.70
CA GLY A 336 27.65 -31.23 -31.02
C GLY A 336 27.29 -32.70 -31.11
N SER A 337 28.12 -33.57 -30.53
CA SER A 337 27.96 -35.01 -30.79
C SER A 337 26.75 -35.57 -30.06
N GLN A 338 26.61 -35.27 -28.77
CA GLN A 338 25.43 -35.71 -28.03
C GLN A 338 24.16 -35.11 -28.64
N TRP A 339 24.25 -33.87 -29.10
CA TRP A 339 23.12 -33.24 -29.77
C TRP A 339 22.74 -34.01 -31.03
N ASN A 340 23.74 -34.43 -31.81
CA ASN A 340 23.44 -35.18 -33.02
C ASN A 340 22.90 -36.58 -32.70
N ARG A 341 23.35 -37.18 -31.59
CA ARG A 341 22.78 -38.46 -31.18
C ARG A 341 21.31 -38.31 -30.80
N ALA A 342 21.00 -37.30 -29.99
CA ALA A 342 19.60 -37.03 -29.65
C ALA A 342 18.78 -36.76 -30.89
N LEU A 343 19.35 -36.07 -31.88
CA LEU A 343 18.66 -35.85 -33.13
C LEU A 343 18.42 -37.16 -33.87
N HIS A 344 19.39 -38.07 -33.83
CA HIS A 344 19.21 -39.37 -34.46
C HIS A 344 18.05 -40.13 -33.82
N GLN A 345 17.97 -40.09 -32.49
CA GLN A 345 16.86 -40.76 -31.81
C GLN A 345 15.53 -40.11 -32.17
N VAL A 346 15.49 -38.78 -32.20
CA VAL A 346 14.26 -38.07 -32.55
C VAL A 346 13.80 -38.46 -33.94
N VAL A 347 14.71 -38.38 -34.92
CA VAL A 347 14.30 -38.67 -36.30
C VAL A 347 13.98 -40.15 -36.46
N GLY A 348 14.58 -41.02 -35.65
CA GLY A 348 14.13 -42.40 -35.63
C GLY A 348 12.71 -42.55 -35.11
N GLN A 349 12.31 -41.69 -34.18
CA GLN A 349 10.93 -41.70 -33.71
C GLN A 349 9.97 -40.89 -34.57
N LEU A 350 10.48 -40.02 -35.45
CA LEU A 350 9.60 -39.18 -36.26
C LEU A 350 8.80 -39.96 -37.30
N ARG A 351 9.18 -41.20 -37.59
CA ARG A 351 8.53 -41.97 -38.66
C ARG A 351 7.17 -42.48 -38.20
N GLU A 352 6.21 -41.56 -38.10
CA GLU A 352 4.89 -41.97 -37.63
C GLU A 352 4.10 -42.64 -38.76
N TYR A 353 3.88 -41.92 -39.87
CA TYR A 353 3.57 -42.54 -41.17
C TYR A 353 4.51 -41.94 -42.23
N TRP A 354 5.68 -42.53 -42.42
CA TRP A 354 6.57 -42.24 -43.56
C TRP A 354 7.73 -43.22 -43.46
N ASN A 355 8.59 -43.23 -44.48
CA ASN A 355 9.91 -43.85 -44.32
C ASN A 355 11.07 -42.89 -44.32
N THR A 356 11.21 -42.01 -45.34
CA THR A 356 12.14 -40.88 -45.28
C THR A 356 11.49 -39.60 -45.83
N THR A 357 10.89 -38.78 -44.95
CA THR A 357 10.58 -37.39 -45.29
C THR A 357 10.53 -36.60 -43.98
N ILE A 358 11.59 -35.84 -43.69
CA ILE A 358 11.57 -34.94 -42.55
C ILE A 358 12.47 -33.75 -42.83
N ILE A 359 11.95 -32.55 -42.55
CA ILE A 359 12.66 -31.30 -42.72
C ILE A 359 12.35 -30.42 -41.52
N PHE A 360 13.32 -29.57 -41.17
CA PHE A 360 13.14 -28.54 -40.15
C PHE A 360 13.45 -27.19 -40.76
N LYS A 361 12.60 -26.21 -40.47
CA LYS A 361 12.77 -24.85 -40.95
C LYS A 361 12.41 -23.89 -39.83
N ASN A 362 13.13 -22.77 -39.77
CA ASN A 362 12.94 -21.81 -38.70
C ASN A 362 11.56 -21.17 -38.79
N SER A 363 11.12 -20.56 -37.70
CA SER A 363 9.82 -19.93 -37.65
C SER A 363 9.74 -18.78 -38.66
N SER A 364 8.56 -18.61 -39.25
CA SER A 364 8.37 -17.57 -40.25
C SER A 364 8.49 -16.17 -39.66
N GLY A 365 8.26 -16.01 -38.35
CA GLY A 365 8.33 -14.71 -37.69
C GLY A 365 7.10 -14.42 -36.86
N GLY A 366 7.25 -13.54 -35.87
CA GLY A 366 6.13 -13.15 -35.02
C GLY A 366 6.56 -12.53 -33.72
N ASP A 367 5.91 -12.92 -32.63
CA ASP A 367 6.23 -12.38 -31.32
C ASP A 367 7.54 -12.97 -30.81
N LEU A 368 8.41 -12.11 -30.27
CA LEU A 368 9.69 -12.60 -29.78
C LEU A 368 9.55 -13.50 -28.57
N GLU A 369 8.44 -13.38 -27.83
CA GLU A 369 8.14 -14.38 -26.80
C GLU A 369 7.87 -15.75 -27.38
N ILE A 370 7.61 -15.84 -28.68
CA ILE A 370 7.36 -17.11 -29.36
C ILE A 370 8.34 -17.36 -30.49
N THR A 371 8.99 -16.33 -31.03
CA THR A 371 9.86 -16.48 -32.19
C THR A 371 11.22 -17.08 -31.85
N THR A 372 11.56 -17.21 -30.57
CA THR A 372 12.83 -17.77 -30.15
C THR A 372 12.62 -18.51 -28.83
N HIS A 373 13.72 -19.00 -28.26
CA HIS A 373 13.69 -19.75 -27.01
C HIS A 373 14.07 -18.83 -25.86
N SER A 374 13.07 -18.45 -25.06
CA SER A 374 13.25 -17.58 -23.92
C SER A 374 13.11 -18.36 -22.63
N PHE A 375 13.66 -17.80 -21.56
CA PHE A 375 13.61 -18.39 -20.23
C PHE A 375 14.12 -17.33 -19.26
N ASN A 376 14.21 -17.70 -17.98
CA ASN A 376 14.70 -16.81 -16.94
C ASN A 376 15.95 -17.43 -16.30
N CYS A 377 16.97 -16.61 -16.10
CA CYS A 377 18.23 -17.07 -15.53
C CYS A 377 18.80 -15.96 -14.66
N GLY A 378 18.96 -16.25 -13.37
CA GLY A 378 19.47 -15.29 -12.41
C GLY A 378 18.71 -13.97 -12.42
N GLY A 379 17.41 -14.05 -12.69
CA GLY A 379 16.57 -12.89 -12.78
C GLY A 379 16.43 -12.31 -14.18
N GLU A 380 17.47 -12.35 -14.99
CA GLU A 380 17.40 -11.75 -16.31
C GLU A 380 16.66 -12.69 -17.26
N PHE A 381 15.80 -12.12 -18.10
CA PHE A 381 15.06 -12.93 -19.05
C PHE A 381 15.96 -13.18 -20.25
N PHE A 382 16.53 -14.37 -20.34
CA PHE A 382 17.42 -14.69 -21.45
C PHE A 382 16.58 -15.16 -22.63
N TYR A 383 17.01 -14.82 -23.84
CA TYR A 383 16.42 -15.34 -25.07
C TYR A 383 17.59 -15.96 -25.84
N CYS A 384 17.88 -17.23 -25.61
CA CYS A 384 18.98 -17.88 -26.32
C CYS A 384 18.43 -18.43 -27.63
N ASN A 385 19.01 -17.96 -28.75
CA ASN A 385 18.45 -18.15 -30.08
C ASN A 385 18.39 -19.63 -30.44
N THR A 386 17.49 -19.94 -31.37
CA THR A 386 17.35 -21.29 -31.94
C THR A 386 17.52 -21.15 -33.45
N SER A 387 18.77 -21.26 -33.91
CA SER A 387 19.08 -21.30 -35.33
C SER A 387 20.01 -22.44 -35.73
N GLY A 388 20.77 -22.99 -34.79
CA GLY A 388 21.59 -24.15 -35.10
C GLY A 388 20.81 -25.44 -35.27
N LEU A 389 19.49 -25.43 -35.10
CA LEU A 389 18.67 -26.63 -35.13
C LEU A 389 17.95 -26.83 -36.45
N PHE A 390 17.24 -25.81 -36.94
CA PHE A 390 16.43 -25.98 -38.13
C PHE A 390 17.27 -26.31 -39.36
N ASN A 391 18.54 -25.90 -39.38
CA ASN A 391 19.46 -26.31 -40.44
C ASN A 391 19.91 -27.74 -40.15
N SER A 392 18.97 -28.66 -40.32
CA SER A 392 19.21 -30.08 -40.04
C SER A 392 18.16 -30.89 -40.77
N ASN A 393 18.59 -31.82 -41.62
CA ASN A 393 17.67 -32.69 -42.36
C ASN A 393 18.25 -34.11 -42.32
N TRP A 394 17.82 -34.88 -41.34
CA TRP A 394 18.20 -36.30 -41.23
C TRP A 394 17.18 -37.18 -41.96
N THR A 395 16.93 -36.89 -43.23
CA THR A 395 15.81 -37.53 -43.93
C THR A 395 16.20 -38.89 -44.51
N HIS A 396 17.22 -38.92 -45.35
CA HIS A 396 17.55 -40.15 -46.07
C HIS A 396 18.43 -41.08 -45.25
N ASN A 397 19.59 -40.59 -44.82
CA ASN A 397 20.56 -41.36 -44.04
C ASN A 397 20.86 -40.61 -42.76
N ASP A 398 20.48 -41.21 -41.62
CA ASP A 398 20.73 -40.56 -40.34
C ASP A 398 22.22 -40.48 -40.03
N THR A 399 22.95 -41.57 -40.26
CA THR A 399 24.38 -41.59 -39.94
C THR A 399 25.19 -40.61 -40.79
N ALA A 400 24.64 -40.16 -41.93
CA ALA A 400 25.35 -39.18 -42.74
C ALA A 400 25.58 -37.89 -41.97
N SER A 401 24.61 -37.50 -41.15
CA SER A 401 24.68 -36.26 -40.36
C SER A 401 25.07 -36.51 -38.91
N MET A 402 25.44 -37.74 -38.55
CA MET A 402 26.10 -37.99 -37.28
C MET A 402 27.57 -37.59 -37.28
N LYS A 403 28.14 -37.33 -38.47
CA LYS A 403 29.55 -37.00 -38.63
C LYS A 403 29.89 -35.55 -38.25
N PRO A 404 29.08 -34.52 -38.63
CA PRO A 404 29.53 -33.14 -38.41
C PRO A 404 29.49 -32.73 -36.94
N ASN A 405 30.46 -33.24 -36.17
CA ASN A 405 30.59 -32.90 -34.75
C ASN A 405 31.23 -31.52 -34.65
N ASP A 406 30.44 -30.52 -34.27
CA ASP A 406 30.89 -29.14 -34.22
C ASP A 406 30.36 -28.49 -32.96
N THR A 407 31.22 -27.74 -32.28
CA THR A 407 30.83 -27.05 -31.06
C THR A 407 29.87 -25.93 -31.41
N ILE A 408 28.60 -26.13 -31.09
CA ILE A 408 27.53 -25.25 -31.57
C ILE A 408 27.57 -23.93 -30.81
N THR A 409 28.06 -22.89 -31.46
CA THR A 409 28.03 -21.53 -30.94
C THR A 409 26.86 -20.78 -31.56
N LEU A 410 26.22 -19.93 -30.78
CA LEU A 410 25.14 -19.10 -31.30
C LEU A 410 25.05 -17.83 -30.46
N PRO A 411 24.45 -16.76 -31.01
CA PRO A 411 24.22 -15.56 -30.19
C PRO A 411 22.94 -15.71 -29.38
N CYS A 412 23.07 -15.66 -28.05
CA CYS A 412 21.94 -15.61 -27.15
C CYS A 412 21.71 -14.15 -26.73
N ARG A 413 20.48 -13.68 -26.87
CA ARG A 413 20.06 -12.35 -26.48
C ARG A 413 19.57 -12.36 -25.04
N ILE A 414 19.22 -11.18 -24.52
CA ILE A 414 18.70 -11.03 -23.16
C ILE A 414 17.55 -10.03 -23.18
N LYS A 415 16.96 -9.80 -22.02
CA LYS A 415 15.79 -8.95 -21.88
C LYS A 415 15.57 -8.65 -20.40
N GLN A 416 14.95 -7.49 -20.16
CA GLN A 416 14.65 -6.97 -18.83
C GLN A 416 13.16 -7.01 -18.49
N ILE A 417 12.31 -6.75 -19.47
CA ILE A 417 10.88 -6.60 -19.25
C ILE A 417 10.16 -7.89 -19.64
N ILE A 418 8.91 -8.03 -19.21
CA ILE A 418 8.11 -9.19 -19.56
C ILE A 418 6.64 -8.87 -19.29
N ASN A 419 5.76 -9.46 -20.09
CA ASN A 419 4.32 -9.51 -19.85
C ASN A 419 3.94 -10.98 -19.86
N MET A 420 4.02 -11.61 -18.70
CA MET A 420 3.85 -13.06 -18.59
C MET A 420 2.48 -13.50 -19.12
N TRP A 421 2.47 -14.70 -19.70
CA TRP A 421 1.23 -15.33 -20.20
C TRP A 421 0.51 -14.46 -21.22
N GLN A 422 1.25 -13.60 -21.93
CA GLN A 422 0.73 -12.74 -22.99
C GLN A 422 -0.38 -11.81 -22.51
N ARG A 423 -0.49 -11.57 -21.20
CA ARG A 423 -1.46 -10.60 -20.68
C ARG A 423 -0.87 -9.20 -20.88
N VAL A 424 -1.48 -8.44 -21.78
CA VAL A 424 -0.96 -7.11 -22.10
C VAL A 424 -1.50 -6.13 -21.07
N GLY A 425 -0.75 -5.94 -19.99
CA GLY A 425 -1.07 -4.97 -18.97
C GLY A 425 0.18 -4.34 -18.43
N GLN A 426 0.15 -3.92 -17.17
CA GLN A 426 1.30 -3.30 -16.51
C GLN A 426 2.50 -4.23 -16.52
N ALA A 427 3.56 -3.85 -17.23
CA ALA A 427 4.77 -4.65 -17.30
C ALA A 427 5.58 -4.48 -16.02
N ILE A 428 6.77 -5.10 -16.00
CA ILE A 428 7.67 -5.05 -14.85
C ILE A 428 9.10 -4.86 -15.34
N TYR A 429 10.01 -4.70 -14.37
CA TYR A 429 11.42 -4.42 -14.62
C TYR A 429 12.27 -5.51 -13.95
N ALA A 430 13.46 -5.74 -14.49
CA ALA A 430 14.41 -6.72 -13.98
C ALA A 430 15.71 -6.04 -13.60
N PRO A 431 16.29 -6.31 -12.43
CA PRO A 431 17.46 -5.54 -11.99
C PRO A 431 18.76 -6.18 -12.48
N PRO A 432 19.90 -5.57 -12.21
CA PRO A 432 21.18 -6.23 -12.51
C PRO A 432 21.48 -7.37 -11.53
N ILE A 433 22.53 -8.11 -11.88
CA ILE A 433 22.86 -9.42 -11.32
C ILE A 433 24.28 -9.44 -10.76
N GLN A 434 24.80 -8.28 -10.34
CA GLN A 434 26.17 -7.83 -10.61
C GLN A 434 27.21 -8.93 -10.50
N GLY A 435 28.03 -9.03 -11.56
CA GLY A 435 28.90 -10.17 -11.82
C GLY A 435 28.52 -10.86 -13.10
N VAL A 436 29.51 -11.54 -13.71
CA VAL A 436 29.31 -12.12 -15.04
C VAL A 436 28.21 -13.17 -14.98
N ILE A 437 27.49 -13.32 -16.10
CA ILE A 437 26.21 -14.01 -16.08
C ILE A 437 26.36 -15.36 -16.73
N ARG A 438 26.59 -16.39 -15.92
CA ARG A 438 26.57 -17.75 -16.39
C ARG A 438 25.14 -18.27 -16.44
N CYS A 439 24.91 -19.29 -17.27
CA CYS A 439 23.65 -20.01 -17.21
C CYS A 439 23.90 -21.43 -17.71
N GLU A 440 23.94 -22.35 -16.76
CA GLU A 440 23.85 -23.77 -17.05
C GLU A 440 22.42 -24.11 -17.44
N SER A 441 22.28 -25.08 -18.34
CA SER A 441 20.95 -25.61 -18.61
C SER A 441 21.05 -27.01 -19.18
N ASN A 442 20.33 -27.93 -18.55
CA ASN A 442 20.05 -29.23 -19.14
C ASN A 442 18.99 -29.07 -20.23
N ILE A 443 18.58 -30.19 -20.82
CA ILE A 443 17.47 -30.18 -21.77
C ILE A 443 16.78 -31.53 -21.65
N THR A 444 15.45 -31.50 -21.62
CA THR A 444 14.63 -32.69 -21.53
C THR A 444 13.44 -32.70 -22.48
N GLY A 445 13.24 -31.65 -23.26
CA GLY A 445 12.05 -31.56 -24.10
C GLY A 445 12.23 -30.57 -25.22
N LEU A 446 11.16 -30.42 -26.00
CA LEU A 446 11.14 -29.59 -27.19
C LEU A 446 9.70 -29.47 -27.64
N ILE A 447 9.40 -28.43 -28.42
CA ILE A 447 8.06 -28.21 -28.95
C ILE A 447 8.20 -27.75 -30.40
N LEU A 448 7.27 -28.21 -31.26
CA LEU A 448 7.27 -27.81 -32.67
C LEU A 448 5.85 -27.55 -33.13
N THR A 449 5.75 -27.08 -34.37
CA THR A 449 4.50 -26.97 -35.10
C THR A 449 4.72 -27.46 -36.52
N ARG A 450 3.72 -28.14 -37.07
CA ARG A 450 3.84 -28.68 -38.42
C ARG A 450 3.62 -27.60 -39.47
N ASP A 451 4.10 -27.88 -40.68
CA ASP A 451 3.98 -26.96 -41.81
C ASP A 451 2.66 -27.23 -42.51
N GLY A 452 1.67 -26.35 -42.28
CA GLY A 452 0.43 -26.41 -43.03
C GLY A 452 0.49 -25.73 -44.37
N GLY A 453 1.38 -24.76 -44.53
CA GLY A 453 1.57 -24.10 -45.81
C GLY A 453 2.56 -24.81 -46.70
N GLY A 454 2.27 -26.07 -47.02
CA GLY A 454 3.15 -26.85 -47.87
C GLY A 454 2.42 -28.06 -48.40
N ASN A 455 3.16 -28.88 -49.14
CA ASN A 455 2.60 -30.11 -49.68
C ASN A 455 2.17 -31.04 -48.55
N ILE A 456 1.11 -31.80 -48.79
CA ILE A 456 0.54 -32.65 -47.74
C ILE A 456 1.20 -34.02 -47.68
N ASN A 457 1.72 -34.53 -48.81
CA ASN A 457 2.32 -35.85 -48.86
C ASN A 457 3.62 -35.90 -49.64
N GLU A 458 4.21 -34.77 -50.02
CA GLU A 458 5.49 -34.76 -50.72
C GLU A 458 6.65 -34.72 -49.73
N SER A 459 6.61 -33.77 -48.80
CA SER A 459 7.69 -33.59 -47.83
C SER A 459 7.11 -33.01 -46.55
N GLN A 460 7.45 -33.61 -45.42
CA GLN A 460 6.98 -33.15 -44.12
C GLN A 460 7.98 -32.16 -43.54
N ILE A 461 7.50 -30.94 -43.28
CA ILE A 461 8.31 -29.87 -42.71
C ILE A 461 7.75 -29.54 -41.33
N PHE A 462 8.63 -29.51 -40.32
CA PHE A 462 8.34 -29.04 -38.99
C PHE A 462 9.06 -27.72 -38.76
N ARG A 463 8.65 -26.99 -37.72
CA ARG A 463 9.25 -25.70 -37.43
C ARG A 463 9.12 -25.44 -35.94
N PRO A 464 9.92 -24.52 -35.38
CA PRO A 464 9.83 -24.26 -33.94
C PRO A 464 8.53 -23.53 -33.59
N GLY A 465 7.91 -23.98 -32.51
CA GLY A 465 6.71 -23.34 -32.00
C GLY A 465 6.82 -23.08 -30.51
N GLY A 466 6.31 -21.93 -30.09
CA GLY A 466 6.30 -21.56 -28.69
C GLY A 466 5.03 -20.86 -28.26
N GLY A 467 3.96 -20.99 -29.05
CA GLY A 467 2.74 -20.26 -28.78
C GLY A 467 2.08 -20.62 -27.47
N ASP A 468 1.62 -21.85 -27.32
CA ASP A 468 0.98 -22.30 -26.09
C ASP A 468 2.06 -22.52 -25.04
N MET A 469 2.22 -21.55 -24.14
CA MET A 469 3.14 -21.72 -23.02
C MET A 469 2.74 -22.91 -22.14
N ARG A 470 1.43 -23.17 -22.03
CA ARG A 470 0.92 -24.23 -21.16
C ARG A 470 1.56 -25.58 -21.46
N ASP A 471 1.87 -25.84 -22.73
CA ASP A 471 2.50 -27.10 -23.11
C ASP A 471 3.78 -27.35 -22.31
N ASN A 472 4.60 -26.31 -22.14
CA ASN A 472 5.84 -26.42 -21.38
C ASN A 472 5.66 -26.96 -19.98
N TRP A 473 4.43 -26.90 -19.43
CA TRP A 473 4.11 -27.48 -18.14
C TRP A 473 3.63 -28.92 -18.30
N ARG A 474 2.68 -29.15 -19.21
CA ARG A 474 2.03 -30.46 -19.31
C ARG A 474 3.00 -31.56 -19.73
N SER A 475 4.18 -31.20 -20.25
CA SER A 475 5.23 -32.18 -20.48
C SER A 475 5.50 -33.02 -19.24
N GLU A 476 5.54 -32.37 -18.07
CA GLU A 476 5.76 -33.06 -16.81
C GLU A 476 4.46 -33.51 -16.14
N LEU A 477 3.33 -33.46 -16.86
CA LEU A 477 2.03 -33.81 -16.30
C LEU A 477 1.35 -34.93 -17.09
N TYR A 478 2.07 -35.64 -17.94
CA TYR A 478 1.48 -36.73 -18.70
C TYR A 478 1.27 -38.00 -17.89
N LYS A 479 1.50 -37.96 -16.58
CA LYS A 479 1.23 -39.06 -15.66
C LYS A 479 0.25 -38.67 -14.56
N TYR A 480 0.36 -37.45 -14.03
CA TYR A 480 -0.39 -37.04 -12.86
C TYR A 480 -1.84 -36.72 -13.24
N LYS A 481 -2.78 -37.31 -12.49
CA LYS A 481 -4.19 -37.03 -12.65
C LYS A 481 -4.86 -37.10 -11.29
N VAL A 482 -5.76 -36.17 -11.04
CA VAL A 482 -6.46 -36.12 -9.75
C VAL A 482 -7.59 -37.14 -9.76
N VAL A 483 -7.89 -37.68 -8.58
CA VAL A 483 -8.88 -38.75 -8.44
C VAL A 483 -9.60 -38.55 -7.12
N ARG A 484 -10.89 -38.85 -7.13
CA ARG A 484 -11.75 -38.71 -5.95
C ARG A 484 -11.81 -40.03 -5.19
N ILE A 485 -12.05 -39.94 -3.89
CA ILE A 485 -12.20 -41.09 -3.00
C ILE A 485 -13.57 -41.01 -2.37
N GLU A 486 -14.43 -41.98 -2.69
CA GLU A 486 -15.79 -42.07 -2.16
C GLU A 486 -15.88 -43.36 -1.35
N PRO A 487 -15.66 -43.32 -0.03
CA PRO A 487 -15.67 -44.56 0.75
C PRO A 487 -17.02 -45.28 0.78
N LEU A 488 -18.10 -44.64 0.34
CA LEU A 488 -19.40 -45.28 0.36
C LEU A 488 -19.40 -46.51 -0.56
N GLY A 489 -19.92 -47.61 -0.04
CA GLY A 489 -19.91 -48.86 -0.80
C GLY A 489 -21.08 -49.75 -0.43
N VAL A 490 -21.54 -50.52 -1.40
CA VAL A 490 -22.67 -51.42 -1.24
C VAL A 490 -22.32 -52.74 -1.90
N ALA A 491 -22.87 -53.83 -1.36
CA ALA A 491 -22.69 -55.13 -2.02
C ALA A 491 -23.75 -56.10 -1.51
N PRO A 492 -24.30 -56.99 -2.36
CA PRO A 492 -25.16 -58.07 -1.83
C PRO A 492 -24.34 -59.21 -1.25
N THR A 493 -24.41 -59.36 0.07
CA THR A 493 -23.87 -60.49 0.80
C THR A 493 -25.02 -61.34 1.31
N LYS A 494 -24.71 -62.59 1.67
CA LYS A 494 -25.75 -63.53 2.07
C LYS A 494 -26.14 -63.39 3.54
N ALA A 495 -25.14 -63.29 4.43
CA ALA A 495 -25.42 -63.24 5.85
C ALA A 495 -26.16 -61.96 6.22
N LYS A 496 -26.56 -61.86 7.49
CA LYS A 496 -27.34 -60.72 7.96
C LYS A 496 -27.05 -60.48 9.43
N ARG A 497 -27.56 -59.35 9.93
CA ARG A 497 -27.46 -58.99 11.33
C ARG A 497 -28.52 -59.72 12.14
N ARG A 498 -28.66 -59.33 13.41
CA ARG A 498 -29.71 -59.87 14.27
C ARG A 498 -31.03 -59.17 13.95
N VAL A 499 -32.05 -59.97 13.64
CA VAL A 499 -33.34 -59.41 13.24
C VAL A 499 -34.13 -59.01 14.48
N VAL A 500 -35.17 -58.22 14.26
CA VAL A 500 -36.01 -57.75 15.36
C VAL A 500 -36.99 -58.83 15.80
N GLU A 501 -37.82 -59.29 14.87
CA GLU A 501 -38.78 -60.36 15.15
C GLU A 501 -39.33 -60.92 13.86
N GLY B 11 -1.38 -49.02 2.94
CA GLY B 11 -2.42 -49.09 1.92
C GLY B 11 -3.36 -47.90 1.98
N PHE B 12 -2.88 -46.74 1.50
CA PHE B 12 -3.72 -45.55 1.49
C PHE B 12 -4.91 -45.72 0.55
N LEU B 13 -4.65 -46.17 -0.66
CA LEU B 13 -5.70 -46.61 -1.58
C LEU B 13 -5.39 -47.94 -2.25
N GLY B 14 -4.17 -48.46 -2.13
CA GLY B 14 -3.77 -49.71 -2.77
C GLY B 14 -4.29 -50.94 -2.07
N THR B 15 -3.55 -52.03 -2.23
CA THR B 15 -3.86 -53.35 -1.70
C THR B 15 -5.09 -53.98 -2.32
N ALA B 16 -5.65 -53.39 -3.38
CA ALA B 16 -6.80 -53.97 -4.07
C ALA B 16 -6.71 -53.58 -5.54
N GLY B 17 -6.21 -54.49 -6.37
CA GLY B 17 -6.20 -54.29 -7.81
C GLY B 17 -7.43 -54.88 -8.43
N SER B 18 -7.75 -56.12 -8.05
CA SER B 18 -9.09 -56.67 -8.23
C SER B 18 -9.34 -57.60 -7.06
N THR B 19 -10.02 -57.10 -6.03
CA THR B 19 -10.33 -57.87 -4.84
C THR B 19 -11.60 -57.31 -4.21
N MET B 20 -12.30 -58.16 -3.46
CA MET B 20 -13.34 -57.71 -2.56
C MET B 20 -13.07 -58.21 -1.14
N GLY B 21 -12.47 -59.38 -1.02
CA GLY B 21 -12.06 -59.88 0.28
C GLY B 21 -10.89 -59.11 0.84
N ALA B 22 -9.78 -59.08 0.09
CA ALA B 22 -8.63 -58.30 0.52
C ALA B 22 -8.96 -56.82 0.58
N ALA B 23 -9.78 -56.33 -0.35
CA ALA B 23 -10.21 -54.94 -0.31
C ALA B 23 -11.01 -54.64 0.96
N SER B 24 -11.95 -55.54 1.29
CA SER B 24 -12.72 -55.36 2.51
C SER B 24 -11.86 -55.52 3.76
N ILE B 25 -10.73 -56.22 3.67
CA ILE B 25 -9.85 -56.38 4.82
C ILE B 25 -8.91 -55.18 4.99
N THR B 26 -8.69 -54.40 3.92
CA THR B 26 -7.69 -53.33 3.90
C THR B 26 -8.35 -51.95 3.85
N LEU B 27 -9.47 -51.79 4.55
CA LEU B 27 -10.24 -50.55 4.55
C LEU B 27 -9.73 -49.55 5.59
N THR B 28 -9.47 -50.03 6.80
CA THR B 28 -9.07 -49.12 7.88
C THR B 28 -7.75 -48.44 7.58
N VAL B 29 -6.78 -49.18 7.00
CA VAL B 29 -5.53 -48.56 6.59
C VAL B 29 -5.79 -47.42 5.61
N GLN B 30 -6.71 -47.65 4.66
CA GLN B 30 -7.05 -46.61 3.69
C GLN B 30 -7.63 -45.38 4.38
N VAL B 31 -8.49 -45.58 5.38
CA VAL B 31 -9.14 -44.44 6.02
C VAL B 31 -8.14 -43.67 6.88
N ARG B 32 -7.37 -44.39 7.70
CA ARG B 32 -6.42 -43.74 8.59
C ARG B 32 -5.28 -43.07 7.81
N LYS B 33 -5.00 -43.52 6.58
CA LYS B 33 -4.03 -42.82 5.74
C LYS B 33 -4.67 -41.66 4.99
N LEU B 34 -5.96 -41.77 4.68
CA LEU B 34 -6.64 -40.71 3.94
C LEU B 34 -6.87 -39.48 4.80
N LEU B 35 -7.26 -39.68 6.07
CA LEU B 35 -7.65 -38.59 6.96
C LEU B 35 -6.49 -38.15 7.87
N SER B 36 -5.25 -38.31 7.39
CA SER B 36 -4.07 -37.83 8.10
C SER B 36 -3.71 -36.39 7.72
N GLY B 37 -4.61 -35.67 7.05
CA GLY B 37 -4.32 -34.30 6.64
C GLY B 37 -4.21 -33.33 7.79
N ILE B 38 -4.73 -33.69 8.96
CA ILE B 38 -4.66 -32.77 10.10
C ILE B 38 -3.22 -32.59 10.56
N VAL B 39 -2.39 -33.62 10.43
CA VAL B 39 -0.99 -33.48 10.81
C VAL B 39 -0.24 -32.64 9.78
N GLN B 40 -0.71 -32.64 8.53
CA GLN B 40 -0.19 -31.70 7.54
C GLN B 40 -0.61 -30.27 7.88
N GLN B 41 -1.82 -30.09 8.39
CA GLN B 41 -2.32 -28.76 8.72
C GLN B 41 -1.65 -28.21 9.96
N GLN B 42 -1.30 -29.07 10.92
CA GLN B 42 -0.61 -28.60 12.11
C GLN B 42 0.79 -28.09 11.80
N SER B 43 1.45 -28.65 10.77
CA SER B 43 2.81 -28.33 10.43
C SER B 43 2.93 -27.18 9.42
N ASN B 44 1.88 -26.37 9.27
CA ASN B 44 1.94 -25.26 8.31
C ASN B 44 3.00 -24.25 8.71
N LEU B 45 2.90 -23.71 9.93
CA LEU B 45 3.87 -22.74 10.44
C LEU B 45 3.92 -21.47 9.59
N LEU B 46 2.77 -21.06 9.05
CA LEU B 46 2.66 -19.90 8.19
C LEU B 46 2.16 -18.65 8.92
N ARG B 47 2.45 -18.55 10.23
CA ARG B 47 1.65 -17.70 11.11
C ARG B 47 1.64 -16.24 10.66
N ALA B 48 2.82 -15.59 10.62
CA ALA B 48 2.99 -14.34 9.88
C ALA B 48 4.13 -14.36 8.87
N ILE B 49 5.22 -15.06 9.17
CA ILE B 49 6.51 -14.87 8.51
C ILE B 49 7.21 -16.22 8.47
N GLU B 50 7.96 -16.49 7.39
CA GLU B 50 8.63 -17.78 7.31
C GLU B 50 10.11 -17.75 7.72
N ALA B 51 10.96 -16.90 7.11
CA ALA B 51 12.28 -16.66 7.70
C ALA B 51 12.55 -15.26 8.24
N GLN B 52 12.34 -14.19 7.45
CA GLN B 52 12.72 -12.84 7.87
C GLN B 52 11.56 -11.89 8.05
N GLN B 53 10.68 -11.79 7.05
CA GLN B 53 9.69 -10.73 6.98
C GLN B 53 8.69 -11.06 5.87
N HIS B 54 7.42 -10.74 6.10
CA HIS B 54 6.41 -10.87 5.06
C HIS B 54 5.36 -9.79 5.23
N LEU B 55 4.76 -9.40 4.11
CA LEU B 55 3.53 -8.63 4.13
C LEU B 55 2.38 -9.64 4.35
N LEU B 56 1.13 -9.18 4.22
CA LEU B 56 -0.01 -10.01 4.57
C LEU B 56 -0.01 -11.33 3.79
N LYS B 57 -0.08 -11.25 2.46
CA LYS B 57 0.01 -12.40 1.56
C LYS B 57 -0.99 -13.50 1.94
N LEU B 58 -2.26 -13.13 1.94
CA LEU B 58 -3.36 -14.08 2.15
C LEU B 58 -4.46 -13.70 1.16
N THR B 59 -4.68 -14.56 0.17
CA THR B 59 -5.46 -14.25 -1.02
C THR B 59 -6.35 -15.45 -1.29
N VAL B 60 -7.01 -15.42 -2.46
CA VAL B 60 -7.89 -16.51 -2.90
C VAL B 60 -7.22 -17.87 -2.71
N TRP B 61 -5.90 -17.94 -2.91
CA TRP B 61 -5.15 -19.17 -2.71
C TRP B 61 -5.39 -19.78 -1.33
N GLY B 62 -5.10 -19.02 -0.27
CA GLY B 62 -5.18 -19.57 1.07
C GLY B 62 -6.58 -19.71 1.61
N ILE B 63 -7.41 -18.68 1.40
CA ILE B 63 -8.79 -18.76 1.87
C ILE B 63 -9.52 -19.89 1.18
N LYS B 64 -9.19 -20.18 -0.09
CA LYS B 64 -9.84 -21.29 -0.78
C LYS B 64 -9.14 -22.62 -0.55
N GLN B 65 -7.89 -22.63 -0.12
CA GLN B 65 -7.35 -23.82 0.54
C GLN B 65 -8.23 -24.21 1.71
N LEU B 66 -8.52 -23.23 2.58
CA LEU B 66 -9.39 -23.49 3.72
C LEU B 66 -10.81 -23.83 3.27
N GLN B 67 -11.27 -23.21 2.19
CA GLN B 67 -12.61 -23.53 1.68
C GLN B 67 -12.67 -24.96 1.14
N ALA B 68 -11.60 -25.42 0.50
CA ALA B 68 -11.56 -26.80 0.04
C ALA B 68 -11.52 -27.77 1.22
N ARG B 69 -10.74 -27.44 2.25
CA ARG B 69 -10.82 -28.17 3.51
C ARG B 69 -12.25 -28.27 3.99
N VAL B 70 -12.95 -27.13 4.01
CA VAL B 70 -14.33 -27.07 4.50
C VAL B 70 -15.24 -27.93 3.65
N LEU B 71 -15.08 -27.87 2.34
CA LEU B 71 -16.00 -28.59 1.46
C LEU B 71 -15.76 -30.10 1.54
N ALA B 72 -14.51 -30.53 1.54
CA ALA B 72 -14.23 -31.96 1.67
C ALA B 72 -14.68 -32.49 3.03
N VAL B 73 -14.37 -31.76 4.10
CA VAL B 73 -14.82 -32.22 5.40
C VAL B 73 -16.33 -32.10 5.52
N GLU B 74 -16.98 -31.23 4.74
CA GLU B 74 -18.44 -31.14 4.75
C GLU B 74 -19.07 -32.34 4.08
N ARG B 75 -18.43 -32.82 3.01
CA ARG B 75 -18.83 -34.09 2.43
C ARG B 75 -18.70 -35.20 3.47
N TYR B 76 -17.63 -35.17 4.25
CA TYR B 76 -17.47 -36.13 5.33
C TYR B 76 -18.53 -35.94 6.42
N LEU B 77 -18.89 -34.70 6.71
CA LEU B 77 -19.97 -34.45 7.68
C LEU B 77 -21.28 -35.06 7.17
N ARG B 78 -21.54 -34.95 5.88
CA ARG B 78 -22.71 -35.61 5.30
C ARG B 78 -22.57 -37.13 5.33
N ASP B 79 -21.34 -37.65 5.24
CA ASP B 79 -21.14 -39.08 5.40
C ASP B 79 -21.54 -39.52 6.81
N GLN B 80 -21.09 -38.80 7.83
CA GLN B 80 -21.51 -39.14 9.19
C GLN B 80 -23.01 -38.93 9.38
N GLN B 81 -23.60 -37.97 8.66
CA GLN B 81 -25.04 -37.80 8.66
C GLN B 81 -25.73 -39.06 8.13
N LEU B 82 -25.24 -39.58 7.00
CA LEU B 82 -25.75 -40.83 6.46
C LEU B 82 -25.64 -41.95 7.47
N LEU B 83 -24.47 -42.08 8.11
CA LEU B 83 -24.26 -43.13 9.12
C LEU B 83 -25.27 -42.98 10.26
N GLY B 84 -25.61 -41.76 10.64
CA GLY B 84 -26.60 -41.55 11.67
C GLY B 84 -28.01 -41.83 11.20
N ILE B 85 -28.28 -41.65 9.91
CA ILE B 85 -29.60 -41.93 9.35
C ILE B 85 -29.88 -43.42 9.41
N TRP B 86 -28.97 -44.23 8.87
CA TRP B 86 -29.16 -45.67 8.74
C TRP B 86 -28.87 -46.43 10.03
N GLY B 87 -28.62 -45.75 11.15
CA GLY B 87 -28.10 -46.42 12.33
C GLY B 87 -26.79 -47.12 12.08
N CYS B 88 -26.01 -46.62 11.12
CA CYS B 88 -24.80 -47.25 10.65
C CYS B 88 -23.54 -46.58 11.20
N SER B 89 -23.64 -45.90 12.34
CA SER B 89 -22.53 -45.16 12.93
C SER B 89 -21.66 -46.02 13.84
N GLY B 90 -22.04 -47.27 14.09
CA GLY B 90 -21.25 -48.11 14.98
C GLY B 90 -19.86 -48.38 14.47
N LYS B 91 -19.75 -48.90 13.25
CA LYS B 91 -18.47 -49.19 12.63
C LYS B 91 -18.71 -49.41 11.14
N LEU B 92 -17.65 -49.82 10.44
CA LEU B 92 -17.75 -50.07 9.01
C LEU B 92 -18.50 -51.37 8.71
N ILE B 93 -18.43 -52.36 9.60
CA ILE B 93 -19.15 -53.61 9.42
C ILE B 93 -20.62 -53.33 9.77
N CYS B 94 -21.45 -53.15 8.73
CA CYS B 94 -22.79 -52.63 8.91
C CYS B 94 -23.67 -53.17 7.78
N THR B 95 -24.52 -54.14 8.10
CA THR B 95 -25.35 -54.79 7.10
C THR B 95 -26.54 -53.89 6.73
N THR B 96 -27.44 -54.41 5.91
CA THR B 96 -28.65 -53.70 5.51
C THR B 96 -29.80 -54.70 5.40
N ASN B 97 -30.98 -54.27 5.84
CA ASN B 97 -32.18 -55.10 5.87
C ASN B 97 -32.89 -55.21 4.51
N VAL B 98 -32.28 -54.76 3.43
CA VAL B 98 -32.91 -54.73 2.11
C VAL B 98 -32.35 -55.88 1.28
N PRO B 99 -33.17 -56.64 0.53
CA PRO B 99 -32.61 -57.62 -0.40
C PRO B 99 -32.39 -57.02 -1.79
N TRP B 100 -31.28 -57.41 -2.39
CA TRP B 100 -30.87 -56.83 -3.67
C TRP B 100 -31.82 -57.25 -4.78
N ASN B 101 -32.50 -56.27 -5.37
CA ASN B 101 -33.48 -56.53 -6.42
C ASN B 101 -32.78 -57.07 -7.68
N SER B 102 -33.59 -57.63 -8.58
CA SER B 102 -33.15 -58.35 -9.77
C SER B 102 -32.78 -57.44 -10.93
N SER B 103 -32.63 -56.12 -10.71
CA SER B 103 -32.27 -55.21 -11.79
C SER B 103 -30.95 -55.60 -12.44
N TRP B 104 -29.98 -56.02 -11.63
CA TRP B 104 -28.72 -56.58 -12.13
C TRP B 104 -28.96 -57.74 -13.08
N SER B 105 -27.98 -58.01 -13.94
CA SER B 105 -28.01 -59.14 -14.86
C SER B 105 -27.24 -60.31 -14.26
N ASN B 106 -27.63 -61.53 -14.67
CA ASN B 106 -27.16 -62.76 -14.03
C ASN B 106 -25.64 -62.82 -13.94
N LYS B 107 -25.15 -63.22 -12.77
CA LYS B 107 -23.73 -63.27 -12.45
C LYS B 107 -23.61 -63.94 -11.09
N SER B 108 -22.44 -64.54 -10.83
CA SER B 108 -22.23 -65.23 -9.57
C SER B 108 -21.53 -64.30 -8.58
N GLU B 109 -21.70 -64.62 -7.29
CA GLU B 109 -21.32 -63.67 -6.24
C GLU B 109 -19.80 -63.61 -6.07
N ARG B 110 -19.19 -64.76 -5.79
CA ARG B 110 -17.76 -64.77 -5.47
C ARG B 110 -16.92 -64.32 -6.66
N GLU B 111 -17.38 -64.56 -7.89
CA GLU B 111 -16.63 -64.06 -9.04
C GLU B 111 -16.79 -62.56 -9.22
N ILE B 112 -17.84 -61.96 -8.67
CA ILE B 112 -17.89 -60.51 -8.60
C ILE B 112 -16.96 -60.01 -7.51
N TRP B 113 -16.88 -60.75 -6.39
CA TRP B 113 -15.95 -60.38 -5.34
C TRP B 113 -14.51 -60.41 -5.84
N GLU B 114 -14.19 -61.37 -6.71
CA GLU B 114 -12.80 -61.59 -7.11
C GLU B 114 -12.39 -60.89 -8.41
N ASN B 115 -13.33 -60.55 -9.30
CA ASN B 115 -12.94 -60.04 -10.63
C ASN B 115 -13.75 -58.82 -11.04
N MET B 116 -14.06 -57.90 -10.11
CA MET B 116 -14.61 -56.61 -10.52
C MET B 116 -14.00 -55.39 -9.83
N THR B 117 -13.07 -55.56 -8.90
CA THR B 117 -12.24 -54.52 -8.26
C THR B 117 -13.08 -53.43 -7.59
N TRP B 118 -14.37 -53.71 -7.34
CA TRP B 118 -15.37 -52.88 -6.69
C TRP B 118 -15.86 -51.75 -7.60
N LEU B 119 -15.32 -51.58 -8.81
CA LEU B 119 -15.80 -50.57 -9.75
C LEU B 119 -16.61 -51.13 -10.90
N GLN B 120 -16.18 -52.27 -11.47
CA GLN B 120 -16.99 -52.93 -12.50
C GLN B 120 -18.36 -53.31 -11.97
N TRP B 121 -18.48 -53.49 -10.65
CA TRP B 121 -19.79 -53.65 -10.02
C TRP B 121 -20.48 -52.30 -9.85
N ASP B 122 -19.75 -51.30 -9.34
CA ASP B 122 -20.40 -50.03 -9.01
C ASP B 122 -20.95 -49.35 -10.25
N LYS B 123 -20.19 -49.31 -11.34
CA LYS B 123 -20.69 -48.68 -12.55
C LYS B 123 -21.94 -49.36 -13.08
N GLU B 124 -22.01 -50.70 -12.97
CA GLU B 124 -23.21 -51.40 -13.41
C GLU B 124 -24.37 -51.19 -12.45
N ILE B 125 -24.09 -50.97 -11.17
CA ILE B 125 -25.12 -50.80 -10.14
C ILE B 125 -25.05 -49.36 -9.63
N SER B 126 -24.58 -48.42 -10.47
CA SER B 126 -24.40 -47.06 -9.99
C SER B 126 -25.75 -46.40 -9.68
N ASN B 127 -26.62 -46.31 -10.69
CA ASN B 127 -27.91 -45.70 -10.41
C ASN B 127 -28.71 -46.52 -9.42
N TYR B 128 -28.71 -47.86 -9.59
CA TYR B 128 -29.40 -48.68 -8.62
C TYR B 128 -28.84 -48.50 -7.22
N THR B 129 -27.54 -48.20 -7.10
CA THR B 129 -26.99 -47.79 -5.81
C THR B 129 -27.66 -46.52 -5.31
N HIS B 130 -27.94 -45.57 -6.21
CA HIS B 130 -28.56 -44.32 -5.75
C HIS B 130 -30.02 -44.53 -5.33
N ILE B 131 -30.78 -45.26 -6.14
CA ILE B 131 -32.19 -45.49 -5.81
C ILE B 131 -32.30 -46.35 -4.55
N ILE B 132 -31.40 -47.33 -4.39
CA ILE B 132 -31.47 -48.16 -3.18
C ILE B 132 -30.91 -47.43 -1.97
N TYR B 133 -30.02 -46.46 -2.17
CA TYR B 133 -29.67 -45.52 -1.10
C TYR B 133 -30.92 -44.81 -0.61
N GLU B 134 -31.70 -44.25 -1.55
CA GLU B 134 -32.94 -43.57 -1.18
C GLU B 134 -33.89 -44.52 -0.45
N LEU B 135 -34.01 -45.77 -0.95
CA LEU B 135 -34.94 -46.72 -0.34
C LEU B 135 -34.48 -47.12 1.06
N ILE B 136 -33.19 -47.36 1.24
CA ILE B 136 -32.68 -47.74 2.55
C ILE B 136 -32.76 -46.55 3.51
N GLU B 137 -32.79 -45.32 2.99
CA GLU B 137 -32.99 -44.17 3.87
C GLU B 137 -34.44 -44.04 4.28
N GLU B 138 -35.37 -44.30 3.36
CA GLU B 138 -36.79 -44.12 3.67
C GLU B 138 -37.40 -45.36 4.31
N SER B 139 -37.32 -46.50 3.63
CA SER B 139 -38.06 -47.68 4.04
C SER B 139 -37.43 -48.44 5.20
N GLN B 140 -36.30 -47.99 5.76
CA GLN B 140 -35.60 -48.74 6.80
C GLN B 140 -35.90 -48.23 8.20
N LYS B 141 -35.68 -46.93 8.44
CA LYS B 141 -35.70 -46.42 9.81
C LYS B 141 -37.12 -46.16 10.32
N GLN B 142 -38.08 -45.92 9.42
CA GLN B 142 -39.44 -45.62 9.86
C GLN B 142 -40.17 -46.84 10.38
N GLN B 143 -39.66 -48.05 10.17
CA GLN B 143 -40.38 -49.29 10.47
C GLN B 143 -39.74 -50.05 11.64
N GLU B 144 -39.26 -49.32 12.64
CA GLU B 144 -38.70 -49.91 13.86
C GLU B 144 -39.75 -49.89 14.96
N LYS B 145 -40.16 -51.07 15.42
CA LYS B 145 -41.14 -51.16 16.49
C LYS B 145 -40.51 -50.66 17.79
N ASN B 146 -41.33 -50.59 18.84
CA ASN B 146 -40.89 -50.00 20.11
C ASN B 146 -40.29 -51.03 21.05
N GLU B 147 -41.04 -52.08 21.39
CA GLU B 147 -40.59 -53.09 22.34
C GLU B 147 -41.36 -54.38 22.09
N GLN B 148 -41.02 -55.42 22.84
CA GLN B 148 -41.80 -56.64 22.94
C GLN B 148 -41.93 -57.00 24.42
N GLU B 149 -43.14 -57.32 24.87
CA GLU B 149 -43.44 -57.49 26.29
C GLU B 149 -43.60 -58.94 26.72
N LEU B 150 -43.47 -59.90 25.80
CA LEU B 150 -43.68 -61.30 26.17
C LEU B 150 -42.62 -61.78 27.17
N LEU B 151 -41.35 -61.70 26.78
CA LEU B 151 -40.23 -62.09 27.62
C LEU B 151 -39.26 -60.92 27.73
N GLU B 152 -38.92 -60.54 28.95
CA GLU B 152 -37.98 -59.46 29.21
C GLU B 152 -37.28 -59.74 30.54
N LEU B 153 -36.45 -58.78 30.98
CA LEU B 153 -35.72 -58.94 32.23
C LEU B 153 -36.67 -59.17 33.41
N ASP B 154 -37.83 -58.51 33.40
CA ASP B 154 -38.84 -58.72 34.42
C ASP B 154 -40.19 -58.17 33.94
N GLU C 31 -51.30 -39.17 30.37
CA GLU C 31 -51.07 -38.62 31.70
C GLU C 31 -49.59 -38.68 32.06
N ASN C 32 -48.97 -39.85 31.82
CA ASN C 32 -47.55 -40.00 32.04
C ASN C 32 -46.77 -39.07 31.12
N LEU C 33 -46.10 -38.07 31.68
CA LEU C 33 -45.41 -37.05 30.88
C LEU C 33 -43.97 -37.45 30.59
N TRP C 34 -43.78 -38.62 30.01
CA TRP C 34 -42.45 -39.05 29.57
C TRP C 34 -41.90 -38.09 28.52
N VAL C 35 -40.82 -37.39 28.85
CA VAL C 35 -40.26 -36.40 27.93
C VAL C 35 -39.72 -37.12 26.71
N THR C 36 -39.92 -36.52 25.53
CA THR C 36 -39.46 -37.09 24.27
C THR C 36 -38.86 -35.98 23.42
N VAL C 37 -37.89 -36.37 22.60
CA VAL C 37 -37.05 -35.45 21.82
C VAL C 37 -37.39 -35.60 20.35
N TYR C 38 -37.25 -34.48 19.62
CA TYR C 38 -37.43 -34.44 18.18
C TYR C 38 -36.44 -33.44 17.60
N TYR C 39 -35.95 -33.75 16.41
CA TYR C 39 -34.97 -32.91 15.73
C TYR C 39 -35.29 -32.87 14.24
N GLY C 40 -34.61 -31.96 13.52
CA GLY C 40 -34.92 -31.73 12.13
C GLY C 40 -36.35 -31.35 11.85
N VAL C 41 -37.00 -30.67 12.79
CA VAL C 41 -38.43 -30.36 12.70
C VAL C 41 -38.60 -28.91 12.23
N PRO C 42 -39.62 -28.57 11.43
CA PRO C 42 -39.79 -27.17 11.04
C PRO C 42 -40.13 -26.28 12.23
N VAL C 43 -39.38 -25.19 12.37
CA VAL C 43 -39.58 -24.23 13.45
C VAL C 43 -39.13 -22.86 12.95
N TRP C 44 -39.86 -21.83 13.37
CA TRP C 44 -39.50 -20.44 13.10
C TRP C 44 -38.72 -19.86 14.26
N LYS C 45 -37.73 -19.02 13.95
CA LYS C 45 -37.02 -18.25 14.96
C LYS C 45 -36.45 -17.00 14.29
N ASP C 46 -36.57 -15.87 14.98
CA ASP C 46 -36.17 -14.58 14.43
C ASP C 46 -34.70 -14.59 14.02
N ALA C 47 -34.44 -14.29 12.74
CA ALA C 47 -33.13 -14.35 12.15
C ALA C 47 -32.66 -12.96 11.74
N GLU C 48 -31.37 -12.70 11.92
CA GLU C 48 -30.69 -11.55 11.32
C GLU C 48 -29.32 -12.07 10.89
N THR C 49 -29.20 -12.47 9.62
CA THR C 49 -28.02 -13.16 9.14
C THR C 49 -27.70 -12.66 7.73
N THR C 50 -26.79 -13.36 7.06
CA THR C 50 -26.29 -13.01 5.74
C THR C 50 -26.84 -13.96 4.68
N LEU C 51 -26.91 -13.46 3.45
CA LEU C 51 -27.38 -14.22 2.30
C LEU C 51 -26.33 -14.16 1.19
N PHE C 52 -26.66 -14.75 0.04
CA PHE C 52 -25.74 -14.93 -1.09
C PHE C 52 -26.35 -14.39 -2.37
N CYS C 53 -25.53 -13.71 -3.17
CA CYS C 53 -25.93 -13.28 -4.50
C CYS C 53 -26.08 -14.50 -5.42
N ALA C 54 -27.08 -14.44 -6.30
CA ALA C 54 -27.20 -15.47 -7.31
C ALA C 54 -28.08 -14.97 -8.46
N SER C 55 -27.99 -15.66 -9.58
CA SER C 55 -28.71 -15.27 -10.79
C SER C 55 -28.88 -16.48 -11.68
N ASP C 56 -29.87 -16.39 -12.58
CA ASP C 56 -30.15 -17.47 -13.50
C ASP C 56 -28.96 -17.71 -14.44
N ALA C 57 -28.97 -18.90 -15.05
CA ALA C 57 -27.91 -19.25 -16.00
C ALA C 57 -27.94 -18.33 -17.22
N LYS C 58 -29.12 -17.80 -17.57
CA LYS C 58 -29.21 -16.87 -18.69
C LYS C 58 -28.45 -15.58 -18.41
N ALA C 59 -28.31 -15.21 -17.14
CA ALA C 59 -27.49 -14.05 -16.80
C ALA C 59 -26.04 -14.27 -17.19
N TYR C 60 -25.51 -15.46 -16.88
CA TYR C 60 -24.16 -15.83 -17.30
C TYR C 60 -24.07 -16.12 -18.79
N ASP C 61 -25.20 -16.39 -19.45
CA ASP C 61 -25.19 -16.71 -20.88
C ASP C 61 -24.65 -15.54 -21.70
N THR C 62 -24.79 -14.31 -21.20
CA THR C 62 -24.19 -13.17 -21.86
C THR C 62 -22.66 -13.27 -21.91
N GLU C 63 -22.08 -14.05 -20.98
CA GLU C 63 -20.65 -14.43 -20.99
C GLU C 63 -19.73 -13.23 -21.16
N VAL C 64 -20.04 -12.16 -20.43
CA VAL C 64 -19.12 -11.04 -20.28
C VAL C 64 -18.18 -11.36 -19.13
N HIS C 65 -16.97 -10.78 -19.19
CA HIS C 65 -16.01 -10.94 -18.09
C HIS C 65 -16.66 -10.62 -16.74
N ASN C 66 -17.34 -9.48 -16.66
CA ASN C 66 -18.29 -9.23 -15.58
C ASN C 66 -19.17 -8.04 -15.92
N VAL C 67 -20.50 -8.16 -15.78
CA VAL C 67 -21.37 -6.99 -15.68
C VAL C 67 -22.23 -7.16 -14.43
N TRP C 68 -21.77 -6.56 -13.32
CA TRP C 68 -22.46 -5.84 -12.24
C TRP C 68 -23.21 -6.75 -11.28
N ALA C 69 -23.25 -8.06 -11.51
CA ALA C 69 -23.28 -9.04 -10.43
C ALA C 69 -22.36 -10.22 -10.70
N THR C 70 -21.58 -10.18 -11.78
CA THR C 70 -20.89 -11.37 -12.30
C THR C 70 -19.47 -11.34 -11.75
N HIS C 71 -19.35 -11.71 -10.49
CA HIS C 71 -18.09 -11.73 -9.77
C HIS C 71 -17.90 -13.10 -9.15
N ALA C 72 -18.19 -14.13 -9.93
CA ALA C 72 -18.23 -15.51 -9.49
C ALA C 72 -19.38 -15.77 -8.51
N CYS C 73 -20.40 -14.91 -8.52
CA CYS C 73 -21.60 -15.15 -7.73
C CYS C 73 -22.19 -16.50 -8.11
N VAL C 74 -22.56 -17.29 -7.10
CA VAL C 74 -23.01 -18.65 -7.36
C VAL C 74 -24.29 -18.62 -8.21
N PRO C 75 -24.39 -19.38 -9.31
CA PRO C 75 -25.62 -19.32 -10.10
C PRO C 75 -26.79 -19.93 -9.34
N THR C 76 -27.92 -19.23 -9.37
CA THR C 76 -29.10 -19.68 -8.65
C THR C 76 -29.55 -21.05 -9.15
N ASP C 77 -30.06 -21.87 -8.24
CA ASP C 77 -30.67 -23.13 -8.60
C ASP C 77 -31.83 -22.87 -9.56
N PRO C 78 -31.80 -23.34 -10.82
CA PRO C 78 -32.91 -23.04 -11.74
C PRO C 78 -34.27 -23.56 -11.30
N ASN C 79 -34.37 -24.38 -10.25
CA ASN C 79 -35.63 -24.89 -9.72
C ASN C 79 -35.78 -24.41 -8.28
N PRO C 80 -36.32 -23.21 -8.04
CA PRO C 80 -36.53 -22.76 -6.66
C PRO C 80 -37.58 -23.61 -5.97
N GLN C 81 -37.20 -24.17 -4.82
CA GLN C 81 -38.09 -25.03 -4.03
C GLN C 81 -38.83 -24.15 -3.04
N GLU C 82 -40.06 -23.76 -3.40
CA GLU C 82 -40.90 -22.88 -2.59
C GLU C 82 -42.12 -23.68 -2.16
N ILE C 83 -42.16 -24.09 -0.89
CA ILE C 83 -43.24 -24.93 -0.38
C ILE C 83 -44.26 -24.02 0.31
N TYR C 84 -45.51 -24.08 -0.13
CA TYR C 84 -46.56 -23.26 0.46
C TYR C 84 -47.04 -23.88 1.76
N MET C 85 -47.24 -23.03 2.77
CA MET C 85 -47.77 -23.42 4.06
C MET C 85 -49.04 -22.62 4.32
N GLU C 86 -50.13 -23.33 4.60
CA GLU C 86 -51.42 -22.75 4.95
C GLU C 86 -51.72 -23.05 6.41
N ASN C 87 -52.88 -22.56 6.87
CA ASN C 87 -53.40 -22.73 8.24
C ASN C 87 -52.42 -22.25 9.31
N VAL C 88 -51.47 -21.39 8.94
CA VAL C 88 -50.43 -20.90 9.83
C VAL C 88 -50.57 -19.40 9.93
N THR C 89 -49.75 -18.75 10.76
CA THR C 89 -49.82 -17.31 10.92
C THR C 89 -48.51 -16.81 11.52
N GLU C 90 -48.07 -15.64 11.07
CA GLU C 90 -46.85 -15.04 11.56
C GLU C 90 -46.92 -13.53 11.43
N GLU C 91 -46.32 -12.84 12.40
CA GLU C 91 -46.25 -11.39 12.41
C GLU C 91 -45.10 -10.91 11.54
N PHE C 92 -45.34 -9.82 10.81
CA PHE C 92 -44.39 -9.25 9.87
C PHE C 92 -44.20 -7.79 10.20
N ASN C 93 -42.94 -7.36 10.16
CA ASN C 93 -42.56 -5.97 10.39
C ASN C 93 -41.52 -5.62 9.34
N MET C 94 -41.96 -5.04 8.22
CA MET C 94 -41.04 -4.69 7.14
C MET C 94 -40.04 -3.62 7.56
N TRP C 95 -40.35 -2.85 8.61
CA TRP C 95 -39.41 -1.83 9.08
C TRP C 95 -38.30 -2.41 9.94
N LYS C 96 -38.44 -3.64 10.41
CA LYS C 96 -37.48 -4.29 11.30
C LYS C 96 -36.67 -5.37 10.58
N ASN C 97 -36.37 -5.16 9.30
CA ASN C 97 -35.67 -6.13 8.47
C ASN C 97 -34.24 -5.65 8.24
N ASN C 98 -33.28 -6.55 8.46
CA ASN C 98 -31.89 -6.32 8.07
C ASN C 98 -31.63 -6.65 6.60
N MET C 99 -32.67 -6.93 5.81
CA MET C 99 -32.46 -7.17 4.38
C MET C 99 -31.82 -5.94 3.73
N VAL C 100 -32.39 -4.77 4.00
CA VAL C 100 -31.84 -3.52 3.45
C VAL C 100 -30.38 -3.36 3.87
N GLU C 101 -30.03 -3.79 5.08
CA GLU C 101 -28.68 -3.60 5.57
C GLU C 101 -27.66 -4.31 4.68
N GLN C 102 -27.77 -5.64 4.57
CA GLN C 102 -26.90 -6.38 3.66
C GLN C 102 -27.03 -5.89 2.23
N MET C 103 -28.23 -5.46 1.83
CA MET C 103 -28.44 -5.00 0.46
C MET C 103 -27.52 -3.85 0.15
N HIS C 104 -27.65 -2.74 0.88
CA HIS C 104 -26.79 -1.60 0.60
C HIS C 104 -25.32 -1.93 0.89
N THR C 105 -25.05 -2.77 1.90
CA THR C 105 -23.66 -3.13 2.17
C THR C 105 -22.99 -3.74 0.94
N ASP C 106 -23.53 -4.87 0.48
CA ASP C 106 -23.01 -5.49 -0.73
C ASP C 106 -23.08 -4.57 -1.94
N ILE C 107 -24.08 -3.67 -2.02
CA ILE C 107 -24.21 -2.83 -3.19
C ILE C 107 -23.04 -1.85 -3.30
N ILE C 108 -22.81 -1.07 -2.23
CA ILE C 108 -21.70 -0.12 -2.29
C ILE C 108 -20.37 -0.87 -2.32
N SER C 109 -20.30 -2.07 -1.74
CA SER C 109 -19.06 -2.85 -1.83
C SER C 109 -18.75 -3.22 -3.28
N LEU C 110 -19.76 -3.71 -4.00
CA LEU C 110 -19.56 -4.07 -5.40
C LEU C 110 -19.23 -2.84 -6.24
N TRP C 111 -19.87 -1.71 -5.92
CA TRP C 111 -19.53 -0.46 -6.59
C TRP C 111 -18.05 -0.13 -6.43
N ASP C 112 -17.57 -0.13 -5.18
CA ASP C 112 -16.16 0.22 -4.95
C ASP C 112 -15.22 -0.78 -5.60
N GLN C 113 -15.60 -2.06 -5.64
CA GLN C 113 -14.72 -3.09 -6.19
C GLN C 113 -14.63 -3.00 -7.71
N SER C 114 -15.78 -2.79 -8.38
CA SER C 114 -15.72 -2.54 -9.82
C SER C 114 -15.06 -1.20 -10.12
N LEU C 115 -15.05 -0.29 -9.16
CA LEU C 115 -14.37 0.99 -9.31
C LEU C 115 -12.86 0.87 -9.14
N LYS C 116 -12.38 -0.10 -8.33
CA LYS C 116 -10.96 -0.31 -8.08
C LYS C 116 -10.12 -0.39 -9.36
N PRO C 117 -10.37 -1.36 -10.25
CA PRO C 117 -9.51 -1.50 -11.44
C PRO C 117 -9.63 -0.35 -12.44
N CYS C 118 -10.50 0.64 -12.20
CA CYS C 118 -10.62 1.77 -13.10
C CYS C 118 -9.57 2.82 -12.77
N VAL C 119 -9.17 3.57 -13.80
CA VAL C 119 -8.19 4.63 -13.61
C VAL C 119 -8.80 5.78 -12.83
N GLN C 120 -7.94 6.61 -12.25
CA GLN C 120 -8.38 7.75 -11.45
C GLN C 120 -8.53 8.99 -12.33
N LEU C 121 -9.52 9.81 -11.99
CA LEU C 121 -9.81 11.07 -12.66
C LEU C 121 -9.36 12.26 -11.83
N THR C 122 -8.36 12.06 -10.98
CA THR C 122 -7.85 13.14 -10.15
C THR C 122 -7.28 14.30 -10.97
N PRO C 123 -6.46 14.09 -12.00
CA PRO C 123 -5.84 15.24 -12.68
C PRO C 123 -6.83 16.06 -13.52
N LEU C 124 -8.03 15.56 -13.79
CA LEU C 124 -8.99 16.34 -14.56
C LEU C 124 -9.59 17.50 -13.76
N CYS C 125 -9.30 17.59 -12.46
CA CYS C 125 -9.81 18.69 -11.64
C CYS C 125 -9.26 20.05 -12.04
N VAL C 126 -8.28 20.12 -12.94
CA VAL C 126 -7.69 21.39 -13.31
C VAL C 126 -8.73 22.30 -13.97
N THR C 127 -8.43 23.60 -13.95
CA THR C 127 -9.31 24.60 -14.52
C THR C 127 -9.59 24.32 -15.99
N LEU C 128 -10.66 24.94 -16.49
CA LEU C 128 -11.10 24.69 -17.87
C LEU C 128 -12.01 25.82 -18.30
N ASP C 129 -11.64 26.49 -19.39
CA ASP C 129 -12.43 27.55 -19.98
C ASP C 129 -13.46 26.98 -20.94
N CYS C 130 -14.62 27.61 -20.99
CA CYS C 130 -15.76 27.09 -21.73
C CYS C 130 -16.31 28.17 -22.64
N SER C 131 -16.41 27.87 -23.93
CA SER C 131 -17.07 28.75 -24.87
C SER C 131 -18.55 28.87 -24.52
N TYR C 132 -19.02 30.11 -24.39
CA TYR C 132 -20.39 30.34 -23.94
C TYR C 132 -21.45 29.84 -24.92
N ASN C 133 -21.06 29.51 -26.16
CA ASN C 133 -21.97 28.86 -27.11
C ASN C 133 -21.18 27.80 -27.89
N ILE C 134 -21.89 27.06 -28.72
CA ILE C 134 -21.31 25.98 -29.53
C ILE C 134 -21.79 26.17 -30.97
N THR C 135 -20.98 25.67 -31.91
CA THR C 135 -21.29 25.75 -33.33
C THR C 135 -22.27 24.64 -33.78
N ASN C 136 -22.85 23.89 -32.86
CA ASN C 136 -23.86 22.91 -33.23
C ASN C 136 -25.04 23.60 -33.93
N ASN C 137 -25.77 22.83 -34.72
CA ASN C 137 -26.90 23.37 -35.48
C ASN C 137 -28.20 23.27 -34.69
N ILE C 138 -28.18 23.82 -33.48
CA ILE C 138 -29.33 23.82 -32.57
C ILE C 138 -29.14 24.98 -31.60
N THR C 139 -30.22 25.73 -31.39
CA THR C 139 -30.28 26.69 -30.29
C THR C 139 -31.52 26.55 -29.43
N ASN C 140 -32.55 25.84 -29.88
CA ASN C 140 -33.73 25.57 -29.05
C ASN C 140 -34.47 24.38 -29.64
N SER C 141 -34.66 23.34 -28.83
CA SER C 141 -35.59 22.28 -29.19
C SER C 141 -37.00 22.70 -28.80
N ILE C 142 -37.98 22.30 -29.61
CA ILE C 142 -39.33 22.84 -29.51
C ILE C 142 -40.00 22.18 -28.31
N THR C 143 -40.06 22.91 -27.20
CA THR C 143 -40.73 22.47 -25.99
C THR C 143 -40.73 23.63 -24.99
N ASN C 144 -41.68 23.58 -24.05
CA ASN C 144 -41.85 24.61 -23.04
C ASN C 144 -42.20 23.90 -21.74
N SER C 145 -41.19 23.68 -20.89
CA SER C 145 -41.41 23.11 -19.56
C SER C 145 -40.56 23.82 -18.50
N SER C 146 -40.29 25.12 -18.70
CA SER C 146 -39.54 26.00 -17.79
C SER C 146 -38.05 25.66 -17.72
N VAL C 147 -37.57 24.68 -18.48
CA VAL C 147 -36.17 24.27 -18.47
C VAL C 147 -35.44 24.82 -19.69
N ASN C 148 -36.18 25.05 -20.77
CA ASN C 148 -35.59 25.46 -22.04
C ASN C 148 -35.18 26.93 -22.08
N MET C 149 -35.33 27.66 -20.97
CA MET C 149 -34.99 29.08 -20.97
C MET C 149 -33.51 29.34 -21.18
N ARG C 150 -32.65 28.34 -20.93
CA ARG C 150 -31.21 28.49 -21.10
C ARG C 150 -30.65 27.22 -21.73
N GLU C 151 -29.36 27.27 -22.07
CA GLU C 151 -28.62 26.14 -22.63
C GLU C 151 -27.70 25.59 -21.54
N GLU C 152 -27.94 24.35 -21.14
CA GLU C 152 -27.23 23.74 -20.01
C GLU C 152 -25.98 22.97 -20.42
N ILE C 153 -25.71 22.82 -21.71
CA ILE C 153 -24.55 22.07 -22.20
C ILE C 153 -23.61 23.04 -22.90
N LYS C 154 -22.31 22.91 -22.60
CA LYS C 154 -21.29 23.74 -23.22
C LYS C 154 -20.01 22.91 -23.31
N ASN C 155 -19.13 23.30 -24.23
CA ASN C 155 -17.88 22.59 -24.43
C ASN C 155 -16.71 23.42 -23.93
N CYS C 156 -15.75 22.74 -23.32
CA CYS C 156 -14.64 23.35 -22.63
C CYS C 156 -13.34 22.64 -23.00
N SER C 157 -12.25 23.40 -22.99
CA SER C 157 -10.91 22.89 -23.25
C SER C 157 -10.01 23.17 -22.06
N PHE C 158 -8.95 22.37 -21.94
CA PHE C 158 -8.05 22.47 -20.79
C PHE C 158 -6.82 21.62 -21.03
N ASN C 159 -5.80 21.86 -20.22
CA ASN C 159 -4.56 21.09 -20.28
C ASN C 159 -4.71 19.75 -19.59
N MET C 160 -3.91 18.79 -20.03
CA MET C 160 -3.91 17.47 -19.40
C MET C 160 -2.56 16.80 -19.64
N THR C 161 -2.08 16.11 -18.60
CA THR C 161 -0.86 15.34 -18.71
C THR C 161 -0.99 14.29 -19.80
N THR C 162 -0.05 14.30 -20.74
CA THR C 162 0.00 13.31 -21.80
C THR C 162 0.53 11.99 -21.23
N GLU C 163 0.68 11.00 -22.11
CA GLU C 163 1.27 9.70 -21.74
C GLU C 163 2.57 9.82 -20.97
N LEU C 164 3.37 10.84 -21.25
CA LEU C 164 4.62 11.09 -20.53
C LEU C 164 4.42 12.24 -19.55
N ARG C 165 5.37 12.38 -18.62
CA ARG C 165 5.25 13.41 -17.59
C ARG C 165 5.45 14.80 -18.17
N ASP C 166 6.63 15.05 -18.77
CA ASP C 166 6.90 16.35 -19.38
C ASP C 166 5.95 16.66 -20.53
N LYS C 167 5.37 15.65 -21.16
CA LYS C 167 4.42 15.84 -22.25
C LYS C 167 3.05 16.22 -21.68
N ASN C 168 2.58 17.43 -22.00
CA ASN C 168 1.23 17.86 -21.69
C ASN C 168 0.57 18.35 -22.98
N ARG C 169 -0.76 18.34 -23.00
CA ARG C 169 -1.49 18.64 -24.23
C ARG C 169 -2.84 19.24 -23.91
N LYS C 170 -3.34 20.05 -24.84
CA LYS C 170 -4.69 20.59 -24.76
C LYS C 170 -5.70 19.56 -25.24
N VAL C 171 -6.83 19.47 -24.53
CA VAL C 171 -7.91 18.57 -24.88
C VAL C 171 -9.24 19.27 -24.57
N TYR C 172 -10.25 19.01 -25.40
CA TYR C 172 -11.53 19.68 -25.31
C TYR C 172 -12.67 18.68 -25.43
N SER C 173 -13.69 18.88 -24.62
CA SER C 173 -14.83 17.95 -24.54
C SER C 173 -16.10 18.75 -24.22
N LEU C 174 -17.20 18.03 -24.01
CA LEU C 174 -18.52 18.60 -23.78
C LEU C 174 -19.00 18.22 -22.39
N PHE C 175 -19.55 19.19 -21.65
CA PHE C 175 -20.02 18.95 -20.30
C PHE C 175 -21.16 19.91 -20.00
N TYR C 176 -21.89 19.61 -18.92
CA TYR C 176 -23.01 20.44 -18.52
C TYR C 176 -22.51 21.63 -17.69
N LYS C 177 -23.39 22.61 -17.54
CA LYS C 177 -23.16 23.71 -16.60
C LYS C 177 -23.54 23.35 -15.18
N LEU C 178 -24.09 22.15 -14.94
CA LEU C 178 -24.51 21.75 -13.60
C LEU C 178 -23.32 21.30 -12.76
N ASP C 179 -22.44 20.48 -13.33
CA ASP C 179 -21.32 19.91 -12.58
C ASP C 179 -20.16 20.87 -12.38
N VAL C 180 -20.32 22.15 -12.72
CA VAL C 180 -19.29 23.17 -12.55
C VAL C 180 -19.94 24.39 -11.90
N VAL C 181 -19.10 25.33 -11.50
CA VAL C 181 -19.53 26.54 -10.81
C VAL C 181 -18.67 27.71 -11.28
N GLN C 182 -19.25 28.90 -11.21
CA GLN C 182 -18.51 30.12 -11.50
C GLN C 182 -17.74 30.55 -10.25
N ILE C 183 -16.61 31.22 -10.47
CA ILE C 183 -15.67 31.58 -9.40
C ILE C 183 -15.03 32.91 -9.75
N ASN C 184 -14.35 33.50 -8.76
CA ASN C 184 -13.59 34.74 -8.94
C ASN C 184 -14.50 35.89 -9.38
N ASN C 185 -15.73 35.91 -8.88
CA ASN C 185 -16.71 36.96 -9.18
C ASN C 185 -16.91 37.12 -10.68
N GLY C 186 -17.33 36.01 -11.30
CA GLY C 186 -17.52 35.97 -12.74
C GLY C 186 -18.86 36.53 -13.18
N ASN C 187 -18.99 37.85 -13.11
CA ASN C 187 -20.25 38.51 -13.46
C ASN C 187 -20.62 38.23 -14.92
N ASN C 188 -19.76 38.65 -15.85
CA ASN C 188 -19.96 38.34 -17.27
C ASN C 188 -18.57 38.20 -17.90
N SER C 189 -18.11 36.96 -18.01
CA SER C 189 -16.88 36.62 -18.71
C SER C 189 -16.78 35.09 -18.71
N SER C 190 -15.88 34.57 -19.52
CA SER C 190 -15.60 33.13 -19.55
C SER C 190 -14.54 32.77 -18.50
N ASN C 191 -14.83 33.16 -17.26
CA ASN C 191 -13.94 32.85 -16.15
C ASN C 191 -13.81 31.34 -15.97
N LEU C 192 -12.71 30.94 -15.34
CA LEU C 192 -12.42 29.52 -15.16
C LEU C 192 -13.49 28.85 -14.30
N TYR C 193 -13.58 27.52 -14.43
CA TYR C 193 -14.54 26.71 -13.71
C TYR C 193 -13.81 25.56 -13.03
N ARG C 194 -14.58 24.76 -12.27
CA ARG C 194 -14.06 23.62 -11.53
C ARG C 194 -15.13 22.53 -11.55
N LEU C 195 -14.91 21.47 -10.78
CA LEU C 195 -15.87 20.38 -10.62
C LEU C 195 -16.55 20.50 -9.25
N ILE C 196 -17.87 20.39 -9.24
CA ILE C 196 -18.62 20.54 -7.98
C ILE C 196 -18.23 19.47 -6.98
N ASN C 197 -17.82 18.29 -7.45
CA ASN C 197 -17.55 17.15 -6.59
C ASN C 197 -16.07 16.90 -6.34
N CYS C 198 -15.19 17.51 -7.14
CA CYS C 198 -13.76 17.31 -6.92
C CYS C 198 -13.32 17.99 -5.63
N ASN C 199 -13.72 19.24 -5.42
CA ASN C 199 -13.31 19.96 -4.22
C ASN C 199 -13.86 19.35 -2.93
N THR C 200 -14.85 18.46 -3.03
CA THR C 200 -15.38 17.76 -1.87
C THR C 200 -14.70 16.40 -1.67
N SER C 201 -14.47 15.67 -2.75
CA SER C 201 -13.89 14.33 -2.67
C SER C 201 -13.31 13.98 -4.03
N ALA C 202 -12.87 12.72 -4.18
CA ALA C 202 -12.15 12.30 -5.37
C ALA C 202 -13.13 12.00 -6.51
N LEU C 203 -12.60 11.47 -7.61
CA LEU C 203 -13.39 11.15 -8.79
C LEU C 203 -12.59 10.19 -9.66
N THR C 204 -13.25 9.16 -10.18
CA THR C 204 -12.57 8.10 -10.92
C THR C 204 -13.49 7.54 -11.99
N GLN C 205 -12.90 6.77 -12.90
CA GLN C 205 -13.60 6.16 -14.01
C GLN C 205 -14.35 4.92 -13.53
N ALA C 206 -15.24 4.41 -14.39
CA ALA C 206 -16.26 3.43 -14.00
C ALA C 206 -16.15 2.14 -14.79
N CYS C 207 -15.03 1.91 -15.49
CA CYS C 207 -14.78 0.65 -16.20
C CYS C 207 -15.94 0.27 -17.12
N PRO C 208 -16.17 1.03 -18.21
CA PRO C 208 -17.48 1.06 -18.87
C PRO C 208 -18.05 -0.29 -19.29
N LYS C 209 -17.19 -1.30 -19.49
CA LYS C 209 -17.68 -2.60 -19.89
C LYS C 209 -18.55 -3.24 -18.82
N VAL C 210 -18.44 -2.82 -17.56
CA VAL C 210 -19.39 -3.23 -16.54
C VAL C 210 -20.67 -2.42 -16.72
N THR C 211 -21.81 -3.09 -16.67
CA THR C 211 -23.10 -2.42 -16.73
C THR C 211 -23.42 -1.71 -15.42
N PHE C 212 -24.42 -0.82 -15.48
CA PHE C 212 -24.93 -0.10 -14.32
C PHE C 212 -26.45 -0.16 -14.26
N GLU C 213 -27.05 -1.17 -14.89
CA GLU C 213 -28.48 -1.35 -15.01
C GLU C 213 -28.94 -2.53 -14.15
N PRO C 214 -30.21 -2.57 -13.76
CA PRO C 214 -30.65 -3.62 -12.83
C PRO C 214 -30.71 -4.98 -13.51
N ILE C 215 -30.15 -5.98 -12.83
CA ILE C 215 -30.07 -7.35 -13.32
C ILE C 215 -30.99 -8.18 -12.44
N PRO C 216 -31.59 -9.27 -12.92
CA PRO C 216 -32.36 -10.13 -12.01
C PRO C 216 -31.46 -10.77 -10.96
N ILE C 217 -31.69 -10.39 -9.70
CA ILE C 217 -30.90 -10.88 -8.57
C ILE C 217 -31.77 -11.83 -7.75
N ARG C 218 -31.12 -12.76 -7.07
CA ARG C 218 -31.78 -13.67 -6.14
C ARG C 218 -30.89 -13.82 -4.91
N TYR C 219 -31.47 -13.62 -3.74
CA TYR C 219 -30.74 -13.71 -2.47
C TYR C 219 -31.00 -15.09 -1.88
N CYS C 220 -30.02 -15.98 -2.04
CA CYS C 220 -30.13 -17.33 -1.51
C CYS C 220 -29.68 -17.36 -0.05
N ALA C 221 -30.20 -18.35 0.69
CA ALA C 221 -29.92 -18.52 2.10
C ALA C 221 -29.20 -19.85 2.33
N PRO C 222 -28.42 -19.97 3.42
CA PRO C 222 -27.77 -21.25 3.71
C PRO C 222 -28.73 -22.18 4.45
N ALA C 223 -28.26 -23.39 4.71
CA ALA C 223 -29.01 -24.31 5.55
C ALA C 223 -29.16 -23.73 6.94
N GLY C 224 -30.23 -24.13 7.63
CA GLY C 224 -30.53 -23.62 8.95
C GLY C 224 -31.30 -22.31 8.96
N TYR C 225 -31.30 -21.57 7.86
CA TYR C 225 -32.09 -20.37 7.68
C TYR C 225 -33.03 -20.57 6.50
N ALA C 226 -33.93 -19.61 6.30
CA ALA C 226 -34.87 -19.70 5.19
C ALA C 226 -35.51 -18.34 4.98
N ILE C 227 -36.18 -18.21 3.83
CA ILE C 227 -36.98 -17.03 3.50
C ILE C 227 -38.44 -17.39 3.75
N LEU C 228 -39.18 -16.44 4.32
CA LEU C 228 -40.58 -16.65 4.70
C LEU C 228 -41.41 -15.62 3.94
N LYS C 229 -41.97 -16.04 2.82
CA LYS C 229 -42.76 -15.18 1.95
C LYS C 229 -44.22 -15.24 2.37
N CYS C 230 -44.91 -14.10 2.28
CA CYS C 230 -46.34 -14.04 2.54
C CYS C 230 -47.09 -14.05 1.21
N ASN C 231 -48.30 -14.62 1.25
CA ASN C 231 -49.14 -14.78 0.07
C ASN C 231 -50.53 -14.20 0.33
N ASP C 232 -50.58 -13.01 0.92
CA ASP C 232 -51.80 -12.26 1.12
C ASP C 232 -51.84 -11.09 0.16
N LYS C 233 -53.04 -10.76 -0.31
CA LYS C 233 -53.21 -9.72 -1.32
C LYS C 233 -53.39 -8.34 -0.70
N GLU C 234 -54.23 -8.24 0.33
CA GLU C 234 -54.52 -6.97 0.99
C GLU C 234 -53.55 -6.66 2.14
N PHE C 235 -52.37 -7.29 2.15
CA PHE C 235 -51.44 -7.11 3.26
C PHE C 235 -50.82 -5.72 3.22
N ASN C 236 -51.02 -4.96 4.29
CA ASN C 236 -50.38 -3.66 4.44
C ASN C 236 -48.95 -3.87 4.95
N GLY C 237 -48.27 -2.79 5.32
CA GLY C 237 -46.85 -2.85 5.62
C GLY C 237 -46.43 -3.53 6.91
N THR C 238 -47.33 -4.24 7.56
CA THR C 238 -47.00 -5.02 8.75
C THR C 238 -48.17 -5.95 9.04
N GLY C 239 -48.09 -6.67 10.14
CA GLY C 239 -49.23 -7.39 10.68
C GLY C 239 -49.09 -8.89 10.47
N LEU C 240 -50.20 -9.60 10.73
CA LEU C 240 -50.21 -11.05 10.76
C LEU C 240 -50.65 -11.58 9.40
N CYS C 241 -49.75 -12.26 8.71
CA CYS C 241 -50.06 -12.94 7.45
C CYS C 241 -50.14 -14.44 7.72
N LYS C 242 -50.99 -15.12 6.94
CA LYS C 242 -51.34 -16.51 7.21
C LYS C 242 -51.13 -17.44 6.01
N ASN C 243 -51.22 -16.90 4.80
CA ASN C 243 -50.90 -17.65 3.58
C ASN C 243 -49.40 -17.50 3.34
N VAL C 244 -48.63 -18.49 3.79
CA VAL C 244 -47.18 -18.36 3.86
C VAL C 244 -46.53 -19.32 2.86
N SER C 245 -45.26 -19.10 2.59
CA SER C 245 -44.43 -20.00 1.80
C SER C 245 -43.01 -19.97 2.33
N THR C 246 -42.41 -21.14 2.48
CA THR C 246 -41.00 -21.25 2.82
C THR C 246 -40.20 -21.37 1.53
N VAL C 247 -39.09 -20.61 1.46
CA VAL C 247 -38.33 -20.40 0.24
C VAL C 247 -36.84 -20.44 0.57
N GLN C 248 -36.05 -20.78 -0.45
CA GLN C 248 -34.59 -20.82 -0.35
C GLN C 248 -33.91 -19.61 -0.94
N CYS C 249 -34.45 -19.04 -2.02
CA CYS C 249 -33.87 -17.87 -2.68
C CYS C 249 -34.98 -16.94 -3.13
N THR C 250 -34.67 -15.66 -3.18
CA THR C 250 -35.69 -14.64 -3.37
C THR C 250 -36.14 -14.58 -4.82
N HIS C 251 -37.30 -13.94 -5.02
CA HIS C 251 -37.79 -13.62 -6.36
C HIS C 251 -36.75 -12.77 -7.10
N GLY C 252 -36.86 -12.77 -8.43
CA GLY C 252 -35.99 -11.92 -9.22
C GLY C 252 -36.18 -10.46 -8.90
N ILE C 253 -35.17 -9.86 -8.28
CA ILE C 253 -35.20 -8.46 -7.86
C ILE C 253 -34.47 -7.65 -8.92
N ARG C 254 -34.73 -6.34 -8.92
CA ARG C 254 -34.07 -5.40 -9.82
C ARG C 254 -33.75 -4.12 -9.05
N PRO C 255 -32.71 -4.16 -8.16
CA PRO C 255 -32.43 -2.98 -7.31
C PRO C 255 -31.70 -1.85 -8.05
N VAL C 256 -32.47 -1.06 -8.78
CA VAL C 256 -31.94 0.04 -9.55
C VAL C 256 -31.91 1.29 -8.68
N VAL C 257 -31.11 2.26 -9.10
CA VAL C 257 -31.10 3.56 -8.44
C VAL C 257 -32.40 4.28 -8.77
N SER C 258 -33.04 4.84 -7.75
CA SER C 258 -34.31 5.50 -7.97
C SER C 258 -34.64 6.40 -6.79
N THR C 259 -35.46 7.42 -7.07
CA THR C 259 -36.03 8.28 -6.05
C THR C 259 -37.40 8.75 -6.55
N GLN C 260 -38.34 8.90 -5.62
CA GLN C 260 -39.70 9.35 -5.89
C GLN C 260 -40.49 8.38 -6.76
N LEU C 261 -40.01 7.15 -6.95
CA LEU C 261 -40.63 6.24 -7.90
C LEU C 261 -40.08 4.85 -7.68
N LEU C 262 -40.81 3.86 -8.18
CA LEU C 262 -40.37 2.48 -8.27
C LEU C 262 -40.20 2.10 -9.73
N LEU C 263 -39.22 1.23 -10.00
CA LEU C 263 -38.80 0.92 -11.35
C LEU C 263 -38.73 -0.60 -11.53
N ASN C 264 -39.40 -1.09 -12.56
CA ASN C 264 -39.24 -2.46 -13.07
C ASN C 264 -39.54 -3.54 -12.01
N GLY C 265 -40.18 -3.17 -10.91
CA GLY C 265 -40.35 -4.08 -9.80
C GLY C 265 -41.62 -4.91 -9.86
N SER C 266 -41.70 -5.89 -8.95
CA SER C 266 -42.87 -6.74 -8.85
C SER C 266 -44.09 -5.92 -8.42
N LEU C 267 -45.25 -6.33 -8.91
CA LEU C 267 -46.51 -5.63 -8.68
C LEU C 267 -47.32 -6.34 -7.60
N ALA C 268 -47.86 -5.54 -6.66
CA ALA C 268 -48.76 -6.06 -5.64
C ALA C 268 -50.11 -6.28 -6.29
N GLU C 269 -50.29 -7.46 -6.88
CA GLU C 269 -51.48 -7.76 -7.66
C GLU C 269 -52.72 -7.82 -6.77
N GLY C 270 -53.86 -7.44 -7.35
CA GLY C 270 -55.16 -7.55 -6.73
C GLY C 270 -55.70 -6.27 -6.15
N LYS C 271 -54.84 -5.36 -5.68
CA LYS C 271 -55.31 -4.15 -5.05
C LYS C 271 -54.15 -3.18 -4.86
N VAL C 272 -54.43 -1.89 -5.03
CA VAL C 272 -53.45 -0.86 -4.71
C VAL C 272 -53.12 -0.94 -3.23
N MET C 273 -51.84 -1.12 -2.91
CA MET C 273 -51.35 -1.23 -1.55
C MET C 273 -50.66 0.05 -1.13
N ILE C 274 -50.83 0.43 0.14
CA ILE C 274 -50.19 1.61 0.71
C ILE C 274 -49.59 1.20 2.05
N ARG C 275 -48.49 1.85 2.42
CA ARG C 275 -47.89 1.61 3.72
C ARG C 275 -46.89 2.74 3.99
N SER C 276 -46.36 2.74 5.22
CA SER C 276 -45.48 3.82 5.66
C SER C 276 -44.76 3.35 6.92
N GLU C 277 -44.01 4.26 7.54
CA GLU C 277 -43.32 3.97 8.80
C GLU C 277 -44.25 4.19 9.99
N ASN C 278 -44.96 5.32 10.02
CA ASN C 278 -45.88 5.64 11.10
C ASN C 278 -46.96 6.52 10.50
N ILE C 279 -48.19 5.99 10.45
CA ILE C 279 -49.25 6.65 9.69
C ILE C 279 -49.63 7.98 10.32
N THR C 280 -49.59 8.07 11.65
CA THR C 280 -49.97 9.32 12.32
C THR C 280 -48.99 10.44 12.01
N ASN C 281 -47.69 10.13 11.95
CA ASN C 281 -46.69 11.13 11.67
C ASN C 281 -46.63 11.40 10.16
N ASN C 282 -46.45 12.68 9.82
CA ASN C 282 -46.39 13.09 8.42
C ASN C 282 -44.98 13.03 7.84
N VAL C 283 -43.95 13.22 8.68
CA VAL C 283 -42.59 13.30 8.15
C VAL C 283 -42.10 11.96 7.63
N LYS C 284 -42.76 10.85 7.98
CA LYS C 284 -42.39 9.56 7.45
C LYS C 284 -42.58 9.51 5.94
N ASN C 285 -41.94 8.52 5.32
CA ASN C 285 -42.01 8.31 3.88
C ASN C 285 -43.15 7.35 3.55
N ILE C 286 -44.12 7.83 2.79
CA ILE C 286 -45.24 7.02 2.33
C ILE C 286 -44.80 6.25 1.10
N ILE C 287 -45.27 5.00 0.97
CA ILE C 287 -44.97 4.17 -0.19
C ILE C 287 -46.27 3.53 -0.69
N VAL C 288 -46.36 3.38 -2.01
CA VAL C 288 -47.54 2.89 -2.70
C VAL C 288 -47.08 1.84 -3.71
N GLN C 289 -47.91 0.81 -3.90
CA GLN C 289 -47.63 -0.28 -4.82
C GLN C 289 -48.88 -0.54 -5.65
N LEU C 290 -48.73 -0.50 -6.98
CA LEU C 290 -49.84 -0.72 -7.90
C LEU C 290 -49.99 -2.19 -8.22
N ASN C 291 -51.01 -2.52 -9.01
CA ASN C 291 -51.21 -3.84 -9.60
C ASN C 291 -51.16 -3.80 -11.13
N GLU C 292 -50.83 -2.65 -11.72
CA GLU C 292 -50.91 -2.45 -13.15
C GLU C 292 -49.76 -1.54 -13.58
N THR C 293 -49.24 -1.79 -14.77
CA THR C 293 -48.01 -1.16 -15.24
C THR C 293 -48.34 0.07 -16.09
N VAL C 294 -47.35 0.97 -16.21
CA VAL C 294 -47.41 2.13 -17.08
C VAL C 294 -46.11 2.21 -17.86
N THR C 295 -46.18 2.81 -19.04
CA THR C 295 -45.06 2.96 -19.95
C THR C 295 -44.58 4.41 -19.89
N ILE C 296 -43.29 4.60 -19.56
CA ILE C 296 -42.70 5.93 -19.45
C ILE C 296 -41.55 5.99 -20.44
N ASN C 297 -41.67 6.86 -21.44
CA ASN C 297 -40.64 7.05 -22.47
C ASN C 297 -39.75 8.23 -22.05
N CYS C 298 -38.84 8.00 -21.09
CA CYS C 298 -37.79 8.98 -20.82
C CYS C 298 -36.54 8.57 -21.61
N THR C 299 -36.05 9.49 -22.45
CA THR C 299 -35.12 9.13 -23.50
C THR C 299 -34.35 10.36 -23.96
N ARG C 300 -33.08 10.13 -24.31
CA ARG C 300 -32.29 11.08 -25.09
C ARG C 300 -32.26 10.60 -26.53
N PRO C 301 -32.73 11.38 -27.52
CA PRO C 301 -32.89 10.81 -28.87
C PRO C 301 -31.64 10.87 -29.72
N ASN C 302 -30.68 11.72 -29.35
CA ASN C 302 -29.52 11.96 -30.20
C ASN C 302 -28.48 10.85 -30.04
N ASN C 303 -27.70 10.64 -31.09
CA ASN C 303 -26.53 9.76 -31.02
C ASN C 303 -25.48 10.39 -30.09
N ASN C 304 -24.40 9.64 -29.85
CA ASN C 304 -23.36 10.03 -28.92
C ASN C 304 -22.01 9.57 -29.42
N THR C 305 -20.97 10.37 -29.11
CA THR C 305 -19.59 10.05 -29.41
C THR C 305 -18.82 9.78 -28.11
N ARG C 306 -17.59 9.30 -28.27
CA ARG C 306 -16.71 8.95 -27.17
C ARG C 306 -15.28 9.00 -27.69
N LYS C 307 -14.36 9.42 -26.82
CA LYS C 307 -12.97 9.61 -27.22
C LYS C 307 -12.07 9.27 -26.05
N SER C 308 -11.08 8.42 -26.30
CA SER C 308 -10.16 7.95 -25.26
C SER C 308 -9.00 8.93 -25.20
N VAL C 309 -9.00 9.79 -24.18
CA VAL C 309 -7.91 10.71 -23.93
C VAL C 309 -6.91 10.00 -23.03
N ARG C 310 -5.78 9.61 -23.60
CA ARG C 310 -4.74 8.96 -22.81
C ARG C 310 -4.23 9.92 -21.75
N ILE C 311 -4.49 9.62 -20.48
CA ILE C 311 -4.09 10.48 -19.39
C ILE C 311 -2.67 10.17 -18.93
N GLY C 312 -2.25 8.91 -19.06
CA GLY C 312 -1.00 8.44 -18.50
C GLY C 312 -0.47 7.27 -19.29
N PRO C 313 0.28 6.37 -18.64
CA PRO C 313 0.89 5.25 -19.39
C PRO C 313 -0.12 4.19 -19.80
N GLY C 314 -0.92 4.50 -20.82
CA GLY C 314 -2.02 3.67 -21.23
C GLY C 314 -3.32 3.91 -20.47
N GLN C 315 -3.25 4.58 -19.31
CA GLN C 315 -4.46 4.97 -18.61
C GLN C 315 -5.17 6.03 -19.44
N THR C 316 -6.49 5.89 -19.57
CA THR C 316 -7.27 6.71 -20.49
C THR C 316 -8.59 7.13 -19.84
N PHE C 317 -9.06 8.31 -20.23
CA PHE C 317 -10.32 8.89 -19.78
C PHE C 317 -11.26 8.99 -20.97
N TYR C 318 -12.47 8.44 -20.81
CA TYR C 318 -13.44 8.40 -21.90
C TYR C 318 -14.24 9.69 -21.89
N ALA C 319 -13.78 10.67 -22.67
CA ALA C 319 -14.50 11.93 -22.79
C ALA C 319 -15.70 11.76 -23.72
N THR C 320 -16.82 12.34 -23.32
CA THR C 320 -18.03 12.37 -24.14
C THR C 320 -17.85 13.46 -25.18
N GLY C 321 -17.52 13.06 -26.40
CA GLY C 321 -17.25 14.00 -27.47
C GLY C 321 -18.48 14.78 -27.89
N ASP C 322 -18.34 15.44 -29.03
CA ASP C 322 -19.44 16.20 -29.60
C ASP C 322 -20.39 15.28 -30.36
N ILE C 323 -21.61 15.74 -30.54
CA ILE C 323 -22.69 14.94 -31.11
C ILE C 323 -22.73 15.16 -32.61
N ILE C 324 -23.21 14.16 -33.34
CA ILE C 324 -23.39 14.20 -34.78
C ILE C 324 -24.89 14.21 -35.04
N GLY C 325 -25.43 15.37 -35.41
CA GLY C 325 -26.84 15.54 -35.69
C GLY C 325 -27.47 16.59 -34.80
N ASP C 326 -28.74 16.86 -35.08
CA ASP C 326 -29.52 17.79 -34.28
C ASP C 326 -29.58 17.31 -32.83
N ILE C 327 -29.05 18.13 -31.91
CA ILE C 327 -28.96 17.78 -30.50
C ILE C 327 -30.27 18.23 -29.85
N ARG C 328 -31.27 17.37 -29.90
CA ARG C 328 -32.50 17.57 -29.13
C ARG C 328 -32.23 17.27 -27.67
N GLN C 329 -32.78 18.11 -26.79
CA GLN C 329 -32.63 17.90 -25.35
C GLN C 329 -33.18 16.53 -24.95
N ALA C 330 -32.50 15.87 -24.03
CA ALA C 330 -33.00 14.62 -23.48
C ALA C 330 -34.30 14.90 -22.75
N HIS C 331 -35.40 14.37 -23.27
CA HIS C 331 -36.73 14.69 -22.75
C HIS C 331 -37.41 13.40 -22.31
N CYS C 332 -38.66 13.53 -21.88
CA CYS C 332 -39.43 12.35 -21.48
C CYS C 332 -40.90 12.59 -21.77
N ASN C 333 -41.59 11.48 -22.04
CA ASN C 333 -42.99 11.47 -22.45
C ASN C 333 -43.75 10.40 -21.67
N VAL C 334 -45.03 10.66 -21.43
CA VAL C 334 -45.90 9.70 -20.76
C VAL C 334 -47.29 9.76 -21.39
N SER C 335 -47.98 8.63 -21.34
CA SER C 335 -49.39 8.57 -21.72
C SER C 335 -50.23 9.18 -20.61
N GLY C 336 -50.83 10.34 -20.89
CA GLY C 336 -51.55 11.05 -19.84
C GLY C 336 -52.75 10.28 -19.32
N SER C 337 -53.58 9.76 -20.23
CA SER C 337 -54.80 9.09 -19.80
C SER C 337 -54.51 7.80 -19.05
N GLN C 338 -53.44 7.08 -19.40
CA GLN C 338 -53.08 5.87 -18.67
C GLN C 338 -52.74 6.19 -17.21
N TRP C 339 -51.91 7.22 -17.02
CA TRP C 339 -51.55 7.62 -15.67
C TRP C 339 -52.76 8.19 -14.93
N ASN C 340 -53.66 8.87 -15.64
CA ASN C 340 -54.89 9.32 -15.03
C ASN C 340 -55.74 8.16 -14.55
N ARG C 341 -55.79 7.07 -15.31
CA ARG C 341 -56.57 5.92 -14.88
C ARG C 341 -55.94 5.25 -13.66
N ALA C 342 -54.61 5.13 -13.67
CA ALA C 342 -53.92 4.61 -12.50
C ALA C 342 -54.19 5.48 -11.28
N LEU C 343 -54.21 6.80 -11.46
CA LEU C 343 -54.49 7.69 -10.34
C LEU C 343 -55.93 7.58 -9.89
N HIS C 344 -56.85 7.36 -10.83
CA HIS C 344 -58.24 7.11 -10.47
C HIS C 344 -58.34 5.90 -9.53
N GLN C 345 -57.65 4.81 -9.89
CA GLN C 345 -57.61 3.64 -9.02
C GLN C 345 -57.04 4.00 -7.65
N VAL C 346 -55.90 4.71 -7.65
CA VAL C 346 -55.23 5.06 -6.40
C VAL C 346 -56.16 5.86 -5.50
N VAL C 347 -56.66 6.98 -6.01
CA VAL C 347 -57.52 7.86 -5.19
C VAL C 347 -58.81 7.14 -4.80
N GLY C 348 -59.25 6.16 -5.60
CA GLY C 348 -60.30 5.28 -5.14
C GLY C 348 -59.86 4.48 -3.93
N GLN C 349 -58.57 4.16 -3.84
CA GLN C 349 -58.04 3.43 -2.69
C GLN C 349 -57.49 4.34 -1.60
N LEU C 350 -57.19 5.61 -1.89
CA LEU C 350 -56.55 6.49 -0.91
C LEU C 350 -57.47 6.90 0.22
N ARG C 351 -58.77 6.62 0.16
CA ARG C 351 -59.73 7.17 1.12
C ARG C 351 -59.63 6.41 2.44
N GLU C 352 -58.53 6.67 3.16
CA GLU C 352 -58.31 5.96 4.42
C GLU C 352 -59.26 6.46 5.50
N TYR C 353 -59.21 7.75 5.82
CA TYR C 353 -60.26 8.42 6.60
C TYR C 353 -60.71 9.69 5.88
N TRP C 354 -61.71 9.58 5.00
CA TRP C 354 -62.55 10.71 4.60
C TRP C 354 -63.63 10.17 3.68
N ASN C 355 -64.58 11.05 3.35
CA ASN C 355 -65.57 10.75 2.31
C ASN C 355 -65.08 11.26 0.95
N THR C 356 -64.74 12.56 0.85
CA THR C 356 -64.10 13.08 -0.37
C THR C 356 -63.14 14.21 0.03
N THR C 357 -61.85 13.91 0.19
CA THR C 357 -60.84 14.95 0.26
C THR C 357 -59.45 14.37 0.02
N ILE C 358 -58.70 14.95 -0.93
CA ILE C 358 -57.27 14.68 -1.08
C ILE C 358 -56.66 15.84 -1.87
N ILE C 359 -55.40 16.16 -1.55
CA ILE C 359 -54.61 17.14 -2.29
C ILE C 359 -53.23 16.57 -2.52
N PHE C 360 -52.61 16.95 -3.65
CA PHE C 360 -51.24 16.58 -3.97
C PHE C 360 -50.45 17.84 -4.34
N LYS C 361 -49.24 17.95 -3.80
CA LYS C 361 -48.31 19.02 -4.15
C LYS C 361 -46.94 18.39 -4.35
N ASN C 362 -46.05 19.11 -5.03
CA ASN C 362 -44.68 18.63 -5.20
C ASN C 362 -43.87 18.89 -3.94
N SER C 363 -42.58 18.56 -3.99
CA SER C 363 -41.73 18.59 -2.82
C SER C 363 -41.53 20.02 -2.32
N SER C 364 -40.85 20.13 -1.18
CA SER C 364 -40.60 21.40 -0.52
C SER C 364 -39.22 21.98 -0.80
N GLY C 365 -38.47 21.39 -1.73
CA GLY C 365 -37.16 21.90 -2.07
C GLY C 365 -36.04 21.32 -1.23
N GLY C 366 -34.89 21.08 -1.84
CA GLY C 366 -33.75 20.52 -1.13
C GLY C 366 -32.73 19.97 -2.11
N ASP C 367 -32.01 18.95 -1.65
CA ASP C 367 -31.00 18.31 -2.49
C ASP C 367 -31.63 17.75 -3.75
N LEU C 368 -30.81 17.62 -4.79
CA LEU C 368 -31.30 17.11 -6.07
C LEU C 368 -31.76 15.66 -5.98
N GLU C 369 -31.36 14.93 -4.92
CA GLU C 369 -31.89 13.58 -4.70
C GLU C 369 -33.40 13.57 -4.51
N ILE C 370 -34.00 14.72 -4.16
CA ILE C 370 -35.44 14.82 -3.98
C ILE C 370 -36.08 15.91 -4.84
N THR C 371 -35.31 16.85 -5.38
CA THR C 371 -35.87 17.88 -6.25
C THR C 371 -36.41 17.31 -7.57
N THR C 372 -36.01 16.10 -7.94
CA THR C 372 -36.43 15.47 -9.18
C THR C 372 -36.66 13.99 -8.91
N HIS C 373 -37.01 13.25 -9.97
CA HIS C 373 -37.02 11.78 -9.92
C HIS C 373 -35.73 11.31 -10.60
N SER C 374 -34.75 10.94 -9.78
CA SER C 374 -33.45 10.52 -10.26
C SER C 374 -33.42 9.00 -10.41
N PHE C 375 -32.57 8.54 -11.33
CA PHE C 375 -32.29 7.12 -11.50
C PHE C 375 -31.11 7.02 -12.46
N ASN C 376 -30.69 5.78 -12.73
CA ASN C 376 -29.67 5.47 -13.72
C ASN C 376 -30.29 4.61 -14.82
N CYS C 377 -29.82 4.82 -16.05
CA CYS C 377 -30.29 4.03 -17.17
C CYS C 377 -29.16 3.97 -18.19
N GLY C 378 -28.80 2.74 -18.55
CA GLY C 378 -27.66 2.48 -19.41
C GLY C 378 -26.34 3.07 -18.95
N GLY C 379 -26.24 3.41 -17.67
CA GLY C 379 -25.07 4.08 -17.13
C GLY C 379 -25.26 5.57 -16.90
N GLU C 380 -26.05 6.24 -17.72
CA GLU C 380 -26.21 7.68 -17.55
C GLU C 380 -27.22 7.95 -16.45
N PHE C 381 -26.91 8.91 -15.58
CA PHE C 381 -27.82 9.28 -14.49
C PHE C 381 -28.90 10.19 -15.05
N PHE C 382 -30.08 9.63 -15.27
CA PHE C 382 -31.21 10.43 -15.69
C PHE C 382 -31.86 11.08 -14.47
N TYR C 383 -32.24 12.35 -14.61
CA TYR C 383 -33.10 13.03 -13.65
C TYR C 383 -34.34 13.42 -14.43
N CYS C 384 -35.34 12.53 -14.48
CA CYS C 384 -36.61 12.88 -15.09
C CYS C 384 -37.45 13.59 -14.04
N ASN C 385 -38.01 14.74 -14.41
CA ASN C 385 -38.51 15.71 -13.44
C ASN C 385 -39.98 15.47 -13.10
N THR C 386 -40.32 15.76 -11.86
CA THR C 386 -41.70 15.63 -11.36
C THR C 386 -42.43 16.97 -11.45
N SER C 387 -42.63 17.44 -12.69
CA SER C 387 -43.42 18.65 -12.88
C SER C 387 -44.91 18.35 -13.01
N GLY C 388 -45.26 17.36 -13.83
CA GLY C 388 -46.64 16.95 -14.00
C GLY C 388 -47.10 15.84 -13.09
N LEU C 389 -46.63 15.83 -11.84
CA LEU C 389 -47.04 14.81 -10.88
C LEU C 389 -48.19 15.27 -9.99
N PHE C 390 -48.12 16.51 -9.50
CA PHE C 390 -49.02 16.98 -8.45
C PHE C 390 -50.23 17.76 -8.96
N ASN C 391 -50.27 18.13 -10.24
CA ASN C 391 -51.30 19.06 -10.71
C ASN C 391 -52.63 18.32 -10.87
N SER C 392 -53.21 17.98 -9.73
CA SER C 392 -54.56 17.43 -9.65
C SER C 392 -54.97 17.37 -8.18
N ASN C 393 -56.27 17.52 -7.93
CA ASN C 393 -56.86 17.20 -6.63
C ASN C 393 -58.17 16.46 -6.92
N TRP C 394 -58.09 15.13 -6.91
CA TRP C 394 -59.26 14.29 -7.20
C TRP C 394 -60.16 14.28 -5.96
N THR C 395 -60.83 15.41 -5.73
CA THR C 395 -61.42 15.60 -4.42
C THR C 395 -62.67 14.76 -4.24
N HIS C 396 -63.69 14.96 -5.09
CA HIS C 396 -64.91 14.17 -5.07
C HIS C 396 -65.10 13.29 -6.28
N ASN C 397 -65.02 13.87 -7.48
CA ASN C 397 -65.34 13.19 -8.73
C ASN C 397 -64.04 12.81 -9.43
N ASP C 398 -63.76 11.51 -9.53
CA ASP C 398 -62.53 11.10 -10.18
C ASP C 398 -62.54 11.42 -11.66
N THR C 399 -63.73 11.53 -12.27
CA THR C 399 -63.81 11.97 -13.67
C THR C 399 -63.30 13.39 -13.88
N ALA C 400 -63.17 14.19 -12.80
CA ALA C 400 -62.70 15.56 -12.96
C ALA C 400 -61.31 15.62 -13.58
N SER C 401 -60.45 14.65 -13.28
CA SER C 401 -59.10 14.58 -13.80
C SER C 401 -58.97 13.62 -14.98
N MET C 402 -60.02 12.89 -15.33
CA MET C 402 -59.97 12.03 -16.51
C MET C 402 -60.01 12.81 -17.82
N LYS C 403 -60.23 14.13 -17.77
CA LYS C 403 -60.43 14.94 -18.97
C LYS C 403 -59.14 15.20 -19.74
N PRO C 404 -58.02 15.65 -19.11
CA PRO C 404 -56.88 16.08 -19.92
C PRO C 404 -56.12 14.91 -20.53
N ASN C 405 -56.67 14.35 -21.61
CA ASN C 405 -56.01 13.29 -22.36
C ASN C 405 -54.91 13.95 -23.20
N ASP C 406 -53.73 14.07 -22.60
CA ASP C 406 -52.61 14.79 -23.18
C ASP C 406 -51.36 13.92 -23.12
N THR C 407 -50.58 13.95 -24.19
CA THR C 407 -49.29 13.26 -24.23
C THR C 407 -48.31 14.06 -23.39
N ILE C 408 -48.16 13.69 -22.13
CA ILE C 408 -47.48 14.54 -21.15
C ILE C 408 -45.99 14.51 -21.45
N THR C 409 -45.45 15.60 -21.99
CA THR C 409 -44.02 15.77 -22.15
C THR C 409 -43.46 16.51 -20.94
N LEU C 410 -42.19 16.27 -20.66
CA LEU C 410 -41.53 16.94 -19.55
C LEU C 410 -40.02 16.88 -19.78
N PRO C 411 -39.25 17.78 -19.15
CA PRO C 411 -37.79 17.76 -19.35
C PRO C 411 -37.13 16.76 -18.41
N CYS C 412 -36.37 15.84 -18.98
CA CYS C 412 -35.64 14.83 -18.21
C CYS C 412 -34.15 15.06 -18.38
N ARG C 413 -33.54 15.72 -17.41
CA ARG C 413 -32.13 16.07 -17.47
C ARG C 413 -31.24 14.84 -17.45
N ILE C 414 -29.97 15.03 -17.82
CA ILE C 414 -28.96 13.99 -17.87
C ILE C 414 -27.80 14.40 -16.98
N LYS C 415 -27.06 13.40 -16.51
CA LYS C 415 -25.96 13.65 -15.59
C LYS C 415 -24.95 12.52 -15.69
N GLN C 416 -23.70 12.85 -15.38
CA GLN C 416 -22.56 11.95 -15.46
C GLN C 416 -22.04 11.49 -14.11
N ILE C 417 -21.97 12.37 -13.12
CA ILE C 417 -21.37 12.08 -11.82
C ILE C 417 -22.45 12.03 -10.75
N ILE C 418 -22.09 11.44 -9.61
CA ILE C 418 -23.02 11.28 -8.49
C ILE C 418 -22.20 10.96 -7.24
N ASN C 419 -22.74 11.34 -6.09
CA ASN C 419 -22.25 10.88 -4.78
C ASN C 419 -23.35 10.00 -4.19
N MET C 420 -23.23 8.69 -4.39
CA MET C 420 -24.27 7.77 -3.95
C MET C 420 -24.41 7.77 -2.44
N TRP C 421 -25.65 7.78 -1.97
CA TRP C 421 -25.99 7.67 -0.54
C TRP C 421 -25.41 8.83 0.27
N GLN C 422 -25.08 9.95 -0.36
CA GLN C 422 -24.32 11.04 0.25
C GLN C 422 -22.97 10.56 0.79
N ARG C 423 -22.47 9.43 0.29
CA ARG C 423 -21.20 8.86 0.72
C ARG C 423 -20.08 9.71 0.16
N VAL C 424 -19.48 10.55 1.00
CA VAL C 424 -18.47 11.51 0.55
C VAL C 424 -17.15 10.76 0.54
N GLY C 425 -16.84 10.16 -0.61
CA GLY C 425 -15.55 9.51 -0.82
C GLY C 425 -15.20 9.52 -2.28
N GLN C 426 -14.65 8.40 -2.77
CA GLN C 426 -14.29 8.29 -4.17
C GLN C 426 -15.55 8.21 -5.02
N ALA C 427 -15.75 9.20 -5.88
CA ALA C 427 -16.99 9.33 -6.66
C ALA C 427 -16.91 8.44 -7.90
N ILE C 428 -17.89 8.59 -8.80
CA ILE C 428 -17.97 7.79 -10.02
C ILE C 428 -18.25 8.73 -11.18
N TYR C 429 -17.65 8.42 -12.33
CA TYR C 429 -17.86 9.14 -13.58
C TYR C 429 -18.57 8.21 -14.57
N ALA C 430 -19.77 8.57 -14.97
CA ALA C 430 -20.51 7.74 -15.91
C ALA C 430 -19.86 7.83 -17.30
N PRO C 431 -19.73 6.72 -18.03
CA PRO C 431 -18.98 6.75 -19.28
C PRO C 431 -19.84 7.20 -20.45
N PRO C 432 -19.24 7.71 -21.53
CA PRO C 432 -20.02 7.98 -22.75
C PRO C 432 -20.63 6.70 -23.32
N ILE C 433 -21.76 6.89 -23.98
CA ILE C 433 -22.82 5.89 -24.12
C ILE C 433 -23.13 5.51 -25.57
N GLN C 434 -22.15 5.62 -26.48
CA GLN C 434 -22.35 6.03 -27.87
C GLN C 434 -23.60 5.46 -28.51
N GLY C 435 -24.39 6.34 -29.10
CA GLY C 435 -25.70 6.02 -29.61
C GLY C 435 -26.79 6.71 -28.81
N VAL C 436 -28.03 6.35 -29.12
CA VAL C 436 -29.18 6.83 -28.36
C VAL C 436 -29.29 6.03 -27.07
N ILE C 437 -30.10 6.56 -26.14
CA ILE C 437 -30.37 5.90 -24.86
C ILE C 437 -31.89 5.84 -24.74
N ARG C 438 -32.46 4.71 -25.14
CA ARG C 438 -33.84 4.43 -24.76
C ARG C 438 -33.87 4.02 -23.30
N CYS C 439 -35.06 4.14 -22.71
CA CYS C 439 -35.26 3.60 -21.37
C CYS C 439 -36.74 3.26 -21.28
N GLU C 440 -37.04 1.95 -21.31
CA GLU C 440 -38.41 1.46 -21.38
C GLU C 440 -38.84 1.06 -19.97
N SER C 441 -39.28 2.07 -19.22
CA SER C 441 -39.49 1.93 -17.78
C SER C 441 -40.87 1.40 -17.49
N ASN C 442 -40.93 0.20 -16.90
CA ASN C 442 -42.10 -0.22 -16.15
C ASN C 442 -42.12 0.47 -14.78
N ILE C 443 -43.30 0.56 -14.20
CA ILE C 443 -43.48 1.12 -12.87
C ILE C 443 -44.33 0.15 -12.05
N THR C 444 -44.09 0.12 -10.74
CA THR C 444 -44.91 -0.64 -9.82
C THR C 444 -45.29 0.10 -8.55
N GLY C 445 -44.84 1.34 -8.35
CA GLY C 445 -45.04 1.98 -7.06
C GLY C 445 -44.72 3.45 -7.10
N LEU C 446 -44.86 4.07 -5.94
CA LEU C 446 -44.61 5.50 -5.77
C LEU C 446 -44.11 5.77 -4.35
N ILE C 447 -43.37 6.86 -4.21
CA ILE C 447 -42.92 7.39 -2.92
C ILE C 447 -43.54 8.77 -2.75
N LEU C 448 -44.00 9.08 -1.53
CA LEU C 448 -44.57 10.38 -1.23
C LEU C 448 -44.29 10.71 0.23
N THR C 449 -44.77 11.87 0.65
CA THR C 449 -44.62 12.34 2.04
C THR C 449 -45.77 13.27 2.35
N ARG C 450 -46.41 13.06 3.50
CA ARG C 450 -47.47 13.96 3.93
C ARG C 450 -46.89 15.30 4.38
N ASP C 451 -47.61 16.38 4.08
CA ASP C 451 -47.15 17.71 4.44
C ASP C 451 -47.26 17.92 5.95
N GLY C 452 -46.30 18.67 6.49
CA GLY C 452 -46.40 19.09 7.88
C GLY C 452 -47.51 20.10 8.11
N GLY C 453 -47.89 20.84 7.07
CA GLY C 453 -48.98 21.78 7.13
C GLY C 453 -50.34 21.19 6.84
N GLY C 454 -50.43 19.88 6.61
CA GLY C 454 -51.71 19.24 6.39
C GLY C 454 -52.62 19.35 7.59
N ASN C 455 -53.82 19.88 7.39
CA ASN C 455 -54.75 20.09 8.49
C ASN C 455 -55.14 18.76 9.13
N ILE C 456 -55.73 18.85 10.32
CA ILE C 456 -56.08 17.65 11.07
C ILE C 456 -57.14 16.85 10.33
N ASN C 457 -58.25 17.51 9.97
CA ASN C 457 -59.34 16.88 9.24
C ASN C 457 -59.87 17.71 8.08
N GLU C 458 -59.34 18.92 7.84
CA GLU C 458 -59.83 19.71 6.72
C GLU C 458 -59.43 19.08 5.39
N SER C 459 -58.13 18.91 5.17
CA SER C 459 -57.64 18.27 3.97
C SER C 459 -56.19 17.86 4.20
N GLN C 460 -55.77 16.84 3.44
CA GLN C 460 -54.43 16.27 3.54
C GLN C 460 -53.67 16.51 2.24
N ILE C 461 -52.41 16.90 2.38
CA ILE C 461 -51.52 17.19 1.26
C ILE C 461 -50.35 16.22 1.33
N PHE C 462 -49.96 15.67 0.19
CA PHE C 462 -48.88 14.71 0.09
C PHE C 462 -47.94 15.14 -1.04
N ARG C 463 -46.67 14.75 -0.92
CA ARG C 463 -45.65 15.24 -1.84
C ARG C 463 -44.47 14.29 -1.84
N PRO C 464 -43.62 14.34 -2.87
CA PRO C 464 -42.51 13.38 -2.95
C PRO C 464 -41.38 13.69 -1.98
N GLY C 465 -41.01 12.68 -1.19
CA GLY C 465 -39.75 12.72 -0.47
C GLY C 465 -39.15 11.32 -0.38
N GLY C 466 -37.90 11.20 -0.80
CA GLY C 466 -37.25 9.91 -0.98
C GLY C 466 -35.90 9.78 -0.30
N GLY C 467 -35.75 10.41 0.87
CA GLY C 467 -34.49 10.43 1.59
C GLY C 467 -33.84 9.07 1.77
N ASP C 468 -34.55 8.13 2.38
CA ASP C 468 -34.03 6.78 2.57
C ASP C 468 -34.08 6.04 1.24
N MET C 469 -32.93 5.91 0.57
CA MET C 469 -32.85 5.13 -0.66
C MET C 469 -33.24 3.68 -0.42
N ARG C 470 -32.97 3.16 0.78
CA ARG C 470 -33.25 1.76 1.09
C ARG C 470 -34.72 1.42 0.88
N ASP C 471 -35.61 2.40 1.13
CA ASP C 471 -37.03 2.20 0.94
C ASP C 471 -37.35 1.67 -0.46
N ASN C 472 -36.66 2.20 -1.48
CA ASN C 472 -36.90 1.78 -2.86
C ASN C 472 -36.79 0.26 -3.04
N TRP C 473 -36.04 -0.42 -2.16
CA TRP C 473 -35.96 -1.87 -2.22
C TRP C 473 -37.11 -2.53 -1.47
N ARG C 474 -37.39 -2.06 -0.24
CA ARG C 474 -38.25 -2.82 0.67
C ARG C 474 -39.70 -2.88 0.22
N SER C 475 -40.08 -2.14 -0.82
CA SER C 475 -41.47 -2.11 -1.28
C SER C 475 -41.96 -3.50 -1.65
N GLU C 476 -41.10 -4.32 -2.25
CA GLU C 476 -41.44 -5.71 -2.58
C GLU C 476 -40.91 -6.72 -1.57
N LEU C 477 -40.10 -6.29 -0.59
CA LEU C 477 -39.49 -7.18 0.38
C LEU C 477 -40.35 -7.41 1.62
N TYR C 478 -41.44 -6.66 1.79
CA TYR C 478 -42.28 -6.81 2.98
C TYR C 478 -42.90 -8.20 3.06
N LYS C 479 -43.03 -8.90 1.93
CA LYS C 479 -43.58 -10.25 1.95
C LYS C 479 -42.56 -11.25 2.44
N TYR C 480 -41.30 -11.12 2.02
CA TYR C 480 -40.27 -12.06 2.41
C TYR C 480 -39.68 -11.68 3.76
N LYS C 481 -39.22 -12.69 4.49
CA LYS C 481 -38.61 -12.49 5.80
C LYS C 481 -37.56 -13.56 6.04
N VAL C 482 -36.36 -13.14 6.46
CA VAL C 482 -35.35 -14.09 6.88
C VAL C 482 -35.75 -14.67 8.23
N VAL C 483 -35.66 -15.99 8.35
CA VAL C 483 -36.07 -16.70 9.56
C VAL C 483 -35.11 -17.85 9.80
N ARG C 484 -34.91 -18.17 11.08
CA ARG C 484 -34.02 -19.25 11.51
C ARG C 484 -34.84 -20.48 11.82
N ILE C 485 -34.19 -21.63 11.71
CA ILE C 485 -34.77 -22.92 12.07
C ILE C 485 -33.94 -23.48 13.22
N GLU C 486 -34.57 -23.60 14.38
CA GLU C 486 -34.00 -24.31 15.52
C GLU C 486 -34.64 -25.69 15.57
N PRO C 487 -34.03 -26.74 14.99
CA PRO C 487 -34.73 -28.03 14.92
C PRO C 487 -35.00 -28.68 16.27
N LEU C 488 -34.44 -28.16 17.37
CA LEU C 488 -34.70 -28.71 18.68
C LEU C 488 -36.18 -28.69 19.00
N GLY C 489 -36.70 -29.83 19.46
CA GLY C 489 -38.08 -29.93 19.89
C GLY C 489 -38.22 -30.95 20.98
N VAL C 490 -39.13 -30.68 21.92
CA VAL C 490 -39.38 -31.55 23.06
C VAL C 490 -40.88 -31.65 23.26
N ALA C 491 -41.31 -32.73 23.91
CA ALA C 491 -42.72 -32.84 24.29
C ALA C 491 -42.93 -33.98 25.29
N PRO C 492 -43.76 -33.81 26.33
CA PRO C 492 -44.14 -34.97 27.15
C PRO C 492 -45.22 -35.80 26.47
N THR C 493 -44.93 -37.10 26.30
CA THR C 493 -45.85 -38.04 25.68
C THR C 493 -45.81 -39.33 26.51
N LYS C 494 -46.44 -40.38 26.00
CA LYS C 494 -46.50 -41.65 26.72
C LYS C 494 -45.25 -42.50 26.58
N ALA C 495 -44.31 -42.12 25.72
CA ALA C 495 -43.25 -43.04 25.30
C ALA C 495 -42.10 -43.02 26.29
N LYS C 496 -41.85 -44.17 26.92
CA LYS C 496 -40.74 -44.38 27.85
C LYS C 496 -39.64 -45.17 27.15
N ARG C 497 -38.39 -44.85 27.50
CA ARG C 497 -37.24 -45.52 26.93
C ARG C 497 -36.81 -46.68 27.83
N ARG C 498 -35.97 -47.55 27.26
CA ARG C 498 -35.44 -48.68 28.00
C ARG C 498 -34.55 -48.20 29.14
N VAL C 499 -34.82 -48.70 30.35
CA VAL C 499 -34.03 -48.34 31.52
C VAL C 499 -32.66 -48.99 31.40
N VAL C 500 -31.71 -48.54 32.23
CA VAL C 500 -30.33 -49.01 32.11
C VAL C 500 -30.18 -50.39 32.72
N GLU C 501 -30.50 -50.52 33.99
CA GLU C 501 -30.32 -51.78 34.71
C GLU C 501 -31.25 -51.84 35.92
N GLY D 11 -42.35 -31.16 0.95
CA GLY D 11 -41.84 -31.12 2.31
C GLY D 11 -40.39 -30.69 2.42
N PHE D 12 -39.93 -29.92 1.43
CA PHE D 12 -38.57 -29.38 1.42
C PHE D 12 -38.24 -28.69 2.75
N LEU D 13 -39.02 -27.67 3.10
CA LEU D 13 -38.97 -27.02 4.40
C LEU D 13 -40.34 -26.96 5.06
N GLY D 14 -41.38 -27.49 4.41
CA GLY D 14 -42.75 -27.49 4.89
C GLY D 14 -43.03 -28.76 5.66
N THR D 15 -44.00 -29.54 5.18
CA THR D 15 -44.38 -30.90 5.60
C THR D 15 -45.19 -30.91 6.89
N ALA D 16 -45.45 -29.77 7.52
CA ALA D 16 -46.32 -29.73 8.68
C ALA D 16 -47.06 -28.39 8.65
N GLY D 17 -48.28 -28.42 8.13
CA GLY D 17 -49.15 -27.27 8.22
C GLY D 17 -49.71 -27.13 9.62
N SER D 18 -50.37 -28.18 10.11
CA SER D 18 -50.81 -28.22 11.50
C SER D 18 -50.76 -29.68 11.95
N THR D 19 -49.66 -30.06 12.62
CA THR D 19 -49.47 -31.42 13.07
C THR D 19 -48.60 -31.40 14.32
N MET D 20 -48.81 -32.40 15.18
CA MET D 20 -47.94 -32.64 16.34
C MET D 20 -47.43 -34.08 16.36
N GLY D 21 -48.22 -35.01 15.82
CA GLY D 21 -47.84 -36.40 15.74
C GLY D 21 -47.55 -36.88 14.34
N ALA D 22 -48.23 -36.29 13.36
CA ALA D 22 -48.02 -36.70 11.97
C ALA D 22 -46.64 -36.26 11.49
N ALA D 23 -46.18 -35.09 11.92
CA ALA D 23 -44.84 -34.62 11.60
C ALA D 23 -43.76 -35.22 12.51
N SER D 24 -44.12 -36.18 13.36
CA SER D 24 -43.15 -36.88 14.18
C SER D 24 -42.33 -37.89 13.38
N ILE D 25 -42.69 -38.16 12.11
CA ILE D 25 -42.00 -39.13 11.28
C ILE D 25 -41.57 -38.55 9.93
N THR D 26 -41.87 -37.27 9.66
CA THR D 26 -41.45 -36.60 8.44
C THR D 26 -40.11 -35.89 8.60
N LEU D 27 -39.29 -36.33 9.57
CA LEU D 27 -38.09 -35.58 9.93
C LEU D 27 -36.98 -35.75 8.90
N THR D 28 -36.89 -36.92 8.26
CA THR D 28 -35.72 -37.24 7.45
C THR D 28 -35.54 -36.28 6.27
N VAL D 29 -36.64 -35.73 5.76
CA VAL D 29 -36.54 -34.85 4.59
C VAL D 29 -35.74 -33.60 4.92
N GLN D 30 -36.00 -33.00 6.09
CA GLN D 30 -35.30 -31.79 6.48
C GLN D 30 -33.93 -32.08 7.05
N VAL D 31 -33.73 -33.25 7.67
CA VAL D 31 -32.40 -33.63 8.13
C VAL D 31 -31.49 -33.91 6.94
N ARG D 32 -32.05 -34.36 5.82
CA ARG D 32 -31.26 -34.55 4.62
C ARG D 32 -30.60 -33.25 4.15
N LYS D 33 -31.19 -32.11 4.48
CA LYS D 33 -30.72 -30.80 4.03
C LYS D 33 -30.15 -29.96 5.17
N LEU D 34 -29.93 -30.55 6.34
CA LEU D 34 -29.41 -29.77 7.47
C LEU D 34 -27.96 -29.39 7.26
N LEU D 35 -27.19 -30.24 6.60
CA LEU D 35 -25.75 -30.07 6.38
C LEU D 35 -25.42 -30.20 4.90
N SER D 36 -26.24 -29.53 4.06
CA SER D 36 -26.19 -29.67 2.62
C SER D 36 -25.69 -28.39 1.94
N GLY D 37 -24.79 -27.66 2.60
CA GLY D 37 -24.25 -26.44 2.02
C GLY D 37 -23.46 -26.66 0.74
N ILE D 38 -23.02 -27.89 0.48
CA ILE D 38 -22.21 -28.16 -0.71
C ILE D 38 -23.05 -28.17 -1.98
N VAL D 39 -24.36 -28.37 -1.87
CA VAL D 39 -25.20 -28.56 -3.05
C VAL D 39 -25.18 -27.30 -3.91
N GLN D 40 -25.59 -26.17 -3.34
CA GLN D 40 -25.54 -24.91 -4.07
C GLN D 40 -24.11 -24.48 -4.39
N GLN D 41 -23.12 -24.97 -3.63
CA GLN D 41 -21.74 -24.51 -3.80
C GLN D 41 -21.06 -25.18 -4.99
N GLN D 42 -21.46 -26.41 -5.33
CA GLN D 42 -20.77 -27.17 -6.37
C GLN D 42 -20.70 -26.44 -7.70
N SER D 43 -21.70 -25.62 -8.00
CA SER D 43 -21.84 -24.97 -9.30
C SER D 43 -21.16 -23.59 -9.35
N ASN D 44 -20.18 -23.34 -8.48
CA ASN D 44 -19.61 -22.00 -8.35
C ASN D 44 -18.41 -21.78 -9.26
N LEU D 45 -17.54 -22.78 -9.43
CA LEU D 45 -16.34 -22.66 -10.27
C LEU D 45 -15.46 -21.49 -9.80
N LEU D 46 -15.24 -21.45 -8.48
CA LEU D 46 -14.62 -20.31 -7.80
C LEU D 46 -13.14 -20.54 -7.48
N ARG D 47 -12.41 -21.28 -8.32
CA ARG D 47 -11.05 -21.67 -7.95
C ARG D 47 -10.17 -20.45 -7.74
N ALA D 48 -9.97 -19.63 -8.77
CA ALA D 48 -9.81 -18.19 -8.62
C ALA D 48 -10.69 -17.37 -9.55
N ILE D 49 -11.16 -17.96 -10.65
CA ILE D 49 -11.76 -17.24 -11.78
C ILE D 49 -12.80 -18.19 -12.38
N GLU D 50 -13.65 -17.68 -13.29
CA GLU D 50 -14.38 -18.60 -14.16
C GLU D 50 -14.00 -18.60 -15.64
N ALA D 51 -13.99 -17.46 -16.34
CA ALA D 51 -14.09 -17.64 -17.79
C ALA D 51 -12.77 -17.70 -18.57
N GLN D 52 -11.93 -16.66 -18.45
CA GLN D 52 -10.48 -16.73 -18.71
C GLN D 52 -9.64 -16.43 -17.49
N GLN D 53 -9.98 -15.34 -16.79
CA GLN D 53 -9.08 -14.60 -15.92
C GLN D 53 -9.88 -13.55 -15.18
N HIS D 54 -9.37 -13.13 -14.03
CA HIS D 54 -9.93 -12.01 -13.29
C HIS D 54 -8.89 -11.55 -12.26
N LEU D 55 -9.15 -10.40 -11.66
CA LEU D 55 -8.40 -9.98 -10.49
C LEU D 55 -8.89 -10.79 -9.28
N LEU D 56 -8.34 -10.50 -8.10
CA LEU D 56 -8.58 -11.33 -6.92
C LEU D 56 -10.07 -11.48 -6.62
N LYS D 57 -10.73 -10.36 -6.34
CA LYS D 57 -12.17 -10.15 -6.41
C LYS D 57 -12.95 -10.88 -5.31
N LEU D 58 -12.27 -11.62 -4.43
CA LEU D 58 -12.90 -12.20 -3.25
C LEU D 58 -12.86 -11.15 -2.15
N THR D 59 -14.03 -10.81 -1.62
CA THR D 59 -14.21 -9.56 -0.90
C THR D 59 -15.12 -9.82 0.30
N VAL D 60 -15.57 -8.73 0.93
CA VAL D 60 -16.51 -8.81 2.05
C VAL D 60 -17.67 -9.75 1.75
N TRP D 61 -18.13 -9.79 0.50
CA TRP D 61 -19.15 -10.77 0.11
C TRP D 61 -18.63 -12.19 0.27
N GLY D 62 -17.43 -12.44 -0.28
CA GLY D 62 -16.90 -13.79 -0.27
C GLY D 62 -16.63 -14.29 1.14
N ILE D 63 -15.90 -13.49 1.92
CA ILE D 63 -15.62 -13.88 3.30
C ILE D 63 -16.91 -13.93 4.11
N LYS D 64 -17.94 -13.17 3.71
CA LYS D 64 -19.22 -13.27 4.42
C LYS D 64 -19.88 -14.62 4.18
N GLN D 65 -19.94 -15.06 2.93
CA GLN D 65 -20.51 -16.39 2.67
C GLN D 65 -19.65 -17.49 3.30
N LEU D 66 -18.33 -17.32 3.27
CA LEU D 66 -17.44 -18.31 3.86
C LEU D 66 -17.68 -18.42 5.37
N GLN D 67 -17.64 -17.29 6.08
CA GLN D 67 -17.87 -17.30 7.52
C GLN D 67 -19.31 -17.67 7.86
N ALA D 68 -20.26 -17.44 6.95
CA ALA D 68 -21.62 -17.90 7.17
C ALA D 68 -21.68 -19.42 7.15
N ARG D 69 -21.05 -20.04 6.15
CA ARG D 69 -20.92 -21.49 6.15
C ARG D 69 -20.23 -21.98 7.42
N VAL D 70 -19.22 -21.24 7.87
CA VAL D 70 -18.51 -21.63 9.09
C VAL D 70 -19.45 -21.60 10.29
N LEU D 71 -20.23 -20.53 10.43
CA LEU D 71 -21.10 -20.39 11.59
C LEU D 71 -22.23 -21.41 11.55
N ALA D 72 -22.76 -21.70 10.37
CA ALA D 72 -23.78 -22.74 10.24
C ALA D 72 -23.21 -24.10 10.63
N VAL D 73 -22.02 -24.44 10.12
CA VAL D 73 -21.37 -25.69 10.48
C VAL D 73 -21.09 -25.74 11.97
N GLU D 74 -20.77 -24.58 12.56
CA GLU D 74 -20.52 -24.52 14.00
C GLU D 74 -21.79 -24.78 14.79
N ARG D 75 -22.90 -24.20 14.34
CA ARG D 75 -24.20 -24.48 14.94
C ARG D 75 -24.49 -25.98 14.91
N TYR D 76 -24.29 -26.60 13.74
CA TYR D 76 -24.58 -28.02 13.62
C TYR D 76 -23.67 -28.85 14.51
N LEU D 77 -22.41 -28.49 14.59
CA LEU D 77 -21.46 -29.20 15.44
C LEU D 77 -21.86 -29.09 16.90
N ARG D 78 -22.26 -27.90 17.35
CA ARG D 78 -22.75 -27.76 18.72
C ARG D 78 -24.01 -28.57 18.95
N ASP D 79 -24.87 -28.69 17.93
CA ASP D 79 -26.07 -29.51 18.07
C ASP D 79 -25.68 -30.97 18.29
N GLN D 80 -24.81 -31.50 17.43
CA GLN D 80 -24.43 -32.90 17.56
C GLN D 80 -23.63 -33.14 18.85
N GLN D 81 -22.91 -32.13 19.32
CA GLN D 81 -22.25 -32.22 20.62
C GLN D 81 -23.28 -32.37 21.73
N LEU D 82 -24.31 -31.51 21.72
CA LEU D 82 -25.39 -31.63 22.69
C LEU D 82 -26.06 -32.99 22.62
N LEU D 83 -26.28 -33.49 21.41
CA LEU D 83 -26.88 -34.81 21.24
C LEU D 83 -26.01 -35.89 21.86
N GLY D 84 -24.70 -35.85 21.57
CA GLY D 84 -23.79 -36.85 22.11
C GLY D 84 -23.67 -36.79 23.62
N ILE D 85 -23.77 -35.60 24.20
CA ILE D 85 -23.71 -35.48 25.66
C ILE D 85 -24.87 -36.23 26.30
N TRP D 86 -26.05 -36.15 25.70
CA TRP D 86 -27.22 -36.83 26.22
C TRP D 86 -27.13 -38.35 26.11
N GLY D 87 -26.14 -38.89 25.40
CA GLY D 87 -26.07 -40.32 25.19
C GLY D 87 -27.28 -40.88 24.47
N CYS D 88 -27.93 -40.06 23.64
CA CYS D 88 -29.18 -40.42 23.00
C CYS D 88 -29.10 -40.14 21.50
N SER D 89 -27.89 -40.18 20.94
CA SER D 89 -27.66 -39.81 19.54
C SER D 89 -28.00 -40.92 18.55
N GLY D 90 -28.36 -42.12 19.02
CA GLY D 90 -28.64 -43.21 18.11
C GLY D 90 -29.81 -43.00 17.17
N LYS D 91 -30.61 -41.97 17.38
CA LYS D 91 -31.77 -41.71 16.54
C LYS D 91 -32.31 -40.32 16.87
N LEU D 92 -32.93 -39.69 15.87
CA LEU D 92 -33.52 -38.37 16.08
C LEU D 92 -34.64 -38.43 17.11
N ILE D 93 -35.63 -39.30 16.88
CA ILE D 93 -36.74 -39.45 17.80
C ILE D 93 -36.31 -40.42 18.88
N CYS D 94 -35.74 -39.90 19.98
CA CYS D 94 -35.33 -40.71 21.11
C CYS D 94 -35.91 -40.12 22.38
N THR D 95 -36.46 -40.97 23.24
CA THR D 95 -37.24 -40.58 24.39
C THR D 95 -36.35 -40.53 25.63
N THR D 96 -36.96 -40.33 26.79
CA THR D 96 -36.24 -40.05 28.03
C THR D 96 -36.67 -41.00 29.13
N ASN D 97 -35.75 -41.27 30.05
CA ASN D 97 -36.03 -42.09 31.23
C ASN D 97 -36.69 -41.32 32.36
N VAL D 98 -36.99 -40.03 32.17
CA VAL D 98 -37.55 -39.18 33.22
C VAL D 98 -38.77 -38.45 32.65
N PRO D 99 -39.86 -38.26 33.40
CA PRO D 99 -40.99 -37.50 32.87
C PRO D 99 -40.90 -36.01 33.19
N TRP D 100 -41.82 -35.25 32.61
CA TRP D 100 -41.86 -33.81 32.78
C TRP D 100 -42.71 -33.44 34.00
N ASN D 101 -42.20 -32.48 34.77
CA ASN D 101 -42.96 -31.93 35.89
C ASN D 101 -44.25 -31.28 35.39
N SER D 102 -45.37 -31.61 36.02
CA SER D 102 -46.68 -31.12 35.60
C SER D 102 -46.84 -29.67 36.07
N SER D 103 -46.05 -28.79 35.44
CA SER D 103 -45.98 -27.38 35.83
C SER D 103 -46.82 -26.48 34.94
N TRP D 104 -47.23 -26.94 33.76
CA TRP D 104 -48.16 -26.18 32.93
C TRP D 104 -49.58 -26.37 33.46
N SER D 105 -50.55 -25.86 32.73
CA SER D 105 -51.94 -26.15 33.02
C SER D 105 -52.24 -27.62 32.78
N ASN D 106 -53.12 -28.17 33.61
CA ASN D 106 -53.55 -29.57 33.47
C ASN D 106 -54.10 -29.81 32.06
N LYS D 107 -53.42 -30.68 31.31
CA LYS D 107 -53.56 -30.79 29.87
C LYS D 107 -54.25 -32.09 29.48
N SER D 108 -54.43 -32.25 28.18
CA SER D 108 -54.88 -33.51 27.57
C SER D 108 -54.01 -33.79 26.37
N GLU D 109 -53.46 -35.00 26.29
CA GLU D 109 -52.55 -35.36 25.20
C GLU D 109 -53.22 -35.21 23.84
N ARG D 110 -54.44 -35.74 23.71
CA ARG D 110 -55.13 -35.74 22.43
C ARG D 110 -55.36 -34.33 21.92
N GLU D 111 -56.11 -33.52 22.69
CA GLU D 111 -56.43 -32.17 22.24
C GLU D 111 -55.19 -31.31 22.08
N ILE D 112 -54.13 -31.59 22.86
CA ILE D 112 -52.88 -30.88 22.66
C ILE D 112 -52.23 -31.28 21.35
N TRP D 113 -52.44 -32.52 20.89
CA TRP D 113 -51.85 -33.00 19.65
C TRP D 113 -52.65 -32.61 18.41
N GLU D 114 -53.66 -31.74 18.54
CA GLU D 114 -54.56 -31.38 17.44
C GLU D 114 -54.53 -29.91 17.08
N ASN D 115 -54.20 -29.02 18.01
CA ASN D 115 -54.49 -27.59 17.90
C ASN D 115 -53.22 -26.75 17.98
N MET D 116 -52.17 -27.17 17.28
CA MET D 116 -50.93 -26.42 17.27
C MET D 116 -50.05 -26.90 16.13
N THR D 117 -49.37 -25.97 15.47
CA THR D 117 -48.42 -26.33 14.41
C THR D 117 -47.02 -26.50 15.00
N TRP D 118 -46.90 -27.37 16.01
CA TRP D 118 -45.64 -27.65 16.71
C TRP D 118 -44.95 -26.36 17.17
N LEU D 119 -45.71 -25.29 17.41
CA LEU D 119 -45.17 -24.02 17.87
C LEU D 119 -45.86 -23.51 19.13
N GLN D 120 -47.13 -23.88 19.30
CA GLN D 120 -47.86 -23.39 20.46
C GLN D 120 -47.35 -24.05 21.74
N TRP D 121 -46.97 -25.33 21.65
CA TRP D 121 -46.29 -25.97 22.78
C TRP D 121 -45.06 -25.18 23.21
N ASP D 122 -44.34 -24.60 22.25
CA ASP D 122 -43.14 -23.83 22.57
C ASP D 122 -43.44 -22.47 23.17
N LYS D 123 -44.70 -22.04 23.22
CA LYS D 123 -45.02 -20.72 23.76
C LYS D 123 -45.04 -20.68 25.29
N GLU D 124 -44.92 -21.82 25.96
CA GLU D 124 -44.91 -21.91 27.41
C GLU D 124 -43.68 -22.66 27.90
N ILE D 125 -42.53 -22.40 27.28
CA ILE D 125 -41.30 -23.14 27.58
C ILE D 125 -40.13 -22.25 27.92
N SER D 126 -40.15 -20.95 27.62
CA SER D 126 -39.05 -20.08 28.04
C SER D 126 -38.87 -20.09 29.55
N ASN D 127 -39.95 -20.26 30.32
CA ASN D 127 -39.86 -20.49 31.75
C ASN D 127 -39.58 -21.94 32.13
N TYR D 128 -39.45 -22.84 31.14
CA TYR D 128 -39.24 -24.26 31.39
C TYR D 128 -38.17 -24.88 30.50
N THR D 129 -37.45 -24.09 29.71
CA THR D 129 -36.47 -24.66 28.79
C THR D 129 -35.26 -25.16 29.54
N HIS D 130 -34.66 -24.29 30.37
CA HIS D 130 -33.45 -24.68 31.08
C HIS D 130 -33.72 -25.82 32.05
N ILE D 131 -34.90 -25.84 32.68
CA ILE D 131 -35.24 -26.93 33.60
C ILE D 131 -35.11 -28.27 32.89
N ILE D 132 -35.87 -28.45 31.80
CA ILE D 132 -35.81 -29.68 31.00
C ILE D 132 -34.38 -29.95 30.56
N TYR D 133 -33.75 -28.95 29.96
CA TYR D 133 -32.44 -29.10 29.35
C TYR D 133 -31.40 -29.62 30.35
N GLU D 134 -31.17 -28.85 31.41
CA GLU D 134 -30.14 -29.21 32.38
C GLU D 134 -30.50 -30.49 33.14
N LEU D 135 -31.77 -30.65 33.53
CA LEU D 135 -32.15 -31.84 34.28
C LEU D 135 -31.90 -33.10 33.47
N ILE D 136 -32.36 -33.14 32.22
CA ILE D 136 -32.10 -34.31 31.38
C ILE D 136 -30.61 -34.47 31.17
N GLU D 137 -29.94 -33.43 30.67
CA GLU D 137 -28.52 -33.49 30.34
C GLU D 137 -27.66 -33.99 31.49
N GLU D 138 -28.07 -33.76 32.74
CA GLU D 138 -27.32 -34.25 33.89
C GLU D 138 -27.79 -35.63 34.33
N SER D 139 -29.08 -35.78 34.64
CA SER D 139 -29.59 -37.01 35.23
C SER D 139 -29.55 -38.16 34.23
N GLN D 140 -30.18 -37.98 33.06
CA GLN D 140 -30.28 -39.04 32.08
C GLN D 140 -28.93 -39.47 31.51
N LYS D 141 -27.88 -38.68 31.74
CA LYS D 141 -26.53 -38.94 31.27
C LYS D 141 -25.68 -39.62 32.33
N GLN D 142 -25.65 -39.07 33.54
CA GLN D 142 -24.78 -39.59 34.60
C GLN D 142 -25.24 -40.96 35.07
N GLN D 143 -26.54 -41.24 35.00
CA GLN D 143 -27.14 -42.41 35.64
C GLN D 143 -26.97 -43.71 34.85
N GLU D 144 -26.10 -43.73 33.84
CA GLU D 144 -25.85 -44.95 33.05
C GLU D 144 -24.66 -45.68 33.66
N LYS D 145 -24.93 -46.77 34.36
CA LYS D 145 -23.86 -47.57 34.93
C LYS D 145 -23.22 -48.41 33.82
N ASN D 146 -22.29 -49.28 34.21
CA ASN D 146 -21.39 -49.89 33.24
C ASN D 146 -21.94 -51.18 32.63
N GLU D 147 -22.25 -52.17 33.47
CA GLU D 147 -22.53 -53.53 33.00
C GLU D 147 -23.67 -54.14 33.79
N GLN D 148 -24.21 -55.24 33.26
CA GLN D 148 -25.10 -56.14 33.97
C GLN D 148 -24.32 -57.37 34.44
N GLU D 149 -24.82 -58.00 35.50
CA GLU D 149 -24.06 -59.04 36.21
C GLU D 149 -24.65 -60.44 36.10
N LEU D 150 -25.94 -60.63 36.42
CA LEU D 150 -26.45 -61.97 36.68
C LEU D 150 -27.06 -62.64 35.43
N LEU D 151 -28.05 -62.00 34.81
CA LEU D 151 -28.86 -62.65 33.78
C LEU D 151 -28.19 -62.49 32.42
N GLU D 152 -27.63 -63.59 31.90
CA GLU D 152 -26.93 -63.60 30.62
C GLU D 152 -27.12 -64.99 30.02
N LEU D 153 -26.34 -65.30 28.98
CA LEU D 153 -26.33 -66.64 28.40
C LEU D 153 -26.05 -67.69 29.45
N ASP D 154 -24.93 -67.54 30.16
CA ASP D 154 -24.55 -68.48 31.22
C ASP D 154 -25.33 -68.19 32.50
N GLU E 31 -7.67 -56.63 38.99
CA GLU E 31 -6.52 -57.51 38.92
C GLU E 31 -5.78 -57.31 37.59
N ASN E 32 -6.35 -57.83 36.52
CA ASN E 32 -5.74 -57.70 35.20
C ASN E 32 -5.76 -56.25 34.75
N LEU E 33 -4.75 -55.88 33.97
CA LEU E 33 -4.58 -54.50 33.49
C LEU E 33 -5.32 -54.28 32.18
N TRP E 34 -6.62 -54.54 32.19
CA TRP E 34 -7.45 -54.20 31.03
C TRP E 34 -7.41 -52.69 30.85
N VAL E 35 -6.81 -52.23 29.76
CA VAL E 35 -6.53 -50.81 29.56
C VAL E 35 -7.80 -50.14 29.06
N THR E 36 -8.39 -49.30 29.90
CA THR E 36 -9.62 -48.59 29.59
C THR E 36 -9.31 -47.12 29.29
N VAL E 37 -10.15 -46.51 28.45
CA VAL E 37 -9.98 -45.13 28.02
C VAL E 37 -11.07 -44.29 28.66
N TYR E 38 -10.75 -43.01 28.89
CA TYR E 38 -11.64 -42.05 29.51
C TYR E 38 -11.47 -40.71 28.81
N TYR E 39 -12.46 -39.83 28.98
CA TYR E 39 -12.45 -38.53 28.34
C TYR E 39 -13.09 -37.51 29.28
N GLY E 40 -12.68 -36.25 29.12
CA GLY E 40 -13.24 -35.17 29.92
C GLY E 40 -12.47 -34.85 31.18
N VAL E 41 -11.15 -34.72 31.09
CA VAL E 41 -10.32 -34.30 32.22
C VAL E 41 -9.20 -33.42 31.68
N PRO E 42 -8.78 -32.36 32.39
CA PRO E 42 -7.72 -31.49 31.84
C PRO E 42 -6.41 -32.21 31.55
N VAL E 43 -5.74 -31.74 30.52
CA VAL E 43 -4.39 -32.18 30.16
C VAL E 43 -3.66 -30.99 29.56
N TRP E 44 -2.36 -30.89 29.87
CA TRP E 44 -1.60 -29.67 29.64
C TRP E 44 -0.48 -29.91 28.63
N LYS E 45 -0.46 -29.09 27.58
CA LYS E 45 0.65 -29.03 26.65
C LYS E 45 0.75 -27.62 26.10
N ASP E 46 1.95 -27.24 25.67
CA ASP E 46 2.18 -25.89 25.16
C ASP E 46 1.38 -25.66 23.89
N ALA E 47 0.83 -24.45 23.75
CA ALA E 47 -0.06 -24.10 22.65
C ALA E 47 0.56 -22.98 21.81
N GLU E 48 0.18 -22.96 20.53
CA GLU E 48 0.49 -21.87 19.61
C GLU E 48 -0.80 -21.51 18.89
N THR E 49 -1.56 -20.56 19.45
CA THR E 49 -2.82 -20.13 18.86
C THR E 49 -2.97 -18.63 19.12
N THR E 50 -4.17 -18.11 18.86
CA THR E 50 -4.46 -16.69 18.95
C THR E 50 -5.55 -16.45 19.98
N LEU E 51 -5.39 -15.36 20.74
CA LEU E 51 -6.42 -14.83 21.62
C LEU E 51 -7.01 -13.58 20.98
N PHE E 52 -8.24 -13.26 21.40
CA PHE E 52 -9.09 -12.33 20.67
C PHE E 52 -9.44 -11.12 21.52
N CYS E 53 -10.10 -10.16 20.88
CA CYS E 53 -10.40 -8.88 21.51
C CYS E 53 -11.36 -9.06 22.69
N ALA E 54 -11.53 -7.98 23.44
CA ALA E 54 -12.57 -7.83 24.43
C ALA E 54 -12.57 -6.38 24.89
N SER E 55 -13.74 -5.88 25.27
CA SER E 55 -13.83 -4.49 25.71
C SER E 55 -15.22 -4.25 26.29
N ASP E 56 -15.36 -3.09 26.93
CA ASP E 56 -16.60 -2.67 27.55
C ASP E 56 -17.41 -1.86 26.53
N ALA E 57 -18.50 -1.22 27.00
CA ALA E 57 -19.37 -0.47 26.12
C ALA E 57 -18.75 0.84 25.66
N LYS E 58 -17.76 1.36 26.38
CA LYS E 58 -17.21 2.67 26.07
C LYS E 58 -16.56 2.67 24.68
N ALA E 59 -15.81 1.62 24.35
CA ALA E 59 -15.12 1.57 23.06
C ALA E 59 -16.12 1.57 21.90
N TYR E 60 -17.32 1.02 22.11
CA TYR E 60 -18.36 1.01 21.09
C TYR E 60 -19.42 2.08 21.28
N ASP E 61 -19.56 2.62 22.50
CA ASP E 61 -20.45 3.75 22.72
C ASP E 61 -19.83 5.08 22.30
N THR E 62 -18.50 5.12 22.11
CA THR E 62 -17.86 6.33 21.62
C THR E 62 -18.33 6.69 20.21
N GLU E 63 -18.68 5.67 19.41
CA GLU E 63 -19.20 5.87 18.05
C GLU E 63 -18.21 6.62 17.16
N VAL E 64 -16.91 6.45 17.40
CA VAL E 64 -15.86 6.83 16.46
C VAL E 64 -15.59 5.61 15.59
N HIS E 65 -15.09 5.84 14.38
CA HIS E 65 -14.88 4.78 13.39
C HIS E 65 -14.20 3.55 13.98
N ASN E 66 -13.10 3.76 14.70
CA ASN E 66 -12.53 2.72 15.55
C ASN E 66 -11.64 3.38 16.59
N VAL E 67 -11.96 3.23 17.88
CA VAL E 67 -11.01 3.67 18.92
C VAL E 67 -10.09 2.47 19.22
N TRP E 68 -9.02 2.37 18.44
CA TRP E 68 -7.64 2.01 18.75
C TRP E 68 -7.45 0.51 19.01
N ALA E 69 -8.51 -0.29 19.01
CA ALA E 69 -8.40 -1.71 18.66
C ALA E 69 -9.54 -2.17 17.76
N THR E 70 -10.40 -1.28 17.31
CA THR E 70 -11.77 -1.65 16.96
C THR E 70 -11.82 -2.07 15.50
N HIS E 71 -12.09 -3.35 15.28
CA HIS E 71 -12.25 -3.97 13.97
C HIS E 71 -13.50 -4.84 13.98
N ALA E 72 -14.58 -4.30 14.55
CA ALA E 72 -15.76 -5.08 14.92
C ALA E 72 -15.36 -6.17 15.93
N CYS E 73 -14.46 -5.79 16.84
CA CYS E 73 -13.94 -6.71 17.85
C CYS E 73 -15.06 -7.21 18.75
N VAL E 74 -14.91 -8.45 19.20
CA VAL E 74 -15.90 -9.05 20.10
C VAL E 74 -15.92 -8.28 21.42
N PRO E 75 -17.08 -8.01 22.04
CA PRO E 75 -17.06 -7.40 23.37
C PRO E 75 -16.54 -8.37 24.42
N THR E 76 -16.46 -7.92 25.66
CA THR E 76 -15.90 -8.74 26.73
C THR E 76 -16.95 -9.65 27.33
N ASP E 77 -16.48 -10.63 28.12
CA ASP E 77 -17.35 -11.55 28.84
C ASP E 77 -17.56 -11.00 30.25
N PRO E 78 -18.77 -10.53 30.62
CA PRO E 78 -18.93 -9.96 31.97
C PRO E 78 -18.76 -10.96 33.11
N ASN E 79 -18.65 -12.26 32.84
CA ASN E 79 -18.53 -13.30 33.87
C ASN E 79 -17.25 -14.09 33.64
N PRO E 80 -16.09 -13.60 34.11
CA PRO E 80 -14.85 -14.38 33.94
C PRO E 80 -14.83 -15.61 34.82
N GLN E 81 -14.91 -16.79 34.20
CA GLN E 81 -14.94 -18.06 34.93
C GLN E 81 -13.51 -18.48 35.27
N GLU E 82 -12.90 -17.71 36.17
CA GLU E 82 -11.52 -17.95 36.61
C GLU E 82 -11.55 -18.87 37.81
N ILE E 83 -11.41 -20.18 37.56
CA ILE E 83 -11.63 -21.19 38.59
C ILE E 83 -10.28 -21.59 39.17
N TYR E 84 -10.25 -21.71 40.50
CA TYR E 84 -9.01 -21.93 41.24
C TYR E 84 -8.76 -23.43 41.46
N MET E 85 -7.51 -23.86 41.23
CA MET E 85 -7.09 -25.23 41.43
C MET E 85 -5.86 -25.26 42.34
N GLU E 86 -5.72 -26.36 43.07
CA GLU E 86 -4.71 -26.51 44.11
C GLU E 86 -4.14 -27.92 44.03
N ASN E 87 -3.06 -28.16 44.78
CA ASN E 87 -2.40 -29.46 44.89
C ASN E 87 -1.76 -29.91 43.58
N VAL E 88 -1.60 -29.01 42.62
CA VAL E 88 -0.88 -29.26 41.37
C VAL E 88 0.26 -28.27 41.29
N THR E 89 1.15 -28.48 40.32
CA THR E 89 2.27 -27.58 40.12
C THR E 89 2.73 -27.64 38.68
N GLU E 90 3.39 -26.57 38.25
CA GLU E 90 3.94 -26.52 36.90
C GLU E 90 5.02 -25.45 36.84
N GLU E 91 6.00 -25.67 35.99
CA GLU E 91 7.01 -24.64 35.70
C GLU E 91 6.42 -23.63 34.72
N PHE E 92 6.60 -22.35 35.03
CA PHE E 92 6.13 -21.26 34.19
C PHE E 92 7.30 -20.36 33.81
N ASN E 93 7.27 -19.90 32.56
CA ASN E 93 8.28 -19.00 32.02
C ASN E 93 7.60 -18.00 31.10
N MET E 94 7.97 -16.74 31.24
CA MET E 94 7.50 -15.67 30.36
C MET E 94 8.49 -15.35 29.25
N TRP E 95 9.75 -15.80 29.35
CA TRP E 95 10.73 -15.55 28.32
C TRP E 95 10.64 -16.56 27.18
N LYS E 96 10.12 -17.75 27.45
CA LYS E 96 9.82 -18.73 26.41
C LYS E 96 8.41 -18.57 25.84
N ASN E 97 7.73 -17.47 26.16
CA ASN E 97 6.34 -17.30 25.82
C ASN E 97 6.18 -16.81 24.38
N ASN E 98 5.18 -17.34 23.69
CA ASN E 98 4.89 -16.96 22.31
C ASN E 98 3.86 -15.84 22.20
N MET E 99 3.16 -15.51 23.29
CA MET E 99 2.10 -14.51 23.22
C MET E 99 2.63 -13.15 22.84
N VAL E 100 3.88 -12.83 23.20
CA VAL E 100 4.39 -11.47 22.98
C VAL E 100 4.63 -11.24 21.49
N GLU E 101 5.13 -12.26 20.79
CA GLU E 101 5.42 -12.12 19.36
C GLU E 101 4.14 -11.84 18.59
N GLN E 102 3.15 -12.72 18.74
CA GLN E 102 1.84 -12.51 18.16
C GLN E 102 1.23 -11.20 18.62
N MET E 103 1.50 -10.78 19.85
CA MET E 103 0.93 -9.54 20.36
C MET E 103 1.42 -8.35 19.56
N HIS E 104 2.75 -8.19 19.45
CA HIS E 104 3.23 -7.04 18.69
C HIS E 104 2.92 -7.18 17.20
N THR E 105 2.81 -8.41 16.69
CA THR E 105 2.38 -8.58 15.31
C THR E 105 0.96 -8.04 15.12
N ASP E 106 0.07 -8.37 16.05
CA ASP E 106 -1.31 -7.86 15.95
C ASP E 106 -1.36 -6.36 16.17
N ILE E 107 -0.47 -5.82 17.01
CA ILE E 107 -0.42 -4.37 17.19
C ILE E 107 0.00 -3.69 15.89
N ILE E 108 1.03 -4.22 15.23
CA ILE E 108 1.44 -3.66 13.95
C ILE E 108 0.33 -3.80 12.92
N SER E 109 -0.42 -4.90 12.98
CA SER E 109 -1.58 -5.04 12.09
C SER E 109 -2.62 -3.97 12.35
N LEU E 110 -2.90 -3.69 13.63
CA LEU E 110 -3.82 -2.60 13.98
C LEU E 110 -3.34 -1.28 13.38
N TRP E 111 -2.05 -0.99 13.55
CA TRP E 111 -1.49 0.25 13.02
C TRP E 111 -1.65 0.33 11.50
N ASP E 112 -1.29 -0.75 10.80
CA ASP E 112 -1.38 -0.73 9.35
C ASP E 112 -2.82 -0.57 8.87
N GLN E 113 -3.74 -1.32 9.49
CA GLN E 113 -5.14 -1.26 9.07
C GLN E 113 -5.74 0.11 9.33
N SER E 114 -5.42 0.72 10.48
CA SER E 114 -5.82 2.09 10.72
C SER E 114 -5.12 3.07 9.79
N LEU E 115 -3.96 2.69 9.25
CA LEU E 115 -3.22 3.57 8.36
C LEU E 115 -3.71 3.51 6.91
N LYS E 116 -4.40 2.44 6.52
CA LYS E 116 -5.00 2.39 5.19
C LYS E 116 -5.87 3.59 4.87
N PRO E 117 -6.84 4.00 5.71
CA PRO E 117 -7.60 5.21 5.38
C PRO E 117 -6.78 6.50 5.43
N CYS E 118 -5.61 6.48 6.07
CA CYS E 118 -4.81 7.70 6.16
C CYS E 118 -4.23 8.05 4.80
N VAL E 119 -4.38 9.31 4.40
CA VAL E 119 -3.82 9.76 3.13
C VAL E 119 -2.29 9.85 3.24
N GLN E 120 -1.65 9.90 2.08
CA GLN E 120 -0.21 9.92 2.00
C GLN E 120 0.32 11.35 2.05
N LEU E 121 1.52 11.49 2.63
CA LEU E 121 2.12 12.79 2.95
C LEU E 121 3.50 12.91 2.34
N THR E 122 3.62 12.51 1.08
CA THR E 122 4.86 12.69 0.32
C THR E 122 5.01 14.15 -0.13
N PRO E 123 3.95 14.82 -0.63
CA PRO E 123 4.11 16.26 -0.90
C PRO E 123 4.42 17.05 0.36
N LEU E 124 4.01 16.57 1.53
CA LEU E 124 4.35 17.22 2.79
C LEU E 124 5.86 17.23 3.04
N CYS E 125 6.60 16.30 2.43
CA CYS E 125 8.06 16.25 2.61
C CYS E 125 8.79 17.37 1.88
N VAL E 126 8.08 18.16 1.07
CA VAL E 126 8.74 19.17 0.24
C VAL E 126 9.44 20.21 1.12
N THR E 127 10.40 20.91 0.51
CA THR E 127 11.28 21.83 1.22
C THR E 127 10.48 22.90 1.94
N LEU E 128 11.08 23.42 3.02
CA LEU E 128 10.37 24.30 3.94
C LEU E 128 11.37 25.28 4.54
N ASP E 129 11.01 26.56 4.55
CA ASP E 129 11.85 27.62 5.08
C ASP E 129 11.25 28.13 6.39
N CYS E 130 12.08 28.27 7.41
CA CYS E 130 11.61 28.45 8.78
C CYS E 130 12.17 29.73 9.40
N SER E 131 11.38 30.27 10.32
CA SER E 131 11.80 31.31 11.25
C SER E 131 11.71 30.76 12.66
N TYR E 132 12.74 31.03 13.47
CA TYR E 132 12.77 30.52 14.84
C TYR E 132 11.92 31.39 15.76
N ASN E 133 12.24 32.69 15.86
CA ASN E 133 11.52 33.56 16.75
C ASN E 133 10.20 34.00 16.12
N ILE E 134 9.21 34.20 17.00
CA ILE E 134 7.85 34.53 16.62
C ILE E 134 7.31 35.51 17.66
N THR E 135 6.08 35.99 17.44
CA THR E 135 5.50 37.00 18.33
C THR E 135 4.85 36.35 19.55
N ASN E 136 5.62 35.56 20.28
CA ASN E 136 5.18 34.91 21.50
C ASN E 136 5.68 35.70 22.70
N ASN E 137 4.92 35.64 23.80
CA ASN E 137 5.28 36.39 24.99
C ASN E 137 6.57 35.85 25.61
N ILE E 138 6.76 34.54 25.58
CA ILE E 138 7.93 33.87 26.13
C ILE E 138 8.63 33.10 25.01
N THR E 139 9.95 33.26 24.92
CA THR E 139 10.79 32.48 24.02
C THR E 139 11.74 31.55 24.76
N ASN E 140 12.06 31.84 26.02
CA ASN E 140 12.85 30.97 26.88
C ASN E 140 12.11 30.89 28.21
N SER E 141 11.60 29.70 28.54
CA SER E 141 10.74 29.55 29.71
C SER E 141 11.61 29.48 30.98
N ILE E 142 10.97 29.20 32.12
CA ILE E 142 11.64 29.34 33.40
C ILE E 142 12.60 28.18 33.64
N THR E 143 12.24 26.97 33.24
CA THR E 143 13.11 25.82 33.46
C THR E 143 14.31 25.89 32.52
N ASN E 144 15.44 25.36 32.99
CA ASN E 144 16.65 25.25 32.19
C ASN E 144 17.33 23.92 32.49
N SER E 145 17.03 22.91 31.68
CA SER E 145 17.65 21.58 31.79
C SER E 145 18.06 21.09 30.41
N SER E 146 18.66 21.99 29.61
CA SER E 146 19.04 21.70 28.24
C SER E 146 17.82 21.39 27.37
N VAL E 147 16.67 21.96 27.71
CA VAL E 147 15.47 21.88 26.90
C VAL E 147 15.09 23.26 26.39
N ASN E 148 15.48 24.30 27.13
CA ASN E 148 15.25 25.67 26.71
C ASN E 148 16.44 26.26 25.95
N MET E 149 17.66 25.85 26.30
CA MET E 149 18.83 26.24 25.51
C MET E 149 18.66 25.78 24.07
N ARG E 150 18.25 24.52 23.88
CA ARG E 150 17.80 24.02 22.59
C ARG E 150 16.28 24.16 22.58
N GLU E 151 15.81 25.38 22.33
CA GLU E 151 14.39 25.70 22.45
C GLU E 151 13.53 24.84 21.53
N GLU E 152 14.09 24.37 20.41
CA GLU E 152 13.47 23.40 19.50
C GLU E 152 12.04 23.81 19.11
N ILE E 153 11.85 25.09 18.84
CA ILE E 153 10.55 25.62 18.39
C ILE E 153 10.82 26.56 17.22
N LYS E 154 10.25 26.22 16.06
CA LYS E 154 10.36 27.05 14.86
C LYS E 154 9.04 26.93 14.11
N ASN E 155 8.87 27.79 13.10
CA ASN E 155 7.69 27.67 12.25
C ASN E 155 8.08 27.97 10.80
N CYS E 156 7.54 27.14 9.91
CA CYS E 156 8.02 27.02 8.54
C CYS E 156 6.89 27.14 7.55
N SER E 157 7.20 27.78 6.42
CA SER E 157 6.34 27.81 5.24
C SER E 157 6.87 26.85 4.19
N PHE E 158 5.96 26.35 3.35
CA PHE E 158 6.32 25.41 2.30
C PHE E 158 5.14 25.24 1.36
N ASN E 159 5.44 24.78 0.15
CA ASN E 159 4.42 24.55 -0.86
C ASN E 159 3.58 23.33 -0.54
N MET E 160 2.33 23.38 -0.99
CA MET E 160 1.50 22.18 -1.06
C MET E 160 0.58 22.30 -2.26
N THR E 161 0.00 21.17 -2.63
CA THR E 161 -0.86 21.08 -3.80
C THR E 161 -2.25 21.63 -3.48
N THR E 162 -2.81 22.38 -4.43
CA THR E 162 -4.22 22.72 -4.38
C THR E 162 -5.02 21.63 -5.09
N GLU E 163 -6.32 21.59 -4.80
CA GLU E 163 -7.20 20.63 -5.45
C GLU E 163 -7.18 20.74 -6.98
N LEU E 164 -6.77 21.88 -7.51
CA LEU E 164 -6.44 22.03 -8.92
C LEU E 164 -4.95 21.74 -9.09
N ARG E 165 -4.62 20.77 -9.95
CA ARG E 165 -3.22 20.36 -10.10
C ARG E 165 -2.35 21.51 -10.59
N ASP E 166 -2.89 22.35 -11.48
CA ASP E 166 -2.11 23.49 -11.96
C ASP E 166 -1.81 24.49 -10.86
N LYS E 167 -2.60 24.51 -9.79
CA LYS E 167 -2.44 25.45 -8.69
C LYS E 167 -1.75 24.78 -7.52
N ASN E 168 -0.72 25.44 -6.99
CA ASN E 168 -0.14 25.12 -5.69
C ASN E 168 -0.15 26.38 -4.85
N ARG E 169 0.09 26.22 -3.55
CA ARG E 169 0.02 27.34 -2.63
C ARG E 169 0.93 27.10 -1.44
N LYS E 170 1.56 28.17 -0.96
CA LYS E 170 2.43 28.07 0.20
C LYS E 170 1.60 28.19 1.48
N VAL E 171 1.73 27.19 2.34
CA VAL E 171 1.08 27.16 3.64
C VAL E 171 2.18 27.01 4.69
N TYR E 172 1.88 27.47 5.90
CA TYR E 172 2.84 27.50 6.99
C TYR E 172 2.28 26.85 8.23
N SER E 173 3.17 26.25 9.02
CA SER E 173 2.81 25.56 10.24
C SER E 173 3.97 25.68 11.23
N LEU E 174 3.87 24.98 12.34
CA LEU E 174 4.86 24.98 13.41
C LEU E 174 5.51 23.60 13.50
N PHE E 175 6.81 23.58 13.81
CA PHE E 175 7.52 22.33 14.01
C PHE E 175 8.68 22.54 14.97
N TYR E 176 9.18 21.43 15.50
CA TYR E 176 10.36 21.41 16.35
C TYR E 176 11.60 21.10 15.52
N LYS E 177 12.73 20.91 16.20
CA LYS E 177 13.99 20.55 15.56
C LYS E 177 14.26 19.06 15.59
N LEU E 178 13.51 18.28 16.39
CA LEU E 178 13.79 16.86 16.50
C LEU E 178 13.36 16.10 15.25
N ASP E 179 12.25 16.51 14.64
CA ASP E 179 11.71 15.81 13.48
C ASP E 179 12.38 16.21 12.17
N VAL E 180 13.31 17.16 12.18
CA VAL E 180 13.99 17.61 10.97
C VAL E 180 15.47 17.82 11.29
N VAL E 181 16.25 18.06 10.23
CA VAL E 181 17.68 18.30 10.34
C VAL E 181 18.08 19.31 9.28
N GLN E 182 19.13 20.07 9.59
CA GLN E 182 19.61 21.10 8.66
C GLN E 182 20.32 20.49 7.45
N ILE E 183 20.28 21.23 6.35
CA ILE E 183 20.80 20.79 5.06
C ILE E 183 21.35 22.02 4.34
N ASN E 184 22.04 21.80 3.21
CA ASN E 184 22.54 22.89 2.38
C ASN E 184 23.44 23.83 3.20
N ASN E 185 24.54 23.26 3.71
CA ASN E 185 25.20 23.77 4.91
C ASN E 185 26.01 25.02 4.59
N GLY E 186 25.26 26.09 4.33
CA GLY E 186 25.71 27.46 4.42
C GLY E 186 25.59 27.84 5.87
N ASN E 187 26.49 27.29 6.69
CA ASN E 187 26.16 26.64 7.96
C ASN E 187 25.07 27.35 8.77
N ASN E 188 25.21 28.65 9.00
CA ASN E 188 24.12 29.43 9.61
C ASN E 188 23.87 30.67 8.77
N SER E 189 22.98 30.53 7.78
CA SER E 189 22.22 31.67 7.26
C SER E 189 20.86 31.13 6.84
N SER E 190 19.87 31.27 7.72
CA SER E 190 18.48 30.84 7.49
C SER E 190 18.39 29.49 6.76
N ASN E 191 19.13 28.52 7.27
CA ASN E 191 19.27 27.24 6.59
C ASN E 191 17.93 26.52 6.49
N LEU E 192 17.72 25.82 5.38
CA LEU E 192 16.55 24.97 5.19
C LEU E 192 16.79 23.61 5.85
N TYR E 193 15.70 22.86 6.03
CA TYR E 193 15.71 21.61 6.77
C TYR E 193 14.98 20.53 5.99
N ARG E 194 15.09 19.31 6.50
CA ARG E 194 14.53 18.12 5.86
C ARG E 194 14.16 17.12 6.94
N LEU E 195 13.09 16.37 6.68
CA LEU E 195 12.61 15.41 7.67
C LEU E 195 13.58 14.24 7.80
N ILE E 196 13.70 13.73 9.03
CA ILE E 196 14.64 12.65 9.30
C ILE E 196 14.21 11.35 8.65
N ASN E 197 12.90 11.10 8.59
CA ASN E 197 12.38 9.83 8.09
C ASN E 197 12.05 9.84 6.61
N CYS E 198 11.98 11.02 5.98
CA CYS E 198 11.64 11.07 4.56
C CYS E 198 12.83 10.69 3.68
N ASN E 199 14.05 11.05 4.09
CA ASN E 199 15.23 10.71 3.32
C ASN E 199 15.57 9.23 3.36
N THR E 200 14.87 8.44 4.19
CA THR E 200 15.08 6.99 4.26
C THR E 200 13.79 6.19 4.19
N SER E 201 12.64 6.78 4.50
CA SER E 201 11.40 6.03 4.67
C SER E 201 10.22 6.88 4.20
N ALA E 202 9.04 6.29 4.25
CA ALA E 202 7.79 6.94 3.87
C ALA E 202 7.00 7.35 5.12
N LEU E 203 6.13 8.33 4.95
CA LEU E 203 5.32 8.88 6.02
C LEU E 203 3.89 9.04 5.55
N THR E 204 2.95 8.94 6.50
CA THR E 204 1.54 9.12 6.20
C THR E 204 0.82 9.66 7.42
N GLN E 205 -0.37 10.20 7.17
CA GLN E 205 -1.19 10.79 8.23
C GLN E 205 -1.54 9.76 9.29
N ALA E 206 -1.94 10.26 10.46
CA ALA E 206 -2.32 9.43 11.60
C ALA E 206 -3.81 9.16 11.67
N CYS E 207 -4.59 9.55 10.64
CA CYS E 207 -6.05 9.46 10.69
C CYS E 207 -6.59 10.10 11.97
N PRO E 208 -6.49 11.44 12.11
CA PRO E 208 -6.73 12.10 13.41
C PRO E 208 -8.07 11.80 14.07
N LYS E 209 -9.03 11.28 13.30
CA LYS E 209 -10.32 10.93 13.87
C LYS E 209 -10.22 9.73 14.82
N VAL E 210 -9.19 8.90 14.67
CA VAL E 210 -8.98 7.78 15.56
C VAL E 210 -8.21 8.25 16.79
N THR E 211 -8.55 7.70 17.95
CA THR E 211 -7.90 8.04 19.20
C THR E 211 -6.60 7.26 19.36
N PHE E 212 -5.93 7.49 20.49
CA PHE E 212 -4.67 6.84 20.81
C PHE E 212 -4.59 6.33 22.24
N GLU E 213 -5.64 6.51 23.05
CA GLU E 213 -5.64 6.04 24.41
C GLU E 213 -5.89 4.53 24.46
N PRO E 214 -5.50 3.86 25.55
CA PRO E 214 -5.77 2.43 25.67
C PRO E 214 -7.24 2.17 26.02
N ILE E 215 -7.58 0.88 26.04
CA ILE E 215 -8.91 0.42 26.44
C ILE E 215 -8.70 -0.86 27.26
N PRO E 216 -9.49 -1.14 28.29
CA PRO E 216 -9.37 -2.43 28.98
C PRO E 216 -9.59 -3.60 28.03
N ILE E 217 -8.55 -4.42 27.86
CA ILE E 217 -8.59 -5.60 27.01
C ILE E 217 -8.67 -6.83 27.91
N ARG E 218 -9.26 -7.89 27.36
CA ARG E 218 -9.30 -9.20 28.02
C ARG E 218 -9.10 -10.25 26.93
N TYR E 219 -7.86 -10.69 26.75
CA TYR E 219 -7.57 -11.72 25.76
C TYR E 219 -8.32 -13.00 26.10
N CYS E 220 -9.06 -13.52 25.12
CA CYS E 220 -9.94 -14.68 25.31
C CYS E 220 -9.38 -15.90 24.61
N ALA E 221 -9.66 -17.09 25.19
CA ALA E 221 -9.14 -18.35 24.69
C ALA E 221 -10.15 -19.00 23.73
N PRO E 222 -9.74 -19.48 22.56
CA PRO E 222 -10.66 -20.28 21.74
C PRO E 222 -10.81 -21.68 22.32
N ALA E 223 -11.68 -22.46 21.66
CA ALA E 223 -11.88 -23.85 22.05
C ALA E 223 -10.60 -24.64 21.87
N GLY E 224 -10.44 -25.68 22.70
CA GLY E 224 -9.26 -26.51 22.66
C GLY E 224 -8.05 -25.95 23.39
N TYR E 225 -8.17 -24.78 24.01
CA TYR E 225 -7.06 -24.17 24.72
C TYR E 225 -7.59 -23.52 26.00
N ALA E 226 -6.65 -23.09 26.83
CA ALA E 226 -6.97 -22.38 28.08
C ALA E 226 -5.76 -21.56 28.47
N ILE E 227 -5.96 -20.64 29.42
CA ILE E 227 -4.89 -19.81 29.96
C ILE E 227 -4.83 -20.03 31.47
N LEU E 228 -3.64 -20.36 31.97
CA LEU E 228 -3.41 -20.64 33.37
C LEU E 228 -2.74 -19.43 34.00
N LYS E 229 -3.40 -18.83 34.99
CA LYS E 229 -2.86 -17.73 35.77
C LYS E 229 -2.28 -18.30 37.06
N CYS E 230 -1.01 -18.00 37.30
CA CYS E 230 -0.34 -18.41 38.53
C CYS E 230 -0.78 -17.49 39.67
N ASN E 231 -1.64 -18.00 40.54
CA ASN E 231 -2.21 -17.20 41.62
C ASN E 231 -1.32 -17.14 42.85
N ASP E 232 -0.13 -17.75 42.83
CA ASP E 232 0.79 -17.66 43.96
C ASP E 232 1.21 -16.22 44.19
N LYS E 233 0.88 -15.70 45.38
CA LYS E 233 1.24 -14.31 45.69
C LYS E 233 2.75 -14.11 45.76
N GLU E 234 3.50 -15.16 46.07
CA GLU E 234 4.95 -15.08 46.21
C GLU E 234 5.70 -15.39 44.91
N PHE E 235 5.00 -15.74 43.83
CA PHE E 235 5.67 -16.22 42.62
C PHE E 235 6.41 -15.09 41.93
N ASN E 236 7.71 -15.27 41.74
CA ASN E 236 8.53 -14.37 40.93
C ASN E 236 8.34 -14.73 39.46
N GLY E 237 9.14 -14.14 38.58
CA GLY E 237 8.97 -14.22 37.14
C GLY E 237 8.75 -15.62 36.59
N THR E 238 9.74 -16.49 36.69
CA THR E 238 9.66 -17.87 36.24
C THR E 238 9.76 -18.81 37.44
N GLY E 239 9.75 -20.11 37.15
CA GLY E 239 9.89 -21.12 38.17
C GLY E 239 8.59 -21.88 38.40
N LEU E 240 8.57 -22.63 39.50
CA LEU E 240 7.46 -23.53 39.80
C LEU E 240 6.36 -22.77 40.52
N CYS E 241 5.12 -22.99 40.09
CA CYS E 241 3.94 -22.38 40.68
C CYS E 241 2.87 -23.44 40.87
N LYS E 242 2.07 -23.28 41.92
CA LYS E 242 1.07 -24.26 42.32
C LYS E 242 -0.34 -23.70 42.45
N ASN E 243 -0.49 -22.43 42.85
CA ASN E 243 -1.81 -21.85 43.08
C ASN E 243 -2.39 -21.53 41.71
N VAL E 244 -3.01 -22.54 41.12
CA VAL E 244 -3.41 -22.47 39.72
C VAL E 244 -4.76 -21.74 39.62
N SER E 245 -4.95 -21.01 38.53
CA SER E 245 -6.25 -20.45 38.16
C SER E 245 -6.46 -20.77 36.68
N THR E 246 -7.27 -21.77 36.38
CA THR E 246 -7.62 -22.02 34.99
C THR E 246 -8.65 -20.98 34.56
N VAL E 247 -8.44 -20.41 33.37
CA VAL E 247 -9.21 -19.27 32.90
C VAL E 247 -9.40 -19.40 31.40
N GLN E 248 -10.48 -18.80 30.90
CA GLN E 248 -10.77 -18.68 29.49
C GLN E 248 -10.39 -17.31 28.92
N CYS E 249 -10.59 -16.25 29.70
CA CYS E 249 -10.32 -14.88 29.26
C CYS E 249 -9.57 -14.12 30.35
N THR E 250 -8.59 -13.33 29.92
CA THR E 250 -7.71 -12.65 30.85
C THR E 250 -8.45 -11.53 31.58
N HIS E 251 -7.74 -10.85 32.47
CA HIS E 251 -8.28 -9.71 33.20
C HIS E 251 -8.03 -8.44 32.41
N GLY E 252 -8.41 -7.29 32.98
CA GLY E 252 -8.31 -6.03 32.27
C GLY E 252 -6.88 -5.61 32.04
N ILE E 253 -6.48 -5.56 30.77
CA ILE E 253 -5.13 -5.18 30.36
C ILE E 253 -5.18 -3.78 29.77
N ARG E 254 -4.10 -3.02 29.96
CA ARG E 254 -3.93 -1.67 29.43
C ARG E 254 -2.65 -1.65 28.59
N PRO E 255 -2.68 -2.21 27.36
CA PRO E 255 -1.43 -2.38 26.59
C PRO E 255 -0.89 -1.10 25.95
N VAL E 256 -0.20 -0.32 26.76
CA VAL E 256 0.41 0.95 26.35
C VAL E 256 1.92 0.76 26.31
N VAL E 257 2.56 1.38 25.33
CA VAL E 257 4.01 1.26 25.17
C VAL E 257 4.69 2.22 26.13
N SER E 258 5.78 1.74 26.74
CA SER E 258 6.60 2.56 27.61
C SER E 258 8.03 2.03 27.55
N THR E 259 8.99 2.95 27.59
CA THR E 259 10.41 2.60 27.68
C THR E 259 10.90 2.92 29.08
N GLN E 260 11.51 1.93 29.73
CA GLN E 260 12.10 2.01 31.06
C GLN E 260 11.06 2.01 32.17
N LEU E 261 9.77 2.00 31.85
CA LEU E 261 8.72 2.22 32.83
C LEU E 261 7.51 1.37 32.48
N LEU E 262 6.67 1.13 33.49
CA LEU E 262 5.38 0.45 33.33
C LEU E 262 4.28 1.39 33.80
N LEU E 263 3.40 1.77 32.89
CA LEU E 263 2.35 2.75 33.15
C LEU E 263 0.99 2.07 33.15
N ASN E 264 0.11 2.53 34.04
CA ASN E 264 -1.29 2.10 34.10
C ASN E 264 -1.41 0.58 34.17
N GLY E 265 -0.46 -0.06 34.86
CA GLY E 265 -0.41 -1.50 34.98
C GLY E 265 -0.91 -2.00 36.33
N SER E 266 -0.82 -3.30 36.50
CA SER E 266 -1.28 -3.95 37.73
C SER E 266 -0.28 -3.75 38.86
N LEU E 267 -0.70 -4.14 40.06
CA LEU E 267 0.09 -3.99 41.27
C LEU E 267 0.79 -5.28 41.63
N ALA E 268 1.71 -5.19 42.58
CA ALA E 268 2.41 -6.35 43.14
C ALA E 268 1.69 -6.80 44.40
N GLU E 269 1.26 -8.07 44.42
CA GLU E 269 0.47 -8.60 45.51
C GLU E 269 1.39 -9.21 46.56
N GLY E 270 1.34 -8.67 47.78
CA GLY E 270 2.02 -9.24 48.92
C GLY E 270 3.48 -8.89 49.07
N LYS E 271 4.16 -8.56 47.99
CA LYS E 271 5.61 -8.35 48.05
C LYS E 271 6.07 -7.76 46.73
N VAL E 272 7.13 -6.95 46.80
CA VAL E 272 7.71 -6.37 45.60
C VAL E 272 8.28 -7.49 44.74
N MET E 273 7.94 -7.48 43.45
CA MET E 273 8.35 -8.53 42.54
C MET E 273 9.63 -8.12 41.80
N ILE E 274 10.61 -9.01 41.78
CA ILE E 274 11.87 -8.80 41.10
C ILE E 274 12.16 -10.03 40.25
N ARG E 275 12.47 -9.80 38.96
CA ARG E 275 12.55 -10.89 37.99
C ARG E 275 13.73 -10.63 37.05
N SER E 276 14.27 -11.71 36.50
CA SER E 276 15.34 -11.65 35.53
C SER E 276 15.53 -13.04 34.93
N GLU E 277 15.84 -13.09 33.64
CA GLU E 277 15.95 -14.37 32.94
C GLU E 277 17.06 -15.23 33.55
N ASN E 278 18.29 -14.72 33.51
CA ASN E 278 19.45 -15.33 34.16
C ASN E 278 19.95 -14.30 35.16
N ILE E 279 19.51 -14.44 36.41
CA ILE E 279 19.84 -13.45 37.44
C ILE E 279 21.35 -13.31 37.63
N THR E 280 22.11 -14.37 37.35
CA THR E 280 23.56 -14.24 37.40
C THR E 280 24.10 -13.38 36.26
N ASN E 281 23.55 -13.55 35.05
CA ASN E 281 24.03 -12.79 33.90
C ASN E 281 23.55 -11.36 33.95
N ASN E 282 24.38 -10.46 33.43
CA ASN E 282 24.12 -9.03 33.55
C ASN E 282 23.32 -8.46 32.38
N VAL E 283 23.47 -9.01 31.17
CA VAL E 283 22.75 -8.45 30.03
C VAL E 283 21.25 -8.65 30.17
N LYS E 284 20.83 -9.71 30.85
CA LYS E 284 19.40 -9.97 31.05
C LYS E 284 18.79 -8.87 31.91
N ASN E 285 17.82 -8.16 31.35
CA ASN E 285 17.23 -7.02 32.05
C ASN E 285 16.50 -7.48 33.30
N ILE E 286 16.39 -6.55 34.25
CA ILE E 286 15.77 -6.78 35.55
C ILE E 286 14.40 -6.12 35.54
N ILE E 287 13.35 -6.91 35.80
CA ILE E 287 11.98 -6.42 35.87
C ILE E 287 11.64 -6.17 37.33
N VAL E 288 10.97 -5.06 37.60
CA VAL E 288 10.59 -4.64 38.94
C VAL E 288 9.10 -4.31 38.91
N GLN E 289 8.34 -4.91 39.81
CA GLN E 289 6.91 -4.61 39.99
C GLN E 289 6.69 -4.19 41.44
N LEU E 290 6.22 -2.96 41.63
CA LEU E 290 6.00 -2.41 42.96
C LEU E 290 4.59 -2.69 43.43
N ASN E 291 4.36 -2.42 44.73
CA ASN E 291 3.03 -2.47 45.34
C ASN E 291 2.59 -1.09 45.80
N GLU E 292 3.01 -0.04 45.07
CA GLU E 292 2.68 1.33 45.42
C GLU E 292 2.89 2.19 44.20
N THR E 293 1.85 2.93 43.80
CA THR E 293 1.89 3.70 42.58
C THR E 293 2.34 5.13 42.85
N VAL E 294 2.51 5.89 41.77
CA VAL E 294 2.93 7.30 41.85
C VAL E 294 2.15 8.07 40.80
N THR E 295 1.82 9.32 41.13
CA THR E 295 1.08 10.19 40.22
C THR E 295 2.07 10.87 39.28
N ILE E 296 2.31 10.24 38.13
CA ILE E 296 3.22 10.78 37.13
C ILE E 296 2.39 11.67 36.21
N ASN E 297 2.59 12.99 36.30
CA ASN E 297 1.87 13.96 35.47
C ASN E 297 2.86 14.59 34.49
N CYS E 298 3.05 13.97 33.32
CA CYS E 298 3.72 14.66 32.22
C CYS E 298 2.68 15.39 31.37
N THR E 299 2.91 16.69 31.15
CA THR E 299 1.84 17.60 30.76
C THR E 299 2.41 18.71 29.89
N ARG E 300 1.62 19.10 28.89
CA ARG E 300 1.78 20.37 28.19
C ARG E 300 0.58 21.24 28.58
N PRO E 301 0.72 22.17 29.54
CA PRO E 301 -0.43 23.02 29.88
C PRO E 301 -0.79 24.06 28.83
N ASN E 302 0.20 24.70 28.22
CA ASN E 302 -0.07 25.75 27.23
C ASN E 302 -0.92 25.20 26.10
N ASN E 303 -1.95 25.97 25.73
CA ASN E 303 -2.93 25.47 24.77
C ASN E 303 -2.27 25.24 23.41
N ASN E 304 -2.91 24.37 22.62
CA ASN E 304 -2.42 23.92 21.32
C ASN E 304 -3.31 24.49 20.21
N THR E 305 -3.00 24.10 18.97
CA THR E 305 -3.65 24.63 17.79
C THR E 305 -3.79 23.54 16.74
N ARG E 306 -4.85 23.64 15.95
CA ARG E 306 -5.10 22.74 14.83
C ARG E 306 -5.66 23.56 13.68
N LYS E 307 -5.23 23.23 12.46
CA LYS E 307 -5.70 23.89 11.25
C LYS E 307 -5.86 22.84 10.16
N SER E 308 -7.10 22.49 9.84
CA SER E 308 -7.38 21.54 8.77
C SER E 308 -7.40 22.28 7.45
N VAL E 309 -6.50 21.90 6.54
CA VAL E 309 -6.28 22.61 5.29
C VAL E 309 -6.34 21.62 4.15
N ARG E 310 -7.14 21.94 3.14
CA ARG E 310 -7.37 21.04 2.01
C ARG E 310 -6.19 21.11 1.03
N ILE E 311 -5.56 19.97 0.81
CA ILE E 311 -4.49 19.84 -0.19
C ILE E 311 -5.13 19.37 -1.48
N GLY E 312 -5.82 18.23 -1.42
CA GLY E 312 -6.36 17.59 -2.59
C GLY E 312 -7.69 16.91 -2.30
N PRO E 313 -8.19 16.13 -3.26
CA PRO E 313 -9.48 15.44 -3.05
C PRO E 313 -9.34 14.28 -2.07
N GLY E 314 -9.24 14.64 -0.79
CA GLY E 314 -8.98 13.68 0.29
C GLY E 314 -7.76 14.05 1.10
N GLN E 315 -6.77 14.65 0.45
CA GLN E 315 -5.57 15.09 1.15
C GLN E 315 -5.88 16.35 1.95
N THR E 316 -6.00 16.19 3.27
CA THR E 316 -6.29 17.29 4.18
C THR E 316 -5.29 17.24 5.33
N PHE E 317 -4.45 18.27 5.43
CA PHE E 317 -3.39 18.30 6.41
C PHE E 317 -3.84 19.01 7.69
N TYR E 318 -3.39 18.49 8.82
CA TYR E 318 -3.69 19.05 10.14
C TYR E 318 -2.44 19.78 10.63
N ALA E 319 -2.39 21.08 10.36
CA ALA E 319 -1.22 21.89 10.72
C ALA E 319 -1.31 22.38 12.15
N THR E 320 -0.14 22.50 12.78
CA THR E 320 -0.01 23.10 14.10
C THR E 320 -0.05 24.61 13.95
N GLY E 321 -1.20 25.21 14.28
CA GLY E 321 -1.37 26.64 14.14
C GLY E 321 -0.49 27.43 15.10
N ASP E 322 -0.56 28.75 14.94
CA ASP E 322 0.18 29.67 15.80
C ASP E 322 -0.59 29.88 17.09
N ILE E 323 -0.02 29.45 18.21
CA ILE E 323 -0.72 29.51 19.48
C ILE E 323 -0.78 30.96 19.96
N ILE E 324 -1.89 31.31 20.61
CA ILE E 324 -2.09 32.64 21.19
C ILE E 324 -1.78 32.56 22.68
N GLY E 325 -0.99 33.52 23.16
CA GLY E 325 -0.67 33.62 24.57
C GLY E 325 0.72 33.13 24.88
N ASP E 326 0.96 32.95 26.18
CA ASP E 326 2.24 32.43 26.66
C ASP E 326 2.37 30.95 26.30
N ILE E 327 3.55 30.58 25.78
CA ILE E 327 3.81 29.22 25.30
C ILE E 327 5.08 28.75 26.02
N ARG E 328 4.89 28.03 27.12
CA ARG E 328 6.00 27.40 27.83
C ARG E 328 6.20 25.98 27.30
N GLN E 329 7.45 25.51 27.39
CA GLN E 329 7.77 24.18 26.94
C GLN E 329 7.06 23.13 27.81
N ALA E 330 6.55 22.09 27.16
CA ALA E 330 5.88 21.03 27.90
C ALA E 330 6.86 20.34 28.84
N HIS E 331 6.40 20.04 30.04
CA HIS E 331 7.28 19.54 31.10
C HIS E 331 6.50 18.50 31.89
N CYS E 332 7.05 18.05 33.01
CA CYS E 332 6.44 16.93 33.71
C CYS E 332 6.73 17.05 35.21
N ASN E 333 5.91 16.34 36.00
CA ASN E 333 5.94 16.38 37.45
C ASN E 333 5.77 14.98 38.02
N VAL E 334 6.44 14.71 39.14
CA VAL E 334 6.31 13.47 39.89
C VAL E 334 6.50 13.81 41.36
N SER E 335 5.97 12.95 42.24
CA SER E 335 6.18 13.07 43.68
C SER E 335 7.44 12.27 44.01
N GLY E 336 8.58 12.97 44.11
CA GLY E 336 9.82 12.30 44.42
C GLY E 336 9.85 11.63 45.78
N SER E 337 8.99 12.05 46.70
CA SER E 337 8.96 11.44 48.03
C SER E 337 8.45 10.01 47.97
N GLN E 338 7.37 9.79 47.23
CA GLN E 338 6.89 8.42 47.02
C GLN E 338 7.93 7.60 46.28
N TRP E 339 8.66 8.23 45.35
CA TRP E 339 9.77 7.56 44.71
C TRP E 339 10.81 7.12 45.74
N ASN E 340 11.12 7.99 46.70
CA ASN E 340 12.12 7.67 47.70
C ASN E 340 11.67 6.50 48.58
N ARG E 341 10.43 6.52 49.03
CA ARG E 341 9.99 5.43 49.92
C ARG E 341 9.85 4.12 49.16
N ALA E 342 9.37 4.16 47.91
CA ALA E 342 9.36 2.94 47.11
C ALA E 342 10.76 2.46 46.82
N LEU E 343 11.73 3.38 46.72
CA LEU E 343 13.11 2.97 46.55
C LEU E 343 13.64 2.29 47.80
N HIS E 344 13.27 2.82 48.98
CA HIS E 344 13.62 2.13 50.22
C HIS E 344 13.08 0.71 50.22
N GLN E 345 11.81 0.54 49.81
CA GLN E 345 11.23 -0.78 49.70
C GLN E 345 12.05 -1.69 48.78
N VAL E 346 12.31 -1.22 47.56
CA VAL E 346 12.92 -2.11 46.57
C VAL E 346 14.37 -2.40 46.92
N VAL E 347 15.08 -1.45 47.56
CA VAL E 347 16.46 -1.71 47.91
C VAL E 347 16.55 -2.57 49.16
N GLY E 348 15.54 -2.52 50.04
CA GLY E 348 15.42 -3.56 51.05
C GLY E 348 15.14 -4.92 50.46
N GLN E 349 14.53 -4.95 49.26
CA GLN E 349 14.28 -6.21 48.57
C GLN E 349 15.41 -6.62 47.63
N LEU E 350 16.24 -5.69 47.15
CA LEU E 350 17.17 -5.98 46.07
C LEU E 350 18.42 -6.77 46.51
N ARG E 351 18.53 -7.17 47.77
CA ARG E 351 19.75 -7.82 48.24
C ARG E 351 19.73 -9.27 47.74
N GLU E 352 20.12 -9.44 46.48
CA GLU E 352 20.15 -10.79 45.91
C GLU E 352 21.29 -11.61 46.53
N TYR E 353 22.52 -11.13 46.37
CA TYR E 353 23.66 -11.56 47.20
C TYR E 353 24.34 -10.30 47.72
N TRP E 354 23.90 -9.81 48.87
CA TRP E 354 24.37 -8.55 49.43
C TRP E 354 23.82 -8.44 50.84
N ASN E 355 24.34 -7.45 51.59
CA ASN E 355 23.48 -6.85 52.61
C ASN E 355 23.36 -5.34 52.49
N THR E 356 24.43 -4.64 52.08
CA THR E 356 24.33 -3.23 51.67
C THR E 356 25.34 -2.95 50.57
N THR E 357 24.91 -2.99 49.30
CA THR E 357 25.67 -2.32 48.24
C THR E 357 24.76 -2.12 47.04
N ILE E 358 24.61 -0.88 46.59
CA ILE E 358 23.89 -0.58 45.34
C ILE E 358 24.33 0.80 44.86
N ILE E 359 24.38 0.96 43.54
CA ILE E 359 24.57 2.25 42.89
C ILE E 359 23.70 2.26 41.64
N PHE E 360 23.16 3.43 41.30
CA PHE E 360 22.44 3.65 40.05
C PHE E 360 23.20 4.65 39.19
N LYS E 361 23.34 4.34 37.91
CA LYS E 361 23.97 5.23 36.93
C LYS E 361 23.06 5.33 35.72
N ASN E 362 23.00 6.53 35.12
CA ASN E 362 22.21 6.70 33.92
C ASN E 362 22.91 6.04 32.72
N SER E 363 22.12 5.71 31.71
CA SER E 363 22.66 5.10 30.49
C SER E 363 23.65 6.06 29.84
N SER E 364 24.88 5.57 29.64
CA SER E 364 25.95 6.40 29.09
C SER E 364 25.88 6.55 27.57
N GLY E 365 24.84 6.05 26.92
CA GLY E 365 24.74 6.20 25.49
C GLY E 365 23.60 5.37 24.94
N GLY E 366 23.36 5.53 23.64
CA GLY E 366 22.29 4.85 22.95
C GLY E 366 21.57 5.76 21.97
N ASP E 367 20.25 5.84 22.09
CA ASP E 367 19.43 6.67 21.22
C ASP E 367 18.28 7.24 22.03
N LEU E 368 17.67 8.30 21.50
CA LEU E 368 16.60 8.98 22.23
C LEU E 368 15.41 8.06 22.42
N GLU E 369 15.14 7.19 21.44
CA GLU E 369 14.04 6.25 21.57
C GLU E 369 14.26 5.26 22.71
N ILE E 370 15.51 5.05 23.14
CA ILE E 370 15.83 4.17 24.25
C ILE E 370 16.44 4.92 25.43
N THR E 371 16.92 6.15 25.25
CA THR E 371 17.58 6.88 26.32
C THR E 371 16.61 7.44 27.34
N THR E 372 15.40 7.80 26.91
CA THR E 372 14.40 8.46 27.75
C THR E 372 13.21 7.53 27.98
N HIS E 373 12.26 8.02 28.79
CA HIS E 373 11.00 7.31 29.02
C HIS E 373 10.01 7.80 27.99
N SER E 374 9.83 7.02 26.92
CA SER E 374 9.01 7.41 25.79
C SER E 374 7.67 6.68 25.83
N PHE E 375 6.59 7.42 25.55
CA PHE E 375 5.26 6.84 25.49
C PHE E 375 4.40 7.70 24.59
N ASN E 376 3.18 7.24 24.35
CA ASN E 376 2.20 7.96 23.55
C ASN E 376 1.05 8.40 24.45
N CYS E 377 0.51 9.59 24.17
CA CYS E 377 -0.54 10.15 25.00
C CYS E 377 -1.24 11.23 24.19
N GLY E 378 -2.55 11.09 24.03
CA GLY E 378 -3.34 12.02 23.24
C GLY E 378 -2.79 12.22 21.84
N GLY E 379 -2.19 11.18 21.28
CA GLY E 379 -1.51 11.26 19.99
C GLY E 379 -0.07 11.74 20.08
N GLU E 380 0.20 12.72 20.94
CA GLU E 380 1.55 13.23 21.06
C GLU E 380 2.45 12.18 21.70
N PHE E 381 3.65 12.02 21.16
CA PHE E 381 4.61 11.07 21.71
C PHE E 381 5.46 11.81 22.74
N PHE E 382 5.14 11.60 24.02
CA PHE E 382 5.85 12.28 25.09
C PHE E 382 7.09 11.47 25.44
N TYR E 383 8.25 12.09 25.24
CA TYR E 383 9.54 11.54 25.65
C TYR E 383 9.93 12.26 26.94
N CYS E 384 9.43 11.76 28.07
CA CYS E 384 9.72 12.38 29.36
C CYS E 384 11.04 11.79 29.89
N ASN E 385 11.93 12.66 30.35
CA ASN E 385 13.33 12.32 30.62
C ASN E 385 13.48 11.82 32.06
N THR E 386 13.56 10.51 32.23
CA THR E 386 13.61 9.93 33.58
C THR E 386 15.03 9.95 34.15
N SER E 387 15.65 11.12 34.18
CA SER E 387 17.01 11.25 34.69
C SER E 387 17.08 11.38 36.21
N GLY E 388 15.94 11.55 36.89
CA GLY E 388 15.97 11.69 38.34
C GLY E 388 16.26 10.43 39.11
N LEU E 389 16.45 9.29 38.44
CA LEU E 389 16.70 8.04 39.13
C LEU E 389 18.14 7.93 39.61
N PHE E 390 19.09 8.00 38.69
CA PHE E 390 20.48 7.64 38.99
C PHE E 390 21.13 8.57 40.01
N ASN E 391 20.61 9.79 40.20
CA ASN E 391 21.23 10.73 41.14
C ASN E 391 20.84 10.30 42.54
N SER E 392 21.50 9.25 43.02
CA SER E 392 21.21 8.70 44.34
C SER E 392 22.31 7.73 44.73
N ASN E 393 22.64 7.71 46.03
CA ASN E 393 23.56 6.71 46.59
C ASN E 393 22.87 6.09 47.81
N TRP E 394 22.11 5.02 47.57
CA TRP E 394 21.48 4.24 48.64
C TRP E 394 22.39 3.10 49.10
N THR E 395 23.63 3.39 49.50
CA THR E 395 24.58 2.31 49.71
C THR E 395 24.23 1.50 50.94
N HIS E 396 24.18 2.15 52.11
CA HIS E 396 23.78 1.51 53.37
C HIS E 396 22.48 2.04 53.93
N ASN E 397 22.36 3.36 54.07
CA ASN E 397 21.26 3.99 54.79
C ASN E 397 20.20 4.50 53.82
N ASP E 398 18.95 4.46 54.28
CA ASP E 398 17.80 4.88 53.49
C ASP E 398 17.12 6.13 54.05
N THR E 399 17.41 6.51 55.30
CA THR E 399 16.79 7.71 55.87
C THR E 399 17.29 8.97 55.19
N ALA E 400 18.57 9.00 54.79
CA ALA E 400 19.16 10.20 54.22
C ALA E 400 18.49 10.62 52.92
N SER E 401 17.87 9.68 52.20
CA SER E 401 17.14 9.96 50.98
C SER E 401 15.63 9.81 51.14
N MET E 402 15.16 9.24 52.26
CA MET E 402 13.74 9.22 52.58
C MET E 402 13.30 10.50 53.29
N LYS E 403 14.14 11.02 54.18
CA LYS E 403 13.78 12.25 54.90
C LYS E 403 13.67 13.46 53.97
N PRO E 404 14.47 13.61 52.91
CA PRO E 404 14.23 14.70 51.95
C PRO E 404 13.01 14.46 51.06
N ASN E 405 11.81 14.47 51.66
CA ASN E 405 10.59 14.30 50.87
C ASN E 405 10.35 15.56 50.04
N ASP E 406 10.51 15.44 48.72
CA ASP E 406 10.40 16.58 47.82
C ASP E 406 9.76 16.15 46.50
N THR E 407 8.98 17.05 45.93
CA THR E 407 8.32 16.82 44.65
C THR E 407 9.25 17.21 43.51
N ILE E 408 9.43 16.31 42.55
CA ILE E 408 10.36 16.50 41.46
C ILE E 408 9.61 17.07 40.25
N THR E 409 10.19 18.11 39.65
CA THR E 409 9.80 18.61 38.33
C THR E 409 10.91 18.25 37.35
N LEU E 410 10.54 17.83 36.16
CA LEU E 410 11.49 17.38 35.16
C LEU E 410 11.10 17.89 33.78
N PRO E 411 12.05 17.95 32.85
CA PRO E 411 11.70 18.29 31.46
C PRO E 411 11.29 17.07 30.67
N CYS E 412 10.20 17.21 29.91
CA CYS E 412 9.70 16.15 29.06
C CYS E 412 9.52 16.70 27.64
N ARG E 413 10.24 16.12 26.69
CA ARG E 413 10.14 16.52 25.30
C ARG E 413 8.89 15.94 24.65
N ILE E 414 8.53 16.51 23.49
CA ILE E 414 7.39 16.09 22.70
C ILE E 414 7.85 15.71 21.30
N LYS E 415 7.14 14.76 20.69
CA LYS E 415 7.42 14.33 19.33
C LYS E 415 6.10 14.07 18.61
N GLN E 416 6.16 14.23 17.29
CA GLN E 416 5.01 14.05 16.39
C GLN E 416 5.07 12.75 15.60
N ILE E 417 6.26 12.30 15.24
CA ILE E 417 6.43 11.11 14.40
C ILE E 417 7.04 9.99 15.25
N ILE E 418 7.01 8.77 14.70
CA ILE E 418 7.56 7.61 15.39
C ILE E 418 7.76 6.51 14.38
N ASN E 419 8.71 5.61 14.67
CA ASN E 419 8.90 4.36 13.93
C ASN E 419 8.91 3.27 14.99
N MET E 420 7.72 2.75 15.29
CA MET E 420 7.56 1.79 16.38
C MET E 420 8.35 0.52 16.10
N TRP E 421 8.99 -0.01 17.14
CA TRP E 421 9.76 -1.26 17.08
C TRP E 421 10.99 -1.15 16.18
N GLN E 422 11.48 0.06 15.89
CA GLN E 422 12.72 0.31 15.17
C GLN E 422 12.69 -0.11 13.71
N ARG E 423 11.54 -0.56 13.19
CA ARG E 423 11.41 -0.92 11.79
C ARG E 423 11.33 0.35 10.94
N VAL E 424 12.18 0.41 9.91
CA VAL E 424 12.20 1.54 8.98
C VAL E 424 11.23 1.19 7.84
N GLY E 425 9.96 1.55 8.01
CA GLY E 425 8.97 1.41 6.96
C GLY E 425 8.06 2.62 6.84
N GLN E 426 6.75 2.39 6.83
CA GLN E 426 5.79 3.48 6.88
C GLN E 426 5.80 4.12 8.27
N ALA E 427 5.84 5.44 8.31
CA ALA E 427 5.88 6.22 9.53
C ALA E 427 4.56 6.98 9.70
N ILE E 428 4.21 7.23 10.95
CA ILE E 428 2.96 7.89 11.32
C ILE E 428 3.27 9.34 11.65
N TYR E 429 2.41 10.25 11.19
CA TYR E 429 2.47 11.67 11.54
C TYR E 429 1.31 11.97 12.47
N ALA E 430 1.58 12.05 13.77
CA ALA E 430 0.52 12.32 14.72
C ALA E 430 -0.02 13.74 14.51
N PRO E 431 -1.29 13.97 14.81
CA PRO E 431 -1.91 15.26 14.47
C PRO E 431 -1.76 16.26 15.60
N PRO E 432 -2.03 17.54 15.34
CA PRO E 432 -2.25 18.47 16.45
C PRO E 432 -3.41 18.04 17.32
N ILE E 433 -3.36 18.47 18.58
CA ILE E 433 -4.16 17.96 19.69
C ILE E 433 -5.00 19.07 20.28
N GLN E 434 -5.37 20.06 19.46
CA GLN E 434 -5.65 21.45 19.84
C GLN E 434 -6.44 21.56 21.15
N GLY E 435 -5.91 22.39 22.05
CA GLY E 435 -6.22 22.34 23.46
C GLY E 435 -4.96 22.16 24.29
N VAL E 436 -5.10 21.45 25.41
CA VAL E 436 -3.99 21.16 26.31
C VAL E 436 -3.78 19.65 26.34
N ILE E 437 -2.65 19.23 26.90
CA ILE E 437 -2.33 17.81 27.02
C ILE E 437 -1.98 17.53 28.48
N ARG E 438 -2.71 16.60 29.09
CA ARG E 438 -2.40 16.06 30.40
C ARG E 438 -2.21 14.56 30.27
N CYS E 439 -1.13 14.04 30.86
CA CYS E 439 -0.95 12.60 31.04
C CYS E 439 -0.62 12.40 32.51
N GLU E 440 -1.68 12.23 33.30
CA GLU E 440 -1.58 11.84 34.70
C GLU E 440 -1.84 10.35 34.78
N SER E 441 -0.88 9.59 35.30
CA SER E 441 -0.97 8.14 35.27
C SER E 441 -0.31 7.55 36.50
N ASN E 442 -0.52 6.25 36.66
CA ASN E 442 0.05 5.45 37.73
C ASN E 442 1.19 4.60 37.18
N ILE E 443 2.40 4.81 37.67
CA ILE E 443 3.49 3.89 37.42
C ILE E 443 3.39 2.72 38.39
N THR E 444 3.76 1.53 37.93
CA THR E 444 3.81 0.35 38.80
C THR E 444 5.07 -0.47 38.67
N GLY E 445 5.89 -0.27 37.64
CA GLY E 445 7.06 -1.09 37.46
C GLY E 445 8.15 -0.43 36.64
N LEU E 446 9.27 -1.13 36.56
CA LEU E 446 10.46 -0.62 35.88
C LEU E 446 11.21 -1.78 35.24
N ILE E 447 12.03 -1.45 34.25
CA ILE E 447 12.96 -2.38 33.63
C ILE E 447 14.34 -1.73 33.63
N LEU E 448 15.36 -2.51 34.02
CA LEU E 448 16.72 -1.98 34.15
C LEU E 448 17.70 -3.03 33.64
N THR E 449 18.99 -2.75 33.83
CA THR E 449 20.07 -3.67 33.54
C THR E 449 21.22 -3.37 34.49
N ARG E 450 21.88 -4.42 34.98
CA ARG E 450 23.09 -4.22 35.75
C ARG E 450 24.28 -4.01 34.81
N ASP E 451 25.30 -3.32 35.35
CA ASP E 451 26.45 -2.91 34.55
C ASP E 451 27.15 -4.10 33.92
N GLY E 452 27.63 -3.91 32.69
CA GLY E 452 28.30 -4.94 31.93
C GLY E 452 29.63 -5.31 32.53
N GLY E 453 30.58 -4.37 32.52
CA GLY E 453 31.91 -4.63 33.07
C GLY E 453 31.98 -4.26 34.53
N GLY E 454 31.18 -4.95 35.34
CA GLY E 454 31.14 -4.72 36.76
C GLY E 454 32.09 -5.62 37.54
N ASN E 455 32.49 -5.14 38.71
CA ASN E 455 33.39 -5.91 39.56
C ASN E 455 32.67 -7.14 40.11
N ILE E 456 33.40 -7.96 40.86
CA ILE E 456 32.83 -9.20 41.37
C ILE E 456 32.00 -8.93 42.62
N ASN E 457 32.60 -8.26 43.61
CA ASN E 457 31.88 -7.83 44.81
C ASN E 457 32.22 -6.41 45.25
N GLU E 458 32.92 -5.62 44.44
CA GLU E 458 33.33 -4.30 44.90
C GLU E 458 32.14 -3.37 45.05
N SER E 459 31.41 -3.15 43.95
CA SER E 459 30.18 -2.35 44.02
C SER E 459 29.32 -2.70 42.82
N GLN E 460 28.13 -3.24 43.06
CA GLN E 460 27.20 -3.47 41.96
C GLN E 460 26.62 -2.15 41.48
N ILE E 461 26.35 -2.08 40.18
CA ILE E 461 25.75 -0.91 39.54
C ILE E 461 24.55 -1.37 38.70
N PHE E 462 23.46 -0.62 38.78
CA PHE E 462 22.34 -0.77 37.86
C PHE E 462 22.19 0.51 37.04
N ARG E 463 21.39 0.41 35.99
CA ARG E 463 21.23 1.48 35.02
C ARG E 463 19.99 1.19 34.18
N PRO E 464 19.44 2.20 33.50
CA PRO E 464 18.21 1.97 32.73
C PRO E 464 18.46 1.47 31.33
N GLY E 465 17.55 0.60 30.87
CA GLY E 465 17.58 0.07 29.52
C GLY E 465 16.18 -0.10 28.98
N GLY E 466 15.97 0.24 27.70
CA GLY E 466 14.65 0.16 27.10
C GLY E 466 14.65 -0.33 25.67
N GLY E 467 15.77 -0.90 25.21
CA GLY E 467 15.80 -1.43 23.86
C GLY E 467 14.85 -2.60 23.66
N ASP E 468 14.67 -3.43 24.68
CA ASP E 468 13.74 -4.55 24.62
C ASP E 468 12.33 -4.02 24.89
N MET E 469 11.59 -3.76 23.82
CA MET E 469 10.19 -3.35 23.94
C MET E 469 9.26 -4.52 24.25
N ARG E 470 9.77 -5.75 24.24
CA ARG E 470 8.91 -6.92 24.36
C ARG E 470 8.60 -7.28 25.81
N ASP E 471 9.49 -6.96 26.74
CA ASP E 471 9.30 -7.35 28.14
C ASP E 471 8.16 -6.59 28.79
N ASN E 472 7.84 -5.39 28.29
CA ASN E 472 6.76 -4.59 28.88
C ASN E 472 5.42 -5.32 28.83
N TRP E 473 5.24 -6.21 27.86
CA TRP E 473 3.98 -6.91 27.67
C TRP E 473 3.92 -8.20 28.48
N ARG E 474 5.05 -8.89 28.62
CA ARG E 474 5.11 -10.08 29.47
C ARG E 474 5.21 -9.75 30.94
N SER E 475 5.50 -8.49 31.29
CA SER E 475 5.62 -8.09 32.68
C SER E 475 4.30 -8.19 33.45
N GLU E 476 3.18 -8.44 32.78
CA GLU E 476 1.88 -8.65 33.38
C GLU E 476 1.28 -10.01 33.06
N LEU E 477 1.58 -10.56 31.88
CA LEU E 477 1.20 -11.92 31.52
C LEU E 477 2.16 -12.97 32.09
N TYR E 478 3.13 -12.56 32.92
CA TYR E 478 4.00 -13.50 33.61
C TYR E 478 3.23 -14.60 34.35
N LYS E 479 2.07 -14.27 34.91
CA LYS E 479 1.23 -15.30 35.51
C LYS E 479 0.54 -16.15 34.46
N TYR E 480 0.28 -15.59 33.28
CA TYR E 480 -0.53 -16.25 32.26
C TYR E 480 0.33 -17.12 31.36
N LYS E 481 -0.07 -18.39 31.23
CA LYS E 481 0.55 -19.33 30.30
C LYS E 481 -0.54 -19.97 29.46
N VAL E 482 -0.32 -20.03 28.16
CA VAL E 482 -1.29 -20.63 27.23
C VAL E 482 -1.02 -22.12 27.14
N VAL E 483 -2.09 -22.91 27.15
CA VAL E 483 -1.99 -24.36 27.22
C VAL E 483 -3.05 -24.98 26.32
N ARG E 484 -2.69 -26.09 25.66
CA ARG E 484 -3.63 -26.83 24.83
C ARG E 484 -4.52 -27.69 25.73
N ILE E 485 -5.40 -28.48 25.11
CA ILE E 485 -6.34 -29.35 25.81
C ILE E 485 -6.38 -30.68 25.05
N GLU E 486 -5.85 -31.73 25.67
CA GLU E 486 -5.90 -33.09 25.15
C GLU E 486 -6.79 -33.93 26.05
N PRO E 487 -8.12 -33.92 25.89
CA PRO E 487 -9.00 -34.55 26.89
C PRO E 487 -8.82 -36.05 27.03
N LEU E 488 -8.11 -36.71 26.11
CA LEU E 488 -7.94 -38.16 26.18
C LEU E 488 -7.23 -38.56 27.47
N GLY E 489 -7.69 -39.66 28.05
CA GLY E 489 -7.04 -40.25 29.20
C GLY E 489 -7.14 -41.76 29.13
N VAL E 490 -6.22 -42.43 29.83
CA VAL E 490 -6.17 -43.89 29.84
C VAL E 490 -5.77 -44.35 31.23
N ALA E 491 -6.27 -45.52 31.62
CA ALA E 491 -5.92 -46.10 32.91
C ALA E 491 -6.28 -47.58 32.89
N PRO E 492 -5.63 -48.42 33.71
CA PRO E 492 -5.99 -49.84 33.75
C PRO E 492 -7.05 -50.15 34.80
N THR E 493 -7.89 -51.14 34.48
CA THR E 493 -8.91 -51.62 35.39
C THR E 493 -9.10 -53.11 35.15
N LYS E 494 -9.98 -53.73 35.95
CA LYS E 494 -10.23 -55.16 35.88
C LYS E 494 -11.44 -55.53 35.05
N ALA E 495 -12.26 -54.57 34.64
CA ALA E 495 -13.42 -54.84 33.81
C ALA E 495 -13.00 -55.01 32.35
N LYS E 496 -13.98 -55.26 31.49
CA LYS E 496 -13.70 -55.45 30.07
C LYS E 496 -14.97 -55.20 29.27
N ARG E 497 -14.78 -55.00 27.96
CA ARG E 497 -15.89 -54.70 27.07
C ARG E 497 -16.60 -56.01 26.69
N ARG E 498 -17.52 -55.90 25.72
CA ARG E 498 -18.30 -57.06 25.28
C ARG E 498 -17.42 -58.04 24.49
N VAL E 499 -17.74 -59.32 24.62
CA VAL E 499 -17.02 -60.40 23.95
C VAL E 499 -18.05 -61.41 23.45
N VAL E 500 -17.72 -62.02 22.32
CA VAL E 500 -18.62 -62.99 21.67
C VAL E 500 -18.32 -64.40 22.12
N GLU E 501 -17.06 -64.82 22.01
CA GLU E 501 -16.64 -66.15 22.43
C GLU E 501 -15.20 -66.10 22.95
N GLY F 11 -15.97 -25.47 39.67
CA GLY F 11 -15.45 -26.62 38.98
C GLY F 11 -16.05 -26.79 37.59
N PHE F 12 -15.58 -25.98 36.64
CA PHE F 12 -16.09 -26.01 35.28
C PHE F 12 -15.26 -26.92 34.38
N LEU F 13 -13.94 -26.85 34.50
CA LEU F 13 -13.02 -27.71 33.75
C LEU F 13 -12.06 -28.49 34.63
N GLY F 14 -11.65 -27.92 35.76
CA GLY F 14 -10.66 -28.54 36.63
C GLY F 14 -11.29 -29.22 37.84
N THR F 15 -11.15 -28.57 39.00
CA THR F 15 -11.59 -29.07 40.31
C THR F 15 -11.18 -30.52 40.56
N ALA F 16 -10.00 -30.90 40.05
CA ALA F 16 -9.33 -32.15 40.41
C ALA F 16 -7.91 -31.77 40.79
N GLY F 17 -7.69 -31.47 42.07
CA GLY F 17 -6.36 -31.06 42.49
C GLY F 17 -5.43 -32.20 42.81
N SER F 18 -5.86 -33.07 43.73
CA SER F 18 -5.26 -34.39 43.93
C SER F 18 -6.40 -35.40 43.90
N THR F 19 -6.73 -35.91 42.72
CA THR F 19 -7.84 -36.85 42.56
C THR F 19 -7.62 -37.61 41.26
N MET F 20 -7.49 -38.94 41.35
CA MET F 20 -7.57 -39.81 40.18
C MET F 20 -8.79 -40.71 40.22
N GLY F 21 -8.99 -41.46 41.31
CA GLY F 21 -10.22 -42.23 41.44
C GLY F 21 -11.44 -41.35 41.60
N ALA F 22 -11.33 -40.28 42.38
CA ALA F 22 -12.37 -39.28 42.46
C ALA F 22 -12.51 -38.49 41.16
N ALA F 23 -11.50 -38.53 40.29
CA ALA F 23 -11.58 -37.90 38.99
C ALA F 23 -12.24 -38.80 37.93
N SER F 24 -12.72 -39.99 38.32
CA SER F 24 -13.45 -40.87 37.44
C SER F 24 -14.95 -40.64 37.47
N ILE F 25 -15.41 -39.56 38.10
CA ILE F 25 -16.83 -39.24 38.22
C ILE F 25 -17.18 -37.86 37.71
N THR F 26 -16.23 -36.93 37.60
CA THR F 26 -16.46 -35.57 37.16
C THR F 26 -16.07 -35.35 35.70
N LEU F 27 -16.24 -36.38 34.87
CA LEU F 27 -15.77 -36.32 33.49
C LEU F 27 -16.64 -35.40 32.64
N THR F 28 -17.96 -35.47 32.83
CA THR F 28 -18.87 -34.78 31.90
C THR F 28 -18.82 -33.26 32.06
N VAL F 29 -18.47 -32.77 33.25
CA VAL F 29 -18.38 -31.34 33.46
C VAL F 29 -17.31 -30.70 32.57
N GLN F 30 -16.33 -31.49 32.12
CA GLN F 30 -15.33 -30.99 31.19
C GLN F 30 -15.85 -30.99 29.76
N VAL F 31 -16.50 -32.08 29.34
CA VAL F 31 -16.94 -32.17 27.95
C VAL F 31 -18.13 -31.26 27.69
N ARG F 32 -18.85 -30.83 28.73
CA ARG F 32 -19.93 -29.87 28.52
C ARG F 32 -19.42 -28.58 27.89
N LYS F 33 -18.21 -28.16 28.24
CA LYS F 33 -17.60 -26.93 27.75
C LYS F 33 -16.42 -27.19 26.82
N LEU F 34 -16.44 -28.30 26.08
CA LEU F 34 -15.30 -28.64 25.23
C LEU F 34 -15.34 -27.86 23.92
N LEU F 35 -16.41 -28.03 23.15
CA LEU F 35 -16.64 -27.30 21.92
C LEU F 35 -17.52 -26.07 22.15
N SER F 36 -17.62 -25.58 23.39
CA SER F 36 -18.47 -24.42 23.64
C SER F 36 -17.77 -23.10 23.38
N GLY F 37 -16.61 -23.09 22.72
CA GLY F 37 -16.06 -21.84 22.21
C GLY F 37 -16.98 -21.10 21.27
N ILE F 38 -17.96 -21.80 20.67
CA ILE F 38 -18.99 -21.15 19.88
C ILE F 38 -19.72 -20.11 20.72
N VAL F 39 -19.97 -20.44 21.99
CA VAL F 39 -20.62 -19.50 22.90
C VAL F 39 -19.76 -18.27 23.08
N GLN F 40 -18.44 -18.43 23.04
CA GLN F 40 -17.52 -17.31 23.09
C GLN F 40 -17.35 -16.65 21.73
N GLN F 41 -17.69 -17.35 20.64
CA GLN F 41 -17.50 -16.87 19.28
C GLN F 41 -18.75 -16.23 18.69
N GLN F 42 -19.95 -16.69 19.07
CA GLN F 42 -21.18 -16.18 18.49
C GLN F 42 -21.37 -14.68 18.74
N SER F 43 -20.76 -14.15 19.80
CA SER F 43 -20.92 -12.74 20.16
C SER F 43 -19.96 -11.82 19.41
N ASN F 44 -19.23 -12.32 18.40
CA ASN F 44 -18.21 -11.52 17.74
C ASN F 44 -18.81 -10.28 17.09
N LEU F 45 -19.97 -10.41 16.45
CA LEU F 45 -20.61 -9.31 15.73
C LEU F 45 -19.67 -8.72 14.68
N LEU F 46 -18.85 -9.57 14.07
CA LEU F 46 -17.93 -9.19 13.01
C LEU F 46 -18.57 -9.29 11.62
N ARG F 47 -19.91 -9.25 11.55
CA ARG F 47 -20.58 -9.61 10.30
C ARG F 47 -20.21 -8.68 9.16
N ALA F 48 -20.50 -7.38 9.29
CA ALA F 48 -19.80 -6.34 8.54
C ALA F 48 -19.19 -5.26 9.41
N ILE F 49 -19.83 -4.91 10.53
CA ILE F 49 -19.53 -3.71 11.30
C ILE F 49 -20.07 -3.93 12.70
N GLU F 50 -19.31 -3.52 13.73
CA GLU F 50 -19.92 -3.41 15.05
C GLU F 50 -19.99 -2.01 15.63
N ALA F 51 -18.90 -1.25 15.67
CA ALA F 51 -18.93 -0.17 16.67
C ALA F 51 -19.70 1.07 16.23
N GLN F 52 -19.28 1.71 15.12
CA GLN F 52 -20.12 2.53 14.26
C GLN F 52 -20.28 1.96 12.87
N GLN F 53 -19.15 1.63 12.25
CA GLN F 53 -18.98 1.40 10.82
C GLN F 53 -17.57 0.88 10.64
N HIS F 54 -17.34 0.14 9.57
CA HIS F 54 -16.00 -0.25 9.19
C HIS F 54 -15.87 -0.25 7.67
N LEU F 55 -14.63 -0.11 7.22
CA LEU F 55 -14.26 -0.36 5.83
C LEU F 55 -14.10 -1.88 5.71
N LEU F 56 -13.57 -2.35 4.57
CA LEU F 56 -13.39 -3.78 4.33
C LEU F 56 -12.85 -4.52 5.54
N LYS F 57 -11.68 -4.08 6.05
CA LYS F 57 -11.21 -4.23 7.42
C LYS F 57 -11.47 -5.63 7.98
N LEU F 58 -11.22 -6.64 7.17
CA LEU F 58 -11.39 -8.05 7.55
C LEU F 58 -10.07 -8.72 7.19
N THR F 59 -9.25 -8.94 8.20
CA THR F 59 -7.81 -9.03 8.06
C THR F 59 -7.32 -10.20 8.90
N VAL F 60 -5.98 -10.30 9.03
CA VAL F 60 -5.31 -11.47 9.60
C VAL F 60 -5.97 -11.91 10.90
N TRP F 61 -6.40 -10.96 11.74
CA TRP F 61 -7.03 -11.31 13.00
C TRP F 61 -8.30 -12.12 12.77
N GLY F 62 -9.25 -11.57 12.00
CA GLY F 62 -10.51 -12.26 11.80
C GLY F 62 -10.37 -13.55 11.01
N ILE F 63 -9.60 -13.52 9.92
CA ILE F 63 -9.49 -14.67 9.05
C ILE F 63 -8.74 -15.80 9.74
N LYS F 64 -7.72 -15.49 10.54
CA LYS F 64 -6.98 -16.54 11.22
C LYS F 64 -7.65 -16.94 12.53
N GLN F 65 -8.52 -16.10 13.09
CA GLN F 65 -9.46 -16.59 14.09
C GLN F 65 -10.39 -17.62 13.50
N LEU F 66 -10.89 -17.37 12.28
CA LEU F 66 -11.67 -18.37 11.56
C LEU F 66 -10.84 -19.62 11.31
N GLN F 67 -9.57 -19.45 10.95
CA GLN F 67 -8.70 -20.60 10.74
C GLN F 67 -8.51 -21.39 12.02
N ALA F 68 -8.43 -20.70 13.16
CA ALA F 68 -8.30 -21.40 14.44
C ALA F 68 -9.58 -22.15 14.79
N ARG F 69 -10.74 -21.54 14.50
CA ARG F 69 -12.00 -22.26 14.61
C ARG F 69 -11.96 -23.53 13.77
N VAL F 70 -11.49 -23.41 12.53
CA VAL F 70 -11.42 -24.54 11.61
C VAL F 70 -10.49 -25.60 12.17
N LEU F 71 -9.35 -25.20 12.73
CA LEU F 71 -8.36 -26.16 13.17
C LEU F 71 -8.81 -26.87 14.44
N ALA F 72 -9.44 -26.16 15.36
CA ALA F 72 -10.01 -26.82 16.53
C ALA F 72 -11.15 -27.77 16.13
N VAL F 73 -11.97 -27.35 15.16
CA VAL F 73 -13.04 -28.21 14.66
C VAL F 73 -12.44 -29.47 14.06
N GLU F 74 -11.39 -29.32 13.26
CA GLU F 74 -10.75 -30.48 12.66
C GLU F 74 -10.12 -31.38 13.71
N ARG F 75 -9.51 -30.77 14.74
CA ARG F 75 -8.96 -31.56 15.84
C ARG F 75 -10.04 -32.42 16.48
N TYR F 76 -11.15 -31.80 16.88
CA TYR F 76 -12.18 -32.60 17.55
C TYR F 76 -12.92 -33.52 16.61
N LEU F 77 -12.95 -33.22 15.30
CA LEU F 77 -13.56 -34.16 14.36
C LEU F 77 -12.68 -35.37 14.10
N ARG F 78 -11.36 -35.17 13.97
CA ARG F 78 -10.46 -36.30 13.88
C ARG F 78 -10.46 -37.09 15.17
N ASP F 79 -10.64 -36.42 16.30
CA ASP F 79 -10.87 -37.14 17.54
C ASP F 79 -12.11 -38.00 17.42
N GLN F 80 -13.24 -37.42 17.02
CA GLN F 80 -14.49 -38.18 17.01
C GLN F 80 -14.43 -39.35 16.04
N GLN F 81 -13.71 -39.20 14.93
CA GLN F 81 -13.63 -40.31 13.98
C GLN F 81 -12.68 -41.40 14.47
N LEU F 82 -11.58 -41.05 15.15
CA LEU F 82 -10.77 -42.13 15.72
C LEU F 82 -11.41 -42.74 16.97
N LEU F 83 -12.31 -42.02 17.64
CA LEU F 83 -13.18 -42.64 18.64
C LEU F 83 -14.10 -43.66 17.99
N GLY F 84 -14.77 -43.26 16.90
CA GLY F 84 -15.63 -44.18 16.19
C GLY F 84 -14.88 -45.40 15.66
N ILE F 85 -13.62 -45.21 15.26
CA ILE F 85 -12.78 -46.35 14.92
C ILE F 85 -12.64 -47.28 16.12
N TRP F 86 -12.53 -46.71 17.30
CA TRP F 86 -12.41 -47.48 18.54
C TRP F 86 -13.76 -47.98 19.06
N GLY F 87 -14.85 -47.77 18.32
CA GLY F 87 -16.17 -48.00 18.88
C GLY F 87 -16.41 -47.20 20.14
N CYS F 88 -15.88 -45.98 20.19
CA CYS F 88 -15.74 -45.22 21.42
C CYS F 88 -16.58 -43.94 21.46
N SER F 89 -17.28 -43.62 20.37
CA SER F 89 -18.12 -42.42 20.37
C SER F 89 -19.38 -42.57 21.20
N GLY F 90 -19.68 -43.76 21.73
CA GLY F 90 -20.90 -43.95 22.49
C GLY F 90 -20.96 -43.08 23.73
N LYS F 91 -19.83 -42.91 24.42
CA LYS F 91 -19.78 -42.17 25.67
C LYS F 91 -18.32 -41.94 26.04
N LEU F 92 -18.11 -41.28 27.18
CA LEU F 92 -16.75 -40.98 27.63
C LEU F 92 -16.06 -42.24 28.14
N ILE F 93 -16.64 -42.89 29.15
CA ILE F 93 -16.09 -44.15 29.65
C ILE F 93 -16.18 -45.19 28.54
N CYS F 94 -15.04 -45.82 28.24
CA CYS F 94 -14.85 -46.53 26.98
C CYS F 94 -14.11 -47.85 27.26
N THR F 95 -14.88 -48.92 27.42
CA THR F 95 -14.30 -50.22 27.75
C THR F 95 -13.46 -50.74 26.60
N THR F 96 -12.50 -51.61 26.94
CA THR F 96 -11.58 -52.19 25.96
C THR F 96 -11.37 -53.66 26.29
N ASN F 97 -11.09 -54.44 25.23
CA ASN F 97 -10.74 -55.85 25.34
C ASN F 97 -9.23 -56.08 25.36
N VAL F 98 -8.47 -55.09 25.84
CA VAL F 98 -7.02 -55.05 25.65
C VAL F 98 -6.34 -55.12 27.02
N PRO F 99 -5.62 -56.19 27.36
CA PRO F 99 -4.81 -56.18 28.58
C PRO F 99 -3.40 -55.69 28.31
N TRP F 100 -2.87 -54.90 29.24
CA TRP F 100 -1.55 -54.32 29.06
C TRP F 100 -0.47 -55.39 29.06
N ASN F 101 0.36 -55.40 28.03
CA ASN F 101 1.52 -56.28 27.99
C ASN F 101 2.46 -55.94 29.15
N SER F 102 3.10 -56.98 29.69
CA SER F 102 3.78 -56.86 30.97
C SER F 102 5.10 -56.12 30.77
N SER F 103 5.02 -54.79 30.84
CA SER F 103 6.17 -53.90 30.68
C SER F 103 6.32 -52.87 31.79
N TRP F 104 5.24 -52.50 32.48
CA TRP F 104 5.34 -51.55 33.58
C TRP F 104 5.84 -52.25 34.84
N SER F 105 6.22 -51.43 35.83
CA SER F 105 6.74 -51.95 37.09
C SER F 105 5.59 -52.37 37.99
N ASN F 106 5.93 -52.80 39.20
CA ASN F 106 4.93 -53.19 40.18
C ASN F 106 4.02 -52.00 40.50
N LYS F 107 2.78 -52.31 40.90
CA LYS F 107 1.79 -51.28 41.16
C LYS F 107 0.60 -51.95 41.85
N SER F 108 -0.43 -51.14 42.10
CA SER F 108 -1.69 -51.58 42.69
C SER F 108 -2.83 -50.92 41.95
N GLU F 109 -3.96 -51.63 41.88
CA GLU F 109 -5.11 -51.15 41.12
C GLU F 109 -5.67 -49.85 41.67
N ARG F 110 -5.33 -49.47 42.90
CA ARG F 110 -5.83 -48.28 43.56
C ARG F 110 -4.78 -47.18 43.66
N GLU F 111 -3.52 -47.53 43.94
CA GLU F 111 -2.48 -46.50 44.03
C GLU F 111 -2.33 -45.75 42.71
N ILE F 112 -2.38 -46.46 41.60
CA ILE F 112 -2.42 -45.79 40.30
C ILE F 112 -3.68 -44.96 40.19
N TRP F 113 -4.79 -45.43 40.75
CA TRP F 113 -6.08 -44.77 40.66
C TRP F 113 -6.35 -43.79 41.80
N GLU F 114 -5.42 -43.63 42.76
CA GLU F 114 -5.62 -42.81 43.94
C GLU F 114 -4.55 -41.74 44.16
N ASN F 115 -3.29 -42.02 43.82
CA ASN F 115 -2.13 -41.21 44.20
C ASN F 115 -1.66 -40.30 43.07
N MET F 116 -2.58 -39.83 42.24
CA MET F 116 -2.26 -38.89 41.17
C MET F 116 -3.51 -38.10 40.84
N THR F 117 -3.36 -37.13 39.91
CA THR F 117 -4.40 -36.15 39.61
C THR F 117 -4.70 -36.08 38.11
N TRP F 118 -4.57 -37.21 37.41
CA TRP F 118 -4.75 -37.35 35.97
C TRP F 118 -3.56 -36.78 35.18
N LEU F 119 -2.57 -36.19 35.84
CA LEU F 119 -1.41 -35.62 35.18
C LEU F 119 -0.20 -36.55 35.22
N GLN F 120 0.08 -37.15 36.38
CA GLN F 120 1.22 -38.06 36.50
C GLN F 120 1.07 -39.25 35.57
N TRP F 121 -0.16 -39.68 35.30
CA TRP F 121 -0.37 -40.82 34.42
C TRP F 121 0.18 -40.55 33.02
N ASP F 122 -0.35 -39.52 32.34
CA ASP F 122 0.15 -39.18 31.02
C ASP F 122 1.63 -38.79 31.04
N LYS F 123 2.12 -38.32 32.19
CA LYS F 123 3.57 -38.10 32.33
C LYS F 123 4.34 -39.40 32.15
N GLU F 124 3.99 -40.42 32.95
CA GLU F 124 4.76 -41.66 32.97
C GLU F 124 4.39 -42.64 31.85
N ILE F 125 3.34 -42.35 31.07
CA ILE F 125 2.85 -43.25 30.03
C ILE F 125 3.00 -42.56 28.68
N SER F 126 4.00 -41.66 28.56
CA SER F 126 4.22 -40.92 27.33
C SER F 126 4.52 -41.87 26.18
N ASN F 127 5.61 -42.64 26.29
CA ASN F 127 6.03 -43.53 25.20
C ASN F 127 4.99 -44.61 24.94
N TYR F 128 4.61 -45.35 25.99
CA TYR F 128 3.81 -46.56 25.81
C TYR F 128 2.47 -46.28 25.16
N THR F 129 1.93 -45.08 25.36
CA THR F 129 0.54 -44.75 25.01
C THR F 129 0.22 -45.13 23.55
N HIS F 130 1.11 -44.74 22.63
CA HIS F 130 0.95 -45.03 21.21
C HIS F 130 0.56 -46.49 20.96
N ILE F 131 1.31 -47.42 21.56
CA ILE F 131 1.05 -48.85 21.41
C ILE F 131 -0.42 -49.15 21.66
N ILE F 132 -0.91 -48.72 22.85
CA ILE F 132 -2.27 -49.04 23.27
C ILE F 132 -3.26 -48.60 22.21
N TYR F 133 -3.07 -47.40 21.66
CA TYR F 133 -3.96 -46.88 20.61
C TYR F 133 -4.12 -47.92 19.51
N GLU F 134 -3.02 -48.32 18.88
CA GLU F 134 -3.09 -49.25 17.76
C GLU F 134 -3.80 -50.54 18.18
N LEU F 135 -3.54 -51.01 19.40
CA LEU F 135 -4.26 -52.18 19.90
C LEU F 135 -5.76 -51.91 19.87
N ILE F 136 -6.21 -50.90 20.61
CA ILE F 136 -7.62 -50.56 20.60
C ILE F 136 -8.06 -50.08 19.23
N GLU F 137 -7.10 -49.67 18.37
CA GLU F 137 -7.48 -49.31 17.01
C GLU F 137 -7.69 -50.56 16.15
N GLU F 138 -6.84 -51.57 16.33
CA GLU F 138 -6.83 -52.76 15.49
C GLU F 138 -7.26 -54.03 16.20
N SER F 139 -6.64 -54.36 17.33
CA SER F 139 -6.86 -55.67 17.95
C SER F 139 -8.30 -55.82 18.41
N GLN F 140 -8.87 -54.75 18.96
CA GLN F 140 -10.26 -54.77 19.39
C GLN F 140 -11.24 -54.81 18.22
N LYS F 141 -10.81 -54.44 17.02
CA LYS F 141 -11.73 -54.22 15.90
C LYS F 141 -11.83 -55.40 14.94
N GLN F 142 -10.70 -55.88 14.41
CA GLN F 142 -10.77 -56.83 13.31
C GLN F 142 -11.43 -58.14 13.71
N GLN F 143 -11.15 -58.62 14.92
CA GLN F 143 -11.66 -59.91 15.39
C GLN F 143 -13.05 -59.80 16.03
N GLU F 144 -13.78 -58.72 15.75
CA GLU F 144 -15.13 -58.54 16.25
C GLU F 144 -16.13 -59.18 15.29
N LYS F 145 -17.03 -60.00 15.83
CA LYS F 145 -18.05 -60.69 15.06
C LYS F 145 -19.44 -60.14 15.41
N ASN F 146 -20.47 -60.73 14.82
CA ASN F 146 -21.76 -60.05 14.71
C ASN F 146 -22.72 -60.37 15.87
N GLU F 147 -23.04 -61.65 16.09
CA GLU F 147 -23.92 -62.02 17.20
C GLU F 147 -23.73 -63.51 17.50
N GLN F 148 -24.59 -64.05 18.36
CA GLN F 148 -24.57 -65.44 18.80
C GLN F 148 -25.66 -66.24 18.08
N GLU F 149 -25.71 -67.55 18.33
CA GLU F 149 -26.55 -68.48 17.56
C GLU F 149 -27.51 -69.31 18.40
N LEU F 150 -27.15 -69.72 19.60
CA LEU F 150 -27.76 -70.91 20.19
C LEU F 150 -29.00 -70.60 21.03
N LEU F 151 -28.85 -69.76 22.04
CA LEU F 151 -29.94 -69.49 22.98
C LEU F 151 -30.69 -68.23 22.59
N GLU F 152 -32.01 -68.25 22.84
CA GLU F 152 -32.89 -67.14 22.52
C GLU F 152 -34.07 -67.19 23.48
N LEU F 153 -35.04 -66.30 23.26
CA LEU F 153 -36.20 -66.23 24.16
C LEU F 153 -36.98 -67.55 24.16
N ASP F 154 -37.12 -68.18 23.01
CA ASP F 154 -37.77 -69.49 22.90
C ASP F 154 -36.72 -70.59 22.85
N GLN G 20 26.81 34.03 4.07
CA GLN G 20 27.04 34.59 2.71
C GLN G 20 28.24 33.93 2.04
N GLU G 21 28.13 33.74 0.72
CA GLU G 21 29.20 33.13 -0.06
C GLU G 21 30.30 34.16 -0.27
N GLN G 22 31.11 34.34 0.76
CA GLN G 22 32.12 35.39 0.80
C GLN G 22 33.44 34.86 0.25
N LEU G 23 33.92 35.49 -0.82
CA LEU G 23 35.10 35.07 -1.55
C LEU G 23 36.25 36.04 -1.33
N VAL G 24 37.47 35.53 -1.49
CA VAL G 24 38.69 36.28 -1.24
C VAL G 24 39.70 35.96 -2.34
N GLU G 25 40.49 36.96 -2.72
CA GLU G 25 41.53 36.86 -3.72
C GLU G 25 42.90 36.77 -3.05
N SER G 26 43.91 36.41 -3.84
CA SER G 26 45.27 36.34 -3.32
C SER G 26 46.24 36.17 -4.47
N GLY G 27 47.47 36.63 -4.27
CA GLY G 27 48.53 36.54 -5.25
C GLY G 27 48.76 37.79 -6.07
N GLY G 28 47.79 38.68 -6.14
CA GLY G 28 47.92 39.88 -6.95
C GLY G 28 48.87 40.89 -6.33
N GLY G 29 49.17 41.92 -7.11
CA GLY G 29 50.15 42.92 -6.72
C GLY G 29 51.01 43.42 -7.87
N VAL G 30 51.93 44.33 -7.57
CA VAL G 30 52.96 44.71 -8.53
C VAL G 30 53.84 43.50 -8.81
N VAL G 31 54.05 43.18 -10.09
CA VAL G 31 54.84 42.04 -10.52
C VAL G 31 55.60 42.43 -11.78
N GLN G 32 56.43 41.50 -12.27
CA GLN G 32 57.32 41.71 -13.40
C GLN G 32 56.76 41.04 -14.65
N PRO G 33 57.18 41.48 -15.84
CA PRO G 33 56.76 40.81 -17.07
C PRO G 33 57.63 39.60 -17.40
N GLY G 34 57.02 38.63 -18.08
CA GLY G 34 57.71 37.47 -18.60
C GLY G 34 57.55 36.21 -17.76
N GLY G 35 57.46 36.34 -16.44
CA GLY G 35 57.39 35.19 -15.56
C GLY G 35 56.00 34.60 -15.52
N SER G 36 55.62 34.11 -14.33
CA SER G 36 54.30 33.53 -14.10
C SER G 36 53.70 34.17 -12.87
N LEU G 37 52.41 33.92 -12.66
CA LEU G 37 51.68 34.51 -11.54
C LEU G 37 50.56 33.57 -11.13
N ARG G 38 50.61 33.10 -9.88
CA ARG G 38 49.58 32.21 -9.34
C ARG G 38 48.53 33.07 -8.65
N LEU G 39 47.48 33.42 -9.38
CA LEU G 39 46.36 34.17 -8.82
C LEU G 39 45.37 33.16 -8.24
N SER G 40 45.23 33.17 -6.91
CA SER G 40 44.39 32.22 -6.20
C SER G 40 43.13 32.90 -5.69
N CYS G 41 42.09 32.09 -5.51
CA CYS G 41 40.76 32.58 -5.12
C CYS G 41 40.13 31.55 -4.19
N LEU G 42 39.98 31.92 -2.93
CA LEU G 42 39.33 31.08 -1.92
C LEU G 42 37.96 31.67 -1.59
N ALA G 43 37.22 30.97 -0.72
CA ALA G 43 35.92 31.46 -0.30
C ALA G 43 35.42 30.64 0.88
N SER G 44 34.32 31.10 1.46
CA SER G 44 33.68 30.41 2.57
C SER G 44 32.21 30.80 2.60
N GLY G 45 31.47 30.12 3.47
CA GLY G 45 30.04 30.35 3.62
C GLY G 45 29.16 29.49 2.75
N PHE G 46 29.71 28.48 2.11
CA PHE G 46 28.96 27.61 1.19
C PHE G 46 29.82 26.39 0.91
N THR G 47 29.35 25.53 0.00
CA THR G 47 30.06 24.33 -0.42
C THR G 47 30.60 24.55 -1.83
N PHE G 48 31.93 24.57 -1.94
CA PHE G 48 32.61 24.75 -3.21
C PHE G 48 32.74 23.46 -4.02
N HIS G 49 32.15 22.36 -3.56
CA HIS G 49 32.37 21.06 -4.20
C HIS G 49 31.81 21.03 -5.62
N LYS G 50 30.69 21.71 -5.86
CA LYS G 50 29.94 21.57 -7.11
C LYS G 50 29.56 22.93 -7.69
N TYR G 51 30.40 23.95 -7.50
CA TYR G 51 30.14 25.31 -7.97
C TYR G 51 31.21 25.72 -8.99
N GLY G 52 30.75 26.32 -10.09
CA GLY G 52 31.66 26.88 -11.08
C GLY G 52 32.10 28.28 -10.71
N MET G 53 33.11 28.78 -11.44
CA MET G 53 33.69 30.07 -11.12
C MET G 53 34.21 30.77 -12.38
N HIS G 54 33.92 32.07 -12.46
CA HIS G 54 34.42 32.94 -13.52
C HIS G 54 35.57 33.80 -12.98
N TRP G 55 36.62 33.93 -13.78
CA TRP G 55 37.63 34.96 -13.61
C TRP G 55 37.37 36.05 -14.64
N VAL G 56 37.34 37.31 -14.19
CA VAL G 56 37.14 38.45 -15.08
C VAL G 56 38.13 39.53 -14.65
N ARG G 57 38.35 40.51 -15.54
CA ARG G 57 39.23 41.62 -15.23
C ARG G 57 38.68 42.91 -15.82
N GLN G 58 39.15 44.03 -15.26
CA GLN G 58 38.84 45.35 -15.78
C GLN G 58 40.03 46.27 -15.48
N ALA G 59 40.42 47.06 -16.48
CA ALA G 59 41.56 47.96 -16.35
C ALA G 59 41.10 49.34 -15.89
N PRO G 60 42.00 50.17 -15.38
CA PRO G 60 41.61 51.54 -15.01
C PRO G 60 41.13 52.34 -16.22
N GLY G 61 40.04 53.07 -16.03
CA GLY G 61 39.46 53.84 -17.12
C GLY G 61 38.93 52.99 -18.25
N LYS G 62 38.63 51.72 -17.98
CA LYS G 62 38.15 50.79 -18.99
C LYS G 62 37.23 49.79 -18.31
N GLY G 63 36.26 49.27 -19.07
CA GLY G 63 35.27 48.38 -18.52
C GLY G 63 35.80 46.98 -18.33
N LEU G 64 34.93 46.00 -18.46
CA LEU G 64 35.26 44.62 -18.16
C LEU G 64 35.69 43.87 -19.41
N GLU G 65 36.27 42.69 -19.19
CA GLU G 65 36.63 41.79 -20.28
C GLU G 65 36.77 40.39 -19.68
N TRP G 66 35.93 39.47 -20.16
CA TRP G 66 35.93 38.11 -19.61
C TRP G 66 37.29 37.46 -19.79
N VAL G 67 37.85 36.98 -18.67
CA VAL G 67 39.17 36.36 -18.68
C VAL G 67 39.01 34.87 -18.94
N ALA G 68 38.24 34.19 -18.09
CA ALA G 68 38.12 32.73 -18.22
C ALA G 68 36.98 32.25 -17.32
N LEU G 69 36.62 30.98 -17.52
CA LEU G 69 35.60 30.33 -16.72
C LEU G 69 35.98 28.88 -16.54
N ILE G 70 35.58 28.31 -15.39
CA ILE G 70 35.81 26.91 -15.11
C ILE G 70 34.60 26.33 -14.41
N SER G 71 34.32 25.07 -14.71
CA SER G 71 33.22 24.33 -14.10
C SER G 71 33.69 23.78 -12.76
N ASP G 72 32.88 22.92 -12.15
CA ASP G 72 33.12 22.45 -10.80
C ASP G 72 33.96 21.16 -10.78
N ASP G 73 33.61 20.19 -11.61
CA ASP G 73 34.14 18.84 -11.54
C ASP G 73 35.30 18.62 -12.51
N GLY G 74 36.04 19.68 -12.83
CA GLY G 74 37.20 19.59 -13.70
C GLY G 74 36.93 19.09 -15.11
N MET G 75 35.66 19.06 -15.50
CA MET G 75 35.31 18.48 -16.80
C MET G 75 35.68 19.42 -17.94
N ARG G 76 35.12 20.63 -17.93
CA ARG G 76 35.36 21.62 -18.98
C ARG G 76 35.91 22.91 -18.38
N LYS G 77 36.37 23.78 -19.26
CA LYS G 77 36.97 25.06 -18.92
C LYS G 77 37.10 25.88 -20.20
N TYR G 78 36.89 27.20 -20.10
CA TYR G 78 36.85 28.06 -21.26
C TYR G 78 37.74 29.28 -21.05
N HIS G 79 38.43 29.69 -22.10
CA HIS G 79 39.37 30.80 -22.08
C HIS G 79 39.00 31.81 -23.16
N SER G 80 39.26 33.08 -22.86
CA SER G 80 39.11 34.12 -23.87
C SER G 80 40.24 34.02 -24.88
N ASP G 81 39.88 34.08 -26.17
CA ASP G 81 40.85 33.88 -27.25
C ASP G 81 42.05 34.82 -27.14
N SER G 82 41.86 36.01 -26.56
CA SER G 82 42.99 36.89 -26.30
C SER G 82 43.94 36.27 -25.28
N MET G 83 43.42 35.97 -24.09
CA MET G 83 44.22 35.34 -23.05
C MET G 83 44.38 33.83 -23.25
N TRP G 84 43.70 33.24 -24.23
CA TRP G 84 43.81 31.81 -24.46
C TRP G 84 45.24 31.44 -24.85
N GLY G 85 45.79 30.43 -24.19
CA GLY G 85 47.15 29.97 -24.43
C GLY G 85 48.17 30.65 -23.54
N ARG G 86 48.04 31.97 -23.37
CA ARG G 86 48.97 32.70 -22.52
C ARG G 86 48.81 32.36 -21.05
N VAL G 87 47.62 31.91 -20.65
CA VAL G 87 47.29 31.62 -19.25
C VAL G 87 46.71 30.22 -19.18
N THR G 88 46.56 29.72 -17.94
CA THR G 88 45.99 28.39 -17.72
C THR G 88 45.22 28.40 -16.40
N ILE G 89 43.95 28.02 -16.47
CA ILE G 89 43.10 27.94 -15.30
C ILE G 89 43.30 26.58 -14.62
N SER G 90 42.90 26.50 -13.35
CA SER G 90 42.97 25.25 -12.61
C SER G 90 42.16 25.39 -11.34
N ARG G 91 41.87 24.25 -10.71
CA ARG G 91 41.01 24.19 -9.53
C ARG G 91 41.66 23.32 -8.46
N ASP G 92 41.11 23.41 -7.26
CA ASP G 92 41.56 22.60 -6.13
C ASP G 92 40.33 22.32 -5.27
N ASN G 93 39.76 21.12 -5.42
CA ASN G 93 38.47 20.82 -4.81
C ASN G 93 38.60 20.71 -3.29
N SER G 94 39.61 19.96 -2.81
CA SER G 94 39.78 19.80 -1.37
C SER G 94 40.07 21.13 -0.69
N LYS G 95 40.96 21.94 -1.27
CA LYS G 95 41.21 23.27 -0.73
C LYS G 95 40.03 24.21 -0.93
N ASN G 96 39.09 23.88 -1.82
CA ASN G 96 38.01 24.77 -2.20
C ASN G 96 38.58 26.08 -2.74
N THR G 97 39.35 25.96 -3.82
CA THR G 97 40.13 27.07 -4.35
C THR G 97 40.15 27.03 -5.87
N LEU G 98 40.28 28.22 -6.46
CA LEU G 98 40.51 28.40 -7.89
C LEU G 98 41.89 29.02 -8.06
N TYR G 99 42.54 28.69 -9.17
CA TYR G 99 43.90 29.16 -9.45
C TYR G 99 44.03 29.51 -10.92
N LEU G 100 44.86 30.52 -11.20
CA LEU G 100 45.20 30.91 -12.55
C LEU G 100 46.71 31.09 -12.63
N GLN G 101 47.35 30.36 -13.54
CA GLN G 101 48.78 30.44 -13.78
C GLN G 101 49.02 31.24 -15.05
N PHE G 102 49.75 32.34 -14.93
CA PHE G 102 50.11 33.16 -16.08
C PHE G 102 51.44 32.69 -16.66
N SER G 103 51.69 33.11 -17.89
CA SER G 103 52.93 32.79 -18.59
C SER G 103 53.22 33.93 -19.56
N SER G 104 54.46 34.40 -19.57
CA SER G 104 54.84 35.56 -20.37
C SER G 104 54.01 36.79 -19.97
N LEU G 105 54.12 37.14 -18.69
CA LEU G 105 53.40 38.27 -18.14
C LEU G 105 53.71 39.55 -18.91
N LYS G 106 52.68 40.36 -19.15
CA LYS G 106 52.78 41.54 -19.97
C LYS G 106 52.02 42.69 -19.32
N VAL G 107 52.38 43.91 -19.73
CA VAL G 107 51.80 45.11 -19.13
C VAL G 107 50.32 45.23 -19.47
N GLU G 108 49.86 44.60 -20.56
CA GLU G 108 48.44 44.60 -20.85
C GLU G 108 47.62 43.88 -19.78
N ASP G 109 48.26 43.06 -18.95
CA ASP G 109 47.60 42.42 -17.82
C ASP G 109 47.39 43.36 -16.64
N THR G 110 47.80 44.62 -16.74
CA THR G 110 47.59 45.59 -15.66
C THR G 110 46.10 45.85 -15.51
N ALA G 111 45.51 45.36 -14.42
CA ALA G 111 44.06 45.44 -14.25
C ALA G 111 43.71 44.91 -12.86
N MET G 112 42.43 45.07 -12.50
CA MET G 112 41.89 44.44 -11.30
C MET G 112 41.02 43.26 -11.71
N PHE G 113 41.19 42.16 -10.97
CA PHE G 113 40.66 40.85 -11.34
C PHE G 113 39.63 40.42 -10.29
N PHE G 114 38.49 39.94 -10.76
CA PHE G 114 37.38 39.53 -9.90
C PHE G 114 37.03 38.07 -10.12
N CYS G 115 36.71 37.39 -9.01
CA CYS G 115 36.42 35.96 -8.94
C CYS G 115 34.95 35.78 -8.58
N ALA G 116 34.12 35.49 -9.58
CA ALA G 116 32.67 35.49 -9.43
C ALA G 116 32.10 34.07 -9.52
N ARG G 117 30.89 33.91 -8.97
CA ARG G 117 30.21 32.64 -8.86
C ARG G 117 29.17 32.49 -9.99
N GLU G 118 28.39 31.40 -9.93
CA GLU G 118 27.37 31.09 -10.93
C GLU G 118 25.97 31.36 -10.37
N ALA G 119 24.99 31.33 -11.27
CA ALA G 119 23.59 31.64 -10.93
C ALA G 119 22.89 30.47 -10.24
N GLY G 120 23.40 30.06 -9.09
CA GLY G 120 22.80 28.94 -8.38
C GLY G 120 22.86 27.64 -9.16
N GLY G 121 22.26 26.58 -8.61
CA GLY G 121 22.25 25.29 -9.26
C GLY G 121 21.09 24.94 -10.17
N PRO G 122 19.85 25.11 -9.72
CA PRO G 122 18.73 24.52 -10.45
C PRO G 122 18.12 25.46 -11.51
N ILE G 123 17.19 24.89 -12.28
CA ILE G 123 16.42 25.63 -13.26
C ILE G 123 14.94 25.45 -12.95
N TRP G 124 14.18 26.54 -13.03
CA TRP G 124 12.77 26.57 -12.66
C TRP G 124 11.90 26.44 -13.90
N HIS G 125 11.04 25.43 -13.91
CA HIS G 125 10.04 25.24 -14.95
C HIS G 125 8.78 24.69 -14.29
N ASP G 126 7.67 25.41 -14.44
CA ASP G 126 6.42 25.04 -13.76
C ASP G 126 6.63 25.03 -12.25
N ASP G 127 7.44 25.97 -11.76
CA ASP G 127 7.82 26.05 -10.35
C ASP G 127 8.47 24.75 -9.86
N VAL G 128 9.14 24.03 -10.77
CA VAL G 128 9.83 22.79 -10.47
C VAL G 128 11.30 23.02 -10.74
N LYS G 129 12.14 22.59 -9.80
CA LYS G 129 13.58 22.88 -9.82
C LYS G 129 14.33 21.64 -10.28
N TYR G 130 14.83 21.69 -11.51
CA TYR G 130 15.61 20.58 -12.04
C TYR G 130 17.09 20.83 -11.76
N TYR G 131 17.84 19.73 -11.61
CA TYR G 131 19.24 19.73 -11.21
C TYR G 131 20.05 18.92 -12.22
N ASP G 132 21.38 18.96 -12.06
CA ASP G 132 22.29 18.24 -12.95
C ASP G 132 22.40 16.79 -12.49
N PHE G 133 23.33 16.06 -13.09
CA PHE G 133 23.64 14.71 -12.64
C PHE G 133 24.39 14.75 -11.32
N ASN G 134 24.24 13.69 -10.54
CA ASN G 134 24.85 13.59 -9.22
C ASN G 134 24.42 14.74 -8.30
N ASP G 135 23.22 15.27 -8.53
CA ASP G 135 22.70 16.43 -7.79
C ASP G 135 23.68 17.61 -7.90
N GLY G 136 23.90 18.03 -9.14
CA GLY G 136 24.89 19.04 -9.46
C GLY G 136 24.30 20.41 -9.72
N TYR G 137 25.03 21.44 -9.30
CA TYR G 137 24.66 22.82 -9.54
C TYR G 137 25.24 23.26 -10.88
N TYR G 138 24.38 23.80 -11.75
CA TYR G 138 24.76 24.06 -13.13
C TYR G 138 23.90 25.18 -13.70
N ASN G 139 24.47 25.91 -14.66
CA ASN G 139 23.83 27.00 -15.42
C ASN G 139 24.82 27.47 -16.48
N TYR G 140 24.29 28.23 -17.44
CA TYR G 140 25.09 29.16 -18.25
C TYR G 140 24.31 30.47 -18.17
N HIS G 141 24.63 31.28 -17.16
CA HIS G 141 23.78 32.37 -16.71
C HIS G 141 24.64 33.39 -15.97
N TYR G 142 23.99 34.33 -15.30
CA TYR G 142 24.63 35.44 -14.63
C TYR G 142 25.37 34.94 -13.38
N MET G 143 26.01 35.88 -12.68
CA MET G 143 26.92 35.60 -11.57
C MET G 143 26.33 36.28 -10.33
N ASP G 144 25.66 35.48 -9.49
CA ASP G 144 24.95 36.02 -8.34
C ASP G 144 25.89 36.66 -7.31
N VAL G 145 27.17 36.30 -7.32
CA VAL G 145 28.14 36.82 -6.37
C VAL G 145 29.40 37.21 -7.13
N TRP G 146 30.13 38.17 -6.59
CA TRP G 146 31.38 38.65 -7.16
C TRP G 146 32.41 38.78 -6.05
N GLY G 147 33.65 38.45 -6.39
CA GLY G 147 34.72 38.45 -5.40
C GLY G 147 35.06 39.84 -4.94
N LYS G 148 36.02 39.89 -4.01
CA LYS G 148 36.45 41.17 -3.45
C LYS G 148 37.26 41.97 -4.44
N GLY G 149 38.03 41.31 -5.30
CA GLY G 149 38.84 41.96 -6.30
C GLY G 149 40.30 42.04 -5.87
N THR G 150 41.19 41.95 -6.86
CA THR G 150 42.62 42.04 -6.60
C THR G 150 43.30 42.83 -7.70
N THR G 151 44.12 43.80 -7.31
CA THR G 151 44.88 44.58 -8.28
C THR G 151 46.10 43.79 -8.73
N VAL G 152 46.47 43.97 -10.00
CA VAL G 152 47.63 43.32 -10.58
C VAL G 152 48.29 44.34 -11.51
N THR G 153 49.57 44.62 -11.25
CA THR G 153 50.31 45.68 -11.94
C THR G 153 51.57 45.06 -12.55
N VAL G 154 51.46 44.57 -13.78
CA VAL G 154 52.61 44.07 -14.51
C VAL G 154 53.35 45.25 -15.12
N SER G 155 54.65 45.33 -14.86
CA SER G 155 55.43 46.48 -15.29
C SER G 155 56.91 46.09 -15.33
N SER G 156 57.59 46.47 -16.41
CA SER G 156 58.98 46.10 -16.60
C SER G 156 59.95 47.02 -15.88
N ALA G 157 59.54 48.24 -15.53
CA ALA G 157 60.45 49.21 -14.95
C ALA G 157 60.95 48.73 -13.59
N SER G 158 61.96 49.45 -13.09
CA SER G 158 62.54 49.20 -11.77
C SER G 158 62.01 50.23 -10.79
N THR G 159 61.70 49.79 -9.58
CA THR G 159 61.17 50.67 -8.55
C THR G 159 62.16 51.81 -8.27
N LYS G 160 61.75 53.03 -8.59
CA LYS G 160 62.58 54.22 -8.46
C LYS G 160 61.84 55.24 -7.61
N GLY G 161 62.60 56.02 -6.84
CA GLY G 161 62.03 57.07 -6.03
C GLY G 161 61.67 58.28 -6.86
N PRO G 162 61.03 59.26 -6.21
CA PRO G 162 60.51 60.42 -6.96
C PRO G 162 61.47 61.59 -7.07
N SER G 163 61.39 62.25 -8.21
CA SER G 163 61.90 63.61 -8.38
C SER G 163 60.76 64.57 -8.05
N VAL G 164 60.94 65.38 -7.00
CA VAL G 164 59.89 66.23 -6.46
C VAL G 164 60.29 67.68 -6.71
N PHE G 165 59.31 68.49 -7.09
CA PHE G 165 59.53 69.91 -7.33
C PHE G 165 58.29 70.69 -6.91
N PRO G 166 58.41 72.00 -6.71
CA PRO G 166 57.24 72.81 -6.37
C PRO G 166 56.56 73.37 -7.61
N LEU G 167 55.27 73.69 -7.43
CA LEU G 167 54.44 74.32 -8.46
C LEU G 167 53.94 75.65 -7.90
N ALA G 168 54.47 76.75 -8.44
CA ALA G 168 54.35 78.11 -7.94
C ALA G 168 52.89 78.58 -7.92
N PRO G 169 52.59 79.70 -7.25
CA PRO G 169 51.19 80.16 -7.21
C PRO G 169 50.67 80.57 -8.58
N SER G 170 49.67 79.82 -9.07
CA SER G 170 48.95 80.15 -10.28
C SER G 170 47.61 80.77 -9.88
N SER G 171 47.40 82.03 -10.25
CA SER G 171 46.17 82.72 -9.88
C SER G 171 45.00 82.10 -10.61
N LYS G 172 44.15 81.39 -9.86
CA LYS G 172 42.96 80.80 -10.46
C LYS G 172 42.01 81.87 -11.00
N SER G 173 42.03 83.07 -10.40
CA SER G 173 41.22 84.19 -10.84
C SER G 173 42.04 85.46 -10.76
N THR G 174 41.84 86.35 -11.73
CA THR G 174 42.55 87.64 -11.71
C THR G 174 42.19 88.44 -10.46
N SER G 175 40.91 88.73 -10.28
CA SER G 175 40.46 89.48 -9.13
C SER G 175 40.27 88.56 -7.91
N GLY G 176 40.24 89.17 -6.73
CA GLY G 176 40.00 88.47 -5.50
C GLY G 176 41.24 87.88 -4.83
N GLY G 177 42.30 87.62 -5.60
CA GLY G 177 43.52 87.10 -5.02
C GLY G 177 43.38 85.70 -4.48
N THR G 178 43.12 84.73 -5.36
CA THR G 178 43.02 83.32 -5.01
C THR G 178 43.96 82.53 -5.91
N ALA G 179 44.99 81.93 -5.32
CA ALA G 179 46.00 81.18 -6.05
C ALA G 179 45.85 79.69 -5.80
N ALA G 180 46.62 78.92 -6.57
CA ALA G 180 46.76 77.48 -6.37
C ALA G 180 48.24 77.16 -6.29
N LEU G 181 48.61 76.32 -5.31
CA LEU G 181 49.97 75.83 -5.15
C LEU G 181 49.98 74.33 -5.41
N GLY G 182 51.17 73.78 -5.69
CA GLY G 182 51.24 72.37 -5.94
C GLY G 182 52.60 71.77 -5.66
N CYS G 183 52.62 70.43 -5.62
CA CYS G 183 53.83 69.65 -5.41
C CYS G 183 53.86 68.57 -6.49
N LEU G 184 54.75 68.73 -7.48
CA LEU G 184 54.87 67.80 -8.59
C LEU G 184 55.81 66.66 -8.21
N VAL G 185 55.28 65.45 -8.17
CA VAL G 185 56.04 64.24 -7.89
C VAL G 185 56.11 63.46 -9.20
N LYS G 186 57.24 63.59 -9.90
CA LYS G 186 57.44 63.04 -11.24
C LYS G 186 58.56 62.01 -11.22
N ASP G 187 58.55 61.13 -12.23
CA ASP G 187 59.60 60.13 -12.41
C ASP G 187 59.74 59.23 -11.18
N TYR G 188 58.65 58.53 -10.88
CA TYR G 188 58.63 57.54 -9.81
C TYR G 188 57.81 56.34 -10.25
N PHE G 189 58.04 55.22 -9.59
CA PHE G 189 57.36 53.98 -9.90
C PHE G 189 57.64 52.96 -8.81
N PRO G 190 56.70 52.08 -8.44
CA PRO G 190 55.27 51.98 -8.77
C PRO G 190 54.40 52.76 -7.79
N GLU G 191 53.10 52.84 -8.09
CA GLU G 191 52.17 53.48 -7.19
C GLU G 191 52.14 52.73 -5.85
N PRO G 192 51.64 53.38 -4.78
CA PRO G 192 51.19 54.77 -4.62
C PRO G 192 52.27 55.67 -4.01
N VAL G 193 51.93 56.95 -3.82
CA VAL G 193 52.82 57.93 -3.20
C VAL G 193 52.00 58.85 -2.34
N THR G 194 52.53 59.18 -1.15
CA THR G 194 51.88 60.15 -0.26
C THR G 194 52.54 61.52 -0.43
N VAL G 195 51.71 62.56 -0.40
CA VAL G 195 52.18 63.94 -0.49
C VAL G 195 51.42 64.75 0.55
N SER G 196 52.09 65.13 1.63
CA SER G 196 51.51 65.96 2.68
C SER G 196 52.18 67.32 2.69
N TRP G 197 51.64 68.21 3.52
CA TRP G 197 52.14 69.58 3.65
C TRP G 197 52.54 69.78 5.11
N ASN G 198 53.84 69.92 5.34
CA ASN G 198 54.40 70.09 6.68
C ASN G 198 54.07 68.87 7.55
N SER G 199 54.30 67.68 6.99
CA SER G 199 54.08 66.41 7.68
C SER G 199 52.62 66.27 8.13
N GLY G 200 51.71 66.45 7.18
CA GLY G 200 50.29 66.26 7.44
C GLY G 200 49.61 67.37 8.19
N ALA G 201 50.30 68.46 8.52
CA ALA G 201 49.68 69.55 9.27
C ALA G 201 48.58 70.21 8.46
N LEU G 202 48.92 70.73 7.29
CA LEU G 202 47.92 71.31 6.37
C LEU G 202 47.26 70.15 5.64
N THR G 203 46.03 69.81 6.06
CA THR G 203 45.32 68.65 5.53
C THR G 203 44.20 69.01 4.56
N SER G 204 43.62 70.20 4.68
CA SER G 204 42.47 70.58 3.88
C SER G 204 42.91 71.23 2.57
N GLY G 205 42.09 71.04 1.53
CA GLY G 205 42.34 71.62 0.23
C GLY G 205 43.14 70.74 -0.71
N VAL G 206 44.03 69.91 -0.18
CA VAL G 206 44.87 69.06 -1.02
C VAL G 206 44.01 67.97 -1.66
N HIS G 207 44.32 67.64 -2.91
CA HIS G 207 43.63 66.55 -3.61
C HIS G 207 44.65 65.90 -4.56
N THR G 208 45.26 64.81 -4.11
CA THR G 208 46.24 64.08 -4.91
C THR G 208 45.49 63.26 -5.96
N PHE G 209 45.78 63.53 -7.23
CA PHE G 209 45.11 62.87 -8.35
C PHE G 209 45.78 61.54 -8.66
N PRO G 210 45.07 60.63 -9.35
CA PRO G 210 45.69 59.33 -9.67
C PRO G 210 46.92 59.49 -10.55
N ALA G 211 47.90 58.61 -10.33
CA ALA G 211 49.15 58.66 -11.07
C ALA G 211 48.95 58.17 -12.51
N VAL G 212 49.58 58.86 -13.45
CA VAL G 212 49.56 58.50 -14.86
C VAL G 212 50.88 57.82 -15.21
N LEU G 213 50.80 56.65 -15.83
CA LEU G 213 51.99 55.92 -16.24
C LEU G 213 52.72 56.69 -17.34
N GLN G 214 53.89 57.22 -17.01
CA GLN G 214 54.67 57.98 -17.97
C GLN G 214 55.12 57.11 -19.13
N SER G 215 55.64 57.76 -20.17
CA SER G 215 56.11 57.03 -21.35
C SER G 215 57.31 56.14 -21.02
N SER G 216 58.14 56.55 -20.06
CA SER G 216 59.32 55.78 -19.65
C SER G 216 59.01 54.74 -18.58
N GLY G 217 57.73 54.42 -18.36
CA GLY G 217 57.35 53.48 -17.33
C GLY G 217 57.20 54.08 -15.95
N LEU G 218 57.67 55.30 -15.74
CA LEU G 218 57.56 55.95 -14.45
C LEU G 218 56.16 56.55 -14.30
N TYR G 219 55.96 57.34 -13.24
CA TYR G 219 54.67 57.94 -12.93
C TYR G 219 54.87 59.41 -12.57
N SER G 220 53.81 60.19 -12.73
CA SER G 220 53.85 61.62 -12.41
C SER G 220 52.49 62.05 -11.90
N LEU G 221 52.47 62.65 -10.70
CA LEU G 221 51.28 63.28 -10.15
C LEU G 221 51.63 64.68 -9.65
N SER G 222 50.60 65.42 -9.25
CA SER G 222 50.76 66.74 -8.65
C SER G 222 49.75 66.89 -7.53
N SER G 223 50.24 66.96 -6.29
CA SER G 223 49.36 67.23 -5.15
C SER G 223 49.12 68.74 -5.11
N VAL G 224 47.91 69.15 -5.48
CA VAL G 224 47.56 70.56 -5.70
C VAL G 224 46.57 70.99 -4.64
N VAL G 225 46.62 72.28 -4.28
CA VAL G 225 45.74 72.84 -3.26
C VAL G 225 45.49 74.31 -3.59
N THR G 226 44.22 74.71 -3.54
CA THR G 226 43.82 76.09 -3.76
C THR G 226 43.75 76.83 -2.44
N VAL G 227 44.27 78.06 -2.42
CA VAL G 227 44.29 78.88 -1.22
C VAL G 227 44.14 80.34 -1.63
N PRO G 228 43.92 81.26 -0.69
CA PRO G 228 43.99 82.68 -1.05
C PRO G 228 45.42 83.09 -1.37
N SER G 229 45.56 83.91 -2.41
CA SER G 229 46.88 84.37 -2.83
C SER G 229 47.60 85.16 -1.74
N SER G 230 46.86 85.75 -0.79
CA SER G 230 47.48 86.47 0.31
C SER G 230 48.30 85.55 1.22
N SER G 231 48.06 84.24 1.19
CA SER G 231 48.78 83.31 2.04
C SER G 231 50.19 83.02 1.55
N LEU G 232 50.55 83.42 0.34
CA LEU G 232 51.89 83.18 -0.17
C LEU G 232 52.92 83.95 0.65
N GLY G 233 54.00 83.26 1.04
CA GLY G 233 55.06 83.88 1.81
C GLY G 233 54.73 84.04 3.28
N THR G 234 53.63 84.72 3.59
CA THR G 234 53.24 84.89 4.99
C THR G 234 52.97 83.55 5.66
N GLN G 235 52.43 82.58 4.93
CA GLN G 235 52.15 81.24 5.43
C GLN G 235 53.19 80.29 4.87
N THR G 236 53.95 79.66 5.76
CA THR G 236 55.03 78.78 5.34
C THR G 236 54.47 77.49 4.75
N TYR G 237 55.21 76.92 3.79
CA TYR G 237 54.81 75.70 3.11
C TYR G 237 56.06 74.85 2.90
N ILE G 238 56.06 73.65 3.48
CA ILE G 238 57.13 72.67 3.31
C ILE G 238 56.45 71.37 2.92
N CYS G 239 56.40 71.09 1.62
CA CYS G 239 55.69 69.93 1.11
C CYS G 239 56.55 68.68 1.26
N ASN G 240 56.04 67.69 1.98
CA ASN G 240 56.75 66.44 2.22
C ASN G 240 56.17 65.35 1.33
N VAL G 241 57.00 64.81 0.46
CA VAL G 241 56.63 63.72 -0.43
C VAL G 241 57.30 62.44 0.08
N ASN G 242 56.59 61.31 -0.04
CA ASN G 242 57.08 60.03 0.43
C ASN G 242 56.62 58.92 -0.49
N HIS G 243 57.56 58.09 -0.95
CA HIS G 243 57.32 56.94 -1.80
C HIS G 243 57.71 55.69 -1.05
N LYS G 244 56.74 54.81 -0.78
CA LYS G 244 56.97 53.64 0.06
C LYS G 244 57.71 52.52 -0.66
N PRO G 245 57.32 52.14 -1.89
CA PRO G 245 58.11 51.14 -2.65
C PRO G 245 59.60 51.41 -2.70
N SER G 246 60.01 52.65 -2.96
CA SER G 246 61.41 53.03 -2.92
C SER G 246 61.86 53.49 -1.54
N ASN G 247 60.92 53.82 -0.66
CA ASN G 247 61.23 54.27 0.71
C ASN G 247 61.99 55.59 0.68
N THR G 248 61.62 56.46 -0.25
CA THR G 248 62.20 57.79 -0.38
C THR G 248 61.31 58.81 0.31
N LYS G 249 61.93 59.84 0.87
CA LYS G 249 61.22 60.93 1.52
C LYS G 249 61.97 62.22 1.27
N VAL G 250 61.27 63.24 0.79
CA VAL G 250 61.88 64.52 0.42
C VAL G 250 60.97 65.67 0.84
N ASP G 251 61.59 66.85 0.96
CA ASP G 251 60.91 68.10 1.30
C ASP G 251 61.12 69.12 0.19
N LYS G 252 60.10 69.94 -0.05
CA LYS G 252 60.18 70.93 -1.11
C LYS G 252 59.19 72.06 -0.81
N ARG G 253 59.71 73.28 -0.70
CA ARG G 253 58.89 74.46 -0.45
C ARG G 253 58.33 75.01 -1.76
N VAL G 254 57.10 75.50 -1.70
CA VAL G 254 56.44 76.16 -2.83
C VAL G 254 56.43 77.65 -2.56
N GLU G 255 56.85 78.43 -3.55
CA GLU G 255 57.03 79.86 -3.38
C GLU G 255 56.80 80.54 -4.73
N PRO G 256 56.66 81.88 -4.76
CA PRO G 256 56.57 82.59 -6.04
C PRO G 256 57.72 82.28 -6.99
N LYS G 257 57.38 81.80 -8.19
CA LYS G 257 58.37 81.54 -9.22
C LYS G 257 59.16 82.80 -9.54
N SER G 258 60.48 82.74 -9.33
CA SER G 258 61.36 83.85 -9.69
C SER G 258 61.56 83.97 -11.20
N CYS G 259 61.14 82.98 -11.98
CA CYS G 259 61.25 83.04 -13.43
C CYS G 259 60.08 82.32 -14.09
N GLN H 20 34.42 39.36 -30.64
CA GLN H 20 35.38 40.43 -30.23
C GLN H 20 34.65 41.76 -30.00
N SER H 21 33.71 42.07 -30.88
CA SER H 21 32.97 43.32 -30.79
C SER H 21 32.09 43.28 -29.55
N ALA H 22 32.44 44.07 -28.54
CA ALA H 22 31.62 44.19 -27.35
C ALA H 22 30.25 44.72 -27.70
N LEU H 23 29.28 44.43 -26.84
CA LEU H 23 27.91 44.91 -27.05
C LEU H 23 27.89 46.42 -26.92
N THR H 24 27.70 47.10 -28.04
CA THR H 24 27.91 48.55 -28.09
C THR H 24 26.79 49.30 -27.38
N GLN H 25 27.17 50.23 -26.51
CA GLN H 25 26.25 51.17 -25.88
C GLN H 25 27.03 52.43 -25.53
N PRO H 26 26.36 53.58 -25.43
CA PRO H 26 27.10 54.82 -25.11
C PRO H 26 27.80 54.73 -23.77
N ALA H 27 29.05 55.22 -23.74
CA ALA H 27 29.87 55.13 -22.55
C ALA H 27 29.35 55.98 -21.40
N SER H 28 28.44 56.91 -21.65
CA SER H 28 27.93 57.80 -20.62
C SER H 28 26.50 58.22 -20.96
N VAL H 29 25.66 58.29 -19.92
CA VAL H 29 24.28 58.74 -20.03
C VAL H 29 23.97 59.58 -18.81
N SER H 30 22.85 60.29 -18.87
CA SER H 30 22.46 61.20 -17.80
C SER H 30 20.94 61.31 -17.74
N GLY H 31 20.45 61.64 -16.56
CA GLY H 31 19.02 61.78 -16.33
C GLY H 31 18.71 62.25 -14.92
N SER H 32 17.61 62.98 -14.77
CA SER H 32 17.23 63.53 -13.47
C SER H 32 16.60 62.43 -12.60
N PRO H 33 16.58 62.61 -11.28
CA PRO H 33 15.93 61.61 -10.42
C PRO H 33 14.43 61.55 -10.69
N GLY H 34 13.88 60.34 -10.60
CA GLY H 34 12.47 60.10 -10.84
C GLY H 34 12.11 59.90 -12.30
N GLN H 35 12.68 60.70 -13.19
CA GLN H 35 12.37 60.60 -14.61
C GLN H 35 12.84 59.27 -15.16
N THR H 36 11.90 58.50 -15.71
CA THR H 36 12.22 57.20 -16.29
C THR H 36 13.17 57.37 -17.48
N ILE H 37 13.98 56.34 -17.70
CA ILE H 37 14.97 56.30 -18.76
C ILE H 37 14.95 54.91 -19.37
N THR H 38 15.79 54.70 -20.39
CA THR H 38 15.93 53.39 -20.99
C THR H 38 17.33 53.25 -21.56
N ILE H 39 18.09 52.28 -21.05
CA ILE H 39 19.39 51.95 -21.60
C ILE H 39 19.17 51.03 -22.79
N SER H 40 20.02 51.17 -23.81
CA SER H 40 19.92 50.39 -25.04
C SER H 40 21.31 50.02 -25.50
N CYS H 41 21.58 48.72 -25.63
CA CYS H 41 22.87 48.24 -26.13
C CYS H 41 22.65 47.34 -27.34
N ASN H 42 23.67 47.26 -28.17
CA ASN H 42 23.63 46.55 -29.44
C ASN H 42 24.35 45.21 -29.33
N GLY H 43 24.06 44.33 -30.30
CA GLY H 43 24.73 43.05 -30.38
C GLY H 43 24.84 42.54 -31.79
N THR H 44 25.06 41.23 -31.94
CA THR H 44 25.26 40.61 -33.25
C THR H 44 24.44 39.33 -33.31
N SER H 45 24.61 38.60 -34.41
CA SER H 45 23.95 37.31 -34.57
C SER H 45 24.61 36.23 -33.73
N SER H 46 25.89 36.39 -33.41
CA SER H 46 26.63 35.33 -32.73
C SER H 46 26.10 35.11 -31.32
N ASP H 47 25.87 36.18 -30.56
CA ASP H 47 25.53 36.10 -29.15
C ASP H 47 24.09 36.51 -28.85
N VAL H 48 23.65 37.68 -29.30
CA VAL H 48 22.29 38.11 -29.01
C VAL H 48 21.30 37.44 -29.94
N GLY H 49 21.60 37.42 -31.24
CA GLY H 49 20.81 36.65 -32.18
C GLY H 49 20.95 35.15 -32.05
N GLY H 50 21.92 34.67 -31.25
CA GLY H 50 22.15 33.26 -31.10
C GLY H 50 21.41 32.64 -29.93
N PHE H 51 21.09 33.45 -28.92
CA PHE H 51 20.42 32.94 -27.73
C PHE H 51 19.72 34.10 -27.03
N ASP H 52 18.88 33.75 -26.05
CA ASP H 52 18.05 34.71 -25.33
C ASP H 52 18.57 35.00 -23.92
N SER H 53 19.79 34.60 -23.59
CA SER H 53 20.35 34.81 -22.25
C SER H 53 21.18 36.09 -22.22
N VAL H 54 20.50 37.21 -22.43
CA VAL H 54 21.09 38.53 -22.37
C VAL H 54 20.93 39.07 -20.96
N SER H 55 22.04 39.42 -20.32
CA SER H 55 22.03 39.95 -18.98
C SER H 55 22.53 41.40 -18.98
N TRP H 56 22.29 42.10 -17.88
CA TRP H 56 22.76 43.45 -17.66
C TRP H 56 23.28 43.55 -16.25
N TYR H 57 24.51 44.04 -16.11
CA TYR H 57 25.18 44.23 -14.84
C TYR H 57 25.38 45.72 -14.59
N GLN H 58 25.65 46.06 -13.34
CA GLN H 58 25.93 47.44 -12.93
C GLN H 58 27.10 47.42 -11.96
N GLN H 59 27.92 48.46 -12.04
CA GLN H 59 29.05 48.62 -11.13
C GLN H 59 29.33 50.11 -10.97
N SER H 60 29.36 50.58 -9.73
CA SER H 60 29.61 51.97 -9.39
C SER H 60 31.04 52.15 -8.91
N PRO H 61 31.57 53.38 -8.93
CA PRO H 61 32.90 53.61 -8.35
C PRO H 61 32.91 53.31 -6.86
N GLY H 62 33.82 52.42 -6.45
CA GLY H 62 33.88 51.99 -5.08
C GLY H 62 32.88 50.93 -4.70
N LYS H 63 32.32 50.22 -5.68
CA LYS H 63 31.35 49.16 -5.44
C LYS H 63 31.65 47.98 -6.36
N ALA H 64 31.46 46.78 -5.85
CA ALA H 64 31.59 45.59 -6.67
C ALA H 64 30.46 45.54 -7.70
N PRO H 65 30.61 44.78 -8.77
CA PRO H 65 29.52 44.69 -9.75
C PRO H 65 28.38 43.83 -9.23
N LYS H 66 27.17 44.15 -9.69
CA LYS H 66 25.98 43.37 -9.38
C LYS H 66 25.06 43.37 -10.58
N VAL H 67 24.23 42.33 -10.68
CA VAL H 67 23.38 42.17 -11.85
C VAL H 67 22.21 43.15 -11.80
N MET H 68 21.64 43.40 -12.99
CA MET H 68 20.44 44.22 -13.12
C MET H 68 19.35 43.49 -13.91
N VAL H 69 19.76 42.60 -14.81
CA VAL H 69 18.79 41.79 -15.57
C VAL H 69 19.46 40.47 -15.92
N PHE H 70 18.68 39.40 -15.81
CA PHE H 70 18.95 38.09 -16.40
C PHE H 70 17.60 37.51 -16.79
N ASP H 71 17.55 36.66 -17.83
CA ASP H 71 16.27 36.07 -18.23
C ASP H 71 15.24 37.16 -18.57
N VAL H 72 15.58 37.96 -19.58
CA VAL H 72 15.40 39.40 -19.74
C VAL H 72 14.01 39.85 -19.32
N SER H 73 12.97 39.13 -19.73
CA SER H 73 11.60 39.55 -19.45
C SER H 73 11.17 39.16 -18.03
N HIS H 74 12.11 38.77 -17.17
CA HIS H 74 11.89 38.57 -15.74
C HIS H 74 13.14 39.03 -15.01
N ARG H 75 12.95 39.61 -13.81
CA ARG H 75 13.95 40.46 -13.16
C ARG H 75 14.72 39.68 -12.10
N PRO H 76 15.91 40.14 -11.72
CA PRO H 76 16.78 39.34 -10.84
C PRO H 76 16.42 39.48 -9.36
N SER H 77 17.24 38.82 -8.54
CA SER H 77 17.02 38.73 -7.10
C SER H 77 16.98 40.09 -6.43
N GLY H 78 15.94 40.31 -5.61
CA GLY H 78 15.92 41.41 -4.66
C GLY H 78 15.96 42.82 -5.22
N ILE H 79 15.79 42.97 -6.52
CA ILE H 79 15.79 44.28 -7.15
C ILE H 79 14.35 44.79 -7.24
N SER H 80 14.21 46.11 -7.32
CA SER H 80 12.91 46.75 -7.39
C SER H 80 12.13 46.28 -8.62
N ASN H 81 10.84 46.60 -8.63
CA ASN H 81 9.92 46.17 -9.67
C ASN H 81 9.86 47.16 -10.83
N ARG H 82 10.80 48.11 -10.90
CA ARG H 82 10.78 49.17 -11.89
C ARG H 82 11.65 48.90 -13.11
N PHE H 83 12.58 47.95 -13.02
CA PHE H 83 13.62 47.75 -14.04
C PHE H 83 13.20 46.58 -14.92
N SER H 84 12.73 46.88 -16.14
CA SER H 84 12.16 45.88 -17.02
C SER H 84 13.01 45.75 -18.28
N GLY H 85 13.48 44.54 -18.54
CA GLY H 85 14.31 44.27 -19.69
C GLY H 85 13.51 43.87 -20.93
N SER H 86 14.11 44.11 -22.09
CA SER H 86 13.53 43.69 -23.36
C SER H 86 14.64 43.48 -24.37
N LYS H 87 14.29 42.81 -25.47
CA LYS H 87 15.26 42.46 -26.51
C LYS H 87 14.55 42.38 -27.85
N SER H 88 15.26 42.80 -28.90
CA SER H 88 14.73 42.76 -30.26
C SER H 88 15.87 42.39 -31.20
N GLY H 89 15.73 41.25 -31.87
CA GLY H 89 16.76 40.79 -32.79
C GLY H 89 18.10 40.60 -32.12
N ASN H 90 19.06 41.46 -32.47
CA ASN H 90 20.40 41.42 -31.90
C ASN H 90 20.65 42.52 -30.88
N THR H 91 19.68 43.40 -30.64
CA THR H 91 19.82 44.49 -29.67
C THR H 91 19.04 44.15 -28.40
N ALA H 92 19.49 44.73 -27.29
CA ALA H 92 18.84 44.58 -25.99
C ALA H 92 18.63 45.96 -25.38
N SER H 93 17.75 46.02 -24.39
CA SER H 93 17.45 47.29 -23.73
C SER H 93 16.84 47.01 -22.36
N LEU H 94 16.85 48.05 -21.53
CA LEU H 94 16.35 47.96 -20.17
C LEU H 94 15.70 49.30 -19.83
N THR H 95 14.38 49.30 -19.65
CA THR H 95 13.66 50.50 -19.24
C THR H 95 13.62 50.56 -17.72
N ILE H 96 13.71 51.78 -17.18
CA ILE H 96 13.76 52.00 -15.74
C ILE H 96 12.87 53.19 -15.41
N SER H 97 12.10 53.05 -14.33
CA SER H 97 11.28 54.12 -13.78
C SER H 97 11.79 54.48 -12.39
N GLY H 98 11.40 55.66 -11.93
CA GLY H 98 11.81 56.14 -10.61
C GLY H 98 13.31 56.18 -10.43
N LEU H 99 13.98 57.04 -11.19
CA LEU H 99 15.44 57.09 -11.22
C LEU H 99 16.00 57.46 -9.85
N HIS H 100 16.68 56.53 -9.20
CA HIS H 100 17.27 56.71 -7.90
C HIS H 100 18.67 57.31 -8.02
N ILE H 101 19.20 57.74 -6.88
CA ILE H 101 20.52 58.38 -6.83
C ILE H 101 21.62 57.35 -6.66
N GLU H 102 21.38 56.32 -5.84
CA GLU H 102 22.39 55.31 -5.58
C GLU H 102 22.72 54.49 -6.83
N ASP H 103 21.85 54.49 -7.83
CA ASP H 103 22.06 53.69 -9.04
C ASP H 103 23.06 54.30 -10.01
N GLU H 104 23.68 55.43 -9.67
CA GLU H 104 24.70 56.02 -10.53
C GLU H 104 25.88 55.07 -10.67
N GLY H 105 26.35 54.91 -11.90
CA GLY H 105 27.50 54.07 -12.16
C GLY H 105 27.42 53.48 -13.56
N ASP H 106 28.42 52.68 -13.88
CA ASP H 106 28.50 52.05 -15.19
C ASP H 106 27.54 50.87 -15.27
N TYR H 107 27.01 50.66 -16.48
CA TYR H 107 26.13 49.54 -16.79
C TYR H 107 26.68 48.80 -18.01
N PHE H 108 26.70 47.47 -17.93
CA PHE H 108 27.28 46.63 -18.97
C PHE H 108 26.33 45.50 -19.30
N CYS H 109 25.81 45.49 -20.52
CA CYS H 109 25.05 44.34 -20.98
C CYS H 109 26.01 43.26 -21.49
N SER H 110 25.59 42.01 -21.34
CA SER H 110 26.39 40.84 -21.69
C SER H 110 25.50 39.83 -22.40
N SER H 111 26.11 39.06 -23.31
CA SER H 111 25.39 38.05 -24.06
C SER H 111 26.28 36.84 -24.27
N LEU H 112 25.66 35.66 -24.30
CA LEU H 112 26.36 34.39 -24.45
C LEU H 112 26.56 34.09 -25.92
N THR H 113 27.81 33.94 -26.35
CA THR H 113 28.11 33.63 -27.74
C THR H 113 27.62 32.24 -28.10
N ASP H 114 27.70 31.92 -29.38
CA ASP H 114 27.35 30.58 -29.85
C ASP H 114 28.39 29.54 -29.46
N ARG H 115 29.65 29.94 -29.24
CA ARG H 115 30.73 29.04 -28.87
C ARG H 115 30.80 28.78 -27.37
N SER H 116 29.73 29.07 -26.61
CA SER H 116 29.63 28.93 -25.17
C SER H 116 30.46 29.97 -24.41
N HIS H 117 31.12 30.91 -25.10
CA HIS H 117 31.82 32.01 -24.46
C HIS H 117 30.90 33.23 -24.39
N ARG H 118 31.24 34.16 -23.51
CA ARG H 118 30.46 35.37 -23.29
C ARG H 118 31.21 36.59 -23.81
N ILE H 119 30.54 37.74 -23.76
CA ILE H 119 31.15 39.02 -24.10
C ILE H 119 30.32 40.11 -23.46
N PHE H 120 31.00 41.11 -22.90
CA PHE H 120 30.36 42.23 -22.24
C PHE H 120 30.20 43.39 -23.22
N GLY H 121 29.76 44.54 -22.70
CA GLY H 121 29.59 45.74 -23.48
C GLY H 121 30.65 46.79 -23.19
N GLY H 122 30.46 47.96 -23.81
CA GLY H 122 31.41 49.05 -23.61
C GLY H 122 31.26 49.72 -22.27
N GLY H 123 30.02 49.85 -21.80
CA GLY H 123 29.71 50.50 -20.52
C GLY H 123 28.72 51.63 -20.70
N THR H 124 28.05 52.01 -19.61
CA THR H 124 27.10 53.14 -19.66
C THR H 124 27.06 53.78 -18.28
N LYS H 125 27.77 54.90 -18.12
CA LYS H 125 27.79 55.62 -16.85
C LYS H 125 26.50 56.42 -16.69
N VAL H 126 25.77 56.14 -15.60
CA VAL H 126 24.57 56.88 -15.27
C VAL H 126 24.96 58.03 -14.35
N THR H 127 24.61 59.25 -14.75
CA THR H 127 24.87 60.46 -13.96
C THR H 127 23.55 61.12 -13.64
N VAL H 128 23.37 61.50 -12.39
CA VAL H 128 22.13 62.12 -11.93
C VAL H 128 22.16 63.60 -12.30
N LEU H 129 21.21 64.03 -13.12
CA LEU H 129 21.04 65.45 -13.36
C LEU H 129 20.46 66.12 -12.10
N GLY H 130 20.35 67.45 -12.15
CA GLY H 130 19.94 68.24 -11.01
C GLY H 130 21.10 68.92 -10.30
N GLN H 131 22.29 68.35 -10.41
CA GLN H 131 23.52 68.96 -9.93
C GLN H 131 24.00 69.93 -11.00
N PRO H 132 23.93 71.25 -10.80
CA PRO H 132 24.34 72.17 -11.87
C PRO H 132 25.81 72.01 -12.21
N LYS H 133 26.09 71.80 -13.50
CA LYS H 133 27.45 71.60 -13.98
C LYS H 133 28.18 72.93 -13.94
N ALA H 134 29.01 73.12 -12.90
CA ALA H 134 29.78 74.35 -12.79
C ALA H 134 30.95 74.32 -13.77
N ALA H 135 31.29 75.50 -14.27
CA ALA H 135 32.41 75.60 -15.20
C ALA H 135 33.70 75.16 -14.50
N PRO H 136 34.59 74.43 -15.18
CA PRO H 136 35.83 74.02 -14.49
C PRO H 136 36.74 75.22 -14.23
N SER H 137 37.17 75.34 -12.97
CA SER H 137 38.14 76.37 -12.58
C SER H 137 39.51 75.93 -13.04
N VAL H 138 39.86 76.27 -14.28
CA VAL H 138 41.11 75.84 -14.89
C VAL H 138 42.21 76.82 -14.48
N THR H 139 43.35 76.28 -14.06
CA THR H 139 44.54 77.09 -13.80
C THR H 139 45.75 76.30 -14.28
N LEU H 140 46.90 76.96 -14.34
CA LEU H 140 48.10 76.38 -14.95
C LEU H 140 49.34 76.80 -14.16
N PHE H 141 50.04 75.80 -13.61
CA PHE H 141 51.34 76.01 -13.00
C PHE H 141 52.41 75.92 -14.08
N PRO H 142 53.23 76.96 -14.30
CA PRO H 142 54.36 76.81 -15.21
C PRO H 142 55.53 76.14 -14.51
N PRO H 143 56.63 75.87 -15.23
CA PRO H 143 57.84 75.36 -14.57
C PRO H 143 58.34 76.32 -13.50
N SER H 144 58.33 75.86 -12.25
CA SER H 144 58.80 76.67 -11.15
C SER H 144 60.29 76.94 -11.29
N SER H 145 60.79 77.89 -10.48
CA SER H 145 62.19 78.28 -10.56
C SER H 145 63.13 77.12 -10.23
N GLU H 146 62.64 76.13 -9.46
CA GLU H 146 63.47 74.98 -9.15
C GLU H 146 63.69 74.06 -10.35
N GLU H 147 62.88 74.20 -11.41
CA GLU H 147 62.92 73.29 -12.54
C GLU H 147 63.53 73.89 -13.80
N LEU H 148 63.68 75.22 -13.86
CA LEU H 148 64.25 75.84 -15.06
C LEU H 148 65.66 75.36 -15.33
N GLN H 149 66.55 75.51 -14.34
CA GLN H 149 67.94 75.09 -14.50
C GLN H 149 68.12 73.56 -14.50
N ALA H 150 67.05 72.80 -14.26
CA ALA H 150 67.12 71.34 -14.24
C ALA H 150 67.01 70.71 -15.63
N ASN H 151 67.02 71.52 -16.70
CA ASN H 151 66.89 71.01 -18.07
C ASN H 151 65.58 70.22 -18.23
N LYS H 152 64.52 70.68 -17.57
CA LYS H 152 63.22 70.02 -17.67
C LYS H 152 62.15 71.04 -17.31
N ALA H 153 61.23 71.28 -18.24
CA ALA H 153 60.09 72.16 -18.03
C ALA H 153 58.82 71.32 -17.96
N THR H 154 57.91 71.73 -17.10
CA THR H 154 56.66 70.99 -16.87
C THR H 154 55.53 71.97 -16.59
N LEU H 155 54.46 71.85 -17.38
CA LEU H 155 53.26 72.66 -17.21
C LEU H 155 52.16 71.77 -16.63
N VAL H 156 51.60 72.19 -15.50
CA VAL H 156 50.56 71.43 -14.80
C VAL H 156 49.25 72.18 -14.93
N CYS H 157 48.33 71.67 -15.74
CA CYS H 157 47.00 72.26 -15.90
C CYS H 157 46.05 71.60 -14.90
N LEU H 158 45.69 72.34 -13.86
CA LEU H 158 44.74 71.87 -12.86
C LEU H 158 43.32 72.22 -13.27
N ILE H 159 42.45 71.20 -13.31
CA ILE H 159 41.02 71.37 -13.50
C ILE H 159 40.34 71.07 -12.16
N SER H 160 39.31 71.83 -11.84
CA SER H 160 38.65 71.69 -10.55
C SER H 160 37.23 72.22 -10.64
N ASP H 161 36.36 71.71 -9.76
CA ASP H 161 34.99 72.20 -9.63
C ASP H 161 34.22 72.08 -10.94
N PHE H 162 34.12 70.83 -11.41
CA PHE H 162 33.38 70.51 -12.63
C PHE H 162 32.69 69.17 -12.43
N TYR H 163 31.46 69.06 -12.93
CA TYR H 163 30.65 67.86 -12.79
C TYR H 163 29.87 67.67 -14.08
N PRO H 164 29.80 66.44 -14.63
CA PRO H 164 30.36 65.16 -14.19
C PRO H 164 31.85 65.05 -14.49
N GLY H 165 32.45 63.91 -14.20
CA GLY H 165 33.84 63.67 -14.50
C GLY H 165 34.08 63.37 -15.96
N ALA H 166 33.85 64.36 -16.83
CA ALA H 166 34.00 64.18 -18.28
C ALA H 166 34.52 65.50 -18.84
N VAL H 167 35.85 65.58 -19.04
CA VAL H 167 36.50 66.76 -19.59
C VAL H 167 37.55 66.30 -20.60
N THR H 168 37.48 66.84 -21.81
CA THR H 168 38.51 66.62 -22.83
C THR H 168 39.58 67.69 -22.67
N VAL H 169 40.81 67.26 -22.38
CA VAL H 169 41.93 68.16 -22.20
C VAL H 169 42.57 68.45 -23.56
N ALA H 170 43.20 69.61 -23.69
CA ALA H 170 44.00 69.91 -24.85
C ALA H 170 45.05 70.95 -24.47
N TRP H 171 46.25 70.81 -25.03
CA TRP H 171 47.35 71.71 -24.79
C TRP H 171 47.73 72.40 -26.09
N LYS H 172 48.15 73.67 -25.98
CA LYS H 172 48.50 74.46 -27.15
C LYS H 172 49.62 75.42 -26.77
N ALA H 173 50.45 75.76 -27.76
CA ALA H 173 51.46 76.79 -27.58
C ALA H 173 50.79 78.15 -27.70
N ASP H 174 51.59 79.22 -27.71
CA ASP H 174 51.02 80.56 -27.83
C ASP H 174 50.27 80.74 -29.15
N SER H 175 50.71 80.08 -30.23
CA SER H 175 49.98 80.11 -31.49
C SER H 175 49.73 78.71 -32.08
N SER H 176 50.57 77.73 -31.72
CA SER H 176 50.52 76.41 -32.33
C SER H 176 49.86 75.40 -31.38
N PRO H 177 49.32 74.30 -31.91
CA PRO H 177 48.83 73.23 -31.02
C PRO H 177 49.98 72.35 -30.57
N VAL H 178 49.89 71.88 -29.32
CA VAL H 178 50.89 71.02 -28.71
C VAL H 178 50.17 69.79 -28.19
N LYS H 179 50.14 68.73 -29.00
CA LYS H 179 49.63 67.44 -28.55
C LYS H 179 50.71 66.54 -27.95
N ALA H 180 51.97 66.77 -28.30
CA ALA H 180 53.06 65.98 -27.75
C ALA H 180 53.34 66.39 -26.30
N GLY H 181 53.91 65.45 -25.54
CA GLY H 181 54.24 65.69 -24.15
C GLY H 181 53.06 65.69 -23.20
N VAL H 182 51.84 65.54 -23.71
CA VAL H 182 50.64 65.66 -22.88
C VAL H 182 50.41 64.36 -22.13
N GLU H 183 50.15 64.48 -20.83
CA GLU H 183 49.78 63.34 -19.99
C GLU H 183 48.63 63.78 -19.10
N THR H 184 47.44 63.23 -19.35
CA THR H 184 46.22 63.63 -18.69
C THR H 184 45.89 62.68 -17.55
N THR H 185 45.39 63.25 -16.44
CA THR H 185 44.93 62.48 -15.30
C THR H 185 43.40 62.47 -15.30
N THR H 186 42.83 61.30 -15.02
CA THR H 186 41.39 61.16 -15.08
C THR H 186 40.72 61.99 -13.99
N PRO H 187 39.45 62.40 -14.17
CA PRO H 187 38.76 63.12 -13.10
C PRO H 187 38.63 62.30 -11.83
N SER H 188 38.60 63.01 -10.69
CA SER H 188 38.38 62.40 -9.39
C SER H 188 37.41 63.27 -8.61
N LYS H 189 36.43 62.63 -7.97
CA LYS H 189 35.37 63.33 -7.25
C LYS H 189 35.91 64.23 -6.14
N GLN H 190 35.73 65.54 -6.29
CA GLN H 190 36.10 66.48 -5.25
C GLN H 190 35.20 66.32 -4.02
N SER H 191 35.54 67.03 -2.94
CA SER H 191 34.72 66.99 -1.74
C SER H 191 33.33 67.58 -1.94
N ASN H 192 33.16 68.48 -2.91
CA ASN H 192 31.87 69.10 -3.19
C ASN H 192 31.00 68.27 -4.12
N ASN H 193 31.39 67.02 -4.42
CA ASN H 193 30.75 66.10 -5.37
C ASN H 193 31.04 66.48 -6.82
N LYS H 194 31.74 67.59 -7.07
CA LYS H 194 32.28 67.88 -8.40
C LYS H 194 33.58 67.10 -8.57
N TYR H 195 34.31 67.38 -9.63
CA TYR H 195 35.53 66.64 -9.98
C TYR H 195 36.71 67.59 -10.12
N ALA H 196 37.90 66.99 -10.13
CA ALA H 196 39.14 67.71 -10.38
C ALA H 196 40.11 66.75 -11.06
N ALA H 197 41.19 67.32 -11.59
CA ALA H 197 42.16 66.56 -12.38
C ALA H 197 43.39 67.43 -12.60
N SER H 198 44.43 66.82 -13.15
CA SER H 198 45.69 67.53 -13.41
C SER H 198 46.36 66.90 -14.63
N SER H 199 46.54 67.73 -15.67
CA SER H 199 47.22 67.34 -16.90
C SER H 199 48.65 67.87 -16.89
N TYR H 200 49.54 67.17 -17.58
CA TYR H 200 50.98 67.46 -17.54
C TYR H 200 51.53 67.53 -18.95
N LEU H 201 52.10 68.67 -19.31
CA LEU H 201 52.84 68.85 -20.55
C LEU H 201 54.33 68.94 -20.23
N SER H 202 55.11 68.02 -20.79
CA SER H 202 56.56 67.95 -20.58
C SER H 202 57.26 68.66 -21.73
N LEU H 203 58.08 69.66 -21.40
CA LEU H 203 58.85 70.44 -22.36
C LEU H 203 60.25 70.62 -21.79
N THR H 204 61.04 71.47 -22.44
CA THR H 204 62.36 71.87 -21.99
C THR H 204 62.35 73.35 -21.63
N PRO H 205 63.33 73.82 -20.84
CA PRO H 205 63.38 75.27 -20.56
C PRO H 205 63.57 76.11 -21.80
N GLU H 206 64.29 75.59 -22.80
CA GLU H 206 64.43 76.30 -24.06
C GLU H 206 63.09 76.46 -24.75
N GLN H 207 62.38 75.35 -24.97
CA GLN H 207 61.07 75.41 -25.60
C GLN H 207 60.08 76.19 -24.74
N TRP H 208 60.22 76.12 -23.42
CA TRP H 208 59.28 76.83 -22.55
C TRP H 208 59.47 78.34 -22.64
N LYS H 209 60.72 78.81 -22.62
CA LYS H 209 60.97 80.24 -22.57
C LYS H 209 60.91 80.88 -23.95
N SER H 210 61.38 80.17 -24.98
CA SER H 210 61.33 80.71 -26.34
C SER H 210 59.89 80.94 -26.79
N HIS H 211 58.97 80.10 -26.35
CA HIS H 211 57.56 80.29 -26.64
C HIS H 211 57.01 81.40 -25.74
N LYS H 212 56.27 82.33 -26.33
CA LYS H 212 55.77 83.48 -25.59
C LYS H 212 54.81 83.05 -24.47
N SER H 213 54.07 81.98 -24.67
CA SER H 213 53.07 81.55 -23.70
C SER H 213 52.60 80.15 -24.07
N TYR H 214 51.82 79.56 -23.17
CA TYR H 214 51.18 78.27 -23.39
C TYR H 214 49.75 78.34 -22.89
N SER H 215 48.93 77.39 -23.34
CA SER H 215 47.50 77.40 -23.03
C SER H 215 47.01 75.98 -22.84
N CYS H 216 46.08 75.82 -21.90
CA CYS H 216 45.40 74.56 -21.62
C CYS H 216 43.91 74.80 -21.79
N GLN H 217 43.34 74.23 -22.85
CA GLN H 217 41.93 74.38 -23.19
C GLN H 217 41.19 73.08 -22.84
N VAL H 218 40.15 73.21 -22.03
CA VAL H 218 39.41 72.07 -21.49
C VAL H 218 37.96 72.18 -21.93
N THR H 219 37.46 71.11 -22.54
CA THR H 219 36.08 71.00 -23.00
C THR H 219 35.31 70.13 -22.01
N HIS H 220 34.56 70.79 -21.14
CA HIS H 220 33.63 70.15 -20.22
C HIS H 220 32.34 69.84 -21.00
N GLU H 221 31.29 69.42 -20.31
CA GLU H 221 29.95 69.50 -20.87
C GLU H 221 29.68 70.96 -21.24
N GLY H 222 28.70 71.17 -22.11
CA GLY H 222 28.85 71.98 -23.31
C GLY H 222 29.66 73.26 -23.16
N SER H 223 29.48 74.03 -22.09
CA SER H 223 30.37 75.15 -21.84
C SER H 223 31.83 74.70 -21.80
N THR H 224 32.74 75.63 -22.06
CA THR H 224 34.13 75.34 -22.36
C THR H 224 35.01 76.39 -21.73
N VAL H 225 36.23 75.99 -21.35
CA VAL H 225 37.11 76.84 -20.55
C VAL H 225 38.55 76.68 -21.03
N GLU H 226 39.40 77.61 -20.58
CA GLU H 226 40.79 77.63 -21.00
C GLU H 226 41.59 78.52 -20.06
N LYS H 227 42.85 78.15 -19.85
CA LYS H 227 43.82 78.95 -19.11
C LYS H 227 45.02 79.22 -20.01
N THR H 228 45.68 80.36 -19.78
CA THR H 228 46.89 80.74 -20.49
C THR H 228 47.95 81.17 -19.49
N VAL H 229 49.12 80.54 -19.55
CA VAL H 229 50.27 80.89 -18.71
C VAL H 229 51.34 81.50 -19.59
N ALA H 230 52.16 82.36 -19.00
CA ALA H 230 53.28 83.01 -19.67
C ALA H 230 54.50 82.99 -18.76
N PRO H 231 55.72 83.14 -19.33
CA PRO H 231 56.90 83.27 -18.47
C PRO H 231 56.98 84.63 -17.78
N THR H 232 56.76 84.65 -16.47
CA THR H 232 56.81 85.88 -15.68
C THR H 232 58.13 85.91 -14.91
N GLU H 233 58.98 86.89 -15.24
CA GLU H 233 60.28 87.05 -14.61
C GLU H 233 60.13 87.90 -13.35
N CYS H 234 60.27 87.26 -12.19
CA CYS H 234 60.09 87.89 -10.89
C CYS H 234 61.40 87.83 -10.09
N SER H 235 61.33 88.27 -8.85
CA SER H 235 62.51 88.26 -7.97
C SER H 235 62.71 86.88 -7.36
C1 NAG I . 30.47 9.62 -31.12
C2 NAG I . 31.36 9.98 -29.92
C3 NAG I . 31.88 11.41 -30.05
C4 NAG I . 32.55 11.62 -31.40
C5 NAG I . 31.57 11.27 -32.51
C6 NAG I . 32.14 11.37 -33.89
C7 NAG I . 31.24 9.63 -27.50
C8 NAG I . 30.33 9.48 -26.31
N2 NAG I . 30.63 9.82 -28.68
O3 NAG I . 32.80 11.68 -29.01
O4 NAG I . 32.98 12.99 -31.51
O5 NAG I . 31.16 9.90 -32.34
O6 NAG I . 33.45 10.80 -33.97
O7 NAG I . 32.46 9.56 -27.39
C1 NAG I . 34.13 13.29 -32.35
C2 NAG I . 35.04 14.29 -31.63
C3 NAG I . 36.18 14.70 -32.54
C4 NAG I . 36.92 13.47 -33.07
C5 NAG I . 35.94 12.50 -33.71
C6 NAG I . 36.58 11.19 -34.12
C7 NAG I . 34.69 16.24 -30.19
C8 NAG I . 33.80 17.41 -29.88
N2 NAG I . 34.29 15.45 -31.19
O3 NAG I . 37.09 15.53 -31.82
O4 NAG I . 37.87 13.86 -34.05
O5 NAG I . 34.89 12.16 -32.78
O6 NAG I . 37.80 11.42 -34.82
O7 NAG I . 35.73 16.05 -29.58
C1 BMA I . 39.17 14.18 -33.49
C2 BMA I . 40.15 14.34 -34.66
C3 BMA I . 41.51 14.78 -34.14
C4 BMA I . 41.39 15.99 -33.20
C5 BMA I . 40.38 15.67 -32.08
C6 BMA I . 40.15 16.82 -31.11
O2 BMA I . 39.71 15.36 -35.55
O3 BMA I . 42.41 15.08 -35.19
O4 BMA I . 42.65 16.29 -32.63
O5 BMA I . 39.12 15.34 -32.69
O6 BMA I . 40.00 18.04 -31.86
C1 MAN I . 40.49 19.14 -31.08
C2 MAN I . 39.91 20.47 -31.65
C3 MAN I . 40.82 21.15 -32.72
C4 MAN I . 42.34 20.83 -32.59
C5 MAN I . 42.56 19.37 -32.21
C6 MAN I . 44.02 19.02 -32.01
O2 MAN I . 39.58 21.48 -30.61
O3 MAN I . 40.64 22.56 -32.72
O4 MAN I . 42.99 21.09 -33.82
O5 MAN I . 41.88 19.14 -30.98
O6 MAN I . 44.10 17.62 -31.74
C1 NAG I . 40.63 21.94 -29.74
C2 NAG I . 40.06 23.09 -28.91
C3 NAG I . 41.12 23.62 -27.94
C4 NAG I . 41.69 22.49 -27.10
C5 NAG I . 42.20 21.38 -28.01
C6 NAG I . 42.69 20.17 -27.26
C7 NAG I . 38.70 25.08 -29.38
C8 NAG I . 38.31 26.11 -30.40
N2 NAG I . 39.59 24.16 -29.78
O3 NAG I . 40.53 24.60 -27.09
O4 NAG I . 42.75 22.97 -26.29
O5 NAG I . 41.14 20.93 -28.86
O6 NAG I . 43.41 20.54 -26.09
O7 NAG I . 38.21 25.07 -28.24
C1 GAL I . 42.28 23.29 -24.98
C2 GAL I . 43.41 23.97 -24.20
C3 GAL I . 42.95 24.35 -22.79
C4 GAL I . 41.70 25.23 -22.87
C5 GAL I . 40.64 24.54 -23.74
C6 GAL I . 39.42 25.41 -24.05
O2 GAL I . 44.54 23.12 -24.06
O3 GAL I . 43.95 25.10 -22.11
O4 GAL I . 42.02 26.50 -23.41
O5 GAL I . 41.17 24.16 -25.03
O6 GAL I . 38.37 24.63 -24.60
C1 NAG J . 15.00 15.95 -18.84
C2 NAG J . 14.74 17.43 -18.71
C3 NAG J . 15.11 18.16 -20.00
C4 NAG J . 16.54 17.82 -20.41
C5 NAG J . 16.73 16.30 -20.44
C6 NAG J . 18.16 15.89 -20.70
C7 NAG J . 12.90 17.89 -17.13
C8 NAG J . 11.43 18.13 -16.98
N2 NAG J . 13.33 17.68 -18.37
O3 NAG J . 14.98 19.57 -19.80
O4 NAG J . 16.79 18.34 -21.71
O5 NAG J . 16.36 15.73 -19.17
O6 NAG J . 18.93 15.89 -19.50
O7 NAG J . 13.66 17.91 -16.16
C1 NAG J . 17.30 19.69 -21.71
C2 NAG J . 16.82 20.36 -22.99
C3 NAG J . 17.35 21.79 -23.07
C4 NAG J . 17.00 22.55 -21.80
C5 NAG J . 17.46 21.78 -20.57
C6 NAG J . 17.03 22.42 -19.27
C7 NAG J . 16.55 19.66 -25.32
C8 NAG J . 17.09 18.81 -26.43
N2 NAG J . 17.21 19.61 -24.16
O3 NAG J . 16.81 22.42 -24.22
O4 NAG J . 17.64 23.84 -21.79
O5 NAG J . 16.90 20.46 -20.59
O6 NAG J . 16.28 21.52 -18.47
O7 NAG J . 15.55 20.36 -25.48
C1 BMA J . 16.99 24.83 -22.62
C2 BMA J . 17.36 26.23 -22.15
C3 BMA J . 16.55 27.23 -22.96
C4 BMA J . 16.65 26.97 -24.47
C5 BMA J . 16.57 25.47 -24.86
C6 BMA J . 17.09 25.22 -26.26
O2 BMA J . 18.73 26.51 -22.39
O3 BMA J . 16.98 28.59 -22.71
O4 BMA J . 15.59 27.66 -25.13
O5 BMA J . 17.35 24.68 -23.96
O6 BMA J . 16.20 25.85 -27.18
C1 MAN J . 15.97 29.48 -22.16
C2 MAN J . 16.30 30.95 -22.56
C3 MAN J . 17.21 31.68 -21.55
C4 MAN J . 16.92 31.27 -20.10
C5 MAN J . 16.96 29.76 -20.02
C6 MAN J . 16.84 29.19 -18.63
O2 MAN J . 15.11 31.74 -22.62
O3 MAN J . 17.11 33.10 -21.69
O4 MAN J . 17.90 31.84 -19.24
O5 MAN J . 15.85 29.28 -20.78
O6 MAN J . 17.82 28.17 -18.49
C1 MAN J . 16.84 26.93 -27.88
C2 MAN J . 15.76 27.61 -28.72
C3 MAN J . 15.90 27.15 -30.16
C4 MAN J . 17.23 27.65 -30.74
C5 MAN J . 18.40 27.31 -29.81
C6 MAN J . 19.17 28.54 -29.32
O2 MAN J . 15.91 29.04 -28.73
O3 MAN J . 14.81 27.58 -30.97
O4 MAN J . 17.45 27.05 -32.01
O5 MAN J . 17.96 26.52 -28.63
O6 MAN J . 18.26 29.41 -28.65
C1 NAG K . 3.70 2.80 -28.15
C2 NAG K . 2.33 2.78 -28.73
C3 NAG K . 2.33 2.01 -30.04
C4 NAG K . 3.40 2.53 -31.00
C5 NAG K . 4.26 3.67 -30.41
C6 NAG K . 3.65 5.04 -30.56
C7 NAG K . 0.07 2.40 -27.83
C8 NAG K . -0.74 1.71 -26.79
N2 NAG K . 1.39 2.18 -27.80
O3 NAG K . 1.05 2.14 -30.65
O4 NAG K . 4.23 1.43 -31.36
O5 NAG K . 4.60 3.49 -29.03
O6 NAG K . 2.26 5.00 -30.87
O7 NAG K . -0.44 3.14 -28.68
C1 NAG K . 4.00 0.95 -32.71
C2 NAG K . 2.61 0.32 -32.84
C3 NAG K . 2.43 -0.25 -34.24
C4 NAG K . 2.71 0.83 -35.27
C5 NAG K . 4.09 1.44 -35.04
C6 NAG K . 4.38 2.60 -35.97
C7 NAG K . 1.19 -0.96 -31.28
C8 NAG K . 1.16 -2.04 -30.25
N2 NAG K . 2.38 -0.71 -31.83
O3 NAG K . 1.11 -0.74 -34.39
O4 NAG K . 2.55 0.34 -36.61
O5 NAG K . 4.17 1.95 -33.71
O6 NAG K . 4.53 3.82 -35.25
O7 NAG K . 0.18 -0.33 -31.61
C1 BMA K . 3.57 -0.54 -37.15
C2 BMA K . 2.91 -1.40 -38.23
C3 BMA K . 3.96 -2.33 -38.82
C4 BMA K . 5.20 -1.54 -39.29
C5 BMA K . 5.73 -0.67 -38.12
C6 BMA K . 6.93 0.21 -38.49
O2 BMA K . 2.41 -0.60 -39.29
O3 BMA K . 3.44 -3.10 -39.91
O4 BMA K . 6.22 -2.42 -39.73
O5 BMA K . 4.66 0.17 -37.68
O6 BMA K . 6.43 1.49 -38.95
C1 MAN K . 3.99 -4.43 -39.98
C2 MAN K . 3.12 -5.39 -39.13
C3 MAN K . 3.66 -6.83 -39.18
C4 MAN K . 5.14 -6.86 -39.58
C5 MAN K . 5.85 -5.64 -39.00
C6 MAN K . 7.36 -5.67 -39.17
O2 MAN K . 1.79 -5.46 -39.62
O3 MAN K . 2.88 -7.64 -40.05
O4 MAN K . 5.74 -8.04 -39.06
O5 MAN K . 5.37 -4.47 -39.69
O6 MAN K . 7.64 -5.70 -40.56
C1 MAN K . 6.21 1.58 -40.37
C2 MAN K . 7.07 2.72 -40.94
C3 MAN K . 6.48 4.07 -40.57
C4 MAN K . 4.99 4.14 -40.92
C5 MAN K . 4.26 2.99 -40.22
C6 MAN K . 2.78 2.94 -40.55
O2 MAN K . 7.09 2.69 -42.37
O3 MAN K . 7.18 5.14 -41.21
O4 MAN K . 4.44 5.38 -40.50
O5 MAN K . 4.84 1.74 -40.66
O6 MAN K . 2.18 1.94 -39.73
C1 NAG L . 19.23 -26.01 -13.83
C2 NAG L . 19.11 -24.48 -13.82
C3 NAG L . 20.49 -23.84 -13.76
C4 NAG L . 21.27 -24.38 -12.57
C5 NAG L . 21.33 -25.90 -12.65
C6 NAG L . 22.00 -26.54 -11.46
C7 NAG L . 17.73 -22.85 -15.01
C8 NAG L . 17.02 -22.51 -16.29
N2 NAG L . 18.37 -24.02 -14.99
O3 NAG L . 20.34 -22.43 -13.68
O4 NAG L . 22.60 -23.87 -12.56
O5 NAG L . 19.98 -26.44 -12.70
O6 NAG L . 21.13 -26.59 -10.34
O7 NAG L . 17.71 -22.08 -14.05
C1 NAG L . 22.73 -22.59 -11.89
C2 NAG L . 23.40 -22.75 -10.54
C3 NAG L . 23.50 -21.41 -9.83
C4 NAG L . 24.23 -20.42 -10.73
C5 NAG L . 23.59 -20.38 -12.12
C6 NAG L . 24.38 -19.55 -13.11
C7 NAG L . 21.65 -23.90 -9.07
C8 NAG L . 20.67 -22.75 -9.23
N2 NAG L . 22.85 -23.81 -9.70
O3 NAG L . 24.18 -21.57 -8.59
O4 NAG L . 24.15 -19.10 -10.20
O5 NAG L . 23.49 -21.70 -12.69
O6 NAG L . 24.77 -20.32 -14.24
O7 NAG L . 21.36 -24.88 -8.40
C1 BMA L . 25.05 -18.80 -9.11
C2 BMA L . 25.96 -17.64 -9.55
C3 BMA L . 26.79 -17.14 -8.38
C4 BMA L . 25.91 -16.89 -7.14
C5 BMA L . 25.12 -18.15 -6.81
C6 BMA L . 24.18 -17.95 -5.62
O2 BMA L . 25.17 -16.54 -9.99
O3 BMA L . 27.51 -15.97 -8.71
O4 BMA L . 26.72 -16.52 -6.03
O5 BMA L . 24.32 -18.49 -7.95
O6 BMA L . 24.87 -17.24 -4.61
C1 NAG M . 14.34 -17.50 -40.63
C2 NAG M . 14.31 -16.16 -39.92
C3 NAG M . 14.01 -15.05 -40.92
C4 NAG M . 14.98 -15.11 -42.09
C5 NAG M . 15.09 -16.53 -42.66
C6 NAG M . 16.21 -16.68 -43.67
C7 NAG M . 13.63 -16.49 -37.58
C8 NAG M . 12.49 -16.46 -36.61
N2 NAG M . 13.33 -16.17 -38.84
O3 NAG M . 14.11 -13.79 -40.26
O4 NAG M . 14.49 -14.26 -43.12
O5 NAG M . 15.35 -17.48 -41.61
O6 NAG M . 16.63 -18.03 -43.77
O7 NAG M . 14.77 -16.80 -37.24
C1 NAG M . 15.49 -13.41 -43.71
C2 NAG M . 14.99 -13.03 -45.09
C3 NAG M . 16.00 -12.10 -45.78
C4 NAG M . 16.28 -10.90 -44.89
C5 NAG M . 16.71 -11.35 -43.49
C6 NAG M . 16.87 -10.20 -42.53
C7 NAG M . 13.59 -14.88 -45.90
C8 NAG M . 13.52 -16.08 -46.80
N2 NAG M . 14.76 -14.21 -45.90
O3 NAG M . 15.47 -11.67 -47.03
O4 NAG M . 17.31 -10.10 -45.47
O5 NAG M . 15.72 -12.22 -42.94
O6 NAG M . 17.16 -8.99 -43.21
O7 NAG M . 12.65 -14.54 -45.20
C1 NAG N . 18.85 -16.59 -34.80
C2 NAG N . 18.28 -15.21 -35.03
C3 NAG N . 17.70 -15.11 -36.44
C4 NAG N . 18.73 -15.53 -37.49
C5 NAG N . 19.36 -16.87 -37.12
C6 NAG N . 20.53 -17.26 -37.99
C7 NAG N . 17.51 -14.22 -32.91
C8 NAG N . 16.33 -13.99 -32.02
N2 NAG N . 17.26 -14.89 -34.04
O3 NAG N . 17.27 -13.77 -36.68
O4 NAG N . 18.05 -15.67 -38.73
O5 NAG N . 19.85 -16.85 -35.76
O6 NAG N . 21.19 -16.13 -38.55
O7 NAG N . 18.63 -13.82 -32.63
C1 NAG N . 18.62 -15.24 -39.99
C2 NAG N . 19.15 -13.82 -40.02
C3 NAG N . 19.49 -13.43 -41.46
C4 NAG N . 20.43 -14.46 -42.08
C5 NAG N . 19.93 -15.88 -41.87
C6 NAG N . 20.94 -16.93 -42.27
C7 NAG N . 18.53 -11.86 -38.66
C8 NAG N . 17.40 -11.00 -38.18
N2 NAG N . 18.19 -12.89 -39.46
O3 NAG N . 20.11 -12.14 -41.46
O4 NAG N . 20.50 -14.23 -43.49
O5 NAG N . 19.61 -16.12 -40.50
O6 NAG N . 20.48 -17.72 -43.36
O7 NAG N . 19.69 -11.64 -38.36
C1 BMA N . 21.64 -13.46 -43.92
C2 BMA N . 22.87 -14.38 -44.02
C3 BMA N . 24.02 -13.66 -44.75
C4 BMA N . 23.54 -13.03 -46.06
C5 BMA N . 22.38 -12.08 -45.76
C6 BMA N . 21.82 -11.42 -47.02
O2 BMA N . 22.57 -15.54 -44.79
O3 BMA N . 25.11 -14.54 -45.01
O4 BMA N . 24.60 -12.30 -46.66
O5 BMA N . 21.32 -12.85 -45.16
O6 BMA N . 21.21 -12.43 -47.81
C1 NAG O . -36.79 -55.16 -9.57
C2 NAG O . -38.13 -54.53 -9.18
C3 NAG O . -39.21 -54.95 -10.17
C4 NAG O . -38.79 -54.68 -11.61
C5 NAG O . -37.39 -55.26 -11.87
C6 NAG O . -36.84 -54.86 -13.23
C7 NAG O . -39.32 -54.16 -7.06
C8 NAG O . -39.60 -54.70 -5.69
N2 NAG O . -38.51 -54.91 -7.82
O3 NAG O . -40.40 -54.23 -9.86
O4 NAG O . -39.66 -55.33 -12.52
O5 NAG O . -36.46 -54.76 -10.89
O6 NAG O . -36.53 -53.47 -13.28
O7 NAG O . -39.79 -53.10 -7.45
C1 NAG O . -40.97 -54.75 -12.66
C2 NAG O . -41.32 -54.65 -14.15
C3 NAG O . -42.74 -54.11 -14.31
C4 NAG O . -43.73 -54.94 -13.53
C5 NAG O . -43.29 -55.04 -12.07
C6 NAG O . -44.16 -55.96 -11.25
C7 NAG O . -40.13 -53.89 -16.15
C8 NAG O . -39.11 -52.95 -16.71
N2 NAG O . -40.36 -53.80 -14.84
O3 NAG O . -43.08 -54.12 -15.70
O4 NAG O . -45.03 -54.36 -13.59
O5 NAG O . -41.94 -55.55 -11.99
O6 NAG O . -44.62 -55.32 -10.06
O7 NAG O . -40.71 -54.69 -16.86
C1 NAG P . -26.77 -45.22 -14.93
C2 NAG P . -27.17 -46.08 -16.12
C3 NAG P . -26.45 -45.62 -17.39
C4 NAG P . -26.70 -44.15 -17.62
C5 NAG P . -26.24 -43.37 -16.39
C6 NAG P . -26.47 -41.88 -16.49
C7 NAG P . -27.83 -48.38 -15.50
C8 NAG P . -27.36 -49.78 -15.27
N2 NAG P . -26.90 -47.49 -15.87
O3 NAG P . -26.94 -46.39 -18.50
O4 NAG P . -26.00 -43.66 -18.76
O5 NAG P . -26.97 -43.83 -15.24
O6 NAG P . -25.57 -41.28 -17.42
O7 NAG P . -29.01 -48.05 -15.36
C1 NAG P . -26.69 -43.91 -20.00
C2 NAG P . -26.29 -42.84 -21.02
C3 NAG P . -26.98 -43.10 -22.36
C4 NAG P . -26.74 -44.52 -22.82
C5 NAG P . -27.12 -45.51 -21.72
C6 NAG P . -26.79 -46.94 -22.07
C7 NAG P . -26.05 -40.39 -21.00
C8 NAG P . -26.49 -39.11 -20.36
N2 NAG P . -26.60 -41.51 -20.52
O3 NAG P . -26.50 -42.18 -23.33
O4 NAG P . -27.53 -44.79 -23.98
O5 NAG P . -26.40 -45.19 -20.53
O6 NAG P . -27.58 -47.86 -21.32
O7 NAG P . -25.22 -40.42 -21.90
C1 NAG Q . -27.97 23.61 -40.34
C2 NAG Q . -29.47 23.81 -40.41
C3 NAG Q . -29.88 24.15 -41.84
C4 NAG Q . -29.06 25.32 -42.38
C5 NAG Q . -27.55 25.13 -42.11
C6 NAG Q . -26.75 26.37 -42.40
C7 NAG Q . -30.69 22.48 -38.73
C8 NAG Q . -31.37 21.17 -38.44
N2 NAG Q . -30.16 22.61 -39.95
O3 NAG Q . -31.26 24.48 -41.85
O4 NAG Q . -29.23 25.39 -43.78
O5 NAG Q . -27.32 24.81 -40.73
O6 NAG Q . -27.20 27.48 -41.64
O7 NAG Q . -30.62 23.38 -37.89
C1 NAG Q . -30.18 26.39 -44.16
C2 NAG Q . -30.45 26.23 -45.64
C3 NAG Q . -31.82 26.81 -46.01
C4 NAG Q . -32.23 27.91 -45.04
C5 NAG Q . -32.26 27.40 -43.59
C6 NAG Q . -33.64 26.96 -43.17
C7 NAG Q . -29.13 26.47 -47.69
C8 NAG Q . -28.01 27.21 -48.37
N2 NAG Q . -29.40 26.84 -46.43
O3 NAG Q . -32.79 25.77 -45.99
O4 NAG Q . -31.29 28.98 -45.11
O5 NAG Q . -31.40 26.27 -43.44
O6 NAG Q . -34.41 28.05 -42.70
O7 NAG Q . -29.76 25.58 -48.26
C1 BMA Q . -31.72 30.05 -45.99
C2 BMA Q . -30.67 31.17 -45.89
C3 BMA Q . -30.96 32.27 -46.91
C4 BMA Q . -31.21 31.68 -48.31
C5 BMA Q . -32.32 30.63 -48.22
C6 BMA Q . -32.60 29.97 -49.56
O2 BMA Q . -29.38 30.66 -46.20
O3 BMA Q . -29.91 33.22 -46.97
O4 BMA Q . -31.59 32.70 -49.20
O5 BMA Q . -31.90 29.61 -47.30
O6 BMA Q . -32.74 30.99 -50.55
C1 NAG R . -43.52 29.10 -22.01
C2 NAG R . -42.29 29.76 -21.45
C3 NAG R . -42.68 30.68 -20.30
C4 NAG R . -43.76 31.66 -20.75
C5 NAG R . -44.88 30.98 -21.54
C6 NAG R . -45.78 31.96 -22.26
C7 NAG R . -40.31 28.34 -21.81
C8 NAG R . -39.38 27.34 -21.21
N2 NAG R . -41.30 28.79 -21.02
O3 NAG R . -41.52 31.37 -19.86
O4 NAG R . -44.38 32.26 -19.62
O5 NAG R . -44.37 30.09 -22.54
O6 NAG R . -46.64 32.64 -21.35
O7 NAG R . -40.17 28.75 -22.96
C1 NAG R . -43.57 33.15 -18.80
C2 NAG R . -43.48 32.52 -17.41
C3 NAG R . -42.69 33.42 -16.48
C4 NAG R . -41.31 33.68 -17.08
C5 NAG R . -41.45 34.24 -18.49
C6 NAG R . -40.12 34.41 -19.19
C7 NAG R . -45.83 32.79 -16.46
C8 NAG R . -45.80 34.28 -16.61
N2 NAG R . -44.75 32.08 -16.84
O3 NAG R . -42.57 32.82 -15.19
O4 NAG R . -40.59 34.60 -16.26
O5 NAG R . -42.25 33.38 -19.31
O6 NAG R . -40.04 35.64 -19.88
O7 NAG R . -46.82 32.23 -15.99
C1 NAG S . -16.93 24.03 -29.11
C2 NAG S . -15.42 24.32 -29.23
C3 NAG S . -15.10 24.97 -30.58
C4 NAG S . -15.64 24.12 -31.72
C5 NAG S . -17.15 23.99 -31.54
C6 NAG S . -17.81 23.14 -32.60
C7 NAG S . -13.69 25.21 -27.73
C8 NAG S . -13.41 26.14 -26.59
N2 NAG S . -14.97 25.16 -28.14
O3 NAG S . -13.69 25.12 -30.72
O4 NAG S . -15.32 24.69 -32.98
O5 NAG S . -17.40 23.35 -30.28
O6 NAG S . -19.19 22.98 -32.33
O7 NAG S . -12.82 24.53 -28.25
C1 NAG S . -14.78 23.69 -33.87
C2 NAG S . -14.45 24.31 -35.23
C3 NAG S . -13.96 23.23 -36.20
C4 NAG S . -12.80 22.46 -35.57
C5 NAG S . -13.18 21.95 -34.17
C6 NAG S . -12.03 21.30 -33.45
C7 NAG S . -15.50 25.96 -36.71
C8 NAG S . -16.80 26.57 -37.17
N2 NAG S . -15.61 25.00 -35.78
O3 NAG S . -13.56 23.84 -37.41
O4 NAG S . -12.48 21.32 -36.36
O5 NAG S . -13.61 23.05 -33.36
O6 NAG S . -10.88 22.14 -33.42
O7 NAG S . -14.42 26.32 -37.15
C1 BMA S . -11.72 21.60 -37.56
C2 BMA S . -10.50 20.68 -37.58
C3 BMA S . -9.73 20.89 -38.90
C4 BMA S . -10.67 20.79 -40.11
C5 BMA S . -11.86 21.74 -39.93
C6 BMA S . -12.88 21.62 -41.05
O2 BMA S . -10.88 19.32 -37.54
O3 BMA S . -8.66 19.96 -39.03
O4 BMA S . -9.96 21.13 -41.29
O5 BMA S . -12.52 21.41 -38.71
O6 BMA S . -13.53 20.36 -40.94
C1 NAG T . -1.87 25.19 -20.53
C2 NAG T . -2.19 25.43 -22.01
C3 NAG T . -1.77 26.83 -22.41
C4 NAG T . -2.41 27.85 -21.48
C5 NAG T . -2.12 27.51 -20.01
C6 NAG T . -2.83 28.40 -19.03
C7 NAG T . -2.01 24.10 -24.06
C8 NAG T . -1.23 23.04 -24.79
N2 NAG T . -1.55 24.43 -22.85
O3 NAG T . -2.14 27.09 -23.75
O4 NAG T . -2.06 29.20 -21.76
O5 NAG T . -2.54 26.16 -19.73
O6 NAG T . -4.13 28.75 -19.49
O7 NAG T . -3.02 24.61 -24.55
C1 NAG T . -0.70 29.51 -22.13
C2 NAG T . -0.49 31.01 -21.96
C3 NAG T . 0.92 31.40 -22.38
C4 NAG T . 1.95 30.56 -21.63
C5 NAG T . 1.64 29.08 -21.79
C6 NAG T . 2.53 28.19 -20.97
C7 NAG T . -1.86 33.00 -22.39
C8 NAG T . -2.89 33.62 -23.29
N2 NAG T . -1.48 31.76 -22.72
O3 NAG T . 1.14 32.78 -22.10
O4 NAG T . 3.26 30.82 -22.14
O5 NAG T . 0.29 28.81 -21.37
O6 NAG T . 1.95 27.88 -19.71
O7 NAG T . -1.40 33.59 -21.42
C1 FUC T . -5.12 28.60 -18.46
C2 FUC T . -6.43 29.17 -18.98
C3 FUC T . -6.98 28.28 -20.11
C4 FUC T . -7.15 26.85 -19.60
C5 FUC T . -5.83 26.35 -19.00
C6 FUC T . -6.00 25.03 -18.27
O2 FUC T . -6.31 30.51 -19.41
O3 FUC T . -8.27 28.75 -20.52
O4 FUC T . -8.17 26.79 -18.62
O5 FUC T . -5.27 27.27 -18.04
C1 NAG U . -36.48 -1.61 -17.02
C2 NAG U . -35.22 -0.80 -17.31
C3 NAG U . -35.05 -0.62 -18.81
C4 NAG U . -35.05 -1.97 -19.51
C5 NAG U . -36.31 -2.74 -19.14
C6 NAG U . -36.34 -4.14 -19.70
C7 NAG U . -34.49 0.80 -15.59
C8 NAG U . -34.66 2.19 -15.04
N2 NAG U . -35.26 0.50 -16.65
O3 NAG U . -33.82 0.07 -19.06
O4 NAG U . -35.01 -1.82 -20.92
O5 NAG U . -36.41 -2.86 -17.72
O6 NAG U . -37.64 -4.51 -20.13
O7 NAG U . -33.70 0.00 -15.10
C1 NAG U . -33.68 -1.66 -21.46
C2 NAG U . -33.76 -1.65 -22.98
C3 NAG U . -32.38 -1.44 -23.61
C4 NAG U . -31.78 -0.17 -23.06
C5 NAG U . -31.73 -0.23 -21.53
C6 NAG U . -31.23 1.05 -20.91
C7 NAG U . -34.19 -4.08 -23.62
C8 NAG U . -32.89 -4.54 -23.02
N2 NAG U . -34.50 -2.77 -23.56
O3 NAG U . -32.51 -1.38 -25.02
O4 NAG U . -30.45 -0.01 -23.56
O5 NAG U . -33.05 -0.44 -21.01
O6 NAG U . -31.60 1.15 -19.54
O7 NAG U . -34.95 -4.89 -24.16
C1 NAG V . -43.55 22.77 -7.78
C2 NAG V . -42.11 23.24 -7.84
C3 NAG V . -42.06 24.74 -8.09
C4 NAG V . -42.85 25.09 -9.35
C5 NAG V . -44.26 24.51 -9.26
C6 NAG V . -45.04 24.68 -10.55
C7 NAG V . -40.72 21.75 -6.46
C8 NAG V . -40.05 21.57 -5.13
N2 NAG V . -41.40 22.89 -6.62
O3 NAG V . -40.70 25.13 -8.22
O4 NAG V . -42.98 26.51 -9.49
O5 NAG V . -44.21 23.10 -9.00
O6 NAG V . -46.28 25.35 -10.32
O7 NAG V . -40.67 20.91 -7.34
C1 NAG V . -41.80 27.17 -9.98
C2 NAG V . -42.23 28.54 -10.48
C3 NAG V . -41.01 29.39 -10.87
C4 NAG V . -40.03 29.44 -9.71
C5 NAG V . -39.65 28.02 -9.31
C6 NAG V . -38.70 27.96 -8.13
C7 NAG V . -44.04 29.36 -11.94
C8 NAG V . -44.90 29.05 -13.13
N2 NAG V . -43.14 28.43 -11.61
O3 NAG V . -41.42 30.70 -11.21
O4 NAG V . -38.86 30.17 -10.08
O5 NAG V . -40.83 27.32 -8.93
O6 NAG V . -37.40 28.42 -8.48
O7 NAG V . -44.17 30.38 -11.28
C1 BMA V . -38.59 31.21 -9.11
C2 BMA V . -37.26 31.87 -9.45
C3 BMA V . -36.98 33.01 -8.47
C4 BMA V . -38.18 33.95 -8.31
C5 BMA V . -39.46 33.13 -8.01
C6 BMA V . -40.71 33.98 -7.93
O2 BMA V . -37.30 32.45 -10.75
O3 BMA V . -35.83 33.76 -8.84
O4 BMA V . -37.95 34.88 -7.26
O5 BMA V . -39.63 32.16 -9.05
O6 BMA V . -41.04 34.42 -9.25
C1 NAG W . 14.03 37.61 15.22
C2 NAG W . 13.69 39.04 15.65
C3 NAG W . 14.39 40.06 14.76
C4 NAG W . 15.89 39.81 14.76
C5 NAG W . 16.12 38.38 14.26
C6 NAG W . 17.59 37.99 14.25
C7 NAG W . 11.47 39.02 16.70
C8 NAG W . 10.01 39.30 16.52
N2 NAG W . 12.25 39.26 15.64
O3 NAG W . 14.11 41.37 15.24
O4 NAG W . 16.58 40.72 13.92
O5 NAG W . 15.46 37.46 15.14
O6 NAG W . 18.36 38.91 13.48
O7 NAG W . 11.92 38.59 17.77
C1 NAG W . 16.98 41.94 14.59
C2 NAG W . 18.46 41.87 15.01
C3 NAG W . 18.86 43.19 15.67
C4 NAG W . 18.54 44.37 14.77
C5 NAG W . 17.06 44.33 14.37
C6 NAG W . 16.70 45.40 13.37
C7 NAG W . 19.78 39.96 15.92
C8 NAG W . 20.86 40.25 14.92
N2 NAG W . 18.69 40.75 15.90
O3 NAG W . 20.26 43.18 15.97
O4 NAG W . 18.79 45.59 15.46
O5 NAG W . 16.76 43.07 13.75
O6 NAG W . 15.50 46.07 13.74
O7 NAG W . 19.88 39.05 16.73
C1 NAG X . 4.45 38.91 28.78
C2 NAG X . 5.50 39.96 28.44
C3 NAG X . 5.43 41.11 29.44
C4 NAG X . 4.00 41.64 29.54
C5 NAG X . 3.00 40.52 29.76
C6 NAG X . 1.56 40.98 29.68
C7 NAG X . 7.88 39.95 27.83
C8 NAG X . 9.19 39.22 27.93
N2 NAG X . 6.83 39.38 28.43
O3 NAG X . 6.31 42.14 29.04
O4 NAG X . 3.94 42.53 30.65
O5 NAG X . 3.17 39.50 28.77
O6 NAG X . 1.18 41.22 28.33
O7 NAG X . 7.79 41.02 27.24
C1 NAG X . 3.44 43.88 30.46
C2 NAG X . 4.31 44.74 31.36
C3 NAG X . 3.83 46.19 31.32
C4 NAG X . 3.74 46.69 29.89
C5 NAG X . 2.91 45.72 29.06
C6 NAG X . 2.87 46.09 27.58
C7 NAG X . 5.42 44.28 33.50
C8 NAG X . 5.26 43.72 34.88
N2 NAG X . 4.34 44.24 32.73
O3 NAG X . 4.73 46.99 32.09
O4 NAG X . 3.13 47.97 29.83
O5 NAG X . 3.45 44.40 29.13
O6 NAG X . 1.76 46.92 27.28
O7 NAG X . 6.48 44.76 33.12
C1 BMA X . 3.98 49.08 30.20
C2 BMA X . 3.91 50.15 29.09
C3 BMA X . 4.71 51.38 29.49
C4 BMA X . 4.36 51.84 30.92
C5 BMA X . 4.48 50.68 31.90
C6 BMA X . 4.06 51.04 33.31
O2 BMA X . 2.56 50.58 28.91
O3 BMA X . 4.53 52.45 28.58
O4 BMA X . 5.24 52.88 31.31
O5 BMA X . 3.62 49.62 31.45
O6 BMA X . 4.24 49.89 34.15
C1 NAG Y . 19.35 25.97 35.72
C2 NAG Y . 20.36 24.84 35.99
C3 NAG Y . 21.03 25.01 37.34
C4 NAG Y . 21.66 26.39 37.42
C5 NAG Y . 20.58 27.44 37.22
C6 NAG Y . 21.11 28.86 37.25
C7 NAG Y . 20.35 22.41 35.61
C8 NAG Y . 19.52 21.16 35.57
N2 NAG Y . 19.70 23.54 35.91
O3 NAG Y . 22.03 24.01 37.51
O4 NAG Y . 22.31 26.58 38.67
O5 NAG Y . 19.99 27.25 35.92
O6 NAG Y . 20.16 29.79 36.73
O7 NAG Y . 21.55 22.40 35.37
C1 NAG Y . 23.68 26.99 38.46
C2 NAG Y . 24.36 27.27 39.80
C3 NAG Y . 25.81 27.70 39.57
C4 NAG Y . 26.54 26.70 38.70
C5 NAG Y . 25.76 26.45 37.41
C6 NAG Y . 26.36 25.39 36.53
C7 NAG Y . 22.53 28.01 41.27
C8 NAG Y . 21.91 29.17 41.98
N2 NAG Y . 23.63 28.28 40.55
O3 NAG Y . 26.46 27.83 40.83
O4 NAG Y . 27.83 27.20 38.37
O5 NAG Y . 24.43 26.02 37.73
O6 NAG Y . 26.45 24.14 37.22
O7 NAG Y . 22.07 26.88 41.33
C1 BMA Y . 28.89 26.23 38.52
C2 BMA Y . 30.02 26.62 37.58
C3 BMA Y . 31.19 25.65 37.74
C4 BMA Y . 31.58 25.49 39.22
C5 BMA Y . 30.35 25.13 40.06
C6 BMA Y . 30.64 25.05 41.54
O2 BMA Y . 30.52 27.91 37.90
O3 BMA Y . 32.32 26.05 36.97
O4 BMA Y . 32.56 24.48 39.35
O5 BMA Y . 29.34 26.14 39.85
O6 BMA Y . 29.48 24.58 42.20
C1 NAG Z . 5.66 32.19 11.95
C2 NAG Z . 5.39 32.52 10.47
C3 NAG Z . 5.06 34.00 10.29
C4 NAG Z . 3.95 34.42 11.23
C5 NAG Z . 4.34 34.07 12.67
C6 NAG Z . 3.27 34.38 13.67
C7 NAG Z . 6.71 30.93 9.13
C8 NAG Z . 7.93 30.74 8.29
N2 NAG Z . 6.52 32.14 9.64
O3 NAG Z . 4.68 34.23 8.94
O4 NAG Z . 3.73 35.82 11.12
O5 NAG Z . 4.59 32.67 12.75
O6 NAG Z . 3.14 35.78 13.89
O7 NAG Z . 5.91 30.01 9.33
C1 NAG Z . 2.33 36.16 11.05
C2 NAG Z . 2.19 37.65 11.35
C3 NAG Z . 0.73 38.04 11.38
C4 NAG Z . 0.07 37.63 10.07
C5 NAG Z . 0.31 36.15 9.78
C6 NAG Z . -0.20 35.71 8.43
C7 NAG Z . 4.11 38.38 12.71
C8 NAG Z . 4.61 38.67 14.10
N2 NAG Z . 2.84 37.98 12.62
O3 NAG Z . 0.61 39.45 11.56
O4 NAG Z . -1.34 37.87 10.13
O5 NAG Z . 1.72 35.87 9.80
O6 NAG Z . -0.81 36.78 7.72
O7 NAG Z . 4.83 38.47 11.73
C1 NAG AA . 7.49 27.10 -2.84
C2 NAG AA . 8.94 27.18 -2.36
C3 NAG AA . 9.64 28.39 -2.96
C4 NAG AA . 9.47 28.41 -4.47
C5 NAG AA . 8.00 28.31 -4.83
C6 NAG AA . 7.74 28.23 -6.33
C7 NAG AA . 10.09 26.84 -0.23
C8 NAG AA . 9.99 26.93 1.26
N2 NAG AA . 9.01 27.21 -0.91
O3 NAG AA . 11.01 28.37 -2.60
O4 NAG AA . 9.97 29.61 -5.03
O5 NAG AA . 7.45 27.11 -4.26
O6 NAG AA . 8.88 27.78 -7.04
O7 NAG AA . 11.12 26.44 -0.79
C1 NAG AA . 11.40 29.61 -5.19
C2 NAG AA . 11.73 30.69 -6.23
C3 NAG AA . 13.23 30.90 -6.34
C4 NAG AA . 13.82 31.17 -4.96
C5 NAG AA . 13.47 30.03 -4.03
C6 NAG AA . 13.99 30.22 -2.63
C7 NAG AA . 9.88 30.50 -7.84
C8 NAG AA . 9.47 30.05 -9.21
N2 NAG AA . 11.17 30.33 -7.53
O3 NAG AA . 13.51 31.98 -7.22
O4 NAG AA . 15.22 31.39 -5.02
O5 NAG AA . 12.04 29.93 -3.94
O6 NAG AA . 15.23 30.89 -2.62
O7 NAG AA . 9.08 31.01 -7.06
C1 BMA AA . 15.42 32.81 -4.95
C2 BMA AA . 16.88 33.19 -5.05
C3 BMA AA . 16.95 34.68 -4.75
C4 BMA AA . 15.95 35.51 -5.60
C5 BMA AA . 14.55 34.85 -5.71
C6 BMA AA . 13.69 35.38 -6.84
O2 BMA AA . 17.37 33.00 -6.37
O3 BMA AA . 18.29 35.21 -4.93
O4 BMA AA . 15.77 36.79 -5.02
O5 BMA AA . 14.71 33.46 -5.94
O6 BMA AA . 13.32 34.26 -7.68
C1 MAN AA . 12.79 34.68 -8.97
C2 MAN AA . 11.28 35.09 -8.84
C3 MAN AA . 10.27 34.07 -9.44
C4 MAN AA . 10.85 33.31 -10.63
C5 MAN AA . 12.17 32.69 -10.22
C6 MAN AA . 12.75 31.79 -11.31
O2 MAN AA . 11.04 36.32 -9.51
O3 MAN AA . 9.05 34.71 -9.86
O4 MAN AA . 9.95 32.29 -11.03
O5 MAN AA . 13.10 33.75 -10.01
O6 MAN AA . 12.75 32.55 -12.52
C1 MAN AA . 8.33 35.35 -8.79
C2 MAN AA . 6.82 35.23 -9.10
C3 MAN AA . 6.42 36.23 -10.18
C4 MAN AA . 6.89 37.63 -9.82
C5 MAN AA . 8.40 37.63 -9.62
C6 MAN AA . 8.97 38.98 -9.20
O2 MAN AA . 6.03 35.56 -7.95
O3 MAN AA . 5.02 36.22 -10.41
O4 MAN AA . 6.57 38.54 -10.86
O5 MAN AA . 8.73 36.68 -8.58
O6 MAN AA . 10.38 38.88 -9.17
C1 MAN AA . 13.12 31.72 -13.64
C2 MAN AA . 13.32 32.64 -14.85
C3 MAN AA . 11.95 33.16 -15.29
C4 MAN AA . 11.00 31.99 -15.57
C5 MAN AA . 10.90 31.10 -14.32
C6 MAN AA . 10.08 29.84 -14.58
O2 MAN AA . 13.85 31.91 -15.96
O3 MAN AA . 12.05 34.00 -16.44
O4 MAN AA . 9.72 32.49 -15.90
O5 MAN AA . 12.21 30.69 -13.89
O6 MAN AA . 10.04 29.09 -13.38
C1 MAN AA . 18.96 35.48 -3.68
C2 MAN AA . 20.31 36.15 -3.96
C3 MAN AA . 21.35 35.12 -4.39
C4 MAN AA . 21.40 33.97 -3.37
C5 MAN AA . 20.01 33.33 -3.28
C6 MAN AA . 19.94 32.19 -2.28
O2 MAN AA . 20.83 36.77 -2.78
O3 MAN AA . 22.64 35.70 -4.54
O4 MAN AA . 22.34 33.01 -3.80
O5 MAN AA . 19.06 34.33 -2.86
O6 MAN AA . 18.92 31.29 -2.71
C1 NAG BA . 19.37 9.94 5.64
C2 NAG BA . 20.21 10.94 6.45
C3 NAG BA . 21.18 10.21 7.38
C4 NAG BA . 20.46 9.16 8.21
C5 NAG BA . 19.63 8.25 7.30
C6 NAG BA . 18.80 7.25 8.07
C7 NAG BA . 21.56 12.94 5.95
C8 NAG BA . 22.27 13.72 4.89
N2 NAG BA . 20.94 11.82 5.54
O3 NAG BA . 21.78 11.17 8.24
O4 NAG BA . 21.39 8.34 8.90
O5 NAG BA . 18.72 9.04 6.54
O6 NAG BA . 19.52 6.71 9.17
O7 NAG BA . 21.54 13.30 7.11
C1 NAG BA . 22.02 8.92 10.06
C2 NAG BA . 23.52 9.05 9.77
C3 NAG BA . 24.26 9.61 10.98
C4 NAG BA . 23.61 10.92 11.43
C5 NAG BA . 22.11 10.72 11.65
C6 NAG BA . 21.39 12.00 11.98
C7 NAG BA . 25.17 7.65 8.60
C8 NAG BA . 25.60 6.24 8.30
N2 NAG BA . 24.09 7.77 9.37
O3 NAG BA . 25.62 9.84 10.64
O4 NAG BA . 24.21 11.36 12.64
O5 NAG BA . 21.51 10.20 10.46
O6 NAG BA . 22.30 13.03 12.36
O7 NAG BA . 25.76 8.63 8.16
C1 NAG CA . 12.68 -17.07 41.12
C2 NAG CA . 14.18 -16.74 41.14
C3 NAG CA . 15.02 -18.01 41.07
C4 NAG CA . 14.58 -19.02 42.13
C5 NAG CA . 13.07 -19.24 42.03
C6 NAG CA . 12.54 -20.16 43.10
C7 NAG CA . 14.53 -14.52 40.14
C8 NAG CA . 14.91 -13.78 38.90
N2 NAG CA . 14.51 -15.85 40.04
O3 NAG CA . 16.38 -17.63 41.27
O4 NAG CA . 15.21 -20.29 41.98
O5 NAG CA . 12.39 -17.99 42.16
O6 NAG CA . 11.15 -20.44 42.90
O7 NAG CA . 14.26 -13.94 41.19
C1 NAG CA . 16.66 -20.44 41.95
C2 NAG CA . 17.41 -19.98 43.23
C3 NAG CA . 18.88 -20.36 43.18
C4 NAG CA . 19.03 -21.85 42.86
C5 NAG CA . 18.30 -22.18 41.57
C6 NAG CA . 18.34 -23.65 41.21
C7 NAG CA . 17.07 -17.99 44.64
C8 NAG CA . 16.95 -16.49 44.65
N2 NAG CA . 17.27 -18.54 43.44
O3 NAG CA . 19.49 -20.06 44.41
O4 NAG CA . 20.40 -22.24 42.83
O5 NAG CA . 16.90 -21.84 41.73
O6 NAG CA . 17.22 -24.34 41.74
O7 NAG CA . 16.99 -18.66 45.66
C1 BMA CA . 21.21 -21.84 41.69
C2 BMA CA . 22.62 -21.50 42.20
C3 BMA CA . 23.55 -21.21 41.04
C4 BMA CA . 23.47 -22.31 39.97
C5 BMA CA . 22.01 -22.52 39.54
C6 BMA CA . 21.84 -23.63 38.52
O2 BMA CA . 23.17 -22.60 42.91
O3 BMA CA . 24.90 -21.05 41.47
O4 BMA CA . 24.25 -21.95 38.83
O5 BMA CA . 21.25 -22.86 40.71
O6 BMA CA . 20.48 -23.65 38.11
C1 NAG DA . -3.45 6.18 32.45
C2 NAG DA . -3.43 7.07 31.21
C3 NAG DA . -4.08 8.42 31.51
C4 NAG DA . -5.45 8.23 32.13
C5 NAG DA . -5.37 7.29 33.33
C6 NAG DA . -6.71 6.96 33.94
C7 NAG DA . -1.76 7.77 29.54
C8 NAG DA . -0.30 7.88 29.23
N2 NAG DA . -2.06 7.25 30.73
O3 NAG DA . -4.20 9.18 30.31
O4 NAG DA . -5.97 9.48 32.55
O5 NAG DA . -4.78 6.04 32.92
O6 NAG DA . -7.71 6.78 32.94
O7 NAG DA . -2.63 8.15 28.76
C1 NAG DA . -7.07 9.91 31.72
C2 NAG DA . -7.54 11.31 32.13
C3 NAG DA . -8.77 11.72 31.33
C4 NAG DA . -8.47 11.60 29.83
C5 NAG DA . -7.87 10.23 29.49
C6 NAG DA . -7.36 10.14 28.08
C7 NAG DA . -8.50 10.86 34.45
C8 NAG DA . -9.32 9.71 33.95
N2 NAG DA . -7.71 11.52 33.56
O3 NAG DA . -9.11 13.07 31.64
O4 NAG DA . -9.68 11.74 29.11
O5 NAG DA . -6.74 9.92 30.34
O6 NAG DA . -6.47 9.03 27.91
O7 NAG DA . -8.52 11.20 35.64
C1 BMA DA . -9.60 12.68 28.00
C2 BMA DA . -10.70 12.28 27.01
C3 BMA DA . -10.77 13.29 25.87
C4 BMA DA . -10.85 14.72 26.41
C5 BMA DA . -9.67 14.98 27.36
C6 BMA DA . -9.71 16.36 27.97
O2 BMA DA . -11.97 12.29 27.64
O3 BMA DA . -11.87 13.03 25.00
O4 BMA DA . -10.79 15.65 25.32
O5 BMA DA . -9.74 14.01 28.43
O6 BMA DA . -9.87 17.31 26.92
C1 NAG EA . -0.15 15.13 39.85
C2 NAG EA . -0.39 16.44 40.60
C3 NAG EA . -1.05 16.17 41.95
C4 NAG EA . -2.32 15.36 41.76
C5 NAG EA . -2.01 14.08 40.98
C6 NAG EA . -3.23 13.26 40.66
C7 NAG EA . 1.18 18.25 40.04
C8 NAG EA . 2.50 18.89 40.37
N2 NAG EA . 0.84 17.18 40.78
O3 NAG EA . -1.35 17.41 42.58
O4 NAG EA . -2.89 15.02 43.02
O5 NAG EA . -1.38 14.40 39.72
O6 NAG EA . -3.46 13.21 39.25
O7 NAG EA . 0.47 18.67 39.14
C1 NAG EA . -3.98 15.92 43.32
C2 NAG EA . -4.46 15.62 44.74
C3 NAG EA . -5.60 16.55 45.12
C4 NAG EA . -5.21 18.00 44.91
C5 NAG EA . -4.69 18.20 43.49
C6 NAG EA . -4.16 19.59 43.24
C7 NAG EA . -4.87 13.56 46.01
C8 NAG EA . -5.33 12.13 45.95
N2 NAG EA . -4.87 14.22 44.86
O3 NAG EA . -5.95 16.34 46.49
O4 NAG EA . -6.33 18.84 45.11
O5 NAG EA . -3.60 17.30 43.23
O6 NAG EA . -3.33 19.63 42.08
O7 NAG EA . -4.50 14.07 47.07
C1 BMA EA . -6.07 19.87 46.09
C2 BMA EA . -7.29 20.80 46.15
C3 BMA EA . -7.11 21.85 47.26
C4 BMA EA . -6.67 21.20 48.58
C5 BMA EA . -5.42 20.33 48.34
C6 BMA EA . -4.94 19.63 49.59
O2 BMA EA . -8.46 20.06 46.46
O3 BMA EA . -8.30 22.60 47.46
O4 BMA EA . -6.38 22.20 49.54
O5 BMA EA . -5.75 19.34 47.36
O6 BMA EA . -5.88 18.62 49.93
C1 NAG FA . 4.85 21.06 37.99
C2 NAG FA . 4.23 21.94 36.91
C3 NAG FA . 4.80 23.34 36.99
C4 NAG FA . 4.58 23.90 38.39
C5 NAG FA . 5.08 22.91 39.45
C6 NAG FA . 4.71 23.34 40.86
C7 NAG FA . 5.26 20.94 34.81
C8 NAG FA . 6.64 20.96 35.42
N2 NAG FA . 4.23 21.40 35.55
O3 NAG FA . 4.15 24.16 36.01
O4 NAG FA . 5.27 25.13 38.58
O5 NAG FA . 4.54 21.60 39.27
O6 NAG FA . 3.51 22.70 41.29
O7 NAG FA . 5.08 20.51 33.69
C1 NAG FA . 4.60 26.33 38.14
C2 NAG FA . 3.81 26.98 39.29
C3 NAG FA . 3.24 28.32 38.85
C4 NAG FA . 4.35 29.21 38.32
C5 NAG FA . 5.12 28.50 37.21
C6 NAG FA . 6.32 29.29 36.72
C7 NAG FA . 2.34 26.01 41.01
C8 NAG FA . 1.21 25.06 41.29
N2 NAG FA . 2.73 26.10 39.74
O3 NAG FA . 2.58 28.93 39.95
O4 NAG FA . 3.80 30.42 37.82
O5 NAG FA . 5.61 27.25 37.69
O6 NAG FA . 7.29 28.45 36.13
O7 NAG FA . 2.87 26.67 41.90
C1 BMA FA . 3.74 31.45 38.83
C2 BMA FA . 2.78 32.55 38.33
C3 BMA FA . 2.55 33.60 39.42
C4 BMA FA . 2.24 32.96 40.78
C5 BMA FA . 3.32 31.93 41.13
C6 BMA FA . 3.07 31.22 42.44
O2 BMA FA . 1.51 32.00 38.02
O3 BMA FA . 1.53 34.51 39.06
O4 BMA FA . 2.17 33.96 41.78
O5 BMA FA . 3.35 30.96 40.09
O6 BMA FA . 1.94 30.38 42.27
C1 NAG GA . 25.67 -5.06 56.58
C2 NAG GA . 24.83 -4.45 57.72
C3 NAG GA . 25.72 -3.73 58.72
C4 NAG GA . 26.78 -4.71 59.24
C5 NAG GA . 27.61 -5.15 58.05
C6 NAG GA . 28.72 -6.12 58.42
C7 NAG GA . 22.57 -3.38 57.59
C8 NAG GA . 22.11 -4.24 58.74
N2 NAG GA . 23.84 -3.53 57.18
O3 NAG GA . 24.95 -3.21 59.79
O4 NAG GA . 27.60 -4.12 60.25
O5 NAG GA . 26.75 -5.84 57.14
O6 NAG GA . 29.88 -5.88 57.65
O7 NAG GA . 21.81 -2.56 57.07
C1 NAG GA . 27.07 -4.32 61.59
C2 NAG GA . 27.71 -5.49 62.31
C3 NAG GA . 27.11 -5.65 63.69
C4 NAG GA . 27.19 -4.34 64.48
C5 NAG GA . 26.62 -3.19 63.65
C6 NAG GA . 26.82 -1.84 64.30
C7 NAG GA . 28.49 -7.70 61.55
C8 NAG GA . 28.16 -8.91 60.73
N2 NAG GA . 27.57 -6.73 61.55
O3 NAG GA . 27.80 -6.68 64.39
O4 NAG GA . 26.44 -4.45 65.68
O5 NAG GA . 27.24 -3.13 62.36
O6 NAG GA . 28.10 -1.31 63.98
O7 NAG GA . 29.53 -7.61 62.18
C1 BMA GA . 27.14 -5.07 66.77
C2 BMA GA . 26.25 -4.96 68.02
C3 BMA GA . 26.85 -5.76 69.18
C4 BMA GA . 27.25 -7.17 68.74
C5 BMA GA . 28.19 -7.08 67.54
C6 BMA GA . 28.62 -8.44 67.02
O2 BMA GA . 24.97 -5.51 67.76
O3 BMA GA . 25.94 -5.83 70.28
O4 BMA GA . 27.90 -7.84 69.81
O5 BMA GA . 27.49 -6.41 66.49
O6 BMA GA . 27.47 -9.10 66.48
C1 NAG HA . 23.78 10.61 31.40
C2 NAG HA . 23.13 11.78 30.68
C3 NAG HA . 24.17 12.50 29.83
C4 NAG HA . 25.34 12.92 30.69
C5 NAG HA . 25.90 11.72 31.44
C6 NAG HA . 27.00 12.08 32.42
C7 NAG HA . 20.73 11.51 30.24
C8 NAG HA . 19.70 10.99 29.28
N2 NAG HA . 22.00 11.34 29.88
O3 NAG HA . 23.55 13.63 29.22
O4 NAG HA . 26.39 13.48 29.88
O5 NAG HA . 24.86 11.07 32.20
O6 NAG HA . 27.36 10.97 33.23
O7 NAG HA . 20.42 12.05 31.30
C1 NAG HA . 26.24 14.89 29.61
C2 NAG HA . 27.21 15.70 30.46
C3 NAG HA . 27.10 17.19 30.12
C4 NAG HA . 27.27 17.40 28.62
C5 NAG HA . 26.31 16.52 27.85
C6 NAG HA . 26.51 16.58 26.35
C7 NAG HA . 27.89 15.66 32.82
C8 NAG HA . 27.45 15.40 34.23
N2 NAG HA . 26.95 15.49 31.88
O3 NAG HA . 28.08 17.91 30.83
O4 NAG HA . 27.02 18.76 28.29
O5 NAG HA . 26.48 15.14 28.23
O6 NAG HA . 27.26 17.74 25.98
O7 NAG HA . 29.03 16.03 32.55
C1 NAG IA . 17.82 14.47 31.20
C2 NAG IA . 18.60 15.30 30.19
C3 NAG IA . 20.07 15.36 30.57
C4 NAG IA . 20.23 15.87 32.00
C5 NAG IA . 19.38 15.01 32.94
C6 NAG IA . 19.38 15.53 34.36
C7 NAG IA . 17.49 15.13 27.99
C8 NAG IA . 17.50 14.46 26.65
N2 NAG IA . 18.46 14.75 28.84
O3 NAG IA . 20.77 16.23 29.68
O4 NAG IA . 21.59 15.78 32.40
O5 NAG IA . 18.02 15.00 32.51
O6 NAG IA . 18.14 15.26 35.01
O7 NAG IA . 16.64 15.96 28.30
C1 NAG IA . 22.10 17.04 32.87
C2 NAG IA . 23.56 16.85 33.28
C3 NAG IA . 24.17 18.16 33.78
C4 NAG IA . 24.00 19.23 32.72
C5 NAG IA . 22.53 19.35 32.34
C6 NAG IA . 22.29 20.34 31.22
C7 NAG IA . 23.46 15.53 35.46
C8 NAG IA . 22.69 16.61 36.16
N2 NAG IA . 23.82 15.72 34.18
O3 NAG IA . 25.54 17.97 34.10
O4 NAG IA . 24.48 20.48 33.19
O5 NAG IA . 22.01 18.09 31.89
O6 NAG IA . 22.84 19.89 30.00
O7 NAG IA . 23.77 14.49 36.06
C1 BMA IA . 25.82 20.79 32.73
C2 BMA IA . 25.72 21.44 31.33
C3 BMA IA . 27.10 21.93 30.88
C4 BMA IA . 27.79 22.74 31.98
C5 BMA IA . 27.84 21.92 33.27
C6 BMA IA . 28.50 22.66 34.42
O2 BMA IA . 24.87 22.58 31.38
O3 BMA IA . 27.01 22.70 29.69
O4 BMA IA . 29.13 23.05 31.58
O5 BMA IA . 26.49 21.62 33.64
O6 BMA IA . 29.76 23.14 33.98
C1 NAG JA . 23.69 4.74 58.91
C2 NAG JA . 24.39 3.39 58.97
C3 NAG JA . 24.81 3.08 60.41
C4 NAG JA . 25.64 4.22 60.98
C5 NAG JA . 24.89 5.54 60.83
C6 NAG JA . 25.70 6.74 61.25
C7 NAG JA . 24.01 1.15 58.03
C8 NAG JA . 23.00 0.18 57.52
N2 NAG JA . 23.53 2.32 58.46
O3 NAG JA . 25.57 1.88 60.44
O4 NAG JA . 25.91 3.97 62.35
O5 NAG JA . 24.54 5.75 59.45
O6 NAG JA . 25.04 7.95 60.90
O7 NAG JA . 25.22 0.89 58.04
C1 NAG JA . 27.22 4.33 62.88
C2 NAG JA . 27.68 3.15 63.74
C3 NAG JA . 29.01 3.47 64.41
C4 NAG JA . 30.04 3.90 63.38
C5 NAG JA . 29.48 5.06 62.54
C6 NAG JA . 30.40 5.47 61.42
C7 NAG JA . 25.71 1.89 64.50
C8 NAG JA . 24.77 1.65 65.63
N2 NAG JA . 26.68 2.79 64.73
O3 NAG JA . 29.47 2.33 65.12
O4 NAG JA . 31.23 4.33 64.03
O5 NAG JA . 28.24 4.68 61.94
O6 NAG JA . 30.14 4.72 60.23
O7 NAG JA . 25.60 1.32 63.42
C1 BMA JA . 32.24 3.31 64.08
C2 BMA JA . 33.06 3.32 62.79
C3 BMA JA . 34.22 2.33 62.87
C4 BMA JA . 35.01 2.49 64.19
C5 BMA JA . 34.05 2.44 65.38
C6 BMA JA . 34.75 2.67 66.71
O2 BMA JA . 33.64 4.60 62.58
O3 BMA JA . 35.10 2.44 61.76
O4 BMA JA . 35.98 1.47 64.30
O5 BMA JA . 33.07 3.48 65.22
O6 BMA JA . 33.79 2.50 67.74
C1 NAG KA . 8.59 17.23 53.62
C2 NAG KA . 9.83 17.77 54.33
C3 NAG KA . 9.44 18.81 55.37
C4 NAG KA . 8.58 19.90 54.76
C5 NAG KA . 7.40 19.28 54.00
C6 NAG KA . 6.59 20.30 53.23
C7 NAG KA . 11.83 16.35 54.53
C8 NAG KA . 12.46 15.21 55.29
N2 NAG KA . 10.60 16.70 54.94
O3 NAG KA . 10.64 19.35 55.92
O4 NAG KA . 8.02 20.76 55.75
O5 NAG KA . 7.87 18.31 53.04
O6 NAG KA . 5.86 19.69 52.17
O7 NAG KA . 12.41 16.92 53.61
C1 NAG KA . 8.95 21.56 56.51
C2 NAG KA . 8.91 21.01 57.94
C3 NAG KA . 9.90 21.77 58.81
C4 NAG KA . 11.30 21.70 58.19
C5 NAG KA . 11.25 22.26 56.77
C6 NAG KA . 12.57 22.14 56.06
C7 NAG KA . 7.12 20.25 59.44
C8 NAG KA . 5.72 20.48 59.90
N2 NAG KA . 7.57 21.09 58.50
O3 NAG KA . 9.92 21.18 60.11
O4 NAG KA . 12.23 22.46 58.96
O5 NAG KA . 10.29 21.52 55.99
O6 NAG KA . 12.39 21.91 54.66
O7 NAG KA . 7.82 19.34 59.89
C1 BMA KA . 12.82 21.69 60.04
C2 BMA KA . 13.96 22.52 60.63
C3 BMA KA . 14.55 21.79 61.84
C4 BMA KA . 13.45 21.37 62.83
C5 BMA KA . 12.39 20.54 62.10
C6 BMA KA . 11.22 20.15 62.99
O2 BMA KA . 13.48 23.77 61.10
O3 BMA KA . 15.51 22.59 62.52
O4 BMA KA . 14.01 20.59 63.88
O5 BMA KA . 11.87 21.33 61.01
O6 BMA KA . 10.37 19.27 62.26
C1 NAG LA . 9.71 -41.35 24.83
C2 NAG LA . 9.61 -39.91 25.38
C3 NAG LA . 10.98 -39.24 25.44
C4 NAG LA . 11.95 -40.12 26.21
C5 NAG LA . 12.07 -41.43 25.45
C6 NAG LA . 13.04 -42.41 26.05
C7 NAG LA . 7.85 -38.21 25.08
C8 NAG LA . 6.99 -37.50 24.09
N2 NAG LA . 8.69 -39.12 24.58
O3 NAG LA . 10.87 -37.98 26.08
O4 NAG LA . 13.24 -39.53 26.38
O5 NAG LA . 10.78 -42.05 25.47
O6 NAG LA . 12.36 -43.45 26.76
O7 NAG LA . 7.81 -37.96 26.28
C1 NAG LA . 13.58 -39.06 27.71
C2 NAG LA . 13.93 -40.16 28.75
C3 NAG LA . 14.55 -39.54 30.00
C4 NAG LA . 15.73 -38.66 29.63
C5 NAG LA . 15.28 -37.59 28.65
C6 NAG LA . 16.42 -36.71 28.18
C7 NAG LA . 12.82 -42.23 29.46
C8 NAG LA . 11.51 -42.87 29.81
N2 NAG LA . 12.76 -40.94 29.12
O3 NAG LA . 14.98 -40.58 30.88
O4 NAG LA . 16.26 -38.04 30.80
O5 NAG LA . 14.72 -38.21 27.49
O6 NAG LA . 16.87 -37.10 26.88
O7 NAG LA . 13.88 -42.86 29.47
C1 NAG MA . 27.17 8.39 -21.80
C2 NAG MA . 26.35 9.54 -21.24
C3 NAG MA . 27.13 10.87 -21.35
C4 NAG MA . 28.53 10.73 -20.78
C5 NAG MA . 29.24 9.53 -21.41
C6 NAG MA . 30.59 9.25 -20.81
C7 NAG MA . 24.09 10.46 -21.60
C8 NAG MA . 22.87 10.42 -22.45
N2 NAG MA . 25.08 9.64 -21.95
O3 NAG MA . 26.44 11.90 -20.67
O4 NAG MA . 29.26 11.93 -21.06
O5 NAG MA . 28.45 8.36 -21.17
O6 NAG MA . 30.52 9.13 -19.40
O7 NAG MA . 24.19 11.22 -20.64
C1 NAG MA . 29.98 12.60 -19.98
C2 NAG MA . 29.08 13.06 -18.82
C3 NAG MA . 29.91 13.79 -17.76
C4 NAG MA . 31.13 12.98 -17.35
C5 NAG MA . 31.92 12.59 -18.60
C6 NAG MA . 33.14 11.75 -18.30
C7 NAG MA . 26.96 14.29 -18.58
C8 NAG MA . 25.98 15.20 -19.26
N2 NAG MA . 28.02 13.93 -19.32
O3 NAG MA . 29.11 14.05 -16.61
O4 NAG MA . 31.97 13.73 -16.48
O5 NAG MA . 31.07 11.84 -19.47
O6 NAG MA . 34.34 12.43 -18.63
O7 NAG MA . 26.81 13.92 -17.43
C1 BMA MA . 31.87 13.43 -15.08
C2 BMA MA . 33.09 12.54 -14.70
C3 BMA MA . 33.33 12.51 -13.17
C4 BMA MA . 33.15 13.89 -12.54
C5 BMA MA . 31.79 14.41 -12.93
C6 BMA MA . 31.40 15.71 -12.24
O2 BMA MA . 34.28 13.06 -15.28
O3 BMA MA . 34.61 11.99 -12.86
O4 BMA MA . 33.25 13.80 -11.12
O5 BMA MA . 31.82 14.63 -14.34
O6 BMA MA . 32.56 16.55 -12.06
C1 FUC MA . 31.59 8.33 -18.87
C2 FUC MA . 31.53 8.38 -17.34
C3 FUC MA . 30.35 7.56 -16.80
C4 FUC MA . 30.36 6.15 -17.38
C5 FUC MA . 30.43 6.23 -18.91
C6 FUC MA . 30.57 4.88 -19.59
O2 FUC MA . 31.48 9.71 -16.85
O3 FUC MA . 30.43 7.46 -15.38
O4 FUC MA . 31.48 5.45 -16.89
O5 FUC MA . 31.55 7.01 -19.33
C1 NAG NA . 21.76 50.23 -30.74
C2 NAG NA . 22.46 51.40 -31.43
C3 NAG NA . 21.42 52.41 -31.95
C4 NAG NA . 20.38 51.70 -32.82
C5 NAG NA . 19.76 50.55 -32.03
C6 NAG NA . 18.77 49.75 -32.84
C7 NAG NA . 24.72 51.98 -30.67
C8 NAG NA . 25.52 52.73 -29.64
N2 NAG NA . 23.40 52.05 -30.54
O3 NAG NA . 22.09 53.41 -32.70
O4 NAG NA . 19.37 52.63 -33.19
O5 NAG NA . 20.80 49.64 -31.61
O6 NAG NA . 19.35 49.29 -34.06
O7 NAG NA . 25.25 51.35 -31.57
C1 NAG NA . 19.09 52.59 -34.60
C2 NAG NA . 18.01 53.63 -34.88
C3 NAG NA . 17.64 53.61 -36.36
C4 NAG NA . 18.89 53.74 -37.23
C5 NAG NA . 19.93 52.71 -36.82
C6 NAG NA . 21.24 52.85 -37.55
C7 NAG NA . 16.04 54.38 -33.62
C8 NAG NA . 14.88 53.96 -32.78
N2 NAG NA . 16.84 53.40 -34.06
O3 NAG NA . 16.75 54.67 -36.64
O4 NAG NA . 18.55 53.53 -38.60
O5 NAG NA . 20.22 52.83 -35.43
O6 NAG NA . 22.35 52.54 -36.72
O7 NAG NA . 16.26 55.56 -33.90
C1 BMA NA . 18.31 54.79 -39.26
C2 BMA NA . 17.60 54.48 -40.59
C3 BMA NA . 17.20 55.78 -41.30
C4 BMA NA . 16.50 56.75 -40.35
C5 BMA NA . 17.36 56.97 -39.10
C6 BMA NA . 16.73 57.91 -38.09
O2 BMA NA . 16.39 53.76 -40.37
O3 BMA NA . 16.38 55.52 -42.43
O4 BMA NA . 16.27 57.99 -40.99
O5 BMA NA . 17.55 55.70 -38.48
O6 BMA NA . 16.32 59.08 -38.77
C1 NAG OA . -2.26 -59.02 -9.17
C2 NAG OA . -3.80 -59.12 -9.17
C3 NAG OA . -4.27 -60.50 -8.72
C4 NAG OA . -3.42 -61.56 -9.41
C5 NAG OA . -2.00 -61.49 -8.87
C6 NAG OA . -0.96 -61.90 -9.89
C7 NAG OA . -4.36 -57.71 -7.14
C8 NAG OA . -3.47 -58.54 -6.24
N2 NAG OA . -4.47 -58.05 -8.43
O3 NAG OA . -5.64 -60.67 -9.07
O4 NAG OA . -3.96 -62.86 -9.15
O5 NAG OA . -1.67 -60.16 -8.44
O6 NAG OA . -1.06 -61.13 -11.08
O7 NAG OA . -5.00 -56.77 -6.69
C1 NAG PA . 40.51 -3.25 -27.76
C2 NAG PA . 41.95 -2.77 -27.62
C3 NAG PA . 42.90 -3.73 -28.34
C4 NAG PA . 42.67 -5.16 -27.87
C5 NAG PA . 41.21 -5.53 -28.01
C6 NAG PA . 40.88 -6.90 -27.46
C7 NAG PA . 42.08 -0.33 -27.37
C8 NAG PA . 42.25 0.99 -28.08
N2 NAG PA . 42.11 -1.42 -28.14
O3 NAG PA . 44.25 -3.34 -28.09
O4 NAG PA . 43.47 -6.06 -28.63
O5 NAG PA . 40.40 -4.59 -27.29
O6 NAG PA . 39.57 -7.29 -27.79
O7 NAG PA . 41.91 -0.39 -26.16
C1 NAG QA . 30.67 -13.45 -40.22
C2 NAG QA . 30.11 -14.86 -40.00
C3 NAG QA . 30.74 -15.84 -40.98
C4 NAG QA . 30.56 -15.34 -42.41
C5 NAG QA . 31.09 -13.92 -42.54
C6 NAG QA . 30.83 -13.32 -43.90
C7 NAG QA . 29.40 -15.85 -37.86
C8 NAG QA . 29.84 -16.24 -36.47
N2 NAG QA . 30.35 -15.30 -38.63
O3 NAG QA . 30.12 -17.12 -40.83
O4 NAG QA . 31.25 -16.19 -43.31
O5 NAG QA . 30.46 -13.07 -41.58
O6 NAG QA . 29.78 -12.35 -43.85
O7 NAG QA . 28.26 -16.03 -38.25
C1 NAG RA . 12.71 16.61 -42.62
C2 NAG RA . 11.29 16.51 -43.17
C3 NAG RA . 11.26 16.95 -44.63
C4 NAG RA . 11.88 18.33 -44.77
C5 NAG RA . 13.27 18.37 -44.15
C6 NAG RA . 13.90 19.74 -44.16
C7 NAG RA . 9.86 14.70 -42.16
C8 NAG RA . 9.29 15.70 -41.21
N2 NAG RA . 10.78 15.15 -43.05
O3 NAG RA . 9.93 16.96 -45.10
O4 NAG RA . 11.98 18.67 -46.15
O5 NAG RA . 13.20 17.94 -42.78
O6 NAG RA . 14.00 20.27 -42.84
O7 NAG RA . 9.51 13.53 -42.16
C1 NAG SA . -1.13 -43.32 -27.68
C2 NAG SA . -1.36 -43.47 -29.18
C3 NAG SA . -2.55 -44.37 -29.45
C4 NAG SA . -2.41 -45.70 -28.70
C5 NAG SA . -2.13 -45.45 -27.23
C6 NAG SA . -1.85 -46.71 -26.45
C7 NAG SA . -1.38 -41.95 -31.11
C8 NAG SA . -1.63 -40.55 -31.58
N2 NAG SA . -1.55 -42.17 -29.80
O3 NAG SA . -2.68 -44.61 -30.84
O4 NAG SA . -3.59 -46.47 -28.84
O5 NAG SA . -0.97 -44.61 -27.09
O6 NAG SA . -0.55 -46.68 -25.86
O7 NAG SA . -1.05 -42.84 -31.88
C1 NAG TA . 6.36 -50.56 -12.70
C2 NAG TA . 7.66 -50.72 -13.48
C3 NAG TA . 8.67 -51.52 -12.69
C4 NAG TA . 8.87 -50.93 -11.30
C5 NAG TA . 7.53 -50.77 -10.60
C6 NAG TA . 7.64 -50.07 -9.27
C7 NAG TA . 7.10 -50.63 -15.88
C8 NAG TA . 6.89 -51.43 -17.12
N2 NAG TA . 7.41 -51.32 -14.78
O3 NAG TA . 9.91 -51.56 -13.39
O4 NAG TA . 9.71 -51.77 -10.53
O5 NAG TA . 6.65 -49.99 -11.42
O6 NAG TA . 7.31 -50.93 -8.19
O7 NAG TA . 6.97 -49.41 -15.86
C1 NAG UA . -7.79 -33.95 -36.03
C2 NAG UA . -8.86 -34.98 -35.69
C3 NAG UA . -9.50 -35.52 -36.96
C4 NAG UA . -10.00 -34.38 -37.84
C5 NAG UA . -8.88 -33.36 -38.07
C6 NAG UA . -9.35 -32.14 -38.83
C7 NAG UA . -8.39 -36.11 -33.55
C8 NAG UA . -7.77 -37.30 -32.90
N2 NAG UA . -8.32 -36.05 -34.89
O3 NAG UA . -10.57 -36.39 -36.62
O4 NAG UA . -10.44 -34.89 -39.08
O5 NAG UA . -8.35 -32.91 -36.82
O6 NAG UA . -8.49 -31.83 -39.92
O7 NAG UA . -8.94 -35.22 -32.90
C1 NAG VA . 17.82 -42.75 -26.52
C2 NAG VA . 17.73 -43.80 -25.41
C3 NAG VA . 17.66 -45.19 -26.03
C4 NAG VA . 16.53 -45.27 -27.05
C5 NAG VA . 16.62 -44.12 -28.06
C6 NAG VA . 15.43 -44.06 -28.99
C7 NAG VA . 18.89 -43.88 -23.19
C8 NAG VA . 17.57 -44.23 -22.54
N2 NAG VA . 18.88 -43.70 -24.51
O3 NAG VA . 17.48 -46.18 -25.02
O4 NAG VA . 16.59 -46.50 -27.75
O5 NAG VA . 16.67 -42.86 -27.37
O6 NAG VA . 14.68 -42.86 -28.80
O7 NAG VA . 19.91 -43.76 -22.52
C1 NAG WA . 29.66 -26.19 -20.30
C2 NAG WA . 29.10 -26.82 -19.03
C3 NAG WA . 30.21 -27.54 -18.28
C4 NAG WA . 31.37 -27.92 -19.20
C5 NAG WA . 30.92 -28.24 -20.63
C6 NAG WA . 30.13 -29.53 -20.72
C7 NAG WA . 27.19 -25.48 -18.15
C8 NAG WA . 26.29 -26.17 -19.13
N2 NAG WA . 28.49 -25.82 -18.17
O3 NAG WA . 29.68 -28.72 -17.67
O4 NAG WA . 32.32 -26.88 -19.24
O5 NAG WA . 30.09 -27.22 -21.19
O6 NAG WA . 29.57 -29.71 -22.02
O7 NAG WA . 26.77 -24.61 -17.39
C1 NAG XA . 34.01 -7.78 -13.68
C2 NAG XA . 33.68 -7.89 -12.19
C3 NAG XA . 34.67 -8.85 -11.53
C4 NAG XA . 34.70 -10.18 -12.26
C5 NAG XA . 34.96 -9.97 -13.74
C6 NAG XA . 34.89 -11.24 -14.56
C7 NAG XA . 32.95 -6.13 -10.57
C8 NAG XA . 31.87 -7.06 -10.07
N2 NAG XA . 33.74 -6.58 -11.56
O3 NAG XA . 34.34 -9.05 -10.17
O4 NAG XA . 35.71 -11.02 -11.72
O5 NAG XA . 33.98 -9.07 -14.29
O6 NAG XA . 36.18 -11.82 -14.73
O7 NAG XA . 33.08 -5.01 -10.11
C1 NAG YA . 31.82 -22.45 -25.68
C2 NAG YA . 31.87 -20.91 -25.55
C3 NAG YA . 32.72 -20.48 -24.36
C4 NAG YA . 32.24 -21.19 -23.10
C5 NAG YA . 32.16 -22.71 -23.32
C6 NAG YA . 31.59 -23.46 -22.15
C7 NAG YA . 33.27 -20.28 -27.57
C8 NAG YA . 34.31 -21.32 -27.25
N2 NAG YA . 32.20 -20.17 -26.77
O3 NAG YA . 32.64 -19.08 -24.18
O4 NAG YA . 33.11 -20.92 -22.02
O5 NAG YA . 31.33 -23.01 -24.46
O6 NAG YA . 31.27 -22.59 -21.07
O7 NAG YA . 33.38 -19.57 -28.57
C1 NAG ZA . 13.34 -46.61 -44.52
C2 NAG ZA . 13.55 -47.85 -45.37
C3 NAG ZA . 14.98 -48.37 -45.22
C4 NAG ZA . 15.97 -47.26 -45.51
C5 NAG ZA . 15.67 -46.04 -44.66
C6 NAG ZA . 16.55 -44.85 -44.99
C7 NAG ZA . 11.55 -49.33 -45.73
C8 NAG ZA . 11.33 -48.69 -47.07
N2 NAG ZA . 12.59 -48.89 -45.00
O3 NAG ZA . 15.18 -49.46 -46.10
O4 NAG ZA . 17.30 -47.71 -45.23
O5 NAG ZA . 14.31 -45.62 -44.87
O6 NAG ZA . 16.47 -43.84 -43.99
O7 NAG ZA . 10.80 -50.21 -45.32
C1 NAG AB . 18.20 -30.05 -45.82
C2 NAG AB . 17.64 -30.65 -47.12
C3 NAG AB . 18.69 -30.62 -48.22
C4 NAG AB . 19.23 -29.21 -48.39
C5 NAG AB . 19.74 -28.67 -47.06
C6 NAG AB . 20.18 -27.22 -47.13
C7 NAG AB . 16.06 -32.52 -47.41
C8 NAG AB . 15.76 -33.94 -47.07
N2 NAG AB . 17.18 -32.02 -46.89
O3 NAG AB . 18.11 -31.08 -49.43
O4 NAG AB . 20.31 -29.21 -49.33
O5 NAG AB . 18.68 -28.73 -46.09
O6 NAG AB . 19.56 -26.44 -46.12
O7 NAG AB . 15.32 -31.84 -48.13
C1 NAG BB . 20.54 -44.79 -46.63
C2 NAG BB . 19.82 -44.73 -47.99
C3 NAG BB . 19.59 -46.14 -48.53
C4 NAG BB . 20.90 -46.94 -48.54
C5 NAG BB . 21.55 -46.89 -47.17
C6 NAG BB . 22.91 -47.56 -47.14
C7 NAG BB . 17.87 -43.56 -48.91
C8 NAG BB . 16.57 -42.88 -48.61
N2 NAG BB . 18.55 -44.03 -47.86
O3 NAG BB . 19.07 -46.08 -49.84
O4 NAG BB . 20.64 -48.28 -48.90
O5 NAG BB . 21.76 -45.53 -46.77
O6 NAG BB . 23.95 -46.63 -46.89
O7 NAG BB . 18.29 -43.68 -50.07
C1 NAG CB . 32.62 -37.09 -35.68
C2 NAG CB . 33.69 -37.07 -36.77
C3 NAG CB . 33.83 -38.45 -37.39
C4 NAG CB . 34.10 -39.49 -36.31
C5 NAG CB . 33.03 -39.42 -35.22
C6 NAG CB . 33.32 -40.32 -34.05
C7 NAG CB . 33.86 -34.82 -37.73
C8 NAG CB . 33.46 -33.92 -38.87
N2 NAG CB . 33.40 -36.06 -37.78
O3 NAG CB . 34.90 -38.44 -38.34
O4 NAG CB . 34.10 -40.79 -36.89
O5 NAG CB . 32.94 -38.08 -34.70
O6 NAG CB . 32.57 -39.94 -32.91
O7 NAG CB . 34.58 -34.42 -36.82
C1 NAG DB . 21.46 -32.02 -15.30
C2 NAG DB . 20.87 -32.97 -14.26
C3 NAG DB . 21.91 -33.32 -13.21
C4 NAG DB . 23.17 -33.87 -13.88
C5 NAG DB . 23.67 -32.88 -14.94
C6 NAG DB . 24.84 -33.41 -15.73
C7 NAG DB . 18.41 -32.69 -13.82
C8 NAG DB . 18.13 -33.80 -14.80
N2 NAG DB . 19.70 -32.37 -13.62
O3 NAG DB . 21.38 -34.29 -12.32
O4 NAG DB . 24.19 -34.07 -12.92
O5 NAG DB . 22.62 -32.61 -15.89
O6 NAG DB . 26.07 -32.96 -15.20
O7 NAG DB . 17.50 -32.12 -13.22
C1 NAG EB . 1.98 -37.71 -53.06
C2 NAG EB . 2.98 -38.72 -53.63
C3 NAG EB . 3.00 -38.65 -55.15
C4 NAG EB . 1.59 -38.79 -55.71
C5 NAG EB . 0.65 -37.78 -55.04
C6 NAG EB . -0.79 -37.95 -55.47
C7 NAG EB . 4.80 -39.18 -52.04
C8 NAG EB . 6.19 -38.82 -51.62
N2 NAG EB . 4.30 -38.51 -53.08
O3 NAG EB . 3.84 -39.67 -55.66
O4 NAG EB . 1.60 -38.56 -57.11
O5 NAG EB . 0.69 -37.94 -53.62
O6 NAG EB . -1.65 -37.13 -54.69
O7 NAG EB . 4.15 -40.05 -51.46
C1 NAG FB . -11.52 -64.58 -11.33
C2 NAG FB . -12.20 -65.65 -12.16
C3 NAG FB . -11.96 -67.02 -11.53
C4 NAG FB . -10.46 -67.26 -11.36
C5 NAG FB . -9.81 -66.09 -10.62
C6 NAG FB . -8.30 -66.20 -10.56
C7 NAG FB . -14.26 -64.78 -13.29
C8 NAG FB . -13.41 -64.34 -14.45
N2 NAG FB . -13.64 -65.39 -12.27
O3 NAG FB . -12.53 -68.03 -12.36
O4 NAG FB . -10.25 -68.45 -10.61
O5 NAG FB . -10.11 -64.85 -11.28
O6 NAG FB . -7.71 -66.00 -11.85
O7 NAG FB . -15.48 -64.61 -13.28
C1 NAG GB . -54.35 -27.09 8.15
C2 NAG GB . -54.04 -28.38 7.39
C3 NAG GB . -55.32 -29.06 6.93
C4 NAG GB . -56.23 -29.30 8.12
C5 NAG GB . -56.45 -27.99 8.90
C6 NAG GB . -57.20 -28.20 10.19
C7 NAG GB . -53.00 -27.44 5.26
C8 NAG GB . -54.13 -26.46 5.08
N2 NAG GB . -53.04 -28.27 6.33
O3 NAG GB . -55.00 -30.30 6.30
O4 NAG GB . -57.49 -29.79 7.68
O5 NAG GB . -55.19 -27.40 9.26
O6 NAG GB . -56.35 -28.08 11.32
O7 NAG GB . -52.07 -27.50 4.46
C1 NAG HB . -21.14 32.69 -30.13
C2 NAG HB . -20.06 32.19 -31.08
C3 NAG HB . -19.24 33.37 -31.60
C4 NAG HB . -20.14 34.43 -32.20
C5 NAG HB . -21.23 34.83 -31.20
C6 NAG HB . -22.24 35.79 -31.79
C7 NAG HB . -19.35 29.89 -30.57
C8 NAG HB . -18.37 29.04 -29.83
N2 NAG HB . -19.20 31.22 -30.43
O3 NAG HB . -18.31 32.91 -32.57
O4 NAG HB . -19.38 35.59 -32.54
O5 NAG HB . -21.95 33.66 -30.79
O6 NAG HB . -22.79 36.63 -30.78
O7 NAG HB . -20.24 29.40 -31.27
C1 NAG IB . -16.71 23.20 -2.78
C2 NAG IB . -16.90 22.95 -1.29
C3 NAG IB . -16.69 24.24 -0.49
C4 NAG IB . -17.67 25.32 -0.92
C5 NAG IB . -18.01 25.18 -2.39
C6 NAG IB . -18.29 26.49 -3.07
C7 NAG IB . -18.44 21.12 -0.72
C8 NAG IB . -19.86 20.74 -0.47
N2 NAG IB . -18.21 22.40 -1.01
O3 NAG IB . -15.35 24.71 -0.69
O4 NAG IB . -18.87 25.21 -0.15
O5 NAG IB . -16.90 24.58 -3.07
O6 NAG IB . -17.12 27.31 -3.11
O7 NAG IB . -17.53 20.28 -0.67
C1 NAG JB . -52.25 -3.07 8.97
C2 NAG JB . -53.00 -2.05 9.83
C3 NAG JB . -53.16 -2.59 11.26
C4 NAG JB . -53.80 -3.97 11.25
C5 NAG JB . -53.02 -4.90 10.31
C6 NAG JB . -53.68 -6.25 10.15
C7 NAG JB . -52.93 0.39 10.06
C8 NAG JB . -52.06 1.61 10.03
N2 NAG JB . -52.31 -0.78 9.84
O3 NAG JB . -53.96 -1.69 12.02
O4 NAG JB . -53.80 -4.51 12.55
O5 NAG JB . -52.94 -4.32 9.01
O6 NAG JB . -53.77 -6.62 8.79
O7 NAG JB . -54.13 0.45 10.28
C1 NAG KB . -47.30 6.79 15.32
C2 NAG KB . -47.74 5.73 16.32
C3 NAG KB . -48.71 6.34 17.34
C4 NAG KB . -48.10 7.58 17.98
C5 NAG KB . -47.63 8.55 16.90
C6 NAG KB . -46.90 9.74 17.47
C7 NAG KB . -48.42 3.38 16.19
C8 NAG KB . -49.10 2.33 15.35
N2 NAG KB . -48.36 4.60 15.65
O3 NAG KB . -49.01 5.38 18.33
O4 NAG KB . -49.06 8.22 18.82
O5 NAG KB . -46.72 7.90 16.01
O6 NAG KB . -46.07 10.36 16.49
O7 NAG KB . -47.98 3.13 17.30
C1 NAG LB . -55.84 -2.68 -8.68
C2 NAG LB . -56.99 -3.58 -9.10
C3 NAG LB . -58.26 -2.75 -9.34
C4 NAG LB . -58.55 -1.89 -8.11
C5 NAG LB . -57.33 -1.07 -7.73
C6 NAG LB . -57.51 -0.29 -6.45
C7 NAG LB . -56.96 -5.60 -10.58
C8 NAG LB . -57.75 -6.35 -9.55
N2 NAG LB . -56.65 -4.33 -10.31
O3 NAG LB . -59.36 -3.59 -9.62
O4 NAG LB . -59.64 -1.01 -8.39
O5 NAG LB . -56.20 -1.94 -7.52
O6 NAG LB . -56.78 -0.86 -5.38
O7 NAG LB . -56.62 -6.14 -11.64
C1 NAG MB . -43.62 4.61 -25.14
C2 NAG MB . -43.22 3.16 -24.87
C3 NAG MB . -43.81 2.25 -25.94
C4 NAG MB . -44.99 2.90 -26.66
C5 NAG MB . -45.83 3.79 -25.75
C6 NAG MB . -46.62 3.00 -24.72
C7 NAG MB . -41.00 3.05 -23.74
C8 NAG MB . -41.68 3.28 -22.43
N2 NAG MB . -41.77 3.02 -24.84
O3 NAG MB . -44.24 1.03 -25.34
O4 NAG MB . -44.53 3.66 -27.78
O5 NAG MB . -45.04 4.74 -25.02
O6 NAG MB . -47.39 3.86 -23.89
O7 NAG MB . -39.78 2.92 -23.83
C1 NAG NB . -25.35 9.45 -35.31
C2 NAG NB . -24.37 8.32 -35.01
C3 NAG NB . -24.37 7.34 -36.18
C4 NAG NB . -25.79 6.84 -36.44
C5 NAG NB . -26.74 8.01 -36.63
C6 NAG NB . -28.19 7.58 -36.74
C7 NAG NB . -22.13 8.42 -33.90
C8 NAG NB . -22.54 7.25 -33.03
N2 NAG NB . -23.03 8.86 -34.80
O3 NAG NB . -23.51 6.24 -35.89
O4 NAG NB . -25.81 6.03 -37.61
O5 NAG NB . -26.66 8.90 -35.49
O6 NAG NB . -28.47 7.05 -38.03
O7 NAG NB . -21.03 8.93 -33.79
C1 NAG OB . -43.34 11.50 -26.90
C2 NAG OB . -42.03 12.22 -27.19
C3 NAG OB . -41.27 11.56 -28.34
C4 NAG OB . -41.05 10.08 -27.99
C5 NAG OB . -42.40 9.42 -27.71
C6 NAG OB . -42.28 7.98 -27.30
C7 NAG OB . -42.73 14.39 -28.34
C8 NAG OB . -43.33 13.66 -29.51
N2 NAG OB . -42.16 13.67 -27.35
O3 NAG OB . -40.02 12.20 -28.53
O4 NAG OB . -40.42 9.42 -29.07
O5 NAG OB . -43.08 10.10 -26.63
O6 NAG OB . -40.93 7.60 -27.08
O7 NAG OB . -42.74 15.62 -28.29
C1 NAG PB . -69.28 10.57 0.90
C2 NAG PB . -70.51 10.60 1.80
C3 NAG PB . -71.25 9.28 1.71
C4 NAG PB . -71.58 8.96 0.26
C5 NAG PB . -70.32 9.01 -0.60
C6 NAG PB . -70.60 8.84 -2.08
C7 NAG PB . -70.20 12.07 3.81
C8 NAG PB . -70.72 13.24 3.02
N2 NAG PB . -70.14 10.89 3.18
O3 NAG PB . -72.44 9.35 2.48
O4 NAG PB . -72.16 7.66 0.16
O5 NAG PB . -69.67 10.28 -0.44
O6 NAG PB . -70.70 10.10 -2.73
O7 NAG PB . -69.86 12.19 4.98
C1 NAG QB . -39.29 20.47 -12.43
C2 NAG QB . -38.08 21.39 -12.30
C3 NAG QB . -38.40 22.54 -11.34
C4 NAG QB . -39.66 23.26 -11.79
C5 NAG QB . -40.81 22.26 -11.95
C6 NAG QB . -42.06 22.88 -12.52
C7 NAG QB . -35.98 20.18 -12.68
C8 NAG QB . -34.84 19.46 -12.04
N2 NAG QB . -36.91 20.67 -11.84
O3 NAG QB . -37.30 23.45 -11.32
O4 NAG QB . -40.03 24.24 -10.81
O5 NAG QB . -40.42 21.22 -12.86
O6 NAG QB . -42.15 22.68 -13.92
O7 NAG QB . -36.07 20.31 -13.90
C1 NAG RB . -57.51 20.72 -7.69
C2 NAG RB . -58.44 21.71 -6.99
C3 NAG RB . -59.70 21.91 -7.82
C4 NAG RB . -59.33 22.34 -9.24
C5 NAG RB . -58.33 21.35 -9.84
C6 NAG RB . -57.81 21.80 -11.19
C7 NAG RB . -58.12 21.63 -4.55
C8 NAG RB . -58.61 21.06 -3.26
N2 NAG RB . -58.78 21.24 -5.65
O3 NAG RB . -60.51 22.91 -7.20
O4 NAG RB . -60.50 22.38 -10.05
O5 NAG RB . -57.19 21.21 -8.99
O6 NAG RB . -57.47 20.68 -12.00
O7 NAG RB . -57.17 22.41 -4.59
C1 NAG SB . -60.61 12.63 -22.18
C2 NAG SB . -61.70 13.63 -22.57
C3 NAG SB . -62.98 13.35 -21.78
C4 NAG SB . -63.39 11.90 -21.93
C5 NAG SB . -62.23 10.97 -21.58
C6 NAG SB . -62.54 9.52 -21.84
C7 NAG SB . -60.73 15.75 -23.34
C8 NAG SB . -60.33 17.13 -22.96
N2 NAG SB . -61.26 15.00 -22.37
O3 NAG SB . -64.01 14.21 -22.24
O4 NAG SB . -64.49 11.62 -21.06
O5 NAG SB . -61.08 11.30 -22.38
O6 NAG SB . -62.02 8.68 -20.81
O7 NAG SB . -60.57 15.33 -24.49
C1 NAG TB . -43.29 -4.33 -18.50
C2 NAG TB . -42.38 -5.55 -18.67
C3 NAG TB . -42.71 -6.26 -19.98
C4 NAG TB . -44.19 -6.61 -20.04
C5 NAG TB . -45.05 -5.36 -19.78
C6 NAG TB . -46.52 -5.66 -19.67
C7 NAG TB . -40.16 -5.20 -17.58
C8 NAG TB . -40.73 -5.71 -16.29
N2 NAG TB . -40.98 -5.16 -18.64
O3 NAG TB . -41.93 -7.44 -20.08
O4 NAG TB . -44.52 -7.15 -21.31
O5 NAG TB . -44.65 -4.75 -18.54
O6 NAG TB . -47.26 -4.52 -19.25
O7 NAG TB . -38.99 -4.84 -17.67
C1 NAG UB . -42.43 -29.29 40.04
C2 NAG UB . -41.62 -28.11 40.55
C3 NAG UB . -41.90 -27.89 42.04
C4 NAG UB . -43.40 -27.76 42.27
C5 NAG UB . -44.14 -28.94 41.67
C6 NAG UB . -45.64 -28.80 41.76
C7 NAG UB . -39.55 -27.90 39.24
C8 NAG UB . -38.08 -28.21 39.18
N2 NAG UB . -40.20 -28.32 40.33
O3 NAG UB . -41.23 -26.72 42.48
O4 NAG UB . -43.66 -27.70 43.67
O5 NAG UB . -43.82 -29.06 40.27
O6 NAG UB . -46.12 -27.77 40.91
O7 NAG UB . -40.13 -27.30 38.33
C1 NAG VB . -5.29 -29.85 47.73
C2 NAG VB . -6.36 -30.74 47.09
C3 NAG VB . -7.24 -31.43 48.15
C4 NAG VB . -6.42 -31.73 49.39
C5 NAG VB . -6.04 -30.40 50.05
C6 NAG VB . -4.85 -30.52 50.98
C7 NAG VB . -7.92 -28.95 46.21
C8 NAG VB . -7.88 -28.21 47.52
N2 NAG VB . -7.18 -30.07 46.08
O3 NAG VB . -7.73 -32.65 47.61
O4 NAG VB . -7.19 -32.50 50.30
O5 NAG VB . -5.72 -29.40 49.06
O6 NAG VB . -3.72 -31.07 50.32
O7 NAG VB . -8.57 -28.53 45.26
C1 NAG WB . 30.43 26.14 8.83
C2 NAG WB . 30.76 26.81 7.49
C3 NAG WB . 31.88 27.84 7.68
C4 NAG WB . 31.54 28.81 8.81
C5 NAG WB . 31.19 28.03 10.07
C6 NAG WB . 30.73 28.93 11.20
C7 NAG WB . 31.08 26.07 5.17
C8 NAG WB . 31.50 24.95 4.29
N2 NAG WB . 31.12 25.84 6.49
O3 NAG WB . 32.08 28.56 6.47
O4 NAG WB . 32.64 29.66 9.07
O5 NAG WB . 30.11 27.12 9.81
O6 NAG WB . 29.62 29.73 10.81
O7 NAG WB . 30.72 27.17 4.72
C1 NAG XB . -4.60 -19.50 46.17
C2 NAG XB . -4.14 -18.61 47.33
C3 NAG XB . -5.22 -18.57 48.40
C4 NAG XB . -6.55 -18.12 47.80
C5 NAG XB . -6.90 -19.01 46.60
C6 NAG XB . -8.14 -18.54 45.87
C7 NAG XB . -1.69 -18.66 47.50
C8 NAG XB . -0.50 -19.28 48.17
N2 NAG XB . -2.89 -19.10 47.89
O3 NAG XB . -4.82 -17.65 49.42
O4 NAG XB . -7.58 -18.22 48.77
O5 NAG XB . -5.83 -19.00 45.65
O6 NAG XB . -9.20 -19.48 46.01
O7 NAG XB . -1.57 -17.80 46.62
C1 NAG YB . 24.06 -17.10 33.52
C2 NAG YB . 24.16 -18.61 33.35
C3 NAG YB . 25.47 -19.11 33.96
C4 NAG YB . 26.65 -18.34 33.37
C5 NAG YB . 26.42 -16.84 33.52
C6 NAG YB . 27.49 -16.01 32.84
C7 NAG YB . 21.90 -19.58 33.31
C8 NAG YB . 20.84 -20.26 34.10
N2 NAG YB . 23.02 -19.27 33.96
O3 NAG YB . 25.61 -20.49 33.68
O4 NAG YB . 27.85 -18.71 34.06
O5 NAG YB . 25.18 -16.47 32.92
O6 NAG YB . 26.94 -14.88 32.19
O7 NAG YB . 21.74 -19.28 32.13
C1 NAG ZB . 5.01 -3.93 49.68
C2 NAG ZB . 4.29 -3.49 50.96
C3 NAG ZB . 5.28 -3.37 52.11
C4 NAG ZB . 6.06 -4.66 52.27
C5 NAG ZB . 6.70 -5.08 50.95
C6 NAG ZB . 7.37 -6.43 51.00
C7 NAG ZB . 2.29 -2.05 50.48
C8 NAG ZB . 1.45 -3.28 50.38
N2 NAG ZB . 3.60 -2.22 50.75
O3 NAG ZB . 4.58 -3.06 53.30
O4 NAG ZB . 7.08 -4.50 53.24
O5 NAG ZB . 5.69 -5.16 49.92
O6 NAG ZB . 8.38 -6.54 50.00
O7 NAG ZB . 1.82 -0.93 50.32
C1 NAG AC . -5.94 28.78 24.89
C2 NAG AC . -6.82 28.26 23.76
C3 NAG AC . -8.29 28.41 24.16
C4 NAG AC . -8.55 27.69 25.48
C5 NAG AC . -7.58 28.20 26.55
C6 NAG AC . -7.69 27.45 27.85
C7 NAG AC . -6.53 28.50 21.29
C8 NAG AC . -6.80 27.03 21.12
N2 NAG AC . -6.55 29.01 22.53
O3 NAG AC . -9.13 27.85 23.14
O4 NAG AC . -9.88 27.92 25.90
O5 NAG AC . -6.22 28.06 26.10
O6 NAG AC . -7.89 28.34 28.94
O7 NAG AC . -6.29 29.22 20.32
C1 NAG BC . 28.04 8.36 45.11
C2 NAG BC . 27.83 9.66 44.32
C3 NAG BC . 28.98 9.86 43.34
C4 NAG BC . 30.32 9.78 44.06
C5 NAG BC . 30.41 8.48 44.85
C6 NAG BC . 31.67 8.39 45.68
C7 NAG BC . 25.95 10.75 43.18
C8 NAG BC . 24.64 10.54 42.48
N2 NAG BC . 26.55 9.64 43.61
O3 NAG BC . 28.85 11.12 42.71
O4 NAG BC . 31.39 9.84 43.11
O5 NAG BC . 29.31 8.38 45.75
O6 NAG BC . 32.48 7.29 45.29
O7 NAG BC . 26.43 11.87 43.35
C1 NAG CC . -4.03 5.34 40.51
C2 NAG CC . -5.35 5.16 39.74
C3 NAG CC . -6.47 5.88 40.48
C4 NAG CC . -6.55 5.41 41.93
C5 NAG CC . -5.19 5.56 42.60
C6 NAG CC . -5.16 4.98 44.00
C7 NAG CC . -4.97 4.94 37.28
C8 NAG CC . -4.81 3.45 37.46
N2 NAG CC . -5.22 5.67 38.39
O3 NAG CC . -7.71 5.63 39.81
O4 NAG CC . -7.52 6.17 42.63
O5 NAG CC . -4.19 4.86 41.84
O6 NAG CC . -3.88 4.46 44.31
O7 NAG CC . -4.90 5.46 36.17
C1 NAG DC . 35.93 -8.84 46.31
C2 NAG DC . 36.40 -10.04 47.11
C3 NAG DC . 37.84 -9.85 47.56
C4 NAG DC . 38.73 -9.52 46.37
C5 NAG DC . 38.16 -8.33 45.60
C6 NAG DC . 38.92 -8.03 44.33
C7 NAG DC . 34.55 -11.20 48.24
C8 NAG DC . 33.76 -11.32 49.51
N2 NAG DC . 35.54 -10.30 48.25
O3 NAG DC . 38.31 -11.03 48.19
O4 NAG DC . 40.04 -9.19 46.82
O5 NAG DC . 36.81 -8.61 45.20
O6 NAG DC . 39.07 -6.63 44.15
O7 NAG DC . 34.30 -11.90 47.26
C1 NAG EC . 5.79 -57.16 25.88
C2 NAG EC . 6.80 -56.40 24.99
C3 NAG EC . 8.05 -57.24 24.80
C4 NAG EC . 8.63 -57.66 26.14
C5 NAG EC . 7.55 -58.35 26.98
C6 NAG EC . 8.02 -58.68 28.38
C7 NAG EC . 5.59 -54.89 23.47
C8 NAG EC . 5.03 -54.72 22.09
N2 NAG EC . 6.19 -56.06 23.71
O3 NAG EC . 9.01 -56.48 24.07
O4 NAG EC . 9.71 -58.56 25.94
O5 NAG EC . 6.41 -57.49 27.11
O6 NAG EC . 7.56 -57.73 29.32
O7 NAG EC . 5.48 -54.03 24.33
C1 NAG FC . -1.74 -42.99 48.37
C2 NAG FC . -3.08 -43.01 49.12
C3 NAG FC . -2.83 -43.10 50.64
C4 NAG FC . -1.87 -44.22 50.98
C5 NAG FC . -0.61 -44.12 50.13
C6 NAG FC . 0.35 -45.27 50.31
C7 NAG FC . -5.03 -41.52 49.32
C8 NAG FC . -5.64 -40.24 48.84
N2 NAG FC . -3.84 -41.82 48.79
O3 NAG FC . -4.06 -43.32 51.33
O4 NAG FC . -1.47 -44.12 52.35
O5 NAG FC . -0.97 -44.11 48.74
O6 NAG FC . 1.37 -44.94 51.25
O7 NAG FC . -5.59 -42.22 50.14
#